data_7CZQ
#
_entry.id   7CZQ
#
_cell.length_a   1.00
_cell.length_b   1.00
_cell.length_c   1.00
_cell.angle_alpha   90.00
_cell.angle_beta   90.00
_cell.angle_gamma   90.00
#
_symmetry.space_group_name_H-M   'P 1'
#
loop_
_entity.id
_entity.type
_entity.pdbx_description
1 polymer 'Spike glycoprotein'
2 polymer 'IG c642_heavy_IGHV3-53_IGHD1-26_IGHJ6,Chain H of P2B-1A10,Immunoglobulin gamma-1 heavy chain'
3 polymer 'Immunoglobulin kappa variable 1-33,Uncharacterized protein'
4 branched 2-acetamido-2-deoxy-beta-D-glucopyranose-(1-4)-2-acetamido-2-deoxy-beta-D-glucopyranose
5 non-polymer 2-acetamido-2-deoxy-beta-D-glucopyranose
#
loop_
_entity_poly.entity_id
_entity_poly.type
_entity_poly.pdbx_seq_one_letter_code
_entity_poly.pdbx_strand_id
1 'polypeptide(L)'
;MFVFLVLLPLVSSQCVNLTTRTQLPPAYTNSFTRGVYYPDKVFRSSVLHSTQDLFLPFFSNVTWFHAIHVSGTNGTKRFD
NPVLPFNDGVYFASTEKSNIIRGWIFGTTLDSKTQSLLIVNNATNVVIKVCEFQFCNDPFLGVYYHKNNKSWMESEFRVY
SSANNCTFEYVSQPFLMDLEGKQGNFKNLREFVFKNIDGYFKIYSKHTPINLVRDLPQGFSALEPLVDLPIGINITRFQT
LLALHRSYLTPGDSSSGWTAGAAAYYVGYLQPRTFLLKYNENGTITDAVDCALDPLSETKCTLKSFTVEKGIYQTSNFRV
QPTESIVRFPNITNLCPFGEVFNATRFASVYAWNRKRISNCVADYSVLYNSASFSTFKCYGVSPTKLNDLCFTNVYADSF
VIRGDEVRQIAPGQTGKIADYNYKLPDDFTGCVIAWNSNNLDSKVGGNYNYLYRLFRKSNLKPFERDISTEIYQAGSTPC
NGVEGFNCYFPLQSYGFQPTNGVGYQPYRVVVLSFELLHAPATVCGPKKSTNLVKNKCVNFNFNGLTGTGVLTESNKKFL
PFQQFGRDIADTTDAVRDPQTLEILDITPCSFGGVSVITPGTNTSNQVAVLYQDVNCTEVPVAIHADQLTPTWRVYSTGS
NVFQTRAGCLIGAEHVNNSYECDIPIGAGICASYQTQTNSPRRARSVASQSIIAYTMSLGAENSVAYSNNSIAIPTNFTI
SVTTEILPVSMTKTSVDCTMYICGDSTECSNLLLQYGSFCTQLNRALTGIAVEQDKNTQEVFAQVKQIYKTPPIKDFGGF
NFSQILPDPSKPSKRSFIEDLLFNKVTLADAGFIKQYGDCLGDIAARDLICAQKFNGLTVLPPLLTDEMIAQYTSALLAG
TITSGWTFGAGAALQIPFAMQMAYRFNGIGVTQNVLYENQKLIANQFNSAIGKIQDSLSSTASALGKLQDVVNQNAQALN
TLVKQLSSNFGAISSVLNDILSRLDPPEAEVQIDRLITGRLQSLQTYVTQQLIRAAEIRASANLAATKMSECVLGQSKRV
DFCGKGYHLMSFPQSAPHGVVFLHVTYVPAQEKNFTTAPAICHDGKAHFPREGVFVSNGTHWFVTQRNFYEPQIITTDNT
FVSGNCDVVIGIVNNTVYDPLQPELDSFKEELDKYFKNHTSPDVDLGDISGINASVVNIQKEIDRLNEVAKNLNESLIDL
QELGKYEQYIKWPWYIWLGFIAGLIAIVMVTIMLCCMTSCCSCLKGCCSCGSCCKFDEDDSEPVLKGVKLHYTLEDYKDD
DDK
;
A,B,C
2 'polypeptide(L)'
;EVQLVESGGGLIQPGGSLRLSCAASGFTVSSNYMSWVRQAPGKGLEWVSVIYSGGSTYYADSVKGRFTISRDNSKNTLYL
QMNSLRAEDTAVYYCAREGPKSITGTAFDIWGQGTIVTVSSASTKGPSVFPLAPSSKSTSGGTAALGCLVKDYFPEPVTV
SWNSGALTSGVHTFPAVLQSSGLYSLSSVVTVPSSSLGTQTYICNVNHKPSNTKVDKKVEPKSCDKTHTCPPCPAPELLG
GPSVFLFPPKPKDTLMISRTPEVTCVVVDVSHEDPEVKFNWYVDGVEVHNAKTKPREEQYNSTYRVVSVLTVLHQDWLNG
KEYKCKVSNKALPAPIEKTISKAKGQPREPQVYTLPPSRDELTKNQVSLTCLVKGFYPSDIAVEWESNGQPENNYKTTPP
VLDSDGSFFLYSKLTVDKSRWQQGNVFSCSVMHEALHNHYTQKSLSLSPGK
;
H,J
3 'polypeptide(L)'
;DIQMTQSPSSLSASVGDRVTITCQASQDISNYFNWYQQKPGKAPKLLIYDASNLETGVPSRFSGSGSGTDFTFTISSLQP
EDIATYYCQQYDNLPMYTFGQGTKLEIKRTVAAPSVFIFPPSDEQLKSGTASVVCLLNNFYPREAKVQWKVDNALQSGNS
QESVTEQDSKDSTYSLSSTLTLSKADYEKHKVYACEVTHQGLSSPVTKSFNRGEC
;
K,N
#
loop_
_chem_comp.id
_chem_comp.type
_chem_comp.name
_chem_comp.formula
NAG D-saccharide, beta linking 2-acetamido-2-deoxy-beta-D-glucopyranose 'C8 H15 N O6'
#
# COMPACT_ATOMS: atom_id res chain seq x y z
N ALA A 27 5.29 -46.16 29.71
CA ALA A 27 4.20 -46.65 28.88
C ALA A 27 3.64 -45.55 28.00
N TYR A 28 2.94 -45.96 26.95
CA TYR A 28 2.22 -45.04 26.07
C TYR A 28 0.84 -45.62 25.85
N THR A 29 -0.12 -44.76 25.57
CA THR A 29 -1.50 -45.19 25.39
C THR A 29 -2.10 -44.38 24.25
N ASN A 30 -3.31 -44.77 23.86
CA ASN A 30 -4.02 -44.22 22.73
C ASN A 30 -5.27 -43.51 23.22
N SER A 31 -5.33 -42.19 23.00
CA SER A 31 -6.57 -41.46 23.15
C SER A 31 -7.54 -41.96 22.10
N PHE A 32 -8.83 -41.75 22.28
CA PHE A 32 -9.66 -42.09 21.14
C PHE A 32 -10.29 -40.86 20.54
N THR A 33 -11.13 -40.18 21.32
CA THR A 33 -11.70 -38.89 20.93
C THR A 33 -11.74 -38.06 22.22
N ARG A 34 -10.65 -37.35 22.47
CA ARG A 34 -10.44 -36.72 23.76
C ARG A 34 -9.74 -35.39 23.55
N GLY A 35 -10.06 -34.41 24.40
CA GLY A 35 -9.40 -33.14 24.32
C GLY A 35 -10.06 -32.17 23.37
N VAL A 36 -11.38 -32.14 23.40
CA VAL A 36 -12.16 -31.17 22.63
C VAL A 36 -12.69 -30.12 23.59
N TYR A 37 -12.43 -28.86 23.29
CA TYR A 37 -12.88 -27.76 24.11
C TYR A 37 -13.65 -26.77 23.27
N TYR A 38 -14.53 -26.02 23.92
CA TYR A 38 -15.26 -24.96 23.26
C TYR A 38 -14.31 -23.84 22.90
N PRO A 39 -14.12 -23.54 21.64
CA PRO A 39 -13.05 -22.61 21.27
C PRO A 39 -13.46 -21.14 21.31
N ASP A 40 -14.68 -20.85 21.75
CA ASP A 40 -15.15 -19.48 21.84
C ASP A 40 -16.40 -19.45 22.71
N LYS A 41 -16.88 -18.24 22.97
CA LYS A 41 -18.03 -18.02 23.83
C LYS A 41 -19.36 -18.10 23.09
N VAL A 42 -19.33 -18.45 21.81
CA VAL A 42 -20.51 -18.31 20.97
C VAL A 42 -21.42 -19.52 21.14
N PHE A 43 -22.70 -19.26 21.42
CA PHE A 43 -23.72 -20.27 21.43
C PHE A 43 -24.07 -20.66 20.00
N ARG A 44 -24.44 -21.93 19.81
CA ARG A 44 -24.87 -22.44 18.52
C ARG A 44 -25.91 -23.51 18.76
N SER A 45 -27.01 -23.42 18.01
CA SER A 45 -28.05 -24.44 18.08
C SER A 45 -27.69 -25.55 17.11
N SER A 46 -28.66 -26.36 16.68
CA SER A 46 -28.36 -27.62 16.00
C SER A 46 -27.71 -27.34 14.66
N VAL A 47 -26.36 -27.35 14.64
CA VAL A 47 -25.58 -27.07 13.44
C VAL A 47 -24.32 -27.92 13.46
N LEU A 48 -23.55 -27.82 12.38
CA LEU A 48 -22.23 -28.43 12.25
C LEU A 48 -21.27 -27.30 11.89
N HIS A 49 -20.39 -26.95 12.81
CA HIS A 49 -19.52 -25.79 12.65
C HIS A 49 -18.07 -26.22 12.50
N SER A 50 -17.35 -25.56 11.61
CA SER A 50 -15.97 -25.93 11.27
C SER A 50 -15.00 -24.92 11.86
N THR A 51 -13.97 -25.41 12.54
CA THR A 51 -12.97 -24.53 13.18
C THR A 51 -11.55 -24.95 12.84
N GLN A 52 -10.67 -23.97 12.88
CA GLN A 52 -9.22 -24.17 12.84
C GLN A 52 -8.65 -23.69 14.16
N ASP A 53 -7.91 -24.55 14.85
CA ASP A 53 -7.39 -24.19 16.17
C ASP A 53 -6.31 -25.20 16.57
N LEU A 54 -5.91 -25.16 17.84
CA LEU A 54 -4.95 -26.10 18.40
C LEU A 54 -5.70 -27.18 19.15
N PHE A 55 -5.65 -28.40 18.63
CA PHE A 55 -6.38 -29.51 19.21
C PHE A 55 -5.43 -30.67 19.43
N LEU A 56 -5.90 -31.65 20.18
CA LEU A 56 -5.23 -32.92 20.35
C LEU A 56 -5.76 -33.88 19.29
N PRO A 57 -4.94 -34.26 18.29
CA PRO A 57 -5.44 -35.10 17.20
C PRO A 57 -6.07 -36.40 17.70
N PHE A 58 -7.04 -36.91 16.96
CA PHE A 58 -7.70 -38.14 17.37
C PHE A 58 -6.74 -39.31 17.26
N PHE A 59 -6.90 -40.28 18.16
CA PHE A 59 -6.07 -41.48 18.17
C PHE A 59 -4.60 -41.10 18.22
N SER A 60 -4.17 -40.50 19.31
CA SER A 60 -2.83 -39.98 19.47
C SER A 60 -2.04 -40.84 20.42
N ASN A 61 -0.77 -40.50 20.55
CA ASN A 61 0.22 -41.25 21.31
C ASN A 61 0.50 -40.47 22.61
N VAL A 62 -0.23 -40.79 23.67
CA VAL A 62 -0.15 -40.02 24.91
C VAL A 62 0.72 -40.79 25.90
N THR A 63 1.71 -40.09 26.47
CA THR A 63 2.56 -40.69 27.47
C THR A 63 1.75 -41.18 28.66
N TRP A 64 2.30 -42.16 29.38
CA TRP A 64 1.65 -42.66 30.58
C TRP A 64 2.65 -42.50 31.71
N PHE A 65 2.15 -42.04 32.87
CA PHE A 65 2.97 -41.89 34.06
C PHE A 65 2.27 -42.55 35.22
N HIS A 66 3.07 -43.18 36.07
CA HIS A 66 2.58 -43.83 37.28
C HIS A 66 3.19 -43.13 38.50
N ALA A 67 2.60 -43.40 39.65
CA ALA A 67 3.12 -42.94 40.91
C ALA A 67 2.53 -43.79 42.02
N ASN A 81 7.16 -36.19 39.78
CA ASN A 81 7.42 -36.78 38.49
C ASN A 81 8.06 -35.68 37.58
N PRO A 82 8.61 -36.04 36.42
CA PRO A 82 9.67 -35.24 35.82
C PRO A 82 9.22 -33.94 35.14
N VAL A 83 10.22 -33.15 34.77
CA VAL A 83 10.05 -31.91 34.02
C VAL A 83 9.73 -32.26 32.57
N LEU A 84 8.60 -31.79 32.08
CA LEU A 84 8.16 -32.05 30.72
C LEU A 84 8.32 -30.80 29.87
N PRO A 85 8.10 -30.87 28.56
CA PRO A 85 8.01 -29.64 27.77
C PRO A 85 6.59 -29.10 27.69
N PHE A 86 6.42 -27.92 27.09
CA PHE A 86 5.10 -27.35 26.81
C PHE A 86 4.82 -27.19 25.34
N ASN A 87 5.63 -26.35 24.68
CA ASN A 87 5.89 -26.15 23.26
C ASN A 87 4.66 -25.72 22.45
N ASP A 88 3.47 -26.18 22.83
CA ASP A 88 2.20 -25.64 22.33
C ASP A 88 1.07 -26.32 23.11
N GLY A 89 0.60 -25.70 24.18
CA GLY A 89 -0.52 -26.28 24.90
C GLY A 89 -0.32 -27.70 25.40
N VAL A 90 -1.26 -28.21 26.19
CA VAL A 90 -1.13 -29.51 26.82
C VAL A 90 -2.52 -30.02 27.16
N TYR A 91 -2.76 -31.29 26.81
CA TYR A 91 -3.86 -32.05 27.39
C TYR A 91 -3.33 -32.80 28.61
N PHE A 92 -4.19 -33.00 29.59
CA PHE A 92 -3.73 -33.60 30.84
C PHE A 92 -4.90 -34.23 31.56
N ALA A 93 -5.00 -35.55 31.57
CA ALA A 93 -6.03 -36.23 32.34
C ALA A 93 -5.42 -36.87 33.58
N SER A 94 -6.28 -37.37 34.46
CA SER A 94 -5.84 -37.96 35.72
C SER A 94 -7.00 -38.71 36.33
N THR A 95 -6.69 -39.75 37.11
CA THR A 95 -7.70 -40.64 37.66
C THR A 95 -7.38 -41.03 39.08
N GLU A 96 -8.37 -40.86 39.98
CA GLU A 96 -8.30 -41.34 41.36
C GLU A 96 -9.57 -41.04 42.14
N LYS A 97 -9.67 -41.55 43.37
CA LYS A 97 -10.68 -41.11 44.32
C LYS A 97 -10.12 -40.23 45.42
N SER A 98 -8.96 -40.56 45.98
CA SER A 98 -8.17 -39.63 46.75
C SER A 98 -7.65 -38.52 45.85
N ASN A 99 -6.85 -37.60 46.36
CA ASN A 99 -6.35 -36.50 45.54
C ASN A 99 -4.84 -36.45 45.64
N ILE A 100 -4.18 -37.17 44.73
CA ILE A 100 -2.73 -37.24 44.69
C ILE A 100 -2.21 -36.13 43.79
N ILE A 101 -2.95 -35.83 42.73
CA ILE A 101 -2.59 -34.75 41.82
C ILE A 101 -3.04 -33.43 42.44
N ARG A 102 -2.08 -32.59 42.79
CA ARG A 102 -2.33 -31.38 43.55
C ARG A 102 -1.75 -30.20 42.78
N GLY A 103 -2.05 -30.13 41.50
CA GLY A 103 -1.68 -28.98 40.72
C GLY A 103 -0.37 -29.15 40.00
N TRP A 104 -0.04 -28.14 39.21
CA TRP A 104 1.08 -28.15 38.29
C TRP A 104 1.94 -26.96 38.60
N ILE A 105 3.10 -26.88 37.98
CA ILE A 105 3.94 -25.68 38.04
C ILE A 105 4.49 -25.46 36.65
N PHE A 106 4.58 -24.21 36.24
CA PHE A 106 4.87 -23.90 34.84
C PHE A 106 6.08 -23.01 34.76
N GLY A 107 6.49 -22.69 33.53
CA GLY A 107 7.50 -21.66 33.33
C GLY A 107 8.55 -22.02 32.32
N THR A 108 9.68 -21.30 32.34
CA THR A 108 10.78 -21.61 31.46
C THR A 108 11.92 -22.27 32.22
N THR A 109 12.27 -21.75 33.39
CA THR A 109 13.39 -22.28 34.17
C THR A 109 12.98 -22.92 35.49
N LEU A 110 11.76 -22.67 35.97
CA LEU A 110 11.26 -23.26 37.22
C LEU A 110 12.17 -22.90 38.40
N ASP A 111 12.66 -21.66 38.39
CA ASP A 111 13.52 -21.18 39.46
C ASP A 111 13.47 -19.66 39.50
N SER A 112 14.42 -19.07 40.21
CA SER A 112 14.60 -17.63 40.18
C SER A 112 15.30 -17.22 38.89
N LYS A 113 15.57 -15.93 38.77
CA LYS A 113 16.18 -15.29 37.61
C LYS A 113 15.19 -15.19 36.45
N THR A 114 14.03 -15.84 36.54
CA THR A 114 12.94 -15.62 35.60
C THR A 114 11.64 -16.05 36.27
N GLN A 115 10.53 -15.48 35.81
CA GLN A 115 9.24 -15.64 36.45
C GLN A 115 8.54 -16.92 36.01
N SER A 116 7.65 -17.41 36.88
CA SER A 116 6.92 -18.64 36.63
C SER A 116 5.58 -18.60 37.34
N LEU A 117 4.67 -19.48 36.94
CA LEU A 117 3.37 -19.66 37.55
C LEU A 117 3.42 -20.81 38.53
N LEU A 118 2.49 -20.84 39.49
CA LEU A 118 2.37 -21.93 40.44
C LEU A 118 0.91 -22.11 40.81
N ILE A 119 0.37 -23.30 40.56
CA ILE A 119 -1.02 -23.60 40.82
C ILE A 119 -1.09 -24.78 41.79
N VAL A 120 -1.65 -24.54 42.96
CA VAL A 120 -1.56 -25.48 44.05
C VAL A 120 -2.94 -25.73 44.62
N ASN A 121 -3.11 -26.83 45.34
CA ASN A 121 -4.34 -27.11 46.07
C ASN A 121 -4.00 -27.95 47.30
N ASN A 122 -3.98 -27.34 48.49
CA ASN A 122 -3.93 -28.14 49.71
C ASN A 122 -5.33 -28.64 49.98
N ALA A 123 -5.58 -29.24 51.15
CA ALA A 123 -6.91 -29.77 51.43
C ALA A 123 -7.93 -28.66 51.60
N THR A 124 -7.51 -27.41 51.40
CA THR A 124 -8.41 -26.27 51.57
C THR A 124 -9.07 -25.87 50.26
N ASN A 125 -8.26 -25.38 49.32
CA ASN A 125 -8.72 -24.92 48.01
C ASN A 125 -7.54 -24.39 47.21
N VAL A 126 -7.83 -24.08 45.95
CA VAL A 126 -6.85 -23.70 44.94
C VAL A 126 -6.08 -22.45 45.35
N VAL A 127 -4.80 -22.38 44.98
CA VAL A 127 -3.97 -21.21 45.23
C VAL A 127 -3.15 -20.88 43.99
N ILE A 128 -3.67 -20.04 43.11
CA ILE A 128 -2.85 -19.60 41.99
C ILE A 128 -1.86 -18.56 42.52
N LYS A 129 -0.70 -18.47 41.89
CA LYS A 129 0.33 -17.58 42.37
C LYS A 129 1.34 -17.35 41.27
N VAL A 130 1.83 -16.12 41.16
CA VAL A 130 2.88 -15.82 40.19
C VAL A 130 3.96 -14.96 40.84
N CYS A 131 5.06 -15.58 41.24
CA CYS A 131 6.24 -14.90 41.72
C CYS A 131 7.46 -15.38 40.96
N GLU A 132 8.63 -14.98 41.42
CA GLU A 132 9.87 -15.69 41.12
C GLU A 132 10.15 -16.62 42.29
N PHE A 133 10.35 -17.90 41.98
CA PHE A 133 10.43 -18.91 43.02
C PHE A 133 11.83 -19.50 43.07
N GLN A 134 12.03 -20.40 44.02
CA GLN A 134 13.12 -21.35 44.02
C GLN A 134 12.49 -22.71 44.24
N PHE A 135 12.40 -23.49 43.18
CA PHE A 135 11.66 -24.74 43.21
C PHE A 135 12.60 -25.89 43.53
N CYS A 136 12.17 -26.76 44.44
CA CYS A 136 12.83 -28.03 44.62
C CYS A 136 12.89 -28.76 43.28
N ASN A 137 14.04 -29.37 42.99
CA ASN A 137 14.12 -30.16 41.77
C ASN A 137 13.18 -31.36 41.82
N ASP A 138 12.82 -31.81 43.01
CA ASP A 138 11.76 -32.80 43.20
C ASP A 138 10.76 -32.24 44.20
N PRO A 139 9.87 -31.35 43.75
CA PRO A 139 8.98 -30.66 44.68
C PRO A 139 7.66 -31.42 44.85
N PHE A 140 7.14 -31.40 46.07
CA PHE A 140 5.92 -32.15 46.37
C PHE A 140 5.34 -31.63 47.67
N LEU A 141 4.30 -32.29 48.15
CA LEU A 141 3.70 -31.99 49.44
C LEU A 141 3.34 -33.28 50.14
N GLY A 142 3.46 -33.28 51.45
CA GLY A 142 3.28 -34.48 52.25
C GLY A 142 1.83 -34.80 52.57
N VAL A 143 1.66 -35.59 53.62
CA VAL A 143 0.35 -35.94 54.15
C VAL A 143 0.56 -36.61 55.50
N MET A 153 -0.99 -34.87 61.93
CA MET A 153 0.18 -34.38 61.20
C MET A 153 -0.26 -33.63 59.94
N GLU A 154 -0.26 -34.34 58.81
CA GLU A 154 -0.74 -33.82 57.53
C GLU A 154 -0.04 -32.51 57.18
N SER A 155 1.29 -32.50 57.35
CA SER A 155 2.13 -31.35 57.08
C SER A 155 2.96 -31.59 55.84
N GLU A 156 3.17 -30.53 55.07
CA GLU A 156 3.41 -30.68 53.64
C GLU A 156 4.23 -29.54 53.05
N PHE A 157 4.14 -29.39 51.74
CA PHE A 157 4.67 -28.24 51.00
C PHE A 157 6.18 -28.11 51.12
N ARG A 158 6.91 -29.10 50.61
CA ARG A 158 8.33 -28.94 50.36
C ARG A 158 8.51 -28.49 48.93
N VAL A 159 7.55 -27.73 48.40
CA VAL A 159 7.52 -27.43 46.97
C VAL A 159 8.63 -26.45 46.60
N TYR A 160 8.56 -25.23 47.13
CA TYR A 160 9.60 -24.25 46.83
C TYR A 160 10.34 -23.81 48.10
N SER A 161 11.22 -22.81 47.96
CA SER A 161 11.84 -22.19 49.11
C SER A 161 12.00 -20.68 48.91
N SER A 162 11.21 -20.09 48.01
CA SER A 162 11.33 -18.68 47.69
C SER A 162 10.03 -18.22 47.05
N ALA A 163 9.64 -16.99 47.36
CA ALA A 163 8.41 -16.40 46.86
C ALA A 163 8.58 -14.92 46.53
N ASN A 164 9.63 -14.56 45.81
CA ASN A 164 10.02 -13.17 45.65
C ASN A 164 9.25 -12.49 44.53
N ASN A 165 9.08 -11.18 44.65
CA ASN A 165 8.62 -10.33 43.55
C ASN A 165 7.25 -10.68 43.00
N CYS A 166 6.35 -11.21 43.82
CA CYS A 166 5.06 -11.71 43.36
C CYS A 166 4.27 -10.64 42.59
N THR A 167 3.83 -11.01 41.39
CA THR A 167 3.18 -10.11 40.45
C THR A 167 1.71 -10.49 40.26
N PHE A 168 1.26 -11.52 40.96
CA PHE A 168 -0.12 -11.98 40.88
C PHE A 168 -0.34 -12.96 42.02
N GLU A 169 -1.41 -12.80 42.77
CA GLU A 169 -1.76 -13.77 43.79
C GLU A 169 -3.21 -14.16 43.60
N TYR A 170 -3.62 -15.20 44.31
CA TYR A 170 -5.01 -15.61 44.43
C TYR A 170 -5.07 -16.69 45.50
N VAL A 171 -6.08 -16.63 46.36
CA VAL A 171 -6.34 -17.74 47.28
C VAL A 171 -7.85 -17.87 47.36
N SER A 172 -8.33 -18.75 48.23
CA SER A 172 -9.76 -18.86 48.51
C SER A 172 -10.01 -19.52 49.85
N LYS A 187 -13.68 -44.27 39.63
CA LYS A 187 -13.37 -43.15 40.51
C LYS A 187 -13.69 -41.81 39.87
N ASN A 188 -12.65 -41.07 39.51
CA ASN A 188 -12.81 -39.75 38.92
C ASN A 188 -11.87 -39.63 37.74
N LEU A 189 -12.31 -38.88 36.73
CA LEU A 189 -11.46 -38.48 35.62
C LEU A 189 -11.53 -36.97 35.48
N ARG A 190 -10.37 -36.32 35.49
CA ARG A 190 -10.28 -34.87 35.54
C ARG A 190 -9.36 -34.42 34.42
N GLU A 191 -9.95 -33.94 33.33
CA GLU A 191 -9.19 -33.47 32.18
C GLU A 191 -8.95 -31.97 32.22
N PHE A 192 -7.83 -31.55 31.63
CA PHE A 192 -7.46 -30.15 31.57
C PHE A 192 -6.75 -29.88 30.26
N VAL A 193 -7.01 -28.70 29.69
CA VAL A 193 -6.29 -28.22 28.52
C VAL A 193 -5.67 -26.89 28.90
N PHE A 194 -4.36 -26.78 28.79
CA PHE A 194 -3.64 -25.57 29.12
C PHE A 194 -3.07 -24.96 27.86
N LYS A 195 -3.30 -23.67 27.65
CA LYS A 195 -2.68 -22.99 26.53
C LYS A 195 -2.31 -21.57 26.94
N ASN A 196 -1.49 -20.92 26.11
CA ASN A 196 -0.84 -19.67 26.49
C ASN A 196 -0.65 -18.81 25.25
N ILE A 197 -1.56 -17.85 25.03
CA ILE A 197 -1.55 -17.03 23.83
C ILE A 197 -1.68 -15.56 24.21
N ASP A 198 -0.84 -14.72 23.61
CA ASP A 198 -0.86 -13.28 23.79
C ASP A 198 -0.94 -12.87 25.25
N GLY A 199 -0.03 -13.40 26.06
CA GLY A 199 0.03 -13.04 27.46
C GLY A 199 -1.15 -13.50 28.29
N TYR A 200 -2.03 -14.29 27.72
CA TYR A 200 -3.13 -14.87 28.47
C TYR A 200 -2.88 -16.36 28.60
N PHE A 201 -3.12 -16.89 29.79
CA PHE A 201 -2.93 -18.30 30.06
C PHE A 201 -4.30 -18.92 30.29
N LYS A 202 -4.82 -19.59 29.27
CA LYS A 202 -6.16 -20.13 29.30
C LYS A 202 -6.14 -21.57 29.80
N ILE A 203 -7.19 -21.92 30.53
CA ILE A 203 -7.34 -23.23 31.15
C ILE A 203 -8.76 -23.71 30.93
N TYR A 204 -8.90 -24.82 30.21
CA TYR A 204 -10.19 -25.48 30.08
C TYR A 204 -10.13 -26.74 30.91
N SER A 205 -11.30 -27.23 31.31
CA SER A 205 -11.32 -28.37 32.22
C SER A 205 -12.65 -29.08 32.11
N LYS A 206 -12.67 -30.31 32.63
CA LYS A 206 -13.88 -31.10 32.71
C LYS A 206 -13.67 -32.20 33.73
N HIS A 207 -14.72 -32.54 34.46
CA HIS A 207 -14.68 -33.57 35.49
C HIS A 207 -15.75 -34.60 35.15
N THR A 208 -15.33 -35.71 34.61
CA THR A 208 -16.24 -36.80 34.34
C THR A 208 -16.04 -37.90 35.38
N PRO A 209 -17.09 -38.61 35.76
CA PRO A 209 -16.90 -39.78 36.63
C PRO A 209 -16.65 -41.06 35.85
N ILE A 210 -15.52 -41.72 36.09
CA ILE A 210 -15.28 -43.03 35.48
C ILE A 210 -15.99 -44.08 36.30
N ASN A 211 -16.14 -45.28 35.74
CA ASN A 211 -16.57 -46.41 36.55
C ASN A 211 -15.44 -47.41 36.66
N LEU A 212 -14.23 -46.94 36.38
CA LEU A 212 -12.97 -47.62 36.67
C LEU A 212 -12.25 -46.84 37.76
N VAL A 213 -11.02 -47.22 38.07
CA VAL A 213 -10.25 -46.46 39.04
C VAL A 213 -9.19 -45.60 38.35
N ARG A 214 -8.27 -46.22 37.59
CA ARG A 214 -7.15 -45.47 37.03
C ARG A 214 -6.68 -45.87 35.63
N ASP A 215 -7.59 -46.08 34.68
CA ASP A 215 -7.21 -46.31 33.28
C ASP A 215 -7.96 -45.35 32.38
N LEU A 216 -7.33 -44.95 31.26
CA LEU A 216 -7.91 -43.97 30.35
C LEU A 216 -9.09 -44.60 29.60
N PRO A 217 -10.30 -44.09 29.76
CA PRO A 217 -11.47 -44.69 29.10
C PRO A 217 -11.66 -44.22 27.67
N GLN A 218 -12.81 -44.55 27.09
CA GLN A 218 -13.17 -44.13 25.75
C GLN A 218 -14.47 -43.36 25.81
N GLY A 219 -14.63 -42.41 24.90
CA GLY A 219 -15.86 -41.64 24.83
C GLY A 219 -15.64 -40.21 24.39
N PHE A 220 -16.71 -39.41 24.38
CA PHE A 220 -16.64 -38.01 23.96
C PHE A 220 -17.15 -37.12 25.08
N SER A 221 -16.37 -36.09 25.39
CA SER A 221 -16.74 -35.13 26.44
C SER A 221 -16.00 -33.82 26.23
N ALA A 222 -16.70 -32.75 25.88
CA ALA A 222 -16.09 -31.48 25.55
C ALA A 222 -15.75 -30.69 26.82
N LEU A 223 -14.64 -29.96 26.76
CA LEU A 223 -14.07 -29.29 27.92
C LEU A 223 -14.45 -27.81 27.88
N GLU A 224 -14.98 -27.26 29.05
CA GLU A 224 -15.51 -25.91 29.17
C GLU A 224 -14.50 -24.97 29.81
N PRO A 225 -14.37 -23.75 29.30
CA PRO A 225 -13.33 -22.84 29.79
C PRO A 225 -13.53 -22.47 31.25
N LEU A 226 -12.41 -22.36 31.96
CA LEU A 226 -12.43 -22.15 33.41
C LEU A 226 -11.90 -20.77 33.79
N VAL A 227 -10.69 -20.47 33.35
CA VAL A 227 -9.92 -19.36 33.85
C VAL A 227 -9.37 -18.59 32.67
N ASP A 228 -8.78 -17.44 32.97
CA ASP A 228 -8.10 -16.55 32.03
C ASP A 228 -7.15 -15.68 32.86
N LEU A 229 -5.85 -15.72 32.60
CA LEU A 229 -4.93 -14.93 33.41
C LEU A 229 -4.08 -14.04 32.52
N PRO A 230 -4.22 -12.72 32.61
CA PRO A 230 -3.37 -11.81 31.82
C PRO A 230 -1.99 -11.62 32.47
N ILE A 231 -1.13 -12.61 32.30
CA ILE A 231 0.16 -12.62 32.99
C ILE A 231 1.22 -11.96 32.12
N GLY A 232 1.54 -12.56 30.99
CA GLY A 232 2.63 -12.09 30.16
C GLY A 232 3.81 -13.03 30.19
N ILE A 233 3.79 -13.93 31.17
CA ILE A 233 4.78 -14.96 31.43
C ILE A 233 5.15 -15.74 30.17
N ASN A 234 6.42 -16.08 30.01
CA ASN A 234 6.90 -17.04 29.02
C ASN A 234 6.86 -18.43 29.61
N ILE A 235 6.53 -19.43 28.81
CA ILE A 235 6.48 -20.81 29.29
C ILE A 235 7.19 -21.73 28.30
N THR A 236 7.99 -22.64 28.83
CA THR A 236 8.65 -23.65 28.01
C THR A 236 8.65 -25.02 28.72
N ARG A 237 8.29 -25.05 29.99
CA ARG A 237 8.37 -26.30 30.73
C ARG A 237 7.28 -26.33 31.80
N PHE A 238 7.00 -27.52 32.31
CA PHE A 238 6.01 -27.66 33.36
C PHE A 238 6.24 -28.97 34.10
N GLN A 239 5.57 -29.13 35.23
CA GLN A 239 5.75 -30.28 36.10
C GLN A 239 4.40 -30.70 36.68
N THR A 240 4.46 -31.52 37.72
CA THR A 240 3.27 -31.95 38.46
C THR A 240 3.61 -31.98 39.95
N LEU A 241 2.58 -32.08 40.78
CA LEU A 241 2.71 -32.08 42.24
C LEU A 241 1.88 -33.20 42.82
N LEU A 242 2.46 -33.94 43.76
CA LEU A 242 1.81 -35.13 44.30
C LEU A 242 1.90 -35.12 45.83
N ALA A 243 0.91 -35.76 46.45
CA ALA A 243 0.83 -35.88 47.91
C ALA A 243 1.42 -37.23 48.33
N LEU A 244 2.54 -37.18 49.04
CA LEU A 244 3.32 -38.37 49.39
C LEU A 244 2.56 -39.35 50.25
N HIS A 245 3.22 -40.47 50.53
CA HIS A 245 2.79 -41.48 51.50
C HIS A 245 3.61 -41.32 52.79
N ARG A 246 2.91 -41.02 53.88
CA ARG A 246 3.63 -40.93 55.15
C ARG A 246 2.89 -41.61 56.30
N SER A 247 1.57 -41.79 56.17
CA SER A 247 0.79 -42.41 57.23
C SER A 247 0.00 -43.62 56.71
N ALA A 264 -1.46 -42.06 38.35
CA ALA A 264 -1.73 -42.32 36.95
C ALA A 264 -2.16 -41.05 36.25
N TYR A 265 -1.38 -40.62 35.26
CA TYR A 265 -1.71 -39.43 34.50
C TYR A 265 -1.00 -39.43 33.17
N TYR A 266 -1.58 -38.68 32.23
CA TYR A 266 -1.20 -38.67 30.82
C TYR A 266 -0.84 -37.26 30.39
N VAL A 267 -0.09 -37.14 29.30
CA VAL A 267 0.26 -35.84 28.76
C VAL A 267 0.23 -35.87 27.24
N GLY A 268 -0.76 -35.21 26.64
CA GLY A 268 -0.80 -35.00 25.22
C GLY A 268 -0.29 -33.62 24.85
N TYR A 269 -0.13 -33.40 23.56
CA TYR A 269 0.27 -32.09 23.07
C TYR A 269 -0.68 -31.68 21.97
N LEU A 270 -0.74 -30.38 21.70
CA LEU A 270 -1.73 -29.80 20.82
C LEU A 270 -1.05 -29.28 19.57
N GLN A 271 -1.70 -29.46 18.43
CA GLN A 271 -1.20 -29.01 17.13
C GLN A 271 -2.31 -28.27 16.42
N PRO A 272 -1.96 -27.46 15.43
CA PRO A 272 -3.00 -26.77 14.66
C PRO A 272 -3.73 -27.72 13.71
N ARG A 273 -4.96 -28.05 14.05
CA ARG A 273 -5.82 -28.90 13.26
C ARG A 273 -7.09 -28.14 12.85
N THR A 274 -7.91 -28.82 12.05
CA THR A 274 -9.21 -28.34 11.62
C THR A 274 -10.23 -29.40 11.96
N PHE A 275 -11.25 -29.01 12.72
CA PHE A 275 -12.26 -29.95 13.18
C PHE A 275 -13.65 -29.52 12.73
N LEU A 276 -14.57 -30.48 12.80
CA LEU A 276 -15.99 -30.26 12.50
C LEU A 276 -16.78 -30.66 13.74
N LEU A 277 -17.32 -29.67 14.45
CA LEU A 277 -18.03 -29.90 15.70
C LEU A 277 -19.53 -29.93 15.46
N LYS A 278 -20.19 -30.91 16.06
CA LYS A 278 -21.64 -31.03 15.98
C LYS A 278 -22.25 -30.45 17.24
N TYR A 279 -23.11 -29.46 17.08
CA TYR A 279 -23.72 -28.78 18.21
C TYR A 279 -25.13 -29.29 18.44
N ASN A 280 -25.44 -29.56 19.70
CA ASN A 280 -26.77 -29.94 20.13
C ASN A 280 -27.73 -28.75 20.01
N GLU A 281 -29.00 -29.00 20.33
CA GLU A 281 -29.98 -27.93 20.38
C GLU A 281 -29.90 -27.10 21.65
N ASN A 282 -29.34 -27.63 22.73
CA ASN A 282 -29.01 -26.81 23.89
C ASN A 282 -27.71 -26.06 23.71
N GLY A 283 -26.92 -26.42 22.71
CA GLY A 283 -25.70 -25.70 22.43
C GLY A 283 -24.44 -26.38 22.90
N THR A 284 -24.50 -27.66 23.22
CA THR A 284 -23.32 -28.40 23.64
C THR A 284 -22.76 -29.22 22.48
N ILE A 285 -21.45 -29.41 22.50
CA ILE A 285 -20.75 -30.20 21.50
C ILE A 285 -20.93 -31.67 21.85
N THR A 286 -21.58 -32.43 20.98
CA THR A 286 -21.86 -33.83 21.27
C THR A 286 -20.96 -34.77 20.47
N ASP A 287 -20.52 -34.34 19.29
CA ASP A 287 -19.64 -35.16 18.46
C ASP A 287 -18.70 -34.26 17.68
N ALA A 288 -17.66 -34.86 17.10
CA ALA A 288 -16.70 -34.11 16.31
C ALA A 288 -16.10 -35.00 15.25
N VAL A 289 -15.44 -34.36 14.28
CA VAL A 289 -14.72 -35.04 13.22
C VAL A 289 -13.37 -34.37 13.08
N ASP A 290 -12.30 -35.16 13.14
CA ASP A 290 -10.95 -34.70 12.85
C ASP A 290 -10.73 -34.90 11.36
N CYS A 291 -10.45 -33.82 10.65
CA CYS A 291 -10.57 -33.80 9.19
C CYS A 291 -9.26 -34.13 8.51
N ALA A 292 -8.34 -34.73 9.27
CA ALA A 292 -7.03 -35.06 8.71
C ALA A 292 -6.63 -36.45 9.14
N LEU A 293 -7.58 -37.18 9.72
CA LEU A 293 -7.31 -38.57 10.07
C LEU A 293 -7.19 -39.44 8.83
N ASP A 294 -8.26 -39.57 8.05
CA ASP A 294 -8.31 -40.52 6.95
C ASP A 294 -9.13 -39.94 5.81
N PRO A 295 -9.20 -40.61 4.65
CA PRO A 295 -9.99 -40.05 3.54
C PRO A 295 -11.47 -39.87 3.85
N LEU A 296 -12.08 -40.79 4.59
CA LEU A 296 -13.48 -40.61 4.95
C LEU A 296 -13.72 -39.32 5.73
N SER A 297 -12.83 -38.97 6.64
CA SER A 297 -13.00 -37.78 7.45
C SER A 297 -12.80 -36.51 6.63
N GLU A 298 -11.83 -36.52 5.74
CA GLU A 298 -11.65 -35.41 4.82
C GLU A 298 -12.85 -35.23 3.90
N THR A 299 -13.51 -36.32 3.49
CA THR A 299 -14.75 -36.19 2.73
C THR A 299 -15.86 -35.59 3.57
N LYS A 300 -16.04 -36.09 4.80
CA LYS A 300 -17.06 -35.53 5.68
C LYS A 300 -16.84 -34.05 5.90
N CYS A 301 -15.59 -33.62 5.98
CA CYS A 301 -15.28 -32.22 6.18
C CYS A 301 -15.57 -31.41 4.91
N THR A 302 -15.23 -31.97 3.74
CA THR A 302 -15.51 -31.29 2.48
C THR A 302 -17.00 -31.11 2.25
N LEU A 303 -17.83 -32.09 2.61
CA LEU A 303 -19.27 -31.99 2.46
C LEU A 303 -19.96 -31.26 3.60
N LYS A 304 -19.31 -31.10 4.74
CA LYS A 304 -19.89 -30.54 5.96
C LYS A 304 -21.09 -31.38 6.43
N SER A 305 -20.82 -32.66 6.66
CA SER A 305 -21.87 -33.56 7.10
C SER A 305 -21.24 -34.74 7.84
N PHE A 306 -22.10 -35.51 8.48
CA PHE A 306 -21.67 -36.71 9.18
C PHE A 306 -22.09 -37.98 8.46
N THR A 307 -22.92 -37.87 7.43
CA THR A 307 -23.29 -39.00 6.59
C THR A 307 -23.05 -38.63 5.14
N VAL A 308 -22.14 -39.35 4.49
CA VAL A 308 -21.90 -39.22 3.06
C VAL A 308 -22.62 -40.35 2.34
N GLU A 309 -23.37 -40.01 1.30
CA GLU A 309 -24.02 -40.98 0.45
C GLU A 309 -23.07 -41.42 -0.66
N LYS A 310 -23.37 -42.56 -1.26
CA LYS A 310 -22.46 -43.13 -2.24
C LYS A 310 -22.22 -42.16 -3.38
N GLY A 311 -20.99 -42.17 -3.88
CA GLY A 311 -20.62 -41.26 -4.93
C GLY A 311 -19.12 -41.26 -5.08
N ILE A 312 -18.62 -40.18 -5.65
CA ILE A 312 -17.19 -39.95 -5.72
C ILE A 312 -16.98 -38.45 -5.55
N TYR A 313 -16.08 -38.09 -4.66
CA TYR A 313 -15.96 -36.71 -4.20
C TYR A 313 -14.53 -36.25 -4.36
N GLN A 314 -14.35 -35.05 -4.88
CA GLN A 314 -13.03 -34.44 -4.94
C GLN A 314 -12.75 -33.80 -3.60
N THR A 315 -11.62 -34.14 -3.01
CA THR A 315 -11.43 -33.89 -1.60
C THR A 315 -10.26 -32.96 -1.37
N SER A 316 -9.25 -33.01 -2.23
CA SER A 316 -8.04 -32.21 -2.08
C SER A 316 -7.21 -32.36 -3.35
N ASN A 317 -6.04 -31.76 -3.35
CA ASN A 317 -5.07 -31.96 -4.40
C ASN A 317 -3.86 -32.69 -3.81
N PHE A 318 -2.98 -33.11 -4.70
CA PHE A 318 -1.78 -33.83 -4.35
C PHE A 318 -0.67 -33.31 -5.24
N ARG A 319 0.54 -33.22 -4.70
CA ARG A 319 1.67 -32.72 -5.46
C ARG A 319 2.96 -33.25 -4.85
N VAL A 320 3.86 -33.66 -5.71
CA VAL A 320 5.18 -34.12 -5.29
C VAL A 320 6.04 -32.91 -4.94
N GLN A 321 6.88 -33.05 -3.94
CA GLN A 321 7.66 -31.93 -3.46
C GLN A 321 9.10 -31.99 -3.95
N PRO A 322 9.71 -30.84 -4.21
CA PRO A 322 11.08 -30.81 -4.71
C PRO A 322 12.09 -30.98 -3.59
N THR A 323 13.20 -31.65 -3.91
CA THR A 323 14.33 -31.79 -3.00
C THR A 323 15.60 -31.34 -3.71
N GLU A 324 16.75 -31.57 -3.09
CA GLU A 324 18.02 -31.60 -3.81
C GLU A 324 18.31 -30.36 -4.66
N SER A 325 17.96 -29.17 -4.19
CA SER A 325 18.09 -27.95 -4.98
C SER A 325 19.48 -27.79 -5.58
N ILE A 326 19.53 -27.52 -6.88
CA ILE A 326 20.80 -27.41 -7.61
C ILE A 326 20.97 -25.99 -8.15
N VAL A 327 22.21 -25.70 -8.53
CA VAL A 327 22.61 -24.40 -9.06
C VAL A 327 23.71 -24.64 -10.08
N ARG A 328 23.64 -23.97 -11.23
CA ARG A 328 24.57 -24.23 -12.31
C ARG A 328 24.99 -22.94 -12.98
N PHE A 329 26.30 -22.83 -13.24
CA PHE A 329 26.92 -21.63 -13.79
C PHE A 329 28.06 -22.03 -14.71
N PRO A 330 28.55 -21.13 -15.56
CA PRO A 330 29.70 -21.46 -16.41
C PRO A 330 31.01 -21.53 -15.64
N ASN A 331 31.99 -22.14 -16.27
CA ASN A 331 33.31 -22.35 -15.68
C ASN A 331 33.99 -21.06 -15.22
N ILE A 332 35.23 -21.20 -14.75
CA ILE A 332 36.00 -20.06 -14.28
C ILE A 332 37.27 -19.89 -15.09
N THR A 333 37.13 -19.46 -16.34
CA THR A 333 38.27 -19.26 -17.22
C THR A 333 39.16 -18.12 -16.71
N ASN A 334 38.81 -16.90 -17.07
CA ASN A 334 39.57 -15.73 -16.66
C ASN A 334 39.46 -15.47 -15.16
N LEU A 335 40.17 -16.25 -14.38
CA LEU A 335 40.16 -16.12 -12.92
C LEU A 335 41.14 -15.04 -12.46
N CYS A 336 41.68 -14.31 -13.44
CA CYS A 336 42.64 -13.24 -13.20
C CYS A 336 43.94 -13.80 -12.64
N PRO A 337 45.10 -13.45 -13.20
CA PRO A 337 46.32 -14.02 -12.63
C PRO A 337 47.04 -13.03 -11.72
N PHE A 338 46.53 -12.84 -10.52
CA PHE A 338 47.12 -11.92 -9.57
C PHE A 338 48.53 -12.32 -9.17
N GLY A 339 49.04 -13.42 -9.72
CA GLY A 339 50.42 -13.83 -9.62
C GLY A 339 51.37 -13.09 -10.53
N GLU A 340 51.01 -11.91 -10.99
CA GLU A 340 51.96 -11.00 -11.64
C GLU A 340 52.18 -9.74 -10.83
N VAL A 341 51.14 -9.21 -10.19
CA VAL A 341 51.29 -8.01 -9.36
C VAL A 341 51.70 -8.40 -7.95
N PHE A 342 51.19 -9.54 -7.47
CA PHE A 342 51.59 -10.04 -6.16
C PHE A 342 52.76 -11.00 -6.25
N ASN A 343 53.32 -11.21 -7.44
CA ASN A 343 54.43 -12.12 -7.64
C ASN A 343 55.47 -11.55 -8.60
N ALA A 344 55.78 -10.27 -8.48
CA ALA A 344 56.76 -9.65 -9.37
C ALA A 344 58.17 -9.81 -8.82
N THR A 345 59.14 -9.81 -9.73
CA THR A 345 60.54 -9.91 -9.33
C THR A 345 61.12 -8.57 -8.91
N ARG A 346 60.57 -7.47 -9.41
CA ARG A 346 61.04 -6.14 -9.08
C ARG A 346 59.86 -5.20 -9.00
N PHE A 347 59.64 -4.64 -7.82
CA PHE A 347 58.52 -3.71 -7.61
C PHE A 347 58.81 -2.35 -8.22
N ALA A 348 58.00 -1.36 -7.87
CA ALA A 348 58.16 -0.01 -8.39
C ALA A 348 58.41 0.98 -7.25
N SER A 349 59.14 2.06 -7.55
CA SER A 349 59.45 3.09 -6.57
C SER A 349 58.19 3.58 -5.87
N VAL A 350 58.37 4.42 -4.86
CA VAL A 350 57.25 4.97 -4.11
C VAL A 350 56.80 6.30 -4.69
N TYR A 351 57.71 6.99 -5.38
CA TYR A 351 57.40 8.27 -5.99
C TYR A 351 56.89 8.14 -7.41
N ALA A 352 57.10 7.01 -8.05
CA ALA A 352 56.45 6.69 -9.31
C ALA A 352 55.85 5.31 -9.18
N TRP A 353 54.70 5.21 -8.54
CA TRP A 353 54.10 3.92 -8.28
C TRP A 353 53.61 3.35 -9.58
N ASN A 354 53.29 2.06 -9.59
CA ASN A 354 52.76 1.57 -10.84
C ASN A 354 51.25 1.69 -10.84
N ARG A 355 50.62 1.31 -11.94
CA ARG A 355 49.16 1.37 -12.00
C ARG A 355 48.68 0.35 -13.02
N LYS A 356 48.22 -0.80 -12.53
CA LYS A 356 47.68 -1.85 -13.39
C LYS A 356 46.16 -1.74 -13.33
N ARG A 357 45.50 -1.82 -14.48
CA ARG A 357 44.06 -1.69 -14.50
C ARG A 357 43.47 -3.06 -14.74
N ILE A 358 43.27 -3.82 -13.67
CA ILE A 358 42.60 -5.09 -13.80
C ILE A 358 41.23 -4.85 -14.43
N SER A 359 40.78 -5.81 -15.23
CA SER A 359 39.59 -5.60 -16.05
C SER A 359 38.77 -6.88 -16.01
N ASN A 360 37.82 -7.01 -16.93
CA ASN A 360 36.88 -8.13 -16.99
C ASN A 360 37.57 -9.46 -16.80
N CYS A 361 37.20 -10.18 -15.74
CA CYS A 361 37.90 -11.35 -15.27
C CYS A 361 37.05 -12.00 -14.18
N VAL A 362 37.61 -13.01 -13.55
CA VAL A 362 37.01 -13.71 -12.42
C VAL A 362 38.01 -13.51 -11.28
N ALA A 363 37.71 -12.58 -10.37
CA ALA A 363 38.60 -12.25 -9.27
C ALA A 363 38.22 -13.04 -8.03
N ASP A 364 39.22 -13.66 -7.41
CA ASP A 364 39.02 -14.50 -6.23
C ASP A 364 39.82 -13.90 -5.08
N TYR A 365 39.21 -12.94 -4.39
CA TYR A 365 39.89 -12.30 -3.28
C TYR A 365 40.04 -13.22 -2.07
N SER A 366 39.57 -14.46 -2.15
CA SER A 366 39.77 -15.37 -1.03
C SER A 366 41.20 -15.87 -0.98
N VAL A 367 41.79 -16.22 -2.12
CA VAL A 367 43.19 -16.64 -2.14
C VAL A 367 44.08 -15.53 -1.60
N LEU A 368 43.65 -14.29 -1.75
CA LEU A 368 44.35 -13.21 -1.09
C LEU A 368 44.07 -13.21 0.39
N TYR A 369 42.80 -13.14 0.76
CA TYR A 369 42.42 -12.86 2.13
C TYR A 369 42.96 -13.89 3.11
N ASN A 370 43.03 -15.14 2.69
CA ASN A 370 43.42 -16.19 3.63
C ASN A 370 44.87 -16.63 3.46
N SER A 371 45.65 -15.90 2.68
CA SER A 371 46.99 -16.39 2.38
C SER A 371 47.92 -16.30 3.57
N ALA A 372 47.56 -15.52 4.59
CA ALA A 372 48.29 -15.46 5.84
C ALA A 372 49.74 -15.01 5.67
N SER A 373 50.15 -14.71 4.45
CA SER A 373 51.47 -14.20 4.19
C SER A 373 51.52 -12.69 4.25
N PHE A 374 50.39 -12.03 4.37
CA PHE A 374 50.30 -10.58 4.36
C PHE A 374 50.34 -10.06 5.78
N SER A 375 51.20 -9.10 6.02
CA SER A 375 51.26 -8.50 7.33
C SER A 375 50.19 -7.47 7.56
N THR A 376 49.57 -6.95 6.50
CA THR A 376 48.54 -5.94 6.68
C THR A 376 47.50 -6.13 5.58
N PHE A 377 46.24 -6.33 5.95
CA PHE A 377 45.17 -6.46 4.97
C PHE A 377 43.97 -5.69 5.48
N LYS A 378 43.88 -4.41 5.16
CA LYS A 378 42.78 -3.60 5.63
C LYS A 378 41.83 -3.33 4.48
N CYS A 379 40.54 -3.43 4.73
CA CYS A 379 39.55 -3.07 3.72
C CYS A 379 38.69 -1.95 4.25
N TYR A 380 38.41 -0.96 3.42
CA TYR A 380 37.76 0.25 3.89
C TYR A 380 36.35 0.42 3.41
N GLY A 381 36.13 0.45 2.11
CA GLY A 381 34.78 0.62 1.65
C GLY A 381 33.94 -0.59 1.98
N VAL A 382 34.57 -1.74 2.10
CA VAL A 382 33.86 -3.01 2.14
C VAL A 382 34.69 -4.05 2.88
N SER A 383 34.09 -4.69 3.88
CA SER A 383 34.77 -5.71 4.65
C SER A 383 35.23 -6.85 3.74
N PRO A 384 36.30 -7.55 4.12
CA PRO A 384 36.97 -8.42 3.14
C PRO A 384 36.17 -9.63 2.71
N THR A 385 35.40 -10.26 3.59
CA THR A 385 34.79 -11.53 3.22
C THR A 385 33.70 -11.38 2.18
N LYS A 386 33.15 -10.18 2.00
CA LYS A 386 32.10 -9.95 1.03
C LYS A 386 32.63 -9.48 -0.32
N LEU A 387 33.92 -9.62 -0.56
CA LEU A 387 34.47 -9.22 -1.85
C LEU A 387 34.13 -10.23 -2.94
N ASN A 388 34.15 -11.51 -2.58
CA ASN A 388 33.85 -12.58 -3.53
C ASN A 388 32.35 -12.76 -3.74
N ASP A 389 31.60 -11.67 -3.62
CA ASP A 389 30.15 -11.71 -3.78
C ASP A 389 29.63 -10.40 -4.36
N LEU A 390 30.54 -9.57 -4.86
CA LEU A 390 30.17 -8.28 -5.45
C LEU A 390 30.81 -8.09 -6.82
N CYS A 391 30.27 -7.15 -7.59
CA CYS A 391 30.80 -6.87 -8.92
C CYS A 391 30.92 -5.37 -9.15
N PHE A 392 32.03 -4.96 -9.76
CA PHE A 392 32.28 -3.55 -10.05
C PHE A 392 32.54 -3.33 -11.53
N THR A 393 33.04 -2.14 -11.87
CA THR A 393 33.34 -1.80 -13.26
C THR A 393 34.83 -1.96 -13.55
N ASN A 394 35.67 -1.49 -12.63
CA ASN A 394 37.11 -1.57 -12.79
C ASN A 394 37.74 -1.78 -11.43
N VAL A 395 38.86 -2.51 -11.42
CA VAL A 395 39.70 -2.61 -10.25
C VAL A 395 41.04 -2.08 -10.68
N TYR A 396 41.61 -1.19 -9.89
CA TYR A 396 42.96 -0.75 -10.17
C TYR A 396 43.86 -1.33 -9.11
N ALA A 397 45.10 -1.61 -9.47
CA ALA A 397 46.06 -2.11 -8.49
C ALA A 397 47.30 -1.25 -8.59
N ASP A 398 47.66 -0.59 -7.49
CA ASP A 398 48.87 0.21 -7.46
C ASP A 398 49.92 -0.48 -6.62
N SER A 399 51.18 -0.38 -7.03
CA SER A 399 52.24 -1.15 -6.41
C SER A 399 53.43 -0.25 -6.10
N PHE A 400 54.04 -0.45 -4.93
CA PHE A 400 55.27 0.26 -4.64
C PHE A 400 55.94 -0.34 -3.40
N VAL A 401 57.01 0.30 -2.95
CA VAL A 401 57.85 -0.19 -1.86
C VAL A 401 58.15 0.96 -0.92
N ILE A 402 57.92 0.78 0.38
CA ILE A 402 58.18 1.82 1.36
C ILE A 402 58.89 1.22 2.56
N ARG A 403 59.09 2.04 3.58
CA ARG A 403 59.74 1.56 4.79
C ARG A 403 58.72 0.69 5.52
N GLY A 404 59.07 0.21 6.70
CA GLY A 404 58.16 -0.62 7.46
C GLY A 404 57.14 0.17 8.23
N ASP A 405 57.54 1.33 8.77
CA ASP A 405 56.64 2.08 9.60
C ASP A 405 55.96 3.21 8.86
N GLU A 406 55.97 3.13 7.55
CA GLU A 406 55.30 4.10 6.71
C GLU A 406 54.03 3.46 6.14
N VAL A 407 53.70 2.25 6.57
CA VAL A 407 52.51 1.62 6.06
C VAL A 407 51.28 2.19 6.71
N ARG A 408 51.43 3.01 7.74
CA ARG A 408 50.27 3.59 8.36
C ARG A 408 49.88 4.90 7.72
N GLN A 409 50.62 5.37 6.72
CA GLN A 409 50.19 6.53 5.98
C GLN A 409 49.47 6.17 4.70
N ILE A 410 49.36 4.88 4.38
CA ILE A 410 48.57 4.44 3.24
C ILE A 410 47.19 4.12 3.78
N ALA A 411 46.39 5.15 3.91
CA ALA A 411 45.06 5.05 4.50
C ALA A 411 44.36 6.36 4.22
N PRO A 412 43.03 6.39 4.19
CA PRO A 412 42.35 7.66 3.88
C PRO A 412 42.48 8.63 5.03
N GLY A 413 42.91 9.85 4.72
CA GLY A 413 43.09 10.85 5.73
C GLY A 413 44.29 10.69 6.62
N GLN A 414 45.49 10.76 6.06
CA GLN A 414 46.73 10.77 6.83
C GLN A 414 47.63 11.89 6.33
N THR A 415 48.72 12.09 7.04
CA THR A 415 49.74 13.07 6.66
C THR A 415 51.11 12.49 6.91
N GLY A 416 52.12 13.11 6.32
CA GLY A 416 53.47 12.60 6.33
C GLY A 416 54.08 12.64 4.95
N LYS A 417 55.39 12.45 4.92
CA LYS A 417 56.13 12.66 3.68
C LYS A 417 55.63 11.74 2.58
N ILE A 418 55.05 10.60 2.94
CA ILE A 418 54.56 9.69 1.91
C ILE A 418 53.19 10.11 1.42
N ALA A 419 52.25 10.31 2.34
CA ALA A 419 50.90 10.63 1.92
C ALA A 419 50.79 12.06 1.46
N ASP A 420 51.68 12.93 1.90
CA ASP A 420 51.60 14.32 1.44
C ASP A 420 51.97 14.42 -0.02
N TYR A 421 53.21 14.11 -0.37
CA TYR A 421 53.59 14.08 -1.75
C TYR A 421 54.41 12.85 -2.07
N ASN A 422 53.77 11.68 -2.07
CA ASN A 422 54.22 10.58 -2.90
C ASN A 422 53.02 9.83 -3.46
N TYR A 423 52.02 9.59 -2.61
CA TYR A 423 50.88 8.77 -2.97
C TYR A 423 49.74 9.09 -2.02
N LYS A 424 48.70 9.73 -2.52
CA LYS A 424 47.59 10.18 -1.69
C LYS A 424 46.33 9.43 -2.08
N LEU A 425 45.63 8.89 -1.09
CA LEU A 425 44.38 8.14 -1.13
C LEU A 425 43.20 9.04 -0.86
N PRO A 426 42.14 9.03 -1.67
CA PRO A 426 41.04 9.94 -1.44
C PRO A 426 40.37 9.67 -0.12
N ASP A 427 39.50 10.58 0.27
CA ASP A 427 38.93 10.51 1.61
C ASP A 427 37.71 9.61 1.70
N ASP A 428 37.19 9.14 0.58
CA ASP A 428 36.13 8.13 0.57
C ASP A 428 36.58 6.88 -0.16
N PHE A 429 37.77 6.41 0.16
CA PHE A 429 38.35 5.25 -0.49
C PHE A 429 37.39 4.09 -0.43
N THR A 430 37.54 3.16 -1.37
CA THR A 430 36.66 2.00 -1.40
C THR A 430 37.36 0.66 -1.35
N GLY A 431 38.62 0.58 -1.74
CA GLY A 431 39.26 -0.69 -1.94
C GLY A 431 39.84 -1.29 -0.68
N CYS A 432 40.97 -1.96 -0.84
CA CYS A 432 41.71 -2.54 0.26
C CYS A 432 43.19 -2.32 0.07
N VAL A 433 43.92 -2.34 1.18
CA VAL A 433 45.35 -2.08 1.21
C VAL A 433 46.02 -3.32 1.74
N ILE A 434 47.01 -3.84 1.02
CA ILE A 434 47.70 -5.06 1.40
C ILE A 434 49.18 -4.78 1.46
N ALA A 435 49.87 -5.36 2.44
CA ALA A 435 51.27 -5.05 2.62
C ALA A 435 51.98 -6.22 3.27
N TRP A 436 53.20 -6.50 2.80
CA TRP A 436 53.97 -7.57 3.42
C TRP A 436 55.44 -7.26 3.40
N ASN A 437 56.16 -7.80 4.38
CA ASN A 437 57.57 -7.52 4.51
C ASN A 437 58.35 -8.21 3.41
N SER A 438 59.39 -7.54 2.93
CA SER A 438 60.19 -8.09 1.85
C SER A 438 61.66 -7.82 2.10
N ASN A 439 62.14 -8.09 3.31
CA ASN A 439 63.52 -7.74 3.62
C ASN A 439 64.51 -8.51 2.77
N ASN A 440 64.24 -9.78 2.48
CA ASN A 440 65.23 -10.60 1.82
C ASN A 440 65.36 -10.31 0.34
N LEU A 441 64.33 -9.74 -0.27
CA LEU A 441 64.35 -9.46 -1.69
C LEU A 441 64.92 -8.10 -2.05
N ASP A 442 64.63 -7.08 -1.25
CA ASP A 442 64.90 -5.71 -1.65
C ASP A 442 66.09 -5.09 -0.94
N SER A 443 66.54 -5.66 0.16
CA SER A 443 67.63 -5.09 0.90
C SER A 443 68.90 -5.87 0.64
N LYS A 444 69.98 -5.16 0.34
CA LYS A 444 71.22 -5.82 -0.01
C LYS A 444 72.37 -5.19 0.74
N VAL A 445 73.34 -6.02 1.11
CA VAL A 445 74.48 -5.59 1.90
C VAL A 445 75.17 -4.44 1.19
N GLY A 446 75.58 -3.45 1.95
CA GLY A 446 76.12 -2.23 1.41
C GLY A 446 75.08 -1.18 1.09
N GLY A 447 73.81 -1.54 1.14
CA GLY A 447 72.77 -0.56 0.93
C GLY A 447 72.20 -0.58 -0.46
N ASN A 448 70.89 -0.77 -0.57
CA ASN A 448 70.21 -0.75 -1.84
C ASN A 448 69.73 0.67 -2.09
N TYR A 449 70.47 1.43 -2.88
CA TYR A 449 70.16 2.83 -3.13
C TYR A 449 69.33 3.03 -4.38
N ASN A 450 68.52 2.06 -4.76
CA ASN A 450 67.71 2.21 -5.95
C ASN A 450 66.25 2.51 -5.65
N TYR A 451 65.89 2.66 -4.38
CA TYR A 451 64.51 2.90 -3.98
C TYR A 451 64.43 4.31 -3.42
N LEU A 452 63.92 5.23 -4.21
CA LEU A 452 63.89 6.64 -3.85
C LEU A 452 62.48 7.05 -3.43
N TYR A 453 62.40 8.24 -2.85
CA TYR A 453 61.13 8.84 -2.53
C TYR A 453 61.31 10.35 -2.60
N ARG A 454 60.20 11.04 -2.82
CA ARG A 454 60.21 12.49 -2.92
C ARG A 454 60.01 13.08 -1.54
N LEU A 455 60.82 14.06 -1.19
CA LEU A 455 60.73 14.64 0.13
C LEU A 455 60.48 16.14 0.13
N PHE A 456 60.35 16.77 -1.03
CA PHE A 456 60.00 18.17 -1.12
C PHE A 456 59.03 18.38 -2.27
N ARG A 457 57.93 19.08 -2.00
CA ARG A 457 57.04 19.47 -3.08
C ARG A 457 56.37 20.78 -2.72
N LYS A 458 55.92 21.49 -3.75
CA LYS A 458 55.23 22.75 -3.53
C LYS A 458 53.93 22.57 -2.77
N SER A 459 53.14 21.56 -3.14
CA SER A 459 51.82 21.40 -2.57
C SER A 459 51.46 19.92 -2.56
N ASN A 460 50.71 19.53 -1.54
CA ASN A 460 50.32 18.15 -1.38
C ASN A 460 49.56 17.67 -2.60
N LEU A 461 49.63 16.37 -2.83
CA LEU A 461 49.06 15.79 -4.03
C LEU A 461 47.54 15.75 -3.96
N LYS A 462 46.91 15.84 -5.10
CA LYS A 462 45.52 15.45 -5.19
C LYS A 462 45.45 13.94 -5.10
N PRO A 463 44.34 13.37 -4.66
CA PRO A 463 44.26 11.91 -4.55
C PRO A 463 44.51 11.23 -5.89
N PHE A 464 45.37 10.22 -5.86
CA PHE A 464 45.70 9.41 -7.04
C PHE A 464 46.44 10.22 -8.10
N GLU A 465 47.07 11.31 -7.70
CA GLU A 465 47.87 12.11 -8.60
C GLU A 465 49.32 11.65 -8.50
N ARG A 466 50.08 11.86 -9.57
CA ARG A 466 51.42 11.31 -9.71
C ARG A 466 52.35 12.34 -10.28
N ASP A 467 53.60 12.36 -9.79
CA ASP A 467 54.53 13.45 -10.09
C ASP A 467 55.94 12.90 -10.17
N ILE A 468 56.45 12.73 -11.40
CA ILE A 468 57.77 12.14 -11.60
C ILE A 468 58.78 13.20 -12.03
N SER A 469 58.47 14.47 -11.88
CA SER A 469 59.42 15.49 -12.30
C SER A 469 60.62 15.51 -11.37
N THR A 470 61.68 16.19 -11.79
CA THR A 470 62.92 16.19 -11.05
C THR A 470 63.54 17.60 -11.05
N GLU A 471 62.69 18.60 -10.86
CA GLU A 471 63.18 19.97 -10.83
C GLU A 471 63.78 20.27 -9.48
N ILE A 472 64.80 21.13 -9.48
CA ILE A 472 65.44 21.52 -8.24
C ILE A 472 64.47 22.33 -7.39
N TYR A 473 64.22 21.83 -6.19
CA TYR A 473 63.31 22.50 -5.27
C TYR A 473 63.91 23.83 -4.86
N GLN A 474 63.04 24.76 -4.47
CA GLN A 474 63.49 26.09 -4.06
C GLN A 474 62.82 26.42 -2.73
N ALA A 475 63.55 26.26 -1.65
CA ALA A 475 62.97 26.51 -0.34
C ALA A 475 62.87 28.01 -0.06
N GLY A 476 64.00 28.70 -0.05
CA GLY A 476 64.02 30.12 0.20
C GLY A 476 63.51 30.92 -0.98
N SER A 477 63.54 32.24 -0.83
CA SER A 477 63.05 33.13 -1.87
C SER A 477 64.02 33.26 -3.04
N THR A 478 65.28 32.97 -2.82
CA THR A 478 66.27 33.16 -3.86
C THR A 478 66.03 32.16 -4.99
N PRO A 479 66.02 32.60 -6.24
CA PRO A 479 65.86 31.65 -7.35
C PRO A 479 67.04 30.71 -7.45
N CYS A 480 66.81 29.55 -8.04
CA CYS A 480 67.77 28.46 -8.00
C CYS A 480 68.57 28.31 -9.28
N ASN A 481 67.98 28.56 -10.45
CA ASN A 481 68.69 28.45 -11.72
C ASN A 481 69.28 27.06 -11.94
N GLY A 482 68.57 26.02 -11.50
CA GLY A 482 68.97 24.68 -11.83
C GLY A 482 70.27 24.20 -11.21
N VAL A 483 70.80 24.90 -10.22
CA VAL A 483 71.99 24.42 -9.52
C VAL A 483 71.67 24.30 -8.05
N GLU A 484 72.36 23.36 -7.40
CA GLU A 484 72.16 23.11 -5.98
C GLU A 484 72.75 24.23 -5.14
N GLY A 485 72.54 24.13 -3.84
CA GLY A 485 73.04 25.14 -2.93
C GLY A 485 72.10 25.28 -1.76
N PHE A 486 72.40 26.24 -0.91
CA PHE A 486 71.53 26.52 0.22
C PHE A 486 70.15 26.91 -0.28
N ASN A 487 69.13 26.28 0.28
CA ASN A 487 67.74 26.54 -0.08
C ASN A 487 67.47 26.23 -1.55
N CYS A 488 68.30 25.38 -2.13
CA CYS A 488 68.07 24.85 -3.48
C CYS A 488 68.47 23.38 -3.43
N TYR A 489 67.47 22.52 -3.29
CA TYR A 489 67.69 21.13 -2.96
C TYR A 489 67.18 20.20 -4.07
N PHE A 490 67.93 19.16 -4.32
CA PHE A 490 67.43 18.07 -5.14
C PHE A 490 66.26 17.43 -4.42
N PRO A 491 65.17 17.11 -5.10
CA PRO A 491 63.95 16.71 -4.38
C PRO A 491 63.80 15.23 -4.09
N LEU A 492 64.75 14.38 -4.44
CA LEU A 492 64.59 12.94 -4.24
C LEU A 492 65.67 12.40 -3.32
N GLN A 493 65.25 11.56 -2.38
CA GLN A 493 66.14 10.92 -1.44
C GLN A 493 66.04 9.42 -1.69
N SER A 494 66.99 8.64 -1.16
CA SER A 494 66.96 7.20 -1.37
C SER A 494 67.06 6.49 -0.04
N TYR A 495 66.14 5.57 0.20
CA TYR A 495 66.28 4.62 1.28
C TYR A 495 67.55 3.84 1.05
N GLY A 496 68.47 3.87 2.00
CA GLY A 496 69.54 2.92 1.84
C GLY A 496 69.22 1.69 2.64
N PHE A 497 68.61 0.70 2.02
CA PHE A 497 68.16 -0.46 2.76
C PHE A 497 69.32 -1.40 3.01
N GLN A 498 69.39 -1.95 4.20
CA GLN A 498 70.45 -2.89 4.52
C GLN A 498 69.88 -4.02 5.34
N PRO A 499 70.39 -5.23 5.16
CA PRO A 499 69.73 -6.39 5.76
C PRO A 499 69.78 -6.40 7.27
N THR A 500 70.72 -5.71 7.88
CA THR A 500 70.76 -5.63 9.34
C THR A 500 70.07 -4.38 9.85
N ASN A 501 68.85 -4.14 9.41
CA ASN A 501 68.05 -3.01 9.88
C ASN A 501 66.95 -3.53 10.79
N GLY A 502 66.73 -2.82 11.88
CA GLY A 502 65.61 -3.16 12.73
C GLY A 502 64.30 -3.08 11.97
N VAL A 503 63.34 -3.89 12.39
CA VAL A 503 62.03 -3.84 11.76
C VAL A 503 61.50 -2.41 11.85
N GLY A 504 60.68 -2.02 10.90
CA GLY A 504 60.33 -0.63 10.79
C GLY A 504 61.35 0.19 10.03
N TYR A 505 62.46 -0.41 9.65
CA TYR A 505 63.32 0.16 8.63
C TYR A 505 63.60 -0.80 7.51
N GLN A 506 62.98 -1.94 7.49
CA GLN A 506 63.15 -2.87 6.42
C GLN A 506 62.07 -2.65 5.37
N PRO A 507 62.33 -3.00 4.13
CA PRO A 507 61.40 -2.65 3.06
C PRO A 507 60.14 -3.47 3.10
N TYR A 508 59.02 -2.81 2.89
CA TYR A 508 57.72 -3.47 2.82
C TYR A 508 57.18 -3.23 1.43
N ARG A 509 56.59 -4.24 0.82
CA ARG A 509 55.94 -4.05 -0.46
C ARG A 509 54.47 -3.88 -0.24
N VAL A 510 53.87 -2.94 -0.98
CA VAL A 510 52.49 -2.53 -0.78
C VAL A 510 51.75 -2.61 -2.10
N VAL A 511 50.51 -3.09 -2.04
CA VAL A 511 49.59 -3.14 -3.18
C VAL A 511 48.27 -2.56 -2.71
N VAL A 512 47.76 -1.58 -3.43
CA VAL A 512 46.53 -0.90 -3.06
C VAL A 512 45.51 -1.22 -4.14
N LEU A 513 44.49 -2.00 -3.80
CA LEU A 513 43.42 -2.29 -4.73
C LEU A 513 42.32 -1.28 -4.56
N SER A 514 41.87 -0.71 -5.66
CA SER A 514 40.85 0.32 -5.62
C SER A 514 39.73 -0.07 -6.56
N PHE A 515 38.60 -0.43 -6.02
CA PHE A 515 37.46 -0.82 -6.83
C PHE A 515 36.69 0.44 -7.18
N GLU A 516 36.44 0.66 -8.46
CA GLU A 516 35.68 1.82 -8.85
C GLU A 516 34.45 1.40 -9.63
N LEU A 517 33.42 2.23 -9.58
CA LEU A 517 32.17 1.96 -10.29
C LEU A 517 31.68 3.17 -11.06
N LEU A 518 32.14 3.32 -12.30
CA LEU A 518 31.74 4.44 -13.13
C LEU A 518 30.23 4.40 -13.40
N HIS A 519 29.86 4.01 -14.61
CA HIS A 519 28.45 3.94 -14.99
C HIS A 519 28.25 3.02 -16.19
N ALA A 520 29.10 2.00 -16.29
CA ALA A 520 29.01 1.05 -17.39
C ALA A 520 27.87 0.06 -17.18
N PRO A 521 27.91 -1.06 -17.89
CA PRO A 521 26.86 -2.08 -17.77
C PRO A 521 27.22 -3.21 -16.82
N ALA A 522 28.52 -3.37 -16.57
CA ALA A 522 29.01 -4.42 -15.68
C ALA A 522 30.51 -4.64 -15.87
N THR A 523 31.07 -5.58 -15.12
CA THR A 523 32.49 -5.89 -15.20
C THR A 523 32.86 -7.03 -14.26
N VAL A 524 34.15 -7.17 -13.99
CA VAL A 524 34.65 -8.21 -13.10
C VAL A 524 33.78 -8.47 -11.88
N CYS A 525 33.58 -9.75 -11.55
CA CYS A 525 32.97 -10.17 -10.29
C CYS A 525 33.59 -11.47 -9.79
N GLY A 526 33.19 -11.85 -8.57
CA GLY A 526 33.71 -13.04 -7.93
C GLY A 526 33.13 -14.31 -8.50
N PRO A 527 33.88 -15.41 -8.33
CA PRO A 527 33.52 -16.72 -8.84
C PRO A 527 32.04 -17.07 -8.66
N LYS A 528 31.59 -18.09 -9.40
CA LYS A 528 30.21 -18.55 -9.34
C LYS A 528 30.17 -20.02 -8.93
N LYS A 529 30.37 -20.28 -7.65
CA LYS A 529 30.35 -21.64 -7.14
C LYS A 529 29.15 -22.40 -7.68
N SER A 530 29.40 -23.61 -8.20
CA SER A 530 28.33 -24.43 -8.77
C SER A 530 28.37 -25.84 -8.18
N THR A 531 27.18 -26.41 -7.97
CA THR A 531 27.07 -27.75 -7.43
C THR A 531 26.97 -28.78 -8.55
N ASN A 532 26.28 -29.88 -8.28
CA ASN A 532 26.10 -30.94 -9.26
C ASN A 532 24.67 -30.98 -9.75
N LEU A 533 24.49 -31.37 -11.01
CA LEU A 533 23.16 -31.47 -11.59
C LEU A 533 22.65 -32.87 -11.39
N VAL A 534 21.45 -32.99 -10.83
CA VAL A 534 20.81 -34.28 -10.62
C VAL A 534 19.74 -34.46 -11.69
N LYS A 535 19.24 -35.67 -11.85
CA LYS A 535 18.23 -35.93 -12.86
C LYS A 535 17.17 -36.84 -12.29
N ASN A 536 16.00 -36.83 -12.95
CA ASN A 536 14.88 -37.71 -12.66
C ASN A 536 14.31 -37.52 -11.26
N LYS A 537 14.40 -36.32 -10.71
CA LYS A 537 13.83 -36.00 -9.42
C LYS A 537 13.29 -34.58 -9.46
N CYS A 538 12.08 -34.39 -8.92
CA CYS A 538 11.55 -33.04 -8.83
C CYS A 538 12.50 -32.20 -8.00
N VAL A 539 13.06 -31.17 -8.61
CA VAL A 539 14.17 -30.44 -8.04
C VAL A 539 13.90 -28.95 -8.22
N ASN A 540 14.63 -28.15 -7.46
CA ASN A 540 14.55 -26.69 -7.54
C ASN A 540 15.87 -26.24 -8.15
N PHE A 541 15.81 -25.71 -9.38
CA PHE A 541 17.03 -25.49 -10.14
C PHE A 541 17.21 -24.02 -10.50
N ASN A 542 18.47 -23.67 -10.76
CA ASN A 542 18.86 -22.36 -11.26
C ASN A 542 19.98 -22.58 -12.28
N PHE A 543 19.71 -22.22 -13.53
CA PHE A 543 20.67 -22.32 -14.63
C PHE A 543 21.05 -20.91 -15.06
N ASN A 544 22.16 -20.41 -14.51
CA ASN A 544 22.71 -19.08 -14.72
C ASN A 544 21.63 -18.02 -14.92
N GLY A 545 20.63 -18.01 -14.04
CA GLY A 545 19.60 -17.01 -14.14
C GLY A 545 18.21 -17.59 -14.23
N LEU A 546 18.07 -18.68 -14.99
CA LEU A 546 16.78 -19.36 -15.13
C LEU A 546 16.45 -20.06 -13.82
N THR A 547 15.43 -19.57 -13.12
CA THR A 547 15.00 -20.18 -11.87
C THR A 547 13.73 -20.99 -12.14
N GLY A 548 13.73 -22.25 -11.71
CA GLY A 548 12.53 -23.05 -11.89
C GLY A 548 12.44 -24.29 -11.02
N THR A 549 11.42 -25.11 -11.27
CA THR A 549 11.21 -26.36 -10.54
C THR A 549 10.79 -27.42 -11.52
N GLY A 550 11.22 -28.66 -11.27
CA GLY A 550 10.76 -29.75 -12.10
C GLY A 550 11.77 -30.87 -12.14
N VAL A 551 11.42 -31.88 -12.92
CA VAL A 551 12.27 -33.02 -13.23
C VAL A 551 13.10 -32.68 -14.44
N LEU A 552 14.39 -33.01 -14.37
CA LEU A 552 15.34 -32.79 -15.46
C LEU A 552 15.62 -34.12 -16.13
N THR A 553 15.67 -34.13 -17.45
CA THR A 553 15.87 -35.37 -18.18
C THR A 553 16.77 -35.15 -19.38
N GLU A 554 17.54 -36.18 -19.74
CA GLU A 554 18.40 -36.12 -20.92
C GLU A 554 17.57 -35.90 -22.17
N SER A 555 18.02 -34.98 -23.01
CA SER A 555 17.25 -34.60 -24.19
C SER A 555 17.77 -35.31 -25.43
N ASN A 556 17.06 -35.07 -26.54
CA ASN A 556 17.54 -35.49 -27.85
C ASN A 556 17.25 -34.44 -28.90
N LYS A 557 16.98 -33.19 -28.49
CA LYS A 557 16.91 -32.06 -29.39
C LYS A 557 18.29 -31.44 -29.57
N LYS A 558 18.40 -30.58 -30.57
CA LYS A 558 19.67 -29.97 -30.93
C LYS A 558 19.48 -28.47 -31.11
N PHE A 559 19.92 -27.69 -30.13
CA PHE A 559 19.86 -26.23 -30.22
C PHE A 559 20.81 -25.73 -31.31
N LEU A 560 20.76 -24.46 -31.60
CA LEU A 560 21.88 -23.90 -32.37
C LEU A 560 22.96 -23.43 -31.40
N PRO A 561 24.21 -23.44 -31.79
CA PRO A 561 25.27 -23.28 -30.79
C PRO A 561 25.42 -21.85 -30.30
N PHE A 562 24.31 -21.18 -30.10
CA PHE A 562 24.30 -19.96 -29.32
C PHE A 562 23.03 -19.84 -28.50
N GLN A 563 22.14 -20.83 -28.54
CA GLN A 563 20.86 -20.78 -27.85
C GLN A 563 20.99 -21.49 -26.51
N GLN A 564 20.47 -20.87 -25.46
CA GLN A 564 20.58 -21.36 -24.10
C GLN A 564 19.43 -22.27 -23.69
N PHE A 565 18.20 -21.79 -23.82
CA PHE A 565 17.04 -22.56 -23.40
C PHE A 565 15.98 -22.52 -24.48
N GLY A 566 15.08 -23.49 -24.44
CA GLY A 566 13.99 -23.60 -25.38
C GLY A 566 12.65 -23.34 -24.72
N ARG A 567 11.73 -22.85 -25.54
CA ARG A 567 10.41 -22.49 -25.06
C ARG A 567 9.35 -23.24 -25.85
N ASP A 568 8.18 -23.38 -25.26
CA ASP A 568 7.04 -24.01 -25.91
C ASP A 568 6.13 -22.95 -26.52
N ILE A 569 5.13 -23.40 -27.25
CA ILE A 569 4.02 -22.56 -27.63
C ILE A 569 3.23 -22.31 -26.35
N ALA A 570 2.78 -21.07 -26.16
CA ALA A 570 2.26 -20.54 -24.90
C ALA A 570 3.40 -20.15 -23.97
N ASP A 571 4.63 -20.22 -24.47
CA ASP A 571 5.78 -19.56 -23.86
C ASP A 571 6.13 -20.04 -22.46
N THR A 572 6.47 -21.31 -22.29
CA THR A 572 7.01 -21.80 -21.04
C THR A 572 8.33 -22.50 -21.31
N THR A 573 9.32 -22.26 -20.46
CA THR A 573 10.62 -22.89 -20.59
C THR A 573 10.48 -24.40 -20.48
N ASP A 574 10.97 -25.12 -21.48
CA ASP A 574 10.87 -26.57 -21.43
C ASP A 574 12.16 -27.29 -21.73
N ALA A 575 13.22 -26.59 -22.11
CA ALA A 575 14.53 -27.19 -22.25
C ALA A 575 15.56 -26.17 -21.81
N VAL A 576 16.71 -26.67 -21.35
CA VAL A 576 17.85 -25.82 -21.02
C VAL A 576 19.11 -26.48 -21.55
N ARG A 577 20.19 -25.73 -21.52
CA ARG A 577 21.52 -26.23 -21.84
C ARG A 577 22.40 -26.03 -20.62
N ASP A 578 23.10 -27.07 -20.20
CA ASP A 578 23.94 -26.96 -19.02
C ASP A 578 25.19 -26.17 -19.37
N PRO A 579 25.47 -25.08 -18.69
CA PRO A 579 26.60 -24.23 -19.09
C PRO A 579 27.94 -24.96 -19.10
N GLN A 580 28.17 -25.83 -18.13
CA GLN A 580 29.50 -26.44 -18.00
C GLN A 580 29.72 -27.53 -19.04
N THR A 581 28.80 -28.48 -19.15
CA THR A 581 28.98 -29.58 -20.08
C THR A 581 28.32 -29.35 -21.43
N LEU A 582 27.41 -28.37 -21.54
CA LEU A 582 26.78 -27.97 -22.81
C LEU A 582 25.93 -29.08 -23.41
N GLU A 583 25.04 -29.64 -22.60
CA GLU A 583 24.09 -30.65 -23.07
C GLU A 583 22.68 -30.19 -22.77
N ILE A 584 21.77 -30.58 -23.65
CA ILE A 584 20.38 -30.14 -23.59
C ILE A 584 19.62 -31.07 -22.67
N LEU A 585 18.80 -30.50 -21.79
CA LEU A 585 18.02 -31.24 -20.82
C LEU A 585 16.59 -30.72 -20.84
N ASP A 586 15.62 -31.64 -20.93
CA ASP A 586 14.23 -31.25 -20.85
C ASP A 586 13.79 -31.04 -19.42
N ILE A 587 12.78 -30.18 -19.26
CA ILE A 587 12.26 -29.78 -17.97
C ILE A 587 10.79 -30.15 -17.95
N THR A 588 10.47 -31.22 -17.27
CA THR A 588 9.06 -31.55 -17.12
C THR A 588 8.59 -31.20 -15.73
N PRO A 589 7.33 -30.77 -15.56
CA PRO A 589 6.86 -30.48 -14.21
C PRO A 589 6.75 -31.74 -13.38
N CYS A 590 6.85 -31.59 -12.06
CA CYS A 590 6.63 -32.73 -11.18
C CYS A 590 5.17 -32.81 -10.81
N SER A 591 4.76 -34.02 -10.43
CA SER A 591 3.37 -34.44 -10.54
C SER A 591 2.44 -33.69 -9.60
N PHE A 592 1.29 -33.30 -10.13
CA PHE A 592 0.20 -32.76 -9.36
C PHE A 592 -1.10 -33.38 -9.89
N GLY A 593 -2.13 -33.36 -9.07
CA GLY A 593 -3.41 -33.88 -9.50
C GLY A 593 -4.43 -33.93 -8.38
N GLY A 594 -5.70 -34.03 -8.72
CA GLY A 594 -6.72 -34.12 -7.70
C GLY A 594 -6.77 -35.48 -7.05
N VAL A 595 -7.37 -35.50 -5.86
CA VAL A 595 -7.59 -36.74 -5.12
C VAL A 595 -9.08 -36.88 -4.90
N SER A 596 -9.63 -38.03 -5.28
CA SER A 596 -11.05 -38.29 -5.11
C SER A 596 -11.24 -39.49 -4.21
N VAL A 597 -12.34 -39.49 -3.46
CA VAL A 597 -12.67 -40.56 -2.54
C VAL A 597 -13.96 -41.22 -2.98
N ILE A 598 -13.91 -42.55 -3.13
CA ILE A 598 -15.03 -43.36 -3.56
C ILE A 598 -15.56 -44.09 -2.34
N THR A 599 -16.81 -43.85 -2.00
CA THR A 599 -17.44 -44.45 -0.85
C THR A 599 -18.78 -45.07 -1.19
N PRO A 600 -19.08 -46.26 -0.69
CA PRO A 600 -20.43 -46.83 -0.86
C PRO A 600 -21.51 -46.13 -0.05
N GLY A 601 -21.17 -45.18 0.80
CA GLY A 601 -22.12 -44.49 1.66
C GLY A 601 -21.93 -44.98 3.08
N THR A 602 -21.93 -44.04 4.03
CA THR A 602 -21.63 -44.36 5.42
C THR A 602 -22.71 -45.20 6.06
N ASN A 603 -23.87 -45.31 5.40
CA ASN A 603 -24.99 -46.13 5.84
C ASN A 603 -24.88 -47.54 5.29
N THR A 604 -23.74 -47.87 4.71
CA THR A 604 -23.51 -49.19 4.15
C THR A 604 -22.20 -49.74 4.69
N SER A 605 -21.21 -48.87 4.83
CA SER A 605 -19.87 -49.27 5.18
C SER A 605 -19.05 -48.00 5.38
N ASN A 606 -17.88 -48.17 5.97
CA ASN A 606 -16.94 -47.07 6.16
C ASN A 606 -15.64 -47.31 5.40
N GLN A 607 -15.59 -48.34 4.57
CA GLN A 607 -14.46 -48.54 3.68
C GLN A 607 -14.48 -47.49 2.57
N VAL A 608 -13.32 -47.31 1.95
CA VAL A 608 -13.12 -46.20 1.03
C VAL A 608 -12.06 -46.61 0.01
N ALA A 609 -12.18 -46.08 -1.19
CA ALA A 609 -11.14 -46.20 -2.20
C ALA A 609 -10.73 -44.81 -2.65
N VAL A 610 -9.53 -44.69 -3.21
CA VAL A 610 -8.95 -43.38 -3.47
C VAL A 610 -8.40 -43.34 -4.89
N LEU A 611 -8.77 -42.31 -5.64
CA LEU A 611 -8.30 -42.09 -6.99
C LEU A 611 -7.34 -40.91 -7.00
N TYR A 612 -6.12 -41.14 -7.46
CA TYR A 612 -5.16 -40.07 -7.73
C TYR A 612 -5.24 -39.79 -9.22
N GLN A 613 -5.73 -38.62 -9.58
CA GLN A 613 -6.15 -38.38 -10.96
C GLN A 613 -4.94 -38.13 -11.84
N ASP A 614 -4.90 -38.82 -12.96
CA ASP A 614 -3.83 -38.84 -13.97
C ASP A 614 -2.43 -38.73 -13.35
N VAL A 615 -2.23 -39.54 -12.32
CA VAL A 615 -0.91 -39.71 -11.72
C VAL A 615 -0.47 -41.14 -11.96
N ASN A 616 0.78 -41.30 -12.35
CA ASN A 616 1.31 -42.63 -12.52
C ASN A 616 1.42 -43.32 -11.17
N CYS A 617 0.95 -44.55 -11.11
CA CYS A 617 0.67 -45.17 -9.82
C CYS A 617 1.93 -45.63 -9.10
N THR A 618 3.10 -45.22 -9.57
CA THR A 618 4.38 -45.61 -8.97
C THR A 618 4.96 -44.48 -8.12
N GLU A 619 4.31 -43.32 -8.17
CA GLU A 619 4.80 -42.15 -7.47
C GLU A 619 3.73 -41.59 -6.55
N VAL A 620 2.91 -42.45 -5.98
CA VAL A 620 1.78 -42.02 -5.16
C VAL A 620 2.26 -41.58 -3.78
N PRO A 621 3.02 -42.40 -3.03
CA PRO A 621 3.40 -41.88 -1.71
C PRO A 621 4.78 -41.24 -1.71
N SER A 640 -1.86 -55.08 -0.85
CA SER A 640 -2.98 -54.19 -1.14
C SER A 640 -3.32 -54.16 -2.63
N ASN A 641 -4.23 -53.27 -3.00
CA ASN A 641 -4.74 -53.18 -4.36
C ASN A 641 -4.34 -51.85 -4.96
N VAL A 642 -3.35 -51.85 -5.83
CA VAL A 642 -3.03 -50.71 -6.65
C VAL A 642 -3.35 -51.09 -8.10
N PHE A 643 -4.15 -50.27 -8.75
CA PHE A 643 -4.68 -50.57 -10.06
C PHE A 643 -4.54 -49.32 -10.90
N GLN A 644 -4.00 -49.46 -12.10
CA GLN A 644 -3.76 -48.33 -12.96
C GLN A 644 -4.88 -48.17 -13.97
N THR A 645 -5.37 -46.96 -14.12
CA THR A 645 -6.47 -46.63 -14.99
C THR A 645 -6.02 -45.54 -15.94
N ARG A 646 -6.73 -45.42 -17.06
CA ARG A 646 -6.56 -44.26 -17.93
C ARG A 646 -6.95 -42.97 -17.23
N ALA A 647 -7.58 -43.04 -16.06
CA ALA A 647 -8.01 -41.87 -15.32
C ALA A 647 -7.18 -41.60 -14.08
N GLY A 648 -6.16 -42.42 -13.82
CA GLY A 648 -5.31 -42.25 -12.66
C GLY A 648 -5.04 -43.55 -11.94
N CYS A 649 -4.51 -43.43 -10.73
CA CYS A 649 -4.18 -44.60 -9.93
C CYS A 649 -5.22 -44.81 -8.83
N LEU A 650 -5.80 -46.01 -8.80
CA LEU A 650 -6.85 -46.36 -7.88
C LEU A 650 -6.30 -47.26 -6.78
N ILE A 651 -6.56 -46.91 -5.53
CA ILE A 651 -6.06 -47.67 -4.38
C ILE A 651 -7.24 -48.05 -3.50
N GLY A 652 -7.32 -49.32 -3.15
CA GLY A 652 -8.34 -49.80 -2.25
C GLY A 652 -9.50 -50.50 -2.88
N ALA A 653 -9.45 -50.77 -4.18
CA ALA A 653 -10.45 -51.53 -4.89
C ALA A 653 -9.74 -52.60 -5.70
N GLU A 654 -10.36 -53.77 -5.80
CA GLU A 654 -9.80 -54.85 -6.59
C GLU A 654 -10.44 -54.89 -7.97
N HIS A 655 -9.64 -55.25 -8.96
CA HIS A 655 -10.07 -55.31 -10.34
C HIS A 655 -10.59 -56.71 -10.66
N VAL A 656 -11.83 -56.79 -11.12
CA VAL A 656 -12.44 -58.05 -11.50
C VAL A 656 -12.56 -58.11 -13.01
N ASN A 657 -12.97 -59.27 -13.52
CA ASN A 657 -13.08 -59.50 -14.96
C ASN A 657 -14.51 -59.53 -15.46
N ASN A 658 -15.48 -59.58 -14.55
CA ASN A 658 -16.89 -59.49 -14.90
C ASN A 658 -17.20 -58.11 -15.45
N SER A 659 -18.44 -57.88 -15.88
CA SER A 659 -18.87 -56.56 -16.29
C SER A 659 -20.32 -56.36 -15.90
N TYR A 660 -20.58 -55.32 -15.13
CA TYR A 660 -21.90 -55.03 -14.60
C TYR A 660 -22.39 -53.72 -15.18
N GLU A 661 -23.57 -53.31 -14.76
CA GLU A 661 -24.05 -51.97 -15.04
C GLU A 661 -23.33 -50.98 -14.16
N CYS A 662 -23.10 -49.78 -14.69
CA CYS A 662 -22.25 -48.83 -13.99
C CYS A 662 -22.92 -48.37 -12.70
N ASP A 663 -22.11 -48.24 -11.65
CA ASP A 663 -22.61 -47.86 -10.34
C ASP A 663 -22.07 -46.50 -9.91
N ILE A 664 -20.76 -46.41 -9.77
CA ILE A 664 -20.05 -45.20 -9.43
C ILE A 664 -19.06 -44.96 -10.57
N PRO A 665 -19.19 -43.88 -11.31
CA PRO A 665 -18.36 -43.72 -12.50
C PRO A 665 -16.96 -43.22 -12.18
N ILE A 666 -15.95 -44.00 -12.55
CA ILE A 666 -14.57 -43.59 -12.39
C ILE A 666 -14.09 -42.83 -13.61
N GLY A 667 -14.21 -43.42 -14.78
CA GLY A 667 -13.86 -42.73 -16.01
C GLY A 667 -13.24 -43.68 -17.02
N ALA A 668 -13.22 -43.24 -18.26
CA ALA A 668 -12.64 -44.00 -19.38
C ALA A 668 -13.20 -45.42 -19.44
N GLY A 669 -14.49 -45.57 -19.16
CA GLY A 669 -15.13 -46.85 -19.21
C GLY A 669 -15.09 -47.66 -17.93
N ILE A 670 -14.48 -47.16 -16.87
CA ILE A 670 -14.31 -47.89 -15.62
C ILE A 670 -15.31 -47.39 -14.60
N CYS A 671 -16.01 -48.32 -13.95
CA CYS A 671 -16.85 -48.00 -12.80
C CYS A 671 -16.46 -48.82 -11.57
N ALA A 672 -17.01 -48.45 -10.41
CA ALA A 672 -16.72 -49.12 -9.16
C ALA A 672 -18.02 -49.46 -8.47
N SER A 673 -17.98 -50.47 -7.61
CA SER A 673 -19.15 -50.84 -6.83
C SER A 673 -18.70 -51.50 -5.54
N TYR A 674 -19.62 -51.56 -4.58
CA TYR A 674 -19.38 -52.22 -3.30
C TYR A 674 -20.03 -53.59 -3.33
N GLN A 675 -19.37 -54.56 -3.93
CA GLN A 675 -20.08 -55.81 -4.16
C GLN A 675 -19.34 -57.05 -3.66
N THR A 676 -18.09 -57.18 -4.05
CA THR A 676 -17.38 -58.44 -3.98
C THR A 676 -16.13 -58.34 -3.13
N GLN A 690 -18.90 -56.60 0.54
CA GLN A 690 -17.72 -57.22 1.13
C GLN A 690 -16.49 -56.34 0.88
N SER A 691 -16.38 -55.83 -0.33
CA SER A 691 -15.31 -54.89 -0.66
C SER A 691 -15.68 -54.14 -1.94
N ILE A 692 -14.81 -53.20 -2.29
CA ILE A 692 -14.95 -52.39 -3.48
C ILE A 692 -14.29 -53.10 -4.65
N ILE A 693 -15.01 -53.16 -5.76
CA ILE A 693 -14.50 -53.72 -7.00
C ILE A 693 -14.54 -52.63 -8.06
N ALA A 694 -13.63 -52.73 -9.01
CA ALA A 694 -13.59 -51.86 -10.18
C ALA A 694 -13.66 -52.74 -11.41
N TYR A 695 -14.46 -52.34 -12.38
CA TYR A 695 -14.72 -53.19 -13.54
C TYR A 695 -14.97 -52.30 -14.76
N THR A 696 -14.92 -52.93 -15.93
CA THR A 696 -15.34 -52.30 -17.18
C THR A 696 -16.84 -52.45 -17.34
N MET A 697 -17.54 -51.35 -17.60
CA MET A 697 -18.99 -51.37 -17.53
C MET A 697 -19.59 -52.09 -18.74
N SER A 698 -20.79 -52.60 -18.54
CA SER A 698 -21.56 -53.27 -19.57
C SER A 698 -22.58 -52.29 -20.12
N LEU A 699 -22.75 -52.27 -21.44
CA LEU A 699 -23.72 -51.39 -22.04
C LEU A 699 -25.12 -52.00 -22.07
N GLY A 700 -25.24 -53.29 -21.85
CA GLY A 700 -26.53 -53.93 -21.92
C GLY A 700 -26.36 -55.39 -22.26
N ALA A 701 -27.48 -56.05 -22.50
CA ALA A 701 -27.52 -57.47 -22.80
C ALA A 701 -27.63 -57.66 -24.30
N GLU A 702 -26.77 -58.50 -24.87
CA GLU A 702 -26.79 -58.73 -26.31
C GLU A 702 -28.01 -59.53 -26.72
N ASN A 703 -28.46 -59.29 -27.94
CA ASN A 703 -29.70 -59.85 -28.45
C ASN A 703 -29.66 -59.79 -29.96
N SER A 704 -29.51 -60.95 -30.59
CA SER A 704 -29.59 -61.04 -32.04
C SER A 704 -31.03 -61.35 -32.44
N VAL A 705 -31.57 -60.56 -33.34
CA VAL A 705 -32.96 -60.66 -33.75
C VAL A 705 -33.07 -61.73 -34.83
N ALA A 706 -34.15 -62.51 -34.76
CA ALA A 706 -34.34 -63.64 -35.67
C ALA A 706 -34.84 -63.16 -37.02
N TYR A 707 -33.94 -62.53 -37.77
CA TYR A 707 -34.28 -61.94 -39.05
C TYR A 707 -34.15 -62.96 -40.17
N SER A 708 -35.24 -63.18 -40.90
CA SER A 708 -35.18 -63.83 -42.20
C SER A 708 -35.97 -62.98 -43.17
N ASN A 709 -36.03 -63.39 -44.41
CA ASN A 709 -36.68 -62.60 -45.43
C ASN A 709 -38.12 -62.99 -45.66
N ASN A 710 -38.68 -63.89 -44.86
CA ASN A 710 -40.11 -64.13 -44.88
C ASN A 710 -40.66 -64.41 -43.49
N SER A 711 -40.06 -63.85 -42.46
CA SER A 711 -40.54 -64.05 -41.09
C SER A 711 -41.02 -62.73 -40.49
N ILE A 712 -42.08 -62.81 -39.70
CA ILE A 712 -42.65 -61.65 -39.05
C ILE A 712 -43.08 -62.06 -37.65
N ALA A 713 -43.03 -61.10 -36.73
CA ALA A 713 -43.54 -61.28 -35.38
C ALA A 713 -44.66 -60.27 -35.17
N ILE A 714 -45.76 -60.73 -34.59
CA ILE A 714 -46.94 -59.92 -34.38
C ILE A 714 -47.39 -60.08 -32.94
N PRO A 715 -47.76 -59.00 -32.25
CA PRO A 715 -48.14 -59.12 -30.84
C PRO A 715 -49.56 -59.64 -30.68
N THR A 716 -49.76 -60.39 -29.60
CA THR A 716 -51.08 -60.94 -29.31
C THR A 716 -51.74 -60.30 -28.09
N ASN A 717 -51.04 -59.44 -27.37
CA ASN A 717 -51.61 -58.82 -26.19
C ASN A 717 -51.02 -57.41 -26.07
N PHE A 718 -51.36 -56.73 -24.98
CA PHE A 718 -50.79 -55.41 -24.72
C PHE A 718 -50.78 -55.16 -23.23
N THR A 719 -50.01 -54.15 -22.82
CA THR A 719 -50.09 -53.60 -21.49
C THR A 719 -50.31 -52.10 -21.56
N ILE A 720 -51.11 -51.60 -20.64
CA ILE A 720 -51.28 -50.18 -20.43
C ILE A 720 -50.25 -49.74 -19.39
N SER A 721 -49.35 -48.86 -19.77
CA SER A 721 -48.36 -48.40 -18.82
C SER A 721 -48.50 -46.90 -18.61
N VAL A 722 -48.11 -46.43 -17.43
CA VAL A 722 -48.13 -45.00 -17.12
C VAL A 722 -46.86 -44.63 -16.38
N THR A 723 -46.18 -43.59 -16.87
CA THR A 723 -44.93 -43.14 -16.31
C THR A 723 -45.02 -41.66 -15.97
N THR A 724 -44.03 -41.17 -15.22
CA THR A 724 -43.99 -39.77 -14.83
C THR A 724 -42.85 -39.03 -15.50
N GLU A 725 -43.02 -37.71 -15.61
CA GLU A 725 -41.98 -36.82 -16.08
C GLU A 725 -42.05 -35.52 -15.30
N ILE A 726 -40.94 -35.11 -14.70
CA ILE A 726 -40.88 -33.97 -13.78
C ILE A 726 -40.12 -32.84 -14.45
N LEU A 727 -40.67 -31.62 -14.40
CA LEU A 727 -39.99 -30.50 -15.02
C LEU A 727 -40.07 -29.25 -14.16
N PRO A 728 -38.94 -28.56 -13.95
CA PRO A 728 -38.97 -27.25 -13.31
C PRO A 728 -39.53 -26.16 -14.21
N VAL A 729 -40.37 -25.30 -13.64
CA VAL A 729 -40.87 -24.18 -14.42
C VAL A 729 -40.39 -22.85 -13.85
N SER A 730 -40.26 -22.73 -12.54
CA SER A 730 -39.86 -21.45 -11.96
C SER A 730 -38.74 -21.63 -10.94
N MET A 731 -38.20 -20.51 -10.51
CA MET A 731 -37.30 -20.42 -9.37
C MET A 731 -37.72 -19.21 -8.55
N THR A 732 -37.02 -18.97 -7.45
CA THR A 732 -37.45 -17.95 -6.50
C THR A 732 -37.02 -16.56 -6.93
N LYS A 733 -37.93 -15.62 -6.76
CA LYS A 733 -37.66 -14.22 -7.07
C LYS A 733 -37.00 -13.55 -5.88
N THR A 734 -35.77 -13.10 -6.06
CA THR A 734 -35.03 -12.44 -5.01
C THR A 734 -34.73 -11.02 -5.44
N SER A 735 -34.62 -10.14 -4.46
CA SER A 735 -34.19 -8.78 -4.71
C SER A 735 -33.06 -8.46 -3.74
N VAL A 736 -32.14 -7.63 -4.19
CA VAL A 736 -31.10 -7.12 -3.33
C VAL A 736 -31.17 -5.61 -3.35
N ASP A 737 -30.70 -5.00 -2.28
CA ASP A 737 -30.52 -3.55 -2.20
C ASP A 737 -29.03 -3.31 -2.11
N CYS A 738 -28.41 -3.04 -3.27
CA CYS A 738 -26.98 -2.77 -3.38
C CYS A 738 -26.43 -1.96 -2.21
N THR A 739 -27.01 -0.81 -1.92
CA THR A 739 -26.46 0.08 -0.92
C THR A 739 -26.49 -0.54 0.46
N MET A 740 -27.55 -1.25 0.79
CA MET A 740 -27.65 -1.82 2.12
C MET A 740 -26.77 -3.05 2.27
N TYR A 741 -26.37 -3.65 1.16
CA TYR A 741 -25.49 -4.81 1.23
C TYR A 741 -24.03 -4.35 1.31
N ILE A 742 -23.65 -3.37 0.49
CA ILE A 742 -22.26 -2.95 0.43
C ILE A 742 -21.90 -2.10 1.63
N CYS A 743 -22.80 -1.21 2.04
CA CYS A 743 -22.48 -0.24 3.08
C CYS A 743 -23.20 -0.52 4.40
N GLY A 744 -24.44 -0.92 4.33
CA GLY A 744 -25.15 -1.24 5.55
C GLY A 744 -25.46 -0.02 6.38
N ASP A 745 -26.05 1.00 5.76
CA ASP A 745 -26.53 2.19 6.46
C ASP A 745 -25.39 2.90 7.22
N SER A 746 -24.45 3.41 6.43
CA SER A 746 -23.37 4.23 6.96
C SER A 746 -23.00 5.25 5.90
N THR A 747 -23.09 6.54 6.24
CA THR A 747 -22.98 7.59 5.24
C THR A 747 -21.58 7.71 4.67
N GLU A 748 -20.56 7.27 5.40
CA GLU A 748 -19.20 7.33 4.87
C GLU A 748 -19.03 6.42 3.68
N CYS A 749 -19.42 5.14 3.81
CA CYS A 749 -19.34 4.21 2.70
C CYS A 749 -20.26 4.62 1.56
N SER A 750 -21.42 5.17 1.90
CA SER A 750 -22.40 5.49 0.87
C SER A 750 -21.96 6.64 -0.02
N ASN A 751 -21.12 7.53 0.48
CA ASN A 751 -20.63 8.62 -0.36
C ASN A 751 -19.50 8.18 -1.25
N LEU A 752 -18.62 7.31 -0.76
CA LEU A 752 -17.60 6.71 -1.60
C LEU A 752 -18.20 5.90 -2.74
N LEU A 753 -19.34 5.26 -2.50
CA LEU A 753 -20.00 4.41 -3.48
C LEU A 753 -20.51 5.19 -4.69
N LEU A 754 -20.93 6.44 -4.49
CA LEU A 754 -21.35 7.30 -5.57
C LEU A 754 -20.30 7.47 -6.65
N GLN A 755 -19.03 7.26 -6.33
CA GLN A 755 -17.97 7.40 -7.31
C GLN A 755 -17.92 6.25 -8.29
N TYR A 756 -18.73 5.23 -8.11
CA TYR A 756 -18.69 4.08 -8.99
C TYR A 756 -19.73 4.14 -10.08
N GLY A 757 -20.52 5.18 -10.11
CA GLY A 757 -21.41 5.40 -11.24
C GLY A 757 -22.77 4.77 -11.01
N SER A 758 -23.17 3.86 -11.89
CA SER A 758 -24.50 3.31 -11.89
C SER A 758 -24.50 1.79 -11.88
N PHE A 759 -23.46 1.17 -11.31
CA PHE A 759 -23.42 -0.29 -11.28
C PHE A 759 -24.61 -0.87 -10.54
N CYS A 760 -25.08 -0.17 -9.52
CA CYS A 760 -26.10 -0.73 -8.66
C CYS A 760 -27.51 -0.44 -9.16
N THR A 761 -27.66 0.35 -10.20
CA THR A 761 -28.94 0.40 -10.88
C THR A 761 -29.04 -0.68 -11.93
N GLN A 762 -27.90 -1.03 -12.55
CA GLN A 762 -27.86 -2.16 -13.45
C GLN A 762 -28.14 -3.47 -12.75
N LEU A 763 -27.53 -3.70 -11.59
CA LEU A 763 -27.78 -4.96 -10.90
C LEU A 763 -29.25 -5.14 -10.56
N ASN A 764 -29.91 -4.09 -10.08
CA ASN A 764 -31.32 -4.17 -9.78
C ASN A 764 -32.17 -4.35 -11.02
N ARG A 765 -31.82 -3.70 -12.12
CA ARG A 765 -32.55 -3.93 -13.36
C ARG A 765 -32.47 -5.38 -13.78
N ALA A 766 -31.29 -5.99 -13.65
CA ALA A 766 -31.14 -7.39 -14.03
C ALA A 766 -31.98 -8.30 -13.15
N LEU A 767 -31.94 -8.11 -11.85
CA LEU A 767 -32.72 -8.96 -10.97
C LEU A 767 -34.22 -8.77 -11.15
N THR A 768 -34.67 -7.56 -11.46
CA THR A 768 -36.09 -7.34 -11.72
C THR A 768 -36.52 -8.02 -13.01
N GLY A 769 -35.69 -7.92 -14.05
CA GLY A 769 -35.98 -8.60 -15.29
C GLY A 769 -36.07 -10.10 -15.15
N ILE A 770 -35.29 -10.71 -14.25
CA ILE A 770 -35.45 -12.15 -14.06
C ILE A 770 -36.52 -12.50 -13.06
N ALA A 771 -36.97 -11.57 -12.21
CA ALA A 771 -38.10 -11.90 -11.36
C ALA A 771 -39.45 -11.75 -12.06
N VAL A 772 -39.53 -10.97 -13.12
CA VAL A 772 -40.79 -10.88 -13.86
C VAL A 772 -40.98 -12.11 -14.76
N GLU A 773 -39.92 -12.61 -15.36
CA GLU A 773 -40.05 -13.77 -16.21
C GLU A 773 -40.32 -15.05 -15.45
N GLN A 774 -40.16 -15.09 -14.13
CA GLN A 774 -40.56 -16.29 -13.41
C GLN A 774 -42.06 -16.44 -13.35
N ASP A 775 -42.80 -15.34 -13.28
CA ASP A 775 -44.24 -15.39 -13.38
C ASP A 775 -44.71 -15.58 -14.81
N LYS A 776 -43.98 -15.03 -15.77
CA LYS A 776 -44.29 -15.36 -17.15
C LYS A 776 -44.09 -16.84 -17.46
N ASN A 777 -43.12 -17.49 -16.81
CA ASN A 777 -42.90 -18.91 -17.03
C ASN A 777 -44.10 -19.74 -16.60
N THR A 778 -44.68 -19.45 -15.44
CA THR A 778 -45.80 -20.21 -14.93
C THR A 778 -47.07 -19.94 -15.72
N GLN A 779 -47.27 -18.68 -16.11
CA GLN A 779 -48.48 -18.34 -16.84
C GLN A 779 -48.61 -19.12 -18.14
N GLU A 780 -47.51 -19.43 -18.80
CA GLU A 780 -47.57 -20.09 -20.09
C GLU A 780 -47.61 -21.60 -20.01
N VAL A 781 -47.32 -22.19 -18.85
CA VAL A 781 -47.52 -23.62 -18.69
C VAL A 781 -48.93 -23.90 -18.22
N PHE A 782 -49.48 -23.06 -17.35
CA PHE A 782 -50.71 -23.49 -16.69
C PHE A 782 -51.97 -22.81 -17.18
N ALA A 783 -51.91 -21.56 -17.64
CA ALA A 783 -53.10 -20.89 -18.13
C ALA A 783 -53.31 -21.25 -19.59
N GLN A 784 -53.62 -22.52 -19.82
CA GLN A 784 -53.89 -23.04 -21.16
C GLN A 784 -55.36 -23.37 -21.33
N VAL A 785 -56.20 -22.74 -20.52
CA VAL A 785 -57.65 -22.89 -20.60
C VAL A 785 -58.26 -21.51 -20.49
N LYS A 786 -59.43 -21.37 -21.10
CA LYS A 786 -60.25 -20.18 -20.89
C LYS A 786 -61.27 -20.37 -19.78
N GLN A 787 -61.99 -21.49 -19.80
CA GLN A 787 -62.95 -21.81 -18.76
C GLN A 787 -62.30 -22.65 -17.68
N ILE A 788 -62.89 -22.60 -16.50
CA ILE A 788 -62.55 -23.52 -15.43
C ILE A 788 -63.59 -24.63 -15.47
N TYR A 789 -63.21 -25.78 -16.00
CA TYR A 789 -64.14 -26.88 -16.14
C TYR A 789 -64.23 -27.67 -14.86
N LYS A 790 -65.43 -28.13 -14.54
CA LYS A 790 -65.67 -28.98 -13.40
C LYS A 790 -66.15 -30.33 -13.87
N THR A 791 -65.86 -31.34 -13.09
CA THR A 791 -66.24 -32.70 -13.44
C THR A 791 -67.63 -33.01 -12.89
N PRO A 792 -68.33 -33.99 -13.45
CA PRO A 792 -69.69 -34.25 -13.01
C PRO A 792 -69.72 -34.90 -11.64
N PRO A 793 -70.81 -34.74 -10.91
CA PRO A 793 -70.88 -35.37 -9.57
C PRO A 793 -70.90 -36.89 -9.61
N ILE A 794 -71.68 -37.49 -10.51
CA ILE A 794 -71.70 -38.95 -10.66
C ILE A 794 -70.69 -39.34 -11.73
N LYS A 795 -69.67 -40.08 -11.34
CA LYS A 795 -68.46 -40.29 -12.12
C LYS A 795 -68.38 -41.73 -12.59
N ASP A 796 -68.98 -42.02 -13.74
CA ASP A 796 -68.86 -43.36 -14.33
C ASP A 796 -68.17 -43.21 -15.68
N PHE A 797 -66.89 -43.53 -15.70
CA PHE A 797 -66.04 -43.33 -16.87
C PHE A 797 -65.67 -44.66 -17.52
N GLY A 798 -66.58 -45.62 -17.49
CA GLY A 798 -66.38 -46.88 -18.16
C GLY A 798 -65.53 -47.89 -17.43
N GLY A 799 -65.36 -47.74 -16.13
CA GLY A 799 -64.50 -48.60 -15.36
C GLY A 799 -63.19 -47.97 -14.97
N PHE A 800 -62.83 -46.85 -15.59
CA PHE A 800 -61.62 -46.13 -15.25
C PHE A 800 -61.87 -45.29 -14.01
N ASN A 801 -60.86 -45.20 -13.16
CA ASN A 801 -60.97 -44.62 -11.83
C ASN A 801 -59.90 -43.55 -11.69
N PHE A 802 -60.31 -42.29 -11.61
CA PHE A 802 -59.39 -41.17 -11.54
C PHE A 802 -59.35 -40.54 -10.16
N SER A 803 -59.65 -41.29 -9.11
CA SER A 803 -59.90 -40.67 -7.82
C SER A 803 -58.63 -40.19 -7.13
N GLN A 804 -57.47 -40.75 -7.45
CA GLN A 804 -56.21 -40.32 -6.86
C GLN A 804 -55.60 -39.12 -7.55
N ILE A 805 -56.18 -38.63 -8.65
CA ILE A 805 -55.68 -37.44 -9.32
C ILE A 805 -56.74 -36.38 -9.48
N LEU A 806 -57.85 -36.58 -9.00
CA LEU A 806 -58.86 -35.54 -9.00
C LEU A 806 -58.85 -34.80 -7.67
N PRO A 807 -59.27 -33.53 -7.64
CA PRO A 807 -59.16 -32.75 -6.40
C PRO A 807 -59.93 -33.38 -5.25
N ASP A 808 -59.41 -33.13 -4.05
CA ASP A 808 -59.94 -33.67 -2.81
C ASP A 808 -60.33 -32.52 -1.89
N PRO A 809 -61.61 -32.34 -1.57
CA PRO A 809 -62.01 -31.15 -0.79
C PRO A 809 -61.51 -31.16 0.64
N SER A 810 -61.44 -32.32 1.27
CA SER A 810 -60.98 -32.43 2.65
C SER A 810 -59.47 -32.28 2.80
N LYS A 811 -58.74 -31.99 1.72
CA LYS A 811 -57.29 -31.89 1.74
C LYS A 811 -56.86 -30.43 1.80
N PRO A 812 -55.55 -30.16 2.01
CA PRO A 812 -55.10 -28.76 2.00
C PRO A 812 -54.99 -28.18 0.60
N SER A 813 -55.56 -27.00 0.40
CA SER A 813 -55.59 -26.24 -0.84
C SER A 813 -56.42 -26.93 -1.91
N LYS A 814 -57.24 -27.91 -1.57
CA LYS A 814 -58.08 -28.64 -2.54
C LYS A 814 -57.22 -29.36 -3.58
N ARG A 815 -56.13 -29.96 -3.13
CA ARG A 815 -55.25 -30.69 -4.01
C ARG A 815 -55.72 -32.13 -4.18
N SER A 816 -55.21 -32.77 -5.21
CA SER A 816 -55.41 -34.19 -5.40
C SER A 816 -54.55 -34.97 -4.42
N PHE A 817 -54.81 -36.27 -4.34
CA PHE A 817 -54.06 -37.11 -3.42
C PHE A 817 -52.60 -37.22 -3.83
N ILE A 818 -52.31 -37.19 -5.13
CA ILE A 818 -50.93 -37.32 -5.59
C ILE A 818 -50.24 -35.96 -5.60
N GLU A 819 -50.98 -34.88 -5.69
CA GLU A 819 -50.38 -33.56 -5.57
C GLU A 819 -49.90 -33.28 -4.14
N ASP A 820 -50.43 -34.01 -3.15
CA ASP A 820 -49.96 -33.89 -1.78
C ASP A 820 -48.65 -34.61 -1.55
N LEU A 821 -48.53 -35.86 -2.00
CA LEU A 821 -47.27 -36.56 -1.88
C LEU A 821 -46.13 -35.78 -2.49
N LEU A 822 -46.41 -34.95 -3.50
CA LEU A 822 -45.38 -34.16 -4.13
C LEU A 822 -45.00 -32.95 -3.31
N PHE A 823 -45.96 -32.30 -2.66
CA PHE A 823 -45.64 -31.15 -1.84
C PHE A 823 -45.07 -31.53 -0.48
N ASN A 824 -45.08 -32.81 -0.13
CA ASN A 824 -44.44 -33.27 1.08
C ASN A 824 -43.03 -33.79 0.84
N LYS A 825 -42.67 -34.11 -0.39
CA LYS A 825 -41.37 -34.70 -0.64
C LYS A 825 -40.32 -33.63 -0.90
N VAL A 826 -40.71 -32.52 -1.52
CA VAL A 826 -39.80 -31.42 -1.74
C VAL A 826 -40.36 -30.12 -1.18
N PHE A 855 -32.34 -10.32 5.20
CA PHE A 855 -31.44 -10.27 6.34
C PHE A 855 -30.60 -9.00 6.33
N ASN A 856 -29.94 -8.72 5.21
CA ASN A 856 -29.34 -7.40 5.05
C ASN A 856 -29.36 -6.97 3.59
N GLY A 857 -30.44 -6.32 3.19
CA GLY A 857 -30.67 -5.94 1.82
C GLY A 857 -31.14 -7.05 0.91
N LEU A 858 -31.48 -8.22 1.44
CA LEU A 858 -31.92 -9.36 0.65
C LEU A 858 -33.37 -9.65 0.96
N THR A 859 -34.21 -9.73 -0.06
CA THR A 859 -35.60 -10.07 0.12
C THR A 859 -36.05 -11.09 -0.92
N VAL A 860 -37.15 -11.75 -0.60
CA VAL A 860 -37.76 -12.75 -1.47
C VAL A 860 -39.17 -12.30 -1.78
N LEU A 861 -39.48 -12.16 -3.05
CA LEU A 861 -40.79 -11.74 -3.49
C LEU A 861 -41.69 -12.94 -3.73
N PRO A 862 -42.97 -12.83 -3.41
CA PRO A 862 -43.89 -13.95 -3.60
C PRO A 862 -44.30 -14.09 -5.05
N PRO A 863 -44.63 -15.29 -5.49
CA PRO A 863 -45.13 -15.47 -6.85
C PRO A 863 -46.55 -14.95 -7.00
N LEU A 864 -46.88 -14.56 -8.23
CA LEU A 864 -48.17 -13.93 -8.50
C LEU A 864 -49.31 -14.92 -8.36
N LEU A 865 -49.15 -16.12 -8.88
CA LEU A 865 -50.11 -17.20 -8.70
C LEU A 865 -49.77 -17.97 -7.44
N THR A 866 -50.75 -18.12 -6.56
CA THR A 866 -50.58 -18.94 -5.37
C THR A 866 -50.57 -20.42 -5.77
N ASP A 867 -50.36 -21.31 -4.80
CA ASP A 867 -50.43 -22.73 -5.11
C ASP A 867 -51.86 -23.20 -5.29
N GLU A 868 -52.79 -22.52 -4.63
CA GLU A 868 -54.20 -22.83 -4.80
C GLU A 868 -54.66 -22.55 -6.22
N MET A 869 -54.24 -21.43 -6.79
CA MET A 869 -54.58 -21.09 -8.15
C MET A 869 -54.01 -22.08 -9.15
N ILE A 870 -52.79 -22.54 -8.95
CA ILE A 870 -52.22 -23.50 -9.89
C ILE A 870 -52.88 -24.86 -9.76
N ALA A 871 -53.27 -25.27 -8.55
CA ALA A 871 -54.02 -26.51 -8.45
C ALA A 871 -55.40 -26.39 -9.09
N GLN A 872 -56.03 -25.24 -9.01
CA GLN A 872 -57.23 -24.96 -9.78
C GLN A 872 -57.04 -25.09 -11.28
N TYR A 873 -55.94 -24.56 -11.81
CA TYR A 873 -55.66 -24.68 -13.24
C TYR A 873 -55.49 -26.13 -13.65
N THR A 874 -54.75 -26.93 -12.89
CA THR A 874 -54.58 -28.32 -13.29
C THR A 874 -55.86 -29.12 -13.15
N SER A 875 -56.72 -28.81 -12.19
CA SER A 875 -57.98 -29.52 -12.14
C SER A 875 -58.91 -29.12 -13.28
N ALA A 876 -58.86 -27.89 -13.76
CA ALA A 876 -59.61 -27.57 -14.96
C ALA A 876 -59.07 -28.27 -16.20
N LEU A 877 -57.76 -28.39 -16.36
CA LEU A 877 -57.23 -29.16 -17.49
C LEU A 877 -57.66 -30.62 -17.41
N LEU A 878 -57.59 -31.19 -16.21
CA LEU A 878 -57.89 -32.59 -16.04
C LEU A 878 -59.37 -32.90 -16.17
N ALA A 879 -60.25 -31.99 -15.81
CA ALA A 879 -61.66 -32.22 -16.04
C ALA A 879 -62.06 -31.98 -17.48
N GLY A 880 -61.35 -31.12 -18.20
CA GLY A 880 -61.55 -30.94 -19.62
C GLY A 880 -61.18 -32.18 -20.40
N THR A 881 -60.07 -32.82 -20.05
CA THR A 881 -59.67 -33.98 -20.83
C THR A 881 -60.44 -35.25 -20.49
N ILE A 882 -60.84 -35.45 -19.23
CA ILE A 882 -61.61 -36.64 -18.87
C ILE A 882 -62.97 -36.63 -19.55
N THR A 883 -63.41 -35.47 -19.98
CA THR A 883 -64.82 -35.27 -20.25
C THR A 883 -65.09 -34.85 -21.69
N SER A 884 -64.11 -34.24 -22.36
CA SER A 884 -64.29 -33.76 -23.71
C SER A 884 -63.22 -34.25 -24.68
N GLY A 885 -62.28 -35.07 -24.22
CA GLY A 885 -61.14 -35.40 -25.04
C GLY A 885 -60.33 -34.17 -25.40
N TRP A 886 -59.90 -34.11 -26.65
CA TRP A 886 -59.06 -33.05 -27.17
C TRP A 886 -59.84 -31.92 -27.79
N THR A 887 -61.15 -31.87 -27.62
CA THR A 887 -61.95 -30.86 -28.28
C THR A 887 -61.86 -29.51 -27.60
N PHE A 888 -61.56 -29.45 -26.31
CA PHE A 888 -61.58 -28.19 -25.60
C PHE A 888 -60.31 -27.39 -25.88
N GLY A 889 -59.26 -28.03 -26.38
CA GLY A 889 -58.06 -27.31 -26.75
C GLY A 889 -58.10 -26.76 -28.16
N ALA A 890 -59.22 -26.94 -28.85
CA ALA A 890 -59.39 -26.39 -30.18
C ALA A 890 -60.61 -25.50 -30.31
N GLY A 891 -61.40 -25.34 -29.26
CA GLY A 891 -62.64 -24.59 -29.35
C GLY A 891 -63.47 -24.84 -28.11
N ALA A 892 -64.78 -24.87 -28.31
CA ALA A 892 -65.68 -25.24 -27.23
C ALA A 892 -65.56 -26.72 -26.91
N ALA A 893 -65.66 -27.04 -25.63
CA ALA A 893 -65.61 -28.43 -25.18
C ALA A 893 -66.87 -29.17 -25.58
N LEU A 894 -66.71 -30.30 -26.24
CA LEU A 894 -67.81 -31.17 -26.61
C LEU A 894 -67.68 -32.49 -25.89
N GLN A 895 -68.68 -32.86 -25.10
CA GLN A 895 -68.60 -34.08 -24.33
C GLN A 895 -68.73 -35.31 -25.21
N ILE A 896 -68.14 -36.40 -24.75
CA ILE A 896 -68.14 -37.69 -25.40
C ILE A 896 -67.97 -38.71 -24.28
N PRO A 897 -68.60 -39.88 -24.34
CA PRO A 897 -68.37 -40.88 -23.30
C PRO A 897 -66.92 -41.36 -23.29
N PHE A 898 -66.42 -41.72 -22.11
CA PHE A 898 -64.98 -41.90 -21.96
C PHE A 898 -64.45 -43.10 -22.76
N ALA A 899 -65.22 -44.18 -22.87
CA ALA A 899 -64.74 -45.32 -23.62
C ALA A 899 -64.73 -45.07 -25.11
N MET A 900 -65.61 -44.21 -25.61
CA MET A 900 -65.56 -43.87 -27.01
C MET A 900 -64.36 -42.97 -27.31
N GLN A 901 -63.99 -42.12 -26.36
CA GLN A 901 -62.76 -41.36 -26.49
C GLN A 901 -61.54 -42.28 -26.50
N MET A 902 -61.52 -43.26 -25.60
CA MET A 902 -60.47 -44.28 -25.60
C MET A 902 -60.39 -45.03 -26.92
N ALA A 903 -61.52 -45.33 -27.54
CA ALA A 903 -61.52 -45.96 -28.85
C ALA A 903 -60.96 -45.07 -29.95
N TYR A 904 -61.28 -43.78 -29.94
CA TYR A 904 -60.62 -42.85 -30.87
C TYR A 904 -59.11 -42.82 -30.69
N ARG A 905 -58.64 -42.81 -29.44
CA ARG A 905 -57.21 -42.83 -29.21
C ARG A 905 -56.57 -44.12 -29.68
N PHE A 906 -57.25 -45.25 -29.54
CA PHE A 906 -56.73 -46.50 -30.11
C PHE A 906 -56.66 -46.43 -31.62
N ASN A 907 -57.65 -45.84 -32.27
CA ASN A 907 -57.56 -45.58 -33.69
C ASN A 907 -56.33 -44.75 -34.05
N GLY A 908 -55.99 -43.79 -33.19
CA GLY A 908 -54.87 -42.92 -33.50
C GLY A 908 -53.51 -43.59 -33.48
N ILE A 909 -53.40 -44.75 -32.81
CA ILE A 909 -52.17 -45.53 -32.85
C ILE A 909 -52.26 -46.71 -33.80
N GLY A 910 -53.31 -46.81 -34.59
CA GLY A 910 -53.42 -47.87 -35.57
C GLY A 910 -53.96 -49.20 -35.08
N VAL A 911 -54.75 -49.21 -34.02
CA VAL A 911 -55.49 -50.40 -33.62
C VAL A 911 -56.97 -50.13 -33.89
N THR A 912 -57.72 -51.18 -34.16
CA THR A 912 -59.14 -50.97 -34.43
C THR A 912 -59.92 -50.84 -33.13
N GLN A 913 -61.18 -50.39 -33.26
CA GLN A 913 -61.97 -50.01 -32.10
C GLN A 913 -62.56 -51.20 -31.38
N ASN A 914 -62.91 -52.25 -32.11
CA ASN A 914 -63.36 -53.47 -31.47
C ASN A 914 -62.34 -54.04 -30.51
N VAL A 915 -61.04 -53.77 -30.70
CA VAL A 915 -60.03 -54.24 -29.76
C VAL A 915 -60.15 -53.53 -28.42
N LEU A 916 -60.59 -52.28 -28.40
CA LEU A 916 -60.90 -51.65 -27.13
C LEU A 916 -62.22 -52.14 -26.56
N TYR A 917 -63.25 -52.23 -27.38
CA TYR A 917 -64.56 -52.50 -26.82
C TYR A 917 -64.68 -53.93 -26.33
N GLU A 918 -63.88 -54.85 -26.85
CA GLU A 918 -63.93 -56.22 -26.40
C GLU A 918 -62.99 -56.50 -25.25
N ASN A 919 -62.14 -55.54 -24.89
CA ASN A 919 -61.17 -55.68 -23.83
C ASN A 919 -61.30 -54.55 -22.85
N GLN A 920 -62.48 -53.93 -22.79
CA GLN A 920 -62.70 -52.78 -21.93
C GLN A 920 -62.35 -53.04 -20.47
N LYS A 921 -62.87 -54.11 -19.87
CA LYS A 921 -62.62 -54.31 -18.45
C LYS A 921 -61.16 -54.61 -18.17
N LEU A 922 -60.49 -55.32 -19.06
CA LEU A 922 -59.07 -55.60 -18.86
C LEU A 922 -58.23 -54.34 -18.99
N ILE A 923 -58.54 -53.49 -19.97
CA ILE A 923 -57.80 -52.26 -20.17
C ILE A 923 -58.02 -51.31 -18.99
N ALA A 924 -59.24 -51.27 -18.46
CA ALA A 924 -59.53 -50.45 -17.30
C ALA A 924 -58.86 -50.97 -16.04
N ASN A 925 -58.82 -52.28 -15.83
CA ASN A 925 -58.10 -52.83 -14.70
C ASN A 925 -56.61 -52.56 -14.78
N GLN A 926 -56.01 -52.73 -15.95
CA GLN A 926 -54.60 -52.41 -16.10
C GLN A 926 -54.32 -50.93 -15.82
N PHE A 927 -55.17 -50.04 -16.31
CA PHE A 927 -54.98 -48.63 -16.02
C PHE A 927 -55.08 -48.33 -14.53
N ASN A 928 -56.09 -48.89 -13.85
CA ASN A 928 -56.26 -48.62 -12.43
C ASN A 928 -55.10 -49.16 -11.61
N SER A 929 -54.66 -50.36 -11.93
CA SER A 929 -53.55 -50.96 -11.23
C SER A 929 -52.22 -50.26 -11.50
N ALA A 930 -52.09 -49.59 -12.64
CA ALA A 930 -50.87 -48.85 -12.93
C ALA A 930 -50.87 -47.44 -12.35
N ILE A 931 -52.05 -46.84 -12.17
CA ILE A 931 -52.13 -45.60 -11.41
C ILE A 931 -51.88 -45.87 -9.93
N GLY A 932 -52.25 -47.05 -9.45
CA GLY A 932 -51.98 -47.41 -8.07
C GLY A 932 -50.51 -47.58 -7.75
N LYS A 933 -49.65 -47.77 -8.75
CA LYS A 933 -48.24 -47.95 -8.47
C LYS A 933 -47.45 -46.66 -8.47
N ILE A 934 -47.87 -45.65 -9.24
CA ILE A 934 -47.29 -44.33 -9.11
C ILE A 934 -47.37 -43.88 -7.65
N GLN A 935 -48.51 -44.12 -7.02
CA GLN A 935 -48.75 -43.66 -5.67
C GLN A 935 -47.82 -44.35 -4.67
N ASP A 936 -47.54 -45.63 -4.87
CA ASP A 936 -46.58 -46.33 -4.02
C ASP A 936 -45.16 -45.83 -4.27
N SER A 937 -44.73 -45.83 -5.53
CA SER A 937 -43.36 -45.42 -5.83
C SER A 937 -43.06 -44.01 -5.37
N LEU A 938 -44.04 -43.12 -5.36
CA LEU A 938 -43.77 -41.80 -4.80
C LEU A 938 -43.90 -41.77 -3.28
N SER A 939 -44.93 -42.41 -2.73
CA SER A 939 -45.13 -42.45 -1.30
C SER A 939 -43.99 -43.12 -0.55
N SER A 940 -43.18 -43.93 -1.22
CA SER A 940 -42.12 -44.67 -0.57
C SER A 940 -40.80 -43.90 -0.60
N ALA A 944 -36.99 -39.03 -5.89
CA ALA A 944 -37.49 -39.09 -7.26
C ALA A 944 -37.71 -37.69 -7.83
N LEU A 945 -37.97 -36.73 -6.96
CA LEU A 945 -38.07 -35.33 -7.37
C LEU A 945 -36.72 -34.64 -7.23
N GLY A 946 -35.67 -35.25 -7.75
CA GLY A 946 -34.36 -34.66 -7.66
C GLY A 946 -34.16 -33.45 -8.55
N LYS A 947 -34.84 -33.40 -9.69
CA LYS A 947 -34.70 -32.24 -10.56
C LYS A 947 -35.33 -30.99 -9.96
N LEU A 948 -36.36 -31.15 -9.14
CA LEU A 948 -36.91 -30.01 -8.44
C LEU A 948 -36.12 -29.64 -7.21
N GLN A 949 -35.54 -30.63 -6.53
CA GLN A 949 -34.70 -30.38 -5.37
C GLN A 949 -33.41 -29.67 -5.75
N ASP A 950 -32.86 -29.95 -6.93
CA ASP A 950 -31.58 -29.36 -7.29
C ASP A 950 -31.69 -27.87 -7.54
N VAL A 951 -32.78 -27.39 -8.13
CA VAL A 951 -32.87 -25.95 -8.36
C VAL A 951 -33.09 -25.21 -7.05
N VAL A 952 -33.77 -25.80 -6.10
CA VAL A 952 -33.86 -25.19 -4.77
C VAL A 952 -32.49 -25.14 -4.10
N ASN A 953 -31.77 -26.25 -4.11
CA ASN A 953 -30.46 -26.31 -3.48
C ASN A 953 -29.49 -25.31 -4.11
N GLN A 954 -29.45 -25.20 -5.43
CA GLN A 954 -28.51 -24.28 -6.07
C GLN A 954 -28.76 -22.83 -5.65
N ASN A 955 -30.02 -22.41 -5.64
CA ASN A 955 -30.34 -21.05 -5.25
C ASN A 955 -29.97 -20.78 -3.80
N ALA A 956 -30.26 -21.71 -2.89
CA ALA A 956 -29.87 -21.51 -1.49
C ALA A 956 -28.36 -21.50 -1.30
N GLN A 957 -27.64 -22.39 -1.98
CA GLN A 957 -26.19 -22.39 -1.91
C GLN A 957 -25.58 -21.10 -2.43
N ALA A 958 -26.23 -20.46 -3.39
CA ALA A 958 -25.70 -19.18 -3.87
C ALA A 958 -26.04 -18.04 -2.92
N LEU A 959 -27.25 -18.02 -2.38
CA LEU A 959 -27.60 -16.97 -1.44
C LEU A 959 -26.77 -17.04 -0.17
N ASN A 960 -26.35 -18.25 0.23
CA ASN A 960 -25.52 -18.34 1.42
C ASN A 960 -24.11 -17.85 1.16
N THR A 961 -23.55 -18.21 0.00
CA THR A 961 -22.26 -17.69 -0.39
C THR A 961 -22.25 -16.17 -0.50
N LEU A 962 -23.37 -15.56 -0.88
CA LEU A 962 -23.41 -14.11 -0.93
C LEU A 962 -23.28 -13.49 0.45
N VAL A 963 -23.98 -14.04 1.44
CA VAL A 963 -23.92 -13.47 2.79
C VAL A 963 -22.60 -13.79 3.46
N LYS A 964 -22.04 -14.98 3.23
CA LYS A 964 -20.77 -15.34 3.83
C LYS A 964 -19.61 -14.50 3.33
N GLN A 965 -19.82 -13.68 2.32
CA GLN A 965 -18.77 -12.79 1.85
C GLN A 965 -18.75 -11.47 2.58
N LEU A 966 -19.74 -11.19 3.40
CA LEU A 966 -19.79 -9.97 4.19
C LEU A 966 -18.85 -10.04 5.38
N SER A 967 -18.05 -11.11 5.44
CA SER A 967 -17.11 -11.27 6.53
C SER A 967 -15.74 -11.63 6.01
N SER A 968 -15.34 -11.03 4.91
CA SER A 968 -13.99 -11.14 4.40
C SER A 968 -13.39 -9.75 4.33
N ASN A 969 -12.07 -9.67 4.50
CA ASN A 969 -11.38 -8.40 4.53
C ASN A 969 -11.09 -7.87 3.14
N PHE A 970 -10.76 -8.75 2.20
CA PHE A 970 -10.24 -8.38 0.89
C PHE A 970 -9.00 -7.52 1.00
N GLY A 971 -8.23 -7.67 2.07
CA GLY A 971 -7.05 -6.85 2.27
C GLY A 971 -7.33 -5.56 2.99
N ALA A 972 -7.98 -5.66 4.15
CA ALA A 972 -8.26 -4.51 4.98
C ALA A 972 -7.99 -4.93 6.41
N ILE A 973 -8.14 -3.98 7.35
CA ILE A 973 -7.84 -4.29 8.73
C ILE A 973 -8.94 -5.08 9.41
N SER A 974 -10.19 -4.90 9.01
CA SER A 974 -11.27 -5.74 9.51
C SER A 974 -12.35 -5.86 8.44
N SER A 975 -13.46 -6.46 8.83
CA SER A 975 -14.62 -6.63 7.96
C SER A 975 -15.77 -5.74 8.39
N VAL A 976 -15.58 -4.91 9.42
CA VAL A 976 -16.65 -4.11 10.00
C VAL A 976 -16.35 -2.65 9.72
N LEU A 977 -17.36 -1.91 9.27
CA LEU A 977 -17.15 -0.49 9.04
C LEU A 977 -17.12 0.30 10.33
N ASN A 978 -17.74 -0.21 11.39
CA ASN A 978 -17.64 0.43 12.69
C ASN A 978 -16.31 0.16 13.37
N ASP A 979 -15.44 -0.64 12.76
CA ASP A 979 -14.08 -0.82 13.26
C ASP A 979 -13.06 -0.05 12.46
N ILE A 980 -13.33 0.24 11.19
CA ILE A 980 -12.45 1.15 10.47
C ILE A 980 -12.82 2.60 10.75
N LEU A 981 -14.07 2.87 11.11
CA LEU A 981 -14.48 4.19 11.52
C LEU A 981 -14.25 4.46 13.01
N SER A 982 -13.49 3.60 13.69
CA SER A 982 -13.22 3.79 15.11
C SER A 982 -11.73 3.78 15.45
N ARG A 983 -10.89 3.18 14.61
CA ARG A 983 -9.46 3.23 14.86
C ARG A 983 -8.71 3.72 13.63
N LEU A 984 -9.27 4.71 12.95
CA LEU A 984 -8.60 5.34 11.82
C LEU A 984 -9.23 6.70 11.61
N ASP A 985 -8.40 7.67 11.27
CA ASP A 985 -8.89 8.99 10.93
C ASP A 985 -9.41 8.99 9.50
N PRO A 986 -10.33 9.92 9.18
CA PRO A 986 -11.02 9.87 7.89
C PRO A 986 -10.08 9.75 6.70
N PRO A 987 -8.90 10.41 6.70
CA PRO A 987 -8.02 10.22 5.54
C PRO A 987 -7.47 8.81 5.40
N GLU A 988 -7.38 8.06 6.49
CA GLU A 988 -6.87 6.71 6.43
C GLU A 988 -7.97 5.66 6.29
N ALA A 989 -9.19 6.01 6.65
CA ALA A 989 -10.28 5.05 6.56
C ALA A 989 -10.87 4.99 5.15
N GLU A 990 -10.66 6.02 4.33
CA GLU A 990 -11.07 5.94 2.93
C GLU A 990 -10.38 4.80 2.20
N VAL A 991 -9.08 4.65 2.44
CA VAL A 991 -8.30 3.64 1.71
C VAL A 991 -8.73 2.24 2.14
N GLN A 992 -9.17 2.10 3.38
CA GLN A 992 -9.58 0.80 3.87
C GLN A 992 -11.03 0.49 3.53
N ILE A 993 -11.86 1.53 3.40
CA ILE A 993 -13.25 1.32 3.01
C ILE A 993 -13.33 0.97 1.52
N ASP A 994 -12.48 1.58 0.71
CA ASP A 994 -12.49 1.25 -0.71
C ASP A 994 -12.11 -0.20 -0.98
N ARG A 995 -11.22 -0.78 -0.19
CA ARG A 995 -10.87 -2.18 -0.38
C ARG A 995 -12.04 -3.11 -0.11
N LEU A 996 -12.92 -2.73 0.83
CA LEU A 996 -14.13 -3.49 1.07
C LEU A 996 -15.17 -3.27 0.00
N ILE A 997 -15.32 -2.02 -0.45
CA ILE A 997 -16.29 -1.71 -1.49
C ILE A 997 -15.99 -2.51 -2.75
N THR A 998 -14.73 -2.54 -3.16
CA THR A 998 -14.38 -3.26 -4.38
C THR A 998 -14.70 -4.74 -4.28
N GLY A 999 -14.36 -5.38 -3.17
CA GLY A 999 -14.64 -6.78 -2.97
C GLY A 999 -16.11 -7.09 -2.95
N ARG A 1000 -16.88 -6.33 -2.19
CA ARG A 1000 -18.32 -6.56 -2.11
C ARG A 1000 -19.03 -6.30 -3.43
N LEU A 1001 -18.59 -5.31 -4.21
CA LEU A 1001 -19.16 -5.13 -5.53
C LEU A 1001 -18.86 -6.31 -6.43
N GLN A 1002 -17.63 -6.78 -6.42
CA GLN A 1002 -17.29 -7.98 -7.19
C GLN A 1002 -18.18 -9.15 -6.83
N SER A 1003 -18.40 -9.38 -5.55
CA SER A 1003 -19.17 -10.53 -5.13
C SER A 1003 -20.64 -10.41 -5.52
N LEU A 1004 -21.22 -9.23 -5.36
CA LEU A 1004 -22.59 -9.01 -5.79
C LEU A 1004 -22.76 -9.18 -7.30
N GLN A 1005 -21.79 -8.73 -8.08
CA GLN A 1005 -21.94 -8.85 -9.52
C GLN A 1005 -21.71 -10.27 -10.00
N THR A 1006 -20.88 -11.04 -9.31
CA THR A 1006 -20.79 -12.47 -9.61
C THR A 1006 -22.11 -13.18 -9.33
N TYR A 1007 -22.72 -12.89 -8.18
CA TYR A 1007 -24.05 -13.41 -7.91
C TYR A 1007 -25.04 -13.08 -9.02
N VAL A 1008 -25.01 -11.85 -9.53
CA VAL A 1008 -26.02 -11.48 -10.51
C VAL A 1008 -25.75 -12.11 -11.88
N THR A 1009 -24.48 -12.36 -12.23
CA THR A 1009 -24.23 -13.07 -13.50
C THR A 1009 -24.69 -14.52 -13.44
N GLN A 1010 -24.37 -15.22 -12.36
CA GLN A 1010 -24.73 -16.63 -12.30
C GLN A 1010 -26.23 -16.87 -12.23
N GLN A 1011 -27.00 -15.90 -11.73
CA GLN A 1011 -28.44 -15.97 -11.77
C GLN A 1011 -29.01 -15.77 -13.17
N LEU A 1012 -28.44 -14.90 -13.97
CA LEU A 1012 -28.84 -14.80 -15.37
C LEU A 1012 -28.61 -16.10 -16.10
N ILE A 1013 -27.47 -16.74 -15.83
CA ILE A 1013 -27.17 -17.98 -16.53
C ILE A 1013 -28.04 -19.13 -16.05
N ARG A 1014 -28.45 -19.13 -14.79
CA ARG A 1014 -29.35 -20.15 -14.29
C ARG A 1014 -30.81 -19.92 -14.70
N ALA A 1015 -31.23 -18.67 -14.79
CA ALA A 1015 -32.56 -18.37 -15.28
C ALA A 1015 -32.74 -18.68 -16.76
N ALA A 1016 -31.71 -18.48 -17.59
CA ALA A 1016 -31.82 -18.88 -18.98
C ALA A 1016 -32.02 -20.38 -19.16
N GLU A 1017 -31.62 -21.18 -18.18
CA GLU A 1017 -31.81 -22.62 -18.25
C GLU A 1017 -33.18 -23.02 -17.72
N ILE A 1018 -33.66 -22.37 -16.65
CA ILE A 1018 -35.02 -22.62 -16.19
C ILE A 1018 -36.04 -22.21 -17.27
N ARG A 1019 -35.70 -21.21 -18.07
CA ARG A 1019 -36.61 -20.72 -19.08
C ARG A 1019 -36.84 -21.75 -20.17
N ALA A 1020 -35.80 -22.46 -20.58
CA ALA A 1020 -35.91 -23.49 -21.59
C ALA A 1020 -36.69 -24.70 -21.10
N SER A 1021 -36.54 -25.06 -19.85
CA SER A 1021 -37.33 -26.12 -19.25
C SER A 1021 -38.81 -25.77 -19.19
N ALA A 1022 -39.14 -24.56 -18.79
CA ALA A 1022 -40.53 -24.12 -18.82
C ALA A 1022 -41.09 -24.02 -20.23
N ASN A 1023 -40.25 -23.69 -21.21
CA ASN A 1023 -40.71 -23.69 -22.60
C ASN A 1023 -40.99 -25.08 -23.11
N LEU A 1024 -40.23 -26.08 -22.67
CA LEU A 1024 -40.54 -27.47 -22.99
C LEU A 1024 -41.79 -27.97 -22.27
N ALA A 1025 -41.98 -27.59 -21.01
CA ALA A 1025 -43.19 -27.94 -20.29
C ALA A 1025 -44.44 -27.35 -20.91
N ALA A 1026 -44.35 -26.14 -21.44
CA ALA A 1026 -45.48 -25.54 -22.11
C ALA A 1026 -45.84 -26.25 -23.41
N THR A 1027 -44.86 -26.78 -24.12
CA THR A 1027 -45.08 -27.55 -25.34
C THR A 1027 -45.64 -28.94 -25.04
N LYS A 1028 -45.16 -29.59 -23.99
CA LYS A 1028 -45.74 -30.85 -23.57
C LYS A 1028 -47.17 -30.71 -23.07
N MET A 1029 -47.51 -29.62 -22.38
CA MET A 1029 -48.89 -29.44 -22.01
C MET A 1029 -49.80 -29.28 -23.22
N SER A 1030 -49.33 -28.64 -24.28
CA SER A 1030 -50.12 -28.48 -25.50
C SER A 1030 -50.24 -29.79 -26.27
N GLU A 1031 -49.14 -30.52 -26.39
CA GLU A 1031 -49.07 -31.62 -27.32
C GLU A 1031 -49.34 -32.99 -26.70
N CYS A 1032 -49.23 -33.13 -25.39
CA CYS A 1032 -49.54 -34.39 -24.75
C CYS A 1032 -50.80 -34.36 -23.91
N VAL A 1033 -51.19 -33.21 -23.38
CA VAL A 1033 -52.38 -33.10 -22.55
C VAL A 1033 -53.59 -32.64 -23.35
N LEU A 1034 -53.44 -31.69 -24.26
CA LEU A 1034 -54.56 -31.28 -25.10
C LEU A 1034 -54.55 -31.94 -26.46
N GLY A 1035 -53.72 -32.95 -26.67
CA GLY A 1035 -53.75 -33.69 -27.91
C GLY A 1035 -53.27 -35.11 -27.73
N GLN A 1036 -53.15 -35.83 -28.84
CA GLN A 1036 -52.45 -37.10 -28.91
C GLN A 1036 -51.23 -36.91 -29.82
N SER A 1037 -50.06 -37.18 -29.31
CA SER A 1037 -48.86 -36.96 -30.08
C SER A 1037 -48.44 -38.22 -30.84
N LYS A 1038 -47.90 -38.01 -32.04
CA LYS A 1038 -47.29 -39.06 -32.83
C LYS A 1038 -45.78 -39.05 -32.77
N ARG A 1039 -45.17 -37.97 -32.30
CA ARG A 1039 -43.73 -37.93 -32.10
C ARG A 1039 -43.27 -39.05 -31.19
N VAL A 1040 -42.18 -39.72 -31.56
CA VAL A 1040 -41.72 -40.88 -30.82
C VAL A 1040 -40.98 -40.42 -29.57
N ASP A 1041 -41.35 -40.98 -28.43
CA ASP A 1041 -40.70 -40.73 -27.14
C ASP A 1041 -40.77 -39.27 -26.72
N PHE A 1042 -41.89 -38.61 -27.02
CA PHE A 1042 -42.09 -37.25 -26.57
C PHE A 1042 -43.05 -37.17 -25.40
N CYS A 1043 -43.99 -38.11 -25.32
CA CYS A 1043 -44.99 -38.18 -24.27
C CYS A 1043 -44.98 -39.58 -23.68
N GLY A 1044 -43.79 -40.04 -23.29
CA GLY A 1044 -43.62 -41.35 -22.71
C GLY A 1044 -42.90 -42.29 -23.65
N LYS A 1045 -42.85 -43.55 -23.24
CA LYS A 1045 -42.21 -44.60 -24.03
C LYS A 1045 -43.24 -45.68 -24.30
N GLY A 1046 -43.53 -45.91 -25.57
CA GLY A 1046 -44.65 -46.68 -26.05
C GLY A 1046 -45.38 -45.86 -27.08
N TYR A 1047 -46.64 -46.17 -27.29
CA TYR A 1047 -47.49 -45.39 -28.17
C TYR A 1047 -48.39 -44.51 -27.33
N HIS A 1048 -48.27 -43.20 -27.50
CA HIS A 1048 -48.97 -42.27 -26.63
C HIS A 1048 -50.48 -42.43 -26.74
N LEU A 1049 -51.14 -42.67 -25.61
CA LEU A 1049 -52.58 -42.56 -25.55
C LEU A 1049 -53.02 -41.22 -24.98
N MET A 1050 -52.61 -40.88 -23.75
CA MET A 1050 -53.08 -39.64 -23.15
C MET A 1050 -52.15 -39.25 -22.01
N SER A 1051 -52.29 -38.01 -21.54
CA SER A 1051 -51.42 -37.48 -20.51
C SER A 1051 -52.25 -36.69 -19.51
N PHE A 1052 -51.81 -36.67 -18.25
CA PHE A 1052 -52.47 -35.94 -17.17
C PHE A 1052 -51.47 -35.06 -16.43
N PRO A 1053 -51.77 -33.79 -16.22
CA PRO A 1053 -50.87 -32.93 -15.45
C PRO A 1053 -51.15 -32.90 -13.95
N GLN A 1054 -50.09 -32.71 -13.18
CA GLN A 1054 -50.15 -32.51 -11.74
C GLN A 1054 -49.17 -31.43 -11.36
N SER A 1055 -49.57 -30.55 -10.45
CA SER A 1055 -48.69 -29.47 -10.04
C SER A 1055 -47.70 -29.96 -8.99
N ALA A 1056 -46.52 -29.38 -8.99
CA ALA A 1056 -45.46 -29.67 -8.04
C ALA A 1056 -44.96 -28.34 -7.49
N PRO A 1057 -44.13 -28.36 -6.44
CA PRO A 1057 -43.64 -27.10 -5.85
C PRO A 1057 -43.17 -26.00 -6.81
N HIS A 1058 -42.21 -26.26 -7.68
CA HIS A 1058 -41.83 -25.25 -8.67
C HIS A 1058 -41.85 -25.84 -10.06
N GLY A 1059 -42.76 -26.74 -10.31
CA GLY A 1059 -42.80 -27.39 -11.60
C GLY A 1059 -44.04 -28.18 -11.80
N VAL A 1060 -43.95 -29.12 -12.73
CA VAL A 1060 -45.12 -29.88 -13.15
C VAL A 1060 -44.68 -31.32 -13.38
N VAL A 1061 -45.57 -32.24 -13.04
CA VAL A 1061 -45.42 -33.66 -13.29
C VAL A 1061 -46.43 -34.05 -14.35
N PHE A 1062 -45.99 -34.74 -15.39
CA PHE A 1062 -46.89 -35.34 -16.36
C PHE A 1062 -46.96 -36.83 -16.10
N LEU A 1063 -48.17 -37.36 -16.09
CA LEU A 1063 -48.43 -38.79 -16.05
C LEU A 1063 -48.83 -39.22 -17.45
N HIS A 1064 -47.96 -39.97 -18.11
CA HIS A 1064 -48.15 -40.39 -19.49
C HIS A 1064 -48.73 -41.80 -19.51
N VAL A 1065 -49.83 -41.97 -20.22
CA VAL A 1065 -50.47 -43.27 -20.43
C VAL A 1065 -50.19 -43.70 -21.85
N THR A 1066 -49.50 -44.82 -22.01
CA THR A 1066 -49.14 -45.36 -23.31
C THR A 1066 -49.54 -46.82 -23.43
N TYR A 1067 -49.62 -47.25 -24.68
CA TYR A 1067 -49.91 -48.61 -25.09
C TYR A 1067 -48.59 -49.31 -25.42
N VAL A 1068 -48.40 -50.52 -24.91
CA VAL A 1068 -47.19 -51.28 -25.19
C VAL A 1068 -47.61 -52.67 -25.67
N PRO A 1069 -47.19 -53.10 -26.86
CA PRO A 1069 -47.55 -54.44 -27.31
C PRO A 1069 -46.77 -55.54 -26.60
N ALA A 1070 -47.37 -56.72 -26.52
CA ALA A 1070 -46.82 -57.79 -25.72
C ALA A 1070 -47.14 -59.13 -26.33
N GLN A 1071 -46.35 -60.13 -25.94
CA GLN A 1071 -46.58 -61.54 -26.23
C GLN A 1071 -46.63 -61.86 -27.71
N GLU A 1072 -45.52 -61.68 -28.41
CA GLU A 1072 -45.47 -61.81 -29.85
C GLU A 1072 -45.30 -63.26 -30.29
N LYS A 1073 -45.80 -63.57 -31.47
CA LYS A 1073 -45.57 -64.85 -32.14
C LYS A 1073 -44.93 -64.58 -33.48
N ASN A 1074 -44.17 -65.53 -34.01
CA ASN A 1074 -43.80 -65.45 -35.41
C ASN A 1074 -44.74 -66.24 -36.29
N PHE A 1075 -44.91 -65.71 -37.50
CA PHE A 1075 -45.60 -66.32 -38.62
C PHE A 1075 -44.68 -66.18 -39.83
N THR A 1076 -45.12 -66.64 -40.99
CA THR A 1076 -44.39 -66.38 -42.22
C THR A 1076 -45.21 -65.43 -43.07
N THR A 1077 -44.54 -64.57 -43.84
CA THR A 1077 -45.20 -63.52 -44.60
C THR A 1077 -44.88 -63.62 -46.08
N ALA A 1078 -45.68 -62.91 -46.85
CA ALA A 1078 -45.46 -62.66 -48.26
C ALA A 1078 -45.88 -61.23 -48.54
N PRO A 1079 -45.32 -60.61 -49.55
CA PRO A 1079 -45.72 -59.24 -49.88
C PRO A 1079 -47.04 -59.13 -50.63
N ALA A 1080 -47.41 -60.16 -51.38
CA ALA A 1080 -48.60 -60.14 -52.22
C ALA A 1080 -49.06 -61.56 -52.41
N ILE A 1081 -50.27 -61.71 -52.95
CA ILE A 1081 -50.85 -63.01 -53.23
C ILE A 1081 -51.16 -63.07 -54.72
N CYS A 1082 -50.77 -64.15 -55.39
CA CYS A 1082 -51.10 -64.31 -56.79
C CYS A 1082 -52.36 -65.16 -56.92
N HIS A 1083 -53.27 -64.71 -57.77
CA HIS A 1083 -54.53 -65.39 -57.98
C HIS A 1083 -55.10 -64.94 -59.30
N ASP A 1084 -55.45 -65.90 -60.15
CA ASP A 1084 -55.98 -65.63 -61.48
C ASP A 1084 -55.03 -64.79 -62.32
N GLY A 1085 -53.73 -64.93 -62.06
CA GLY A 1085 -52.78 -64.15 -62.79
C GLY A 1085 -52.63 -62.73 -62.33
N LYS A 1086 -53.26 -62.35 -61.23
CA LYS A 1086 -53.16 -61.01 -60.69
C LYS A 1086 -52.44 -61.02 -59.36
N ALA A 1087 -51.92 -59.85 -58.98
CA ALA A 1087 -51.21 -59.68 -57.72
C ALA A 1087 -52.04 -58.82 -56.78
N HIS A 1088 -52.25 -59.32 -55.55
CA HIS A 1088 -53.11 -58.68 -54.58
C HIS A 1088 -52.28 -58.23 -53.39
N PHE A 1089 -52.55 -57.03 -52.92
CA PHE A 1089 -51.89 -56.43 -51.79
C PHE A 1089 -52.91 -56.09 -50.72
N PRO A 1090 -52.56 -56.17 -49.45
CA PRO A 1090 -53.54 -55.87 -48.41
C PRO A 1090 -53.84 -54.38 -48.31
N ARG A 1091 -55.10 -54.08 -48.05
CA ARG A 1091 -55.51 -52.68 -47.96
C ARG A 1091 -54.93 -52.00 -46.73
N GLU A 1092 -55.00 -52.64 -45.56
CA GLU A 1092 -54.40 -52.04 -44.37
C GLU A 1092 -53.76 -53.08 -43.44
N GLY A 1093 -53.24 -54.17 -43.96
CA GLY A 1093 -52.69 -55.13 -43.05
C GLY A 1093 -51.42 -55.82 -43.49
N VAL A 1094 -51.25 -57.05 -43.04
CA VAL A 1094 -50.18 -57.92 -43.48
C VAL A 1094 -50.77 -59.30 -43.75
N PHE A 1095 -50.27 -59.93 -44.80
CA PHE A 1095 -50.56 -61.34 -45.08
C PHE A 1095 -49.71 -62.21 -44.18
N VAL A 1096 -50.32 -63.14 -43.46
CA VAL A 1096 -49.58 -64.05 -42.59
C VAL A 1096 -50.05 -65.48 -42.82
N SER A 1097 -49.25 -66.43 -42.36
CA SER A 1097 -49.51 -67.84 -42.54
C SER A 1097 -49.28 -68.55 -41.21
N ASN A 1098 -50.26 -69.33 -40.76
CA ASN A 1098 -50.07 -70.08 -39.51
C ASN A 1098 -49.36 -71.40 -39.74
N GLY A 1099 -48.87 -71.67 -40.94
CA GLY A 1099 -48.21 -72.90 -41.27
C GLY A 1099 -48.82 -73.50 -42.51
N THR A 1100 -50.14 -73.43 -42.61
CA THR A 1100 -50.86 -73.99 -43.74
C THR A 1100 -51.90 -73.07 -44.36
N HIS A 1101 -52.34 -72.02 -43.68
CA HIS A 1101 -53.39 -71.14 -44.20
C HIS A 1101 -52.93 -69.69 -44.18
N TRP A 1102 -53.55 -68.89 -45.02
CA TRP A 1102 -53.16 -67.51 -45.24
C TRP A 1102 -54.27 -66.55 -44.83
N PHE A 1103 -53.94 -65.59 -43.99
CA PHE A 1103 -54.88 -64.62 -43.46
C PHE A 1103 -54.33 -63.21 -43.63
N VAL A 1104 -55.15 -62.22 -43.27
CA VAL A 1104 -54.73 -60.83 -43.13
C VAL A 1104 -54.92 -60.41 -41.69
N THR A 1105 -53.90 -59.80 -41.10
CA THR A 1105 -54.08 -59.12 -39.83
C THR A 1105 -53.83 -57.63 -39.98
N GLN A 1106 -54.21 -56.91 -38.94
CA GLN A 1106 -53.66 -55.59 -38.71
C GLN A 1106 -52.31 -55.71 -38.02
N ARG A 1107 -51.47 -54.73 -38.22
CA ARG A 1107 -50.06 -54.93 -37.99
C ARG A 1107 -49.65 -54.93 -36.52
N ASN A 1108 -50.43 -54.35 -35.62
CA ASN A 1108 -50.05 -54.25 -34.22
C ASN A 1108 -50.80 -55.19 -33.31
N PHE A 1109 -51.81 -55.89 -33.79
CA PHE A 1109 -52.57 -56.77 -32.92
C PHE A 1109 -53.04 -57.94 -33.75
N TYR A 1110 -52.84 -59.15 -33.27
CA TYR A 1110 -53.10 -60.33 -34.07
C TYR A 1110 -54.60 -60.63 -34.09
N GLU A 1111 -55.17 -60.62 -35.29
CA GLU A 1111 -56.60 -60.82 -35.47
C GLU A 1111 -56.82 -61.25 -36.92
N PRO A 1112 -56.68 -62.53 -37.21
CA PRO A 1112 -56.63 -62.98 -38.61
C PRO A 1112 -57.99 -63.05 -39.28
N GLN A 1113 -57.99 -62.76 -40.58
CA GLN A 1113 -59.20 -62.69 -41.38
C GLN A 1113 -58.98 -63.45 -42.67
N ILE A 1114 -60.04 -63.91 -43.28
CA ILE A 1114 -59.96 -64.55 -44.59
C ILE A 1114 -59.65 -63.50 -45.64
N ILE A 1115 -58.72 -63.81 -46.53
CA ILE A 1115 -58.37 -62.91 -47.62
C ILE A 1115 -59.50 -62.88 -48.64
N THR A 1116 -60.11 -61.72 -48.82
CA THR A 1116 -61.18 -61.54 -49.78
C THR A 1116 -60.85 -60.33 -50.66
N THR A 1117 -61.74 -60.04 -51.60
CA THR A 1117 -61.59 -58.87 -52.45
C THR A 1117 -62.09 -57.60 -51.79
N ASP A 1118 -62.41 -57.65 -50.50
CA ASP A 1118 -62.82 -56.49 -49.74
C ASP A 1118 -61.70 -55.94 -48.88
N ASN A 1119 -60.68 -56.74 -48.58
CA ASN A 1119 -59.57 -56.30 -47.78
C ASN A 1119 -58.26 -56.33 -48.56
N THR A 1120 -58.31 -56.56 -49.87
CA THR A 1120 -57.14 -56.50 -50.73
C THR A 1120 -57.46 -55.65 -51.94
N PHE A 1121 -56.42 -55.23 -52.65
CA PHE A 1121 -56.59 -54.58 -53.94
C PHE A 1121 -55.60 -55.17 -54.93
N VAL A 1122 -55.86 -54.94 -56.21
CA VAL A 1122 -55.13 -55.57 -57.30
C VAL A 1122 -54.31 -54.54 -58.04
N SER A 1123 -53.10 -54.90 -58.45
CA SER A 1123 -52.35 -54.11 -59.41
C SER A 1123 -51.32 -54.99 -60.08
N GLY A 1124 -51.48 -55.24 -61.36
CA GLY A 1124 -50.47 -55.92 -62.14
C GLY A 1124 -50.64 -57.41 -62.19
N ASN A 1125 -49.67 -58.05 -62.81
CA ASN A 1125 -49.63 -59.50 -62.91
C ASN A 1125 -48.54 -60.02 -62.00
N CYS A 1126 -48.60 -61.31 -61.69
CA CYS A 1126 -47.80 -61.81 -60.59
C CYS A 1126 -46.48 -62.39 -61.06
N ASP A 1127 -45.69 -61.62 -61.80
CA ASP A 1127 -44.33 -61.99 -62.15
C ASP A 1127 -43.30 -60.87 -62.00
N VAL A 1128 -43.67 -59.73 -61.43
CA VAL A 1128 -42.71 -58.67 -61.18
C VAL A 1128 -42.39 -58.52 -59.69
N VAL A 1129 -43.33 -58.78 -58.79
CA VAL A 1129 -43.08 -58.81 -57.36
C VAL A 1129 -42.23 -60.03 -57.05
N ILE A 1130 -41.29 -59.91 -56.11
CA ILE A 1130 -40.48 -61.05 -55.71
C ILE A 1130 -40.90 -61.47 -54.31
N GLY A 1131 -41.34 -62.71 -54.18
CA GLY A 1131 -41.91 -63.21 -52.97
C GLY A 1131 -43.38 -63.51 -53.00
N ILE A 1132 -44.05 -63.31 -54.14
CA ILE A 1132 -45.46 -63.64 -54.26
C ILE A 1132 -45.68 -65.10 -53.89
N VAL A 1133 -46.82 -65.39 -53.25
CA VAL A 1133 -47.23 -66.76 -53.03
C VAL A 1133 -48.56 -66.99 -53.73
N ASN A 1134 -48.83 -68.25 -54.01
CA ASN A 1134 -50.07 -68.68 -54.65
C ASN A 1134 -51.10 -68.99 -53.58
N ASN A 1135 -52.28 -68.41 -53.70
CA ASN A 1135 -53.37 -68.67 -52.77
C ASN A 1135 -54.64 -68.11 -53.38
N THR A 1136 -55.77 -68.53 -52.85
CA THR A 1136 -57.04 -68.14 -53.40
C THR A 1136 -57.58 -66.91 -52.68
N VAL A 1137 -58.10 -65.98 -53.45
CA VAL A 1137 -58.73 -64.77 -52.96
C VAL A 1137 -60.22 -64.92 -53.17
N TYR A 1138 -60.98 -64.84 -52.09
CA TYR A 1138 -62.38 -65.21 -52.10
C TYR A 1138 -63.25 -64.03 -52.45
N ASP A 1139 -64.14 -64.22 -53.40
CA ASP A 1139 -65.11 -63.24 -53.83
C ASP A 1139 -66.42 -63.44 -53.08
N PRO A 1140 -66.92 -62.42 -52.39
CA PRO A 1140 -68.15 -62.62 -51.61
C PRO A 1140 -69.42 -62.71 -52.43
N LEU A 1141 -69.52 -61.95 -53.53
CA LEU A 1141 -70.70 -61.99 -54.36
C LEU A 1141 -70.87 -63.33 -55.07
N GLN A 1142 -69.80 -63.82 -55.70
CA GLN A 1142 -69.82 -65.01 -56.55
C GLN A 1142 -70.62 -66.17 -55.97
N PRO A 1143 -70.37 -66.64 -54.74
CA PRO A 1143 -71.25 -67.67 -54.18
C PRO A 1143 -72.63 -67.16 -53.84
N GLU A 1144 -72.67 -66.09 -53.03
CA GLU A 1144 -73.92 -65.64 -52.42
C GLU A 1144 -75.02 -65.44 -53.46
N LEU A 1145 -74.70 -64.68 -54.50
CA LEU A 1145 -75.60 -64.50 -55.63
C LEU A 1145 -76.07 -65.85 -56.17
N ASP A 1146 -75.15 -66.79 -56.29
CA ASP A 1146 -75.47 -68.10 -56.87
C ASP A 1146 -75.65 -69.18 -55.81
N ALA B 27 24.72 7.14 -54.61
CA ALA B 27 23.79 6.22 -55.24
C ALA B 27 22.82 5.67 -54.23
N TYR B 28 21.87 4.87 -54.69
CA TYR B 28 20.90 4.22 -53.82
C TYR B 28 20.55 2.87 -54.42
N THR B 29 19.82 2.07 -53.64
CA THR B 29 19.40 0.75 -54.07
C THR B 29 18.36 0.22 -53.09
N ASN B 30 18.07 -1.06 -53.21
CA ASN B 30 16.93 -1.70 -52.58
C ASN B 30 17.38 -2.88 -51.75
N SER B 31 17.21 -2.79 -50.44
CA SER B 31 17.11 -4.00 -49.63
C SER B 31 15.79 -4.66 -49.97
N PHE B 32 15.80 -5.97 -50.18
CA PHE B 32 14.56 -6.66 -50.45
C PHE B 32 14.05 -7.23 -49.15
N THR B 33 14.71 -8.23 -48.57
CA THR B 33 14.35 -8.81 -47.29
C THR B 33 15.59 -9.09 -46.47
N ARG B 34 16.60 -8.26 -46.62
CA ARG B 34 17.86 -8.43 -45.92
C ARG B 34 17.77 -7.85 -44.52
N GLY B 35 18.58 -8.40 -43.62
CA GLY B 35 18.81 -7.78 -42.33
C GLY B 35 17.93 -8.24 -41.19
N VAL B 36 17.66 -9.54 -41.09
CA VAL B 36 16.90 -10.10 -39.99
C VAL B 36 17.85 -10.90 -39.09
N TYR B 37 17.84 -10.59 -37.81
CA TYR B 37 18.69 -11.28 -36.86
C TYR B 37 17.85 -12.04 -35.83
N TYR B 38 18.47 -13.03 -35.20
CA TYR B 38 17.89 -13.71 -34.06
C TYR B 38 17.82 -12.77 -32.86
N PRO B 39 16.64 -12.31 -32.45
CA PRO B 39 16.57 -11.28 -31.41
C PRO B 39 16.87 -11.74 -30.00
N ASP B 40 16.95 -13.04 -29.73
CA ASP B 40 17.29 -13.52 -28.40
C ASP B 40 17.86 -14.93 -28.50
N LYS B 41 18.18 -15.50 -27.35
CA LYS B 41 18.89 -16.78 -27.27
C LYS B 41 17.95 -17.96 -27.09
N VAL B 42 16.67 -17.79 -27.34
CA VAL B 42 15.68 -18.84 -27.12
C VAL B 42 15.62 -19.73 -28.35
N PHE B 43 15.45 -21.02 -28.13
CA PHE B 43 15.25 -22.00 -29.19
C PHE B 43 13.76 -22.25 -29.37
N ARG B 44 13.34 -22.37 -30.62
CA ARG B 44 11.95 -22.61 -30.93
C ARG B 44 11.86 -23.62 -32.06
N SER B 45 11.00 -24.61 -31.88
CA SER B 45 10.75 -25.60 -32.91
C SER B 45 9.75 -25.03 -33.90
N SER B 46 9.13 -25.86 -34.73
CA SER B 46 8.31 -25.36 -35.83
C SER B 46 7.17 -24.54 -35.26
N VAL B 47 7.28 -23.21 -35.38
CA VAL B 47 6.38 -22.28 -34.75
C VAL B 47 6.52 -20.92 -35.44
N LEU B 48 5.51 -20.07 -35.23
CA LEU B 48 5.50 -18.70 -35.72
C LEU B 48 5.48 -17.79 -34.51
N HIS B 49 6.41 -16.84 -34.46
CA HIS B 49 6.57 -15.99 -33.29
C HIS B 49 6.62 -14.54 -33.71
N SER B 50 5.84 -13.70 -33.05
CA SER B 50 5.75 -12.28 -33.35
C SER B 50 6.56 -11.48 -32.34
N THR B 51 7.28 -10.47 -32.82
CA THR B 51 8.15 -9.71 -31.92
C THR B 51 8.34 -8.28 -32.39
N GLN B 52 8.35 -7.37 -31.43
CA GLN B 52 8.56 -5.95 -31.66
C GLN B 52 9.99 -5.59 -31.31
N ASP B 53 10.79 -5.22 -32.31
CA ASP B 53 12.20 -4.90 -32.08
C ASP B 53 12.66 -3.83 -33.05
N LEU B 54 13.96 -3.69 -33.23
CA LEU B 54 14.53 -2.71 -34.16
C LEU B 54 15.02 -3.46 -35.39
N PHE B 55 14.30 -3.31 -36.49
CA PHE B 55 14.63 -4.03 -37.71
C PHE B 55 14.82 -3.06 -38.85
N LEU B 56 15.45 -3.56 -39.90
CA LEU B 56 15.52 -2.85 -41.16
C LEU B 56 14.27 -3.17 -41.97
N PRO B 57 13.40 -2.21 -42.24
CA PRO B 57 12.14 -2.51 -42.93
C PRO B 57 12.37 -3.11 -44.30
N PHE B 58 11.44 -3.95 -44.72
CA PHE B 58 11.52 -4.60 -46.01
C PHE B 58 11.43 -3.55 -47.11
N PHE B 59 12.16 -3.79 -48.19
CA PHE B 59 12.13 -2.93 -49.37
C PHE B 59 12.50 -1.49 -49.04
N SER B 60 13.58 -1.31 -48.28
CA SER B 60 14.06 -0.02 -47.84
C SER B 60 14.96 0.63 -48.88
N ASN B 61 15.08 1.93 -48.78
CA ASN B 61 15.91 2.74 -49.67
C ASN B 61 17.28 2.87 -49.05
N VAL B 62 18.25 2.11 -49.55
CA VAL B 62 19.52 1.89 -48.88
C VAL B 62 20.62 2.55 -49.71
N THR B 63 21.47 3.34 -49.08
CA THR B 63 22.52 4.04 -49.80
C THR B 63 23.55 3.07 -50.38
N TRP B 64 24.53 3.59 -51.10
CA TRP B 64 25.48 2.73 -51.81
C TRP B 64 26.79 3.48 -51.97
N PHE B 65 27.88 2.88 -51.50
CA PHE B 65 29.20 3.48 -51.57
C PHE B 65 30.14 2.56 -52.35
N HIS B 66 31.04 3.20 -53.09
CA HIS B 66 31.89 2.55 -54.08
C HIS B 66 33.35 2.80 -53.78
N ALA B 67 34.21 1.99 -54.40
CA ALA B 67 35.66 2.10 -54.25
C ALA B 67 36.30 2.58 -55.55
N ASN B 81 36.16 7.47 -46.18
CA ASN B 81 34.80 7.51 -46.68
C ASN B 81 33.90 8.18 -45.64
N PRO B 82 32.71 8.66 -46.06
CA PRO B 82 31.95 9.62 -45.23
C PRO B 82 31.75 9.23 -43.78
N VAL B 83 31.52 10.25 -42.95
CA VAL B 83 31.19 10.06 -41.55
C VAL B 83 29.67 10.00 -41.40
N LEU B 84 29.11 8.83 -41.62
CA LEU B 84 27.67 8.59 -41.50
C LEU B 84 27.27 8.63 -40.04
N PRO B 85 26.00 8.89 -39.73
CA PRO B 85 25.55 8.78 -38.33
C PRO B 85 25.21 7.35 -37.93
N PHE B 86 24.66 7.19 -36.72
CA PHE B 86 24.24 5.90 -36.19
C PHE B 86 22.74 5.80 -36.02
N ASN B 87 22.18 6.69 -35.21
CA ASN B 87 20.76 7.04 -35.05
C ASN B 87 19.85 6.01 -34.37
N ASP B 88 20.09 4.72 -34.56
CA ASP B 88 19.46 3.69 -33.73
C ASP B 88 20.15 2.34 -33.82
N GLY B 89 21.22 2.24 -34.59
CA GLY B 89 21.69 0.95 -35.04
C GLY B 89 21.75 0.94 -36.54
N VAL B 90 22.55 0.02 -37.06
CA VAL B 90 22.95 0.09 -38.46
C VAL B 90 23.02 -1.30 -39.06
N TYR B 91 22.45 -1.43 -40.25
CA TYR B 91 22.70 -2.56 -41.11
C TYR B 91 23.88 -2.23 -42.02
N PHE B 92 24.69 -3.23 -42.32
CA PHE B 92 25.87 -2.97 -43.11
C PHE B 92 26.17 -4.22 -43.91
N ALA B 93 26.50 -4.05 -45.19
CA ALA B 93 26.90 -5.18 -45.99
C ALA B 93 28.08 -4.77 -46.84
N SER B 94 28.78 -5.77 -47.37
CA SER B 94 30.01 -5.50 -48.10
C SER B 94 30.12 -6.55 -49.20
N THR B 95 30.85 -6.21 -50.24
CA THR B 95 31.17 -7.19 -51.26
C THR B 95 32.48 -6.81 -51.95
N GLU B 96 33.42 -7.76 -51.94
CA GLU B 96 34.64 -7.66 -52.72
C GLU B 96 35.39 -8.99 -52.67
N LYS B 97 36.08 -9.33 -53.75
CA LYS B 97 36.83 -10.58 -53.80
C LYS B 97 38.12 -10.52 -53.00
N SER B 98 38.84 -9.42 -53.05
CA SER B 98 39.95 -9.16 -52.15
C SER B 98 39.43 -8.33 -50.98
N ASN B 99 39.79 -8.71 -49.76
CA ASN B 99 39.18 -8.17 -48.55
C ASN B 99 39.67 -6.75 -48.32
N ILE B 100 39.01 -5.81 -49.01
CA ILE B 100 39.33 -4.40 -48.90
C ILE B 100 38.71 -3.75 -47.66
N ILE B 101 37.50 -4.14 -47.29
CA ILE B 101 36.84 -3.60 -46.10
C ILE B 101 37.45 -4.25 -44.87
N ARG B 102 37.85 -3.44 -43.91
CA ARG B 102 38.51 -3.98 -42.73
C ARG B 102 37.67 -3.79 -41.47
N GLY B 103 37.34 -2.55 -41.14
CA GLY B 103 36.76 -2.29 -39.84
C GLY B 103 36.03 -0.97 -39.81
N TRP B 104 35.72 -0.54 -38.60
CA TRP B 104 34.84 0.59 -38.39
C TRP B 104 35.32 1.34 -37.17
N ILE B 105 35.00 2.62 -37.11
CA ILE B 105 35.26 3.41 -35.92
C ILE B 105 33.97 4.10 -35.54
N PHE B 106 33.68 4.14 -34.25
CA PHE B 106 32.43 4.68 -33.73
C PHE B 106 32.77 5.76 -32.72
N GLY B 107 31.78 6.59 -32.40
CA GLY B 107 31.94 7.58 -31.36
C GLY B 107 31.02 8.77 -31.48
N THR B 108 30.92 9.54 -30.39
CA THR B 108 30.09 10.73 -30.35
C THR B 108 30.82 11.98 -30.84
N THR B 109 32.14 11.94 -30.98
CA THR B 109 32.87 13.07 -31.52
C THR B 109 33.93 12.63 -32.52
N LEU B 110 34.12 11.31 -32.63
CA LEU B 110 35.21 10.73 -33.40
C LEU B 110 36.54 11.39 -33.07
N ASP B 111 36.65 11.86 -31.83
CA ASP B 111 37.72 12.74 -31.39
C ASP B 111 38.09 12.46 -29.93
N SER B 112 39.26 12.96 -29.53
CA SER B 112 39.62 13.01 -28.12
C SER B 112 38.69 13.96 -27.39
N LYS B 113 38.87 14.04 -26.07
CA LYS B 113 37.98 14.74 -25.14
C LYS B 113 36.71 13.92 -24.92
N THR B 114 36.58 12.79 -25.63
CA THR B 114 35.56 11.78 -25.39
C THR B 114 36.07 10.45 -25.94
N GLN B 115 35.53 9.37 -25.38
CA GLN B 115 35.96 8.01 -25.72
C GLN B 115 35.47 7.62 -27.12
N SER B 116 36.05 6.55 -27.65
CA SER B 116 35.63 6.03 -28.94
C SER B 116 36.09 4.58 -29.06
N LEU B 117 35.23 3.79 -29.69
CA LEU B 117 35.50 2.39 -30.00
C LEU B 117 36.15 2.29 -31.36
N LEU B 118 37.04 1.31 -31.52
CA LEU B 118 37.66 1.05 -32.80
C LEU B 118 37.75 -0.45 -33.01
N ILE B 119 37.00 -0.94 -33.97
CA ILE B 119 37.16 -2.30 -34.44
C ILE B 119 37.99 -2.24 -35.70
N VAL B 120 38.90 -3.20 -35.86
CA VAL B 120 39.82 -3.13 -36.99
C VAL B 120 40.25 -4.54 -37.34
N ASN B 121 40.87 -4.71 -38.49
CA ASN B 121 41.48 -5.98 -38.83
C ASN B 121 42.62 -5.75 -39.80
N ASN B 122 43.84 -5.61 -39.28
CA ASN B 122 44.99 -5.48 -40.16
C ASN B 122 45.37 -6.85 -40.67
N ALA B 123 46.57 -7.00 -41.22
CA ALA B 123 47.02 -8.33 -41.62
C ALA B 123 46.93 -9.33 -40.47
N THR B 124 47.43 -8.98 -39.29
CA THR B 124 47.15 -9.77 -38.10
C THR B 124 45.67 -9.66 -37.79
N ASN B 125 45.07 -10.73 -37.29
CA ASN B 125 43.62 -10.83 -37.29
C ASN B 125 42.97 -9.86 -36.30
N VAL B 126 41.65 -10.01 -36.11
CA VAL B 126 40.79 -9.04 -35.47
C VAL B 126 41.42 -8.44 -34.22
N VAL B 127 41.32 -7.12 -34.07
CA VAL B 127 41.77 -6.43 -32.87
C VAL B 127 40.78 -5.32 -32.57
N ILE B 128 40.27 -5.30 -31.36
CA ILE B 128 39.27 -4.34 -30.92
C ILE B 128 39.87 -3.51 -29.80
N LYS B 129 39.54 -2.22 -29.78
CA LYS B 129 40.02 -1.35 -28.71
C LYS B 129 38.96 -0.32 -28.40
N VAL B 130 39.03 0.23 -27.19
CA VAL B 130 38.16 1.34 -26.83
C VAL B 130 38.99 2.37 -26.08
N CYS B 131 39.44 3.40 -26.77
CA CYS B 131 40.35 4.35 -26.15
C CYS B 131 39.93 5.77 -26.54
N GLU B 132 40.81 6.72 -26.27
CA GLU B 132 40.60 8.10 -26.71
C GLU B 132 41.58 8.42 -27.83
N PHE B 133 41.07 9.04 -28.88
CA PHE B 133 41.82 9.23 -30.11
C PHE B 133 41.64 10.63 -30.66
N GLN B 134 42.72 11.21 -31.17
CA GLN B 134 42.61 12.29 -32.14
C GLN B 134 42.75 11.65 -33.52
N PHE B 135 41.62 11.47 -34.20
CA PHE B 135 41.54 10.65 -35.40
C PHE B 135 41.97 11.43 -36.64
N CYS B 136 42.62 10.72 -37.56
CA CYS B 136 42.91 11.27 -38.87
C CYS B 136 41.61 11.55 -39.61
N ASN B 137 41.48 12.72 -40.22
CA ASN B 137 40.24 13.06 -40.90
C ASN B 137 40.12 12.37 -42.26
N ASP B 138 41.13 11.60 -42.67
CA ASP B 138 41.07 10.78 -43.88
C ASP B 138 41.81 9.47 -43.59
N PRO B 139 41.24 8.61 -42.74
CA PRO B 139 41.97 7.42 -42.29
C PRO B 139 41.85 6.27 -43.27
N PHE B 140 42.84 5.38 -43.23
CA PHE B 140 42.89 4.24 -44.15
C PHE B 140 44.07 3.36 -43.77
N LEU B 141 44.17 2.22 -44.44
CA LEU B 141 45.23 1.23 -44.22
C LEU B 141 45.88 0.91 -45.55
N GLY B 142 47.18 1.17 -45.66
CA GLY B 142 47.86 0.98 -46.92
C GLY B 142 48.11 -0.50 -47.20
N VAL B 143 47.48 -1.01 -48.26
CA VAL B 143 47.66 -2.38 -48.74
C VAL B 143 47.54 -3.41 -47.61
N MET B 153 55.86 2.51 -48.38
CA MET B 153 54.83 2.12 -49.32
C MET B 153 54.32 0.73 -48.95
N GLU B 154 53.00 0.55 -49.03
CA GLU B 154 52.30 -0.68 -48.64
C GLU B 154 52.29 -0.88 -47.13
N SER B 155 52.60 0.19 -46.39
CA SER B 155 52.52 0.17 -44.93
C SER B 155 51.14 0.63 -44.47
N GLU B 156 50.80 0.27 -43.24
CA GLU B 156 49.41 0.26 -42.82
C GLU B 156 49.14 1.30 -41.73
N PHE B 157 47.90 1.29 -41.23
CA PHE B 157 47.49 1.96 -39.99
C PHE B 157 47.74 3.46 -39.97
N ARG B 158 47.00 4.19 -40.79
CA ARG B 158 47.04 5.63 -40.82
C ARG B 158 45.75 6.17 -40.19
N VAL B 159 45.33 5.53 -39.10
CA VAL B 159 44.00 5.73 -38.53
C VAL B 159 43.96 6.91 -37.56
N TYR B 160 44.72 6.84 -36.48
CA TYR B 160 44.72 7.88 -35.47
C TYR B 160 46.13 8.39 -35.24
N SER B 161 46.22 9.53 -34.56
CA SER B 161 47.52 10.07 -34.16
C SER B 161 47.86 9.74 -32.72
N SER B 162 46.86 9.43 -31.90
CA SER B 162 47.06 9.27 -30.48
C SER B 162 46.15 8.17 -29.95
N ALA B 163 46.66 7.44 -28.97
CA ALA B 163 45.93 6.40 -28.25
C ALA B 163 46.10 6.69 -26.77
N ASN B 164 45.14 7.41 -26.18
CA ASN B 164 45.31 7.91 -24.83
C ASN B 164 44.11 7.53 -24.00
N ASN B 165 44.28 7.57 -22.68
CA ASN B 165 43.18 7.31 -21.73
C ASN B 165 42.53 5.96 -21.97
N CYS B 166 43.30 5.02 -22.53
CA CYS B 166 42.69 3.86 -23.15
C CYS B 166 42.09 2.94 -22.11
N THR B 167 41.32 1.96 -22.61
CA THR B 167 40.43 1.10 -21.84
C THR B 167 40.33 -0.22 -22.61
N PHE B 168 39.20 -0.91 -22.50
CA PHE B 168 38.95 -2.24 -23.05
C PHE B 168 39.74 -2.52 -24.32
N GLU B 169 40.40 -3.67 -24.37
CA GLU B 169 41.11 -4.09 -25.57
C GLU B 169 40.87 -5.58 -25.76
N TYR B 170 41.17 -6.05 -26.96
CA TYR B 170 41.13 -7.47 -27.28
C TYR B 170 41.94 -7.68 -28.55
N VAL B 171 42.70 -8.77 -28.58
CA VAL B 171 43.48 -9.12 -29.76
C VAL B 171 43.39 -10.62 -29.92
N SER B 172 43.39 -11.07 -31.17
CA SER B 172 43.49 -12.50 -31.45
C SER B 172 44.95 -12.93 -31.58
N LYS B 187 31.35 -14.52 -55.33
CA LYS B 187 32.07 -13.73 -54.34
C LYS B 187 31.46 -13.91 -52.95
N ASN B 188 31.81 -13.00 -52.04
CA ASN B 188 31.45 -13.16 -50.63
C ASN B 188 30.77 -11.90 -50.12
N LEU B 189 29.53 -12.05 -49.69
CA LEU B 189 28.74 -11.00 -49.07
C LEU B 189 28.80 -11.18 -47.56
N ARG B 190 28.95 -10.08 -46.83
CA ARG B 190 29.18 -10.12 -45.40
C ARG B 190 28.33 -9.07 -44.72
N GLU B 191 27.32 -9.53 -44.00
CA GLU B 191 26.38 -8.64 -43.33
C GLU B 191 26.68 -8.47 -41.86
N PHE B 192 26.33 -7.30 -41.35
CA PHE B 192 26.53 -6.96 -39.97
C PHE B 192 25.41 -6.06 -39.49
N VAL B 193 24.86 -6.38 -38.32
CA VAL B 193 23.94 -5.47 -37.65
C VAL B 193 24.64 -5.01 -36.38
N PHE B 194 24.72 -3.70 -36.21
CA PHE B 194 25.31 -3.09 -35.02
C PHE B 194 24.23 -2.39 -34.24
N LYS B 195 24.16 -2.67 -32.94
CA LYS B 195 23.30 -1.89 -32.07
C LYS B 195 24.07 -1.53 -30.81
N ASN B 196 23.53 -0.57 -30.06
CA ASN B 196 24.18 -0.06 -28.86
C ASN B 196 23.09 0.22 -27.84
N ILE B 197 22.77 -0.76 -27.02
CA ILE B 197 21.60 -0.73 -26.17
C ILE B 197 22.03 -0.58 -24.72
N ASP B 198 21.79 0.61 -24.18
CA ASP B 198 21.95 1.03 -22.78
C ASP B 198 23.08 0.29 -22.07
N GLY B 199 24.26 0.29 -22.68
CA GLY B 199 25.42 -0.33 -22.09
C GLY B 199 26.16 -1.30 -22.98
N TYR B 200 25.50 -1.99 -23.89
CA TYR B 200 26.17 -3.05 -24.63
C TYR B 200 26.22 -2.71 -26.09
N PHE B 201 27.36 -3.00 -26.70
CA PHE B 201 27.52 -2.89 -28.14
C PHE B 201 27.36 -4.30 -28.69
N LYS B 202 26.30 -4.53 -29.47
CA LYS B 202 25.99 -5.86 -29.97
C LYS B 202 26.22 -5.91 -31.47
N ILE B 203 26.69 -7.07 -31.93
CA ILE B 203 27.12 -7.29 -33.30
C ILE B 203 26.58 -8.63 -33.76
N TYR B 204 25.75 -8.61 -34.79
CA TYR B 204 25.30 -9.83 -35.44
C TYR B 204 25.91 -9.85 -36.83
N SER B 205 26.12 -11.04 -37.38
CA SER B 205 26.79 -11.10 -38.67
C SER B 205 26.45 -12.40 -39.37
N LYS B 206 26.60 -12.37 -40.69
CA LYS B 206 26.36 -13.52 -41.56
C LYS B 206 27.32 -13.42 -42.74
N HIS B 207 27.74 -14.58 -43.26
CA HIS B 207 28.72 -14.69 -44.34
C HIS B 207 28.10 -15.56 -45.44
N THR B 208 27.64 -14.93 -46.51
CA THR B 208 27.05 -15.70 -47.58
C THR B 208 27.98 -15.73 -48.79
N PRO B 209 28.05 -16.86 -49.48
CA PRO B 209 28.75 -16.88 -50.77
C PRO B 209 27.80 -16.59 -51.94
N ILE B 210 28.16 -15.64 -52.77
CA ILE B 210 27.34 -15.26 -53.91
C ILE B 210 28.06 -15.64 -55.19
N ASN B 211 27.34 -15.58 -56.31
CA ASN B 211 27.94 -15.68 -57.63
C ASN B 211 27.82 -14.35 -58.38
N LEU B 212 27.56 -13.28 -57.64
CA LEU B 212 27.67 -11.93 -58.14
C LEU B 212 29.13 -11.53 -58.13
N VAL B 213 29.39 -10.25 -58.35
CA VAL B 213 30.74 -9.77 -58.10
C VAL B 213 30.76 -8.78 -56.94
N ARG B 214 29.91 -7.76 -56.97
CA ARG B 214 29.89 -6.74 -55.93
C ARG B 214 28.51 -6.15 -55.64
N ASP B 215 27.43 -6.66 -56.26
CA ASP B 215 26.11 -6.07 -56.10
C ASP B 215 25.28 -6.83 -55.07
N LEU B 216 24.17 -6.20 -54.64
CA LEU B 216 23.32 -6.70 -53.58
C LEU B 216 22.32 -7.75 -54.07
N PRO B 217 22.51 -9.02 -53.73
CA PRO B 217 21.56 -10.05 -54.15
C PRO B 217 20.23 -9.92 -53.44
N GLN B 218 19.32 -10.85 -53.70
CA GLN B 218 18.00 -10.83 -53.10
C GLN B 218 17.65 -12.24 -52.63
N GLY B 219 17.66 -12.44 -51.34
CA GLY B 219 17.24 -13.69 -50.75
C GLY B 219 16.86 -13.45 -49.31
N PHE B 220 16.87 -14.54 -48.53
CA PHE B 220 16.63 -14.45 -47.10
C PHE B 220 17.68 -15.24 -46.35
N SER B 221 18.30 -14.60 -45.35
CA SER B 221 19.15 -15.29 -44.39
C SER B 221 19.16 -14.47 -43.11
N ALA B 222 19.30 -15.16 -41.98
CA ALA B 222 19.18 -14.55 -40.66
C ALA B 222 20.54 -14.43 -40.00
N LEU B 223 20.77 -13.30 -39.33
CA LEU B 223 22.05 -12.94 -38.75
C LEU B 223 22.15 -13.48 -37.33
N GLU B 224 23.19 -14.30 -37.05
CA GLU B 224 23.46 -14.92 -35.77
C GLU B 224 24.36 -14.04 -34.92
N PRO B 225 24.17 -14.01 -33.61
CA PRO B 225 24.97 -13.10 -32.77
C PRO B 225 26.42 -13.52 -32.69
N LEU B 226 27.31 -12.57 -32.97
CA LEU B 226 28.75 -12.86 -33.02
C LEU B 226 29.42 -12.57 -31.68
N VAL B 227 29.37 -11.32 -31.24
CA VAL B 227 30.03 -10.89 -30.03
C VAL B 227 29.08 -10.02 -29.23
N ASP B 228 29.58 -9.51 -28.11
CA ASP B 228 28.93 -8.45 -27.37
C ASP B 228 30.02 -7.76 -26.56
N LEU B 229 29.90 -6.46 -26.39
CA LEU B 229 30.93 -5.68 -25.71
C LEU B 229 30.30 -4.81 -24.63
N PRO B 230 30.68 -4.98 -23.36
CA PRO B 230 30.09 -4.17 -22.30
C PRO B 230 30.72 -2.81 -22.10
N ILE B 231 30.89 -2.03 -23.16
CA ILE B 231 31.73 -0.83 -23.12
C ILE B 231 31.15 0.25 -22.22
N GLY B 232 29.98 0.78 -22.58
CA GLY B 232 29.43 1.88 -21.81
C GLY B 232 29.65 3.21 -22.51
N ILE B 233 29.96 3.13 -23.80
CA ILE B 233 30.29 4.28 -24.65
C ILE B 233 29.02 5.00 -25.11
N ASN B 234 29.18 6.21 -25.64
CA ASN B 234 28.13 6.96 -26.31
C ASN B 234 28.47 7.04 -27.79
N ILE B 235 27.55 6.61 -28.65
CA ILE B 235 27.81 6.56 -30.09
C ILE B 235 26.77 7.39 -30.82
N THR B 236 27.25 8.31 -31.66
CA THR B 236 26.35 9.04 -32.54
C THR B 236 26.86 9.10 -33.98
N ARG B 237 28.06 8.64 -34.27
CA ARG B 237 28.58 8.69 -35.63
C ARG B 237 29.41 7.43 -35.85
N PHE B 238 29.86 7.24 -37.08
CA PHE B 238 30.70 6.09 -37.38
C PHE B 238 31.31 6.28 -38.75
N GLN B 239 32.31 5.45 -39.04
CA GLN B 239 33.03 5.57 -40.30
C GLN B 239 33.72 4.27 -40.63
N THR B 240 33.78 3.96 -41.92
CA THR B 240 34.40 2.75 -42.42
C THR B 240 35.90 2.95 -42.60
N LEU B 241 36.62 1.83 -42.69
CA LEU B 241 38.05 1.81 -42.92
C LEU B 241 38.35 0.88 -44.08
N LEU B 242 39.11 1.37 -45.05
CA LEU B 242 39.36 0.65 -46.29
C LEU B 242 40.85 0.54 -46.56
N ALA B 243 41.22 -0.48 -47.32
CA ALA B 243 42.63 -0.73 -47.65
C ALA B 243 42.95 -0.21 -49.05
N LEU B 244 43.88 0.73 -49.13
CA LEU B 244 44.39 1.21 -50.41
C LEU B 244 45.24 0.14 -51.07
N HIS B 245 45.70 0.40 -52.28
CA HIS B 245 46.60 -0.51 -52.97
C HIS B 245 47.70 0.25 -53.67
N ARG B 246 48.81 0.48 -52.98
CA ARG B 246 49.93 1.23 -53.55
C ARG B 246 50.96 0.26 -54.11
N SER B 247 51.25 0.40 -55.41
CA SER B 247 52.18 -0.48 -56.10
C SER B 247 52.50 0.09 -57.47
N ALA B 264 32.41 -2.50 -52.84
CA ALA B 264 31.04 -1.98 -52.73
C ALA B 264 30.47 -2.23 -51.34
N TYR B 265 29.76 -1.25 -50.79
CA TYR B 265 29.14 -1.48 -49.49
C TYR B 265 27.94 -0.58 -49.26
N TYR B 266 26.96 -1.12 -48.52
CA TYR B 266 25.65 -0.52 -48.36
C TYR B 266 25.36 -0.27 -46.88
N VAL B 267 24.50 0.70 -46.62
CA VAL B 267 24.22 1.09 -45.23
C VAL B 267 22.75 1.42 -45.05
N GLY B 268 22.02 0.57 -44.33
CA GLY B 268 20.66 0.85 -43.94
C GLY B 268 20.57 1.22 -42.47
N TYR B 269 19.37 1.55 -42.03
CA TYR B 269 19.13 1.90 -40.65
C TYR B 269 18.07 0.98 -40.06
N LEU B 270 17.85 1.11 -38.76
CA LEU B 270 16.93 0.27 -38.02
C LEU B 270 15.87 1.15 -37.37
N GLN B 271 14.61 0.81 -37.55
CA GLN B 271 13.51 1.45 -36.87
C GLN B 271 12.70 0.43 -36.08
N PRO B 272 11.93 0.86 -35.09
CA PRO B 272 11.11 -0.08 -34.32
C PRO B 272 9.95 -0.63 -35.15
N ARG B 273 10.05 -1.92 -35.48
CA ARG B 273 9.08 -2.62 -36.29
C ARG B 273 8.44 -3.74 -35.48
N THR B 274 7.50 -4.43 -36.09
CA THR B 274 6.97 -5.68 -35.57
C THR B 274 7.06 -6.71 -36.68
N PHE B 275 7.65 -7.86 -36.38
CA PHE B 275 7.85 -8.89 -37.38
C PHE B 275 7.19 -10.17 -36.92
N LEU B 276 7.01 -11.09 -37.88
CA LEU B 276 6.51 -12.43 -37.62
C LEU B 276 7.57 -13.37 -38.19
N LEU B 277 8.32 -14.02 -37.31
CA LEU B 277 9.34 -14.94 -37.74
C LEU B 277 8.82 -16.36 -37.75
N LYS B 278 9.22 -17.13 -38.73
CA LYS B 278 8.89 -18.54 -38.83
C LYS B 278 10.13 -19.36 -38.51
N TYR B 279 10.03 -20.22 -37.51
CA TYR B 279 11.17 -21.02 -37.11
C TYR B 279 11.08 -22.39 -37.75
N ASN B 280 12.22 -22.87 -38.23
CA ASN B 280 12.40 -24.21 -38.74
C ASN B 280 12.14 -25.23 -37.64
N GLU B 281 12.21 -26.52 -37.95
CA GLU B 281 12.22 -27.50 -36.87
C GLU B 281 13.58 -27.67 -36.24
N ASN B 282 14.64 -27.20 -36.89
CA ASN B 282 15.96 -27.11 -36.30
C ASN B 282 16.15 -25.86 -35.47
N GLY B 283 15.20 -24.93 -35.52
CA GLY B 283 15.28 -23.71 -34.75
C GLY B 283 15.83 -22.51 -35.49
N THR B 284 16.03 -22.60 -36.80
CA THR B 284 16.55 -21.49 -37.58
C THR B 284 15.41 -20.71 -38.22
N ILE B 285 15.56 -19.39 -38.29
CA ILE B 285 14.57 -18.54 -38.93
C ILE B 285 14.69 -18.70 -40.45
N THR B 286 13.61 -19.09 -41.10
CA THR B 286 13.61 -19.22 -42.54
C THR B 286 12.80 -18.16 -43.26
N ASP B 287 11.92 -17.44 -42.58
CA ASP B 287 11.07 -16.47 -43.26
C ASP B 287 10.53 -15.46 -42.27
N ALA B 288 10.08 -14.32 -42.78
CA ALA B 288 9.57 -13.26 -41.93
C ALA B 288 8.50 -12.48 -42.68
N VAL B 289 7.67 -11.78 -41.90
CA VAL B 289 6.62 -10.92 -42.40
C VAL B 289 6.73 -9.57 -41.70
N ASP B 290 6.91 -8.51 -42.47
CA ASP B 290 6.87 -7.17 -41.92
C ASP B 290 5.42 -6.74 -41.74
N CYS B 291 5.01 -6.56 -40.49
CA CYS B 291 3.59 -6.39 -40.21
C CYS B 291 3.03 -5.09 -40.72
N ALA B 292 3.85 -4.11 -41.06
CA ALA B 292 3.35 -2.87 -41.62
C ALA B 292 4.10 -2.58 -42.91
N LEU B 293 3.72 -3.27 -43.97
CA LEU B 293 4.30 -3.06 -45.28
C LEU B 293 3.17 -2.82 -46.28
N ASP B 294 2.07 -3.56 -46.08
CA ASP B 294 0.90 -3.48 -46.93
C ASP B 294 -0.25 -4.14 -46.18
N PRO B 295 -1.47 -4.12 -46.72
CA PRO B 295 -2.58 -4.72 -45.98
C PRO B 295 -2.52 -6.24 -45.88
N LEU B 296 -1.95 -6.92 -46.87
CA LEU B 296 -1.88 -8.37 -46.79
C LEU B 296 -0.99 -8.83 -45.64
N SER B 297 0.17 -8.18 -45.49
CA SER B 297 1.06 -8.53 -44.40
C SER B 297 0.45 -8.23 -43.05
N GLU B 298 -0.24 -7.10 -42.92
CA GLU B 298 -1.00 -6.82 -41.72
C GLU B 298 -2.01 -7.92 -41.42
N THR B 299 -2.71 -8.40 -42.45
CA THR B 299 -3.64 -9.51 -42.24
C THR B 299 -2.92 -10.74 -41.71
N LYS B 300 -1.79 -11.08 -42.31
CA LYS B 300 -1.04 -12.25 -41.87
C LYS B 300 -0.60 -12.11 -40.43
N CYS B 301 -0.22 -10.91 -40.02
CA CYS B 301 0.21 -10.72 -38.65
C CYS B 301 -0.98 -10.76 -37.69
N THR B 302 -2.16 -10.42 -38.18
CA THR B 302 -3.35 -10.50 -37.33
C THR B 302 -3.79 -11.94 -37.14
N LEU B 303 -3.70 -12.75 -38.18
CA LEU B 303 -4.11 -14.14 -38.10
C LEU B 303 -2.99 -15.06 -37.64
N LYS B 304 -1.77 -14.53 -37.51
CA LYS B 304 -0.60 -15.30 -37.08
C LYS B 304 -0.38 -16.52 -37.95
N SER B 305 -0.33 -16.28 -39.26
CA SER B 305 -0.12 -17.36 -40.21
C SER B 305 0.39 -16.77 -41.51
N PHE B 306 1.10 -17.58 -42.28
CA PHE B 306 1.63 -17.16 -43.56
C PHE B 306 0.65 -17.36 -44.71
N THR B 307 -0.37 -18.18 -44.52
CA THR B 307 -1.40 -18.40 -45.53
C THR B 307 -2.73 -17.86 -45.02
N VAL B 308 -3.46 -17.21 -45.91
CA VAL B 308 -4.76 -16.65 -45.59
C VAL B 308 -5.79 -17.28 -46.53
N GLU B 309 -6.98 -17.55 -45.99
CA GLU B 309 -8.09 -18.08 -46.77
C GLU B 309 -8.96 -16.95 -47.29
N LYS B 310 -9.87 -17.31 -48.20
CA LYS B 310 -10.89 -16.39 -48.65
C LYS B 310 -11.69 -15.86 -47.46
N GLY B 311 -11.94 -14.56 -47.45
CA GLY B 311 -12.66 -13.96 -46.35
C GLY B 311 -12.43 -12.47 -46.31
N ILE B 312 -12.91 -11.88 -45.22
CA ILE B 312 -12.72 -10.47 -44.94
C ILE B 312 -12.34 -10.36 -43.47
N TYR B 313 -11.25 -9.68 -43.19
CA TYR B 313 -10.63 -9.71 -41.86
C TYR B 313 -10.42 -8.30 -41.37
N GLN B 314 -10.85 -8.02 -40.16
CA GLN B 314 -10.58 -6.72 -39.58
C GLN B 314 -9.18 -6.68 -39.01
N THR B 315 -8.41 -5.68 -39.42
CA THR B 315 -6.99 -5.66 -39.12
C THR B 315 -6.54 -4.47 -38.29
N SER B 316 -7.21 -3.33 -38.38
CA SER B 316 -6.72 -2.17 -37.63
C SER B 316 -7.83 -1.12 -37.57
N ASN B 317 -7.49 0.04 -37.00
CA ASN B 317 -8.37 1.19 -37.01
C ASN B 317 -7.73 2.25 -37.86
N PHE B 318 -8.41 3.38 -37.98
CA PHE B 318 -7.98 4.46 -38.84
C PHE B 318 -8.49 5.76 -38.25
N ARG B 319 -7.57 6.69 -38.02
CA ARG B 319 -7.89 7.99 -37.43
C ARG B 319 -7.18 9.07 -38.22
N VAL B 320 -7.87 10.19 -38.42
CA VAL B 320 -7.24 11.36 -39.02
C VAL B 320 -6.42 12.10 -37.97
N GLN B 321 -5.29 12.57 -38.34
CA GLN B 321 -4.42 13.14 -37.33
C GLN B 321 -4.50 14.66 -37.33
N PRO B 322 -4.17 15.30 -36.20
CA PRO B 322 -4.32 16.76 -36.09
C PRO B 322 -3.37 17.51 -37.01
N THR B 323 -3.92 18.42 -37.80
CA THR B 323 -3.12 19.28 -38.66
C THR B 323 -2.22 20.21 -37.86
N GLU B 324 -2.80 20.95 -36.91
CA GLU B 324 -2.08 22.00 -36.21
C GLU B 324 -2.65 22.19 -34.81
N SER B 325 -1.93 22.96 -34.00
CA SER B 325 -2.30 23.22 -32.60
C SER B 325 -2.59 24.71 -32.44
N ILE B 326 -3.86 25.05 -32.21
CA ILE B 326 -4.22 26.42 -31.91
C ILE B 326 -4.34 26.59 -30.41
N VAL B 327 -4.22 27.84 -29.96
CA VAL B 327 -4.35 28.21 -28.56
C VAL B 327 -5.22 29.46 -28.48
N ARG B 328 -6.14 29.48 -27.53
CA ARG B 328 -6.93 30.67 -27.30
C ARG B 328 -6.95 30.97 -25.81
N PHE B 329 -6.56 32.19 -25.46
CA PHE B 329 -6.37 32.64 -24.09
C PHE B 329 -6.92 34.06 -24.00
N PRO B 330 -7.19 34.55 -22.79
CA PRO B 330 -7.64 35.93 -22.63
C PRO B 330 -6.48 36.91 -22.69
N ASN B 331 -6.80 38.14 -23.12
CA ASN B 331 -5.79 39.20 -23.15
C ASN B 331 -5.66 39.78 -21.75
N ILE B 332 -4.61 39.36 -21.04
CA ILE B 332 -4.36 39.82 -19.69
C ILE B 332 -2.97 40.44 -19.66
N THR B 333 -2.92 41.73 -19.33
CA THR B 333 -1.71 42.43 -18.95
C THR B 333 -1.77 42.66 -17.45
N ASN B 334 -0.89 43.50 -16.93
CA ASN B 334 -0.91 43.81 -15.51
C ASN B 334 -0.65 42.56 -14.68
N LEU B 335 0.60 42.09 -14.68
CA LEU B 335 1.02 40.85 -14.04
C LEU B 335 0.44 40.73 -12.62
N CYS B 336 0.36 39.49 -12.11
CA CYS B 336 -0.14 39.37 -10.74
C CYS B 336 0.85 39.99 -9.77
N PRO B 337 0.36 40.92 -8.96
CA PRO B 337 1.22 41.46 -7.90
C PRO B 337 1.39 40.45 -6.78
N PHE B 338 2.32 39.53 -6.97
CA PHE B 338 2.71 38.57 -5.95
C PHE B 338 3.69 39.15 -4.95
N GLY B 339 4.20 40.35 -5.18
CA GLY B 339 5.10 40.98 -4.24
C GLY B 339 4.44 41.42 -2.96
N GLU B 340 3.16 41.81 -3.02
CA GLU B 340 2.46 42.31 -1.83
C GLU B 340 2.41 41.27 -0.72
N VAL B 341 2.53 39.99 -1.05
CA VAL B 341 2.41 38.93 -0.07
C VAL B 341 3.74 38.26 0.27
N PHE B 342 4.60 38.01 -0.73
CA PHE B 342 5.89 37.41 -0.43
C PHE B 342 6.83 38.42 0.20
N ASN B 343 6.56 39.71 -0.02
CA ASN B 343 7.37 40.78 0.53
C ASN B 343 6.54 41.71 1.42
N ALA B 344 5.77 41.15 2.33
CA ALA B 344 5.09 41.95 3.33
C ALA B 344 5.96 42.11 4.57
N THR B 345 5.90 43.31 5.16
CA THR B 345 6.59 43.58 6.43
C THR B 345 5.74 43.18 7.62
N ARG B 346 4.63 42.51 7.38
CA ARG B 346 3.74 42.06 8.43
C ARG B 346 3.25 40.66 8.09
N PHE B 347 3.27 39.78 9.08
CA PHE B 347 2.71 38.44 8.95
C PHE B 347 1.87 38.16 10.19
N ALA B 348 0.60 37.86 9.99
CA ALA B 348 -0.29 37.56 11.10
C ALA B 348 0.12 36.25 11.75
N SER B 349 -0.60 35.87 12.80
CA SER B 349 -0.34 34.66 13.55
C SER B 349 -1.23 33.52 13.06
N VAL B 350 -0.99 32.32 13.61
CA VAL B 350 -1.59 31.11 13.05
C VAL B 350 -3.09 31.01 13.26
N TYR B 351 -3.63 31.66 14.29
CA TYR B 351 -5.06 31.56 14.56
C TYR B 351 -5.85 32.75 14.01
N ALA B 352 -5.17 33.74 13.44
CA ALA B 352 -5.82 34.86 12.76
C ALA B 352 -5.11 35.13 11.43
N TRP B 353 -4.87 34.07 10.68
CA TRP B 353 -4.16 34.17 9.40
C TRP B 353 -4.87 35.12 8.44
N ASN B 354 -4.10 35.78 7.58
CA ASN B 354 -4.67 36.72 6.64
C ASN B 354 -4.76 36.12 5.24
N ARG B 355 -5.90 36.35 4.60
CA ARG B 355 -6.21 35.83 3.28
C ARG B 355 -6.31 36.98 2.30
N LYS B 356 -5.54 36.91 1.23
CA LYS B 356 -5.63 37.86 0.13
C LYS B 356 -6.09 37.15 -1.12
N ARG B 357 -7.13 37.67 -1.76
CA ARG B 357 -7.65 37.11 -2.99
C ARG B 357 -6.94 37.71 -4.19
N ILE B 358 -6.47 36.84 -5.08
CA ILE B 358 -5.79 37.24 -6.30
C ILE B 358 -6.69 36.94 -7.50
N SER B 359 -6.73 37.87 -8.44
CA SER B 359 -7.63 37.84 -9.58
C SER B 359 -7.12 38.81 -10.64
N ASN B 360 -7.64 38.64 -11.86
CA ASN B 360 -7.41 39.57 -12.98
C ASN B 360 -5.93 39.87 -13.16
N CYS B 361 -5.15 38.85 -13.52
CA CYS B 361 -3.74 39.03 -13.81
C CYS B 361 -3.16 37.72 -14.31
N VAL B 362 -2.16 37.83 -15.18
CA VAL B 362 -1.34 36.66 -15.49
C VAL B 362 -0.53 36.31 -14.26
N ALA B 363 -0.53 35.03 -13.90
CA ALA B 363 0.23 34.54 -12.76
C ALA B 363 1.46 33.81 -13.26
N ASP B 364 2.62 34.43 -13.08
CA ASP B 364 3.88 33.84 -13.51
C ASP B 364 4.55 33.19 -12.31
N TYR B 365 4.36 31.87 -12.20
CA TYR B 365 5.09 31.06 -11.24
C TYR B 365 6.50 30.76 -11.73
N SER B 366 6.88 31.29 -12.88
CA SER B 366 8.25 31.15 -13.38
C SER B 366 9.21 32.01 -12.60
N VAL B 367 8.73 33.14 -12.08
CA VAL B 367 9.54 33.97 -11.20
C VAL B 367 9.54 33.43 -9.78
N LEU B 368 8.88 32.30 -9.56
CA LEU B 368 8.76 31.65 -8.27
C LEU B 368 9.33 30.23 -8.26
N TYR B 369 9.23 29.51 -9.38
CA TYR B 369 9.63 28.11 -9.41
C TYR B 369 11.12 27.97 -9.71
N ASN B 370 11.63 28.80 -10.61
CA ASN B 370 13.07 28.89 -10.83
C ASN B 370 13.76 29.77 -9.80
N SER B 371 13.10 30.07 -8.69
CA SER B 371 13.66 30.86 -7.59
C SER B 371 13.97 29.93 -6.43
N ALA B 372 15.27 29.72 -6.18
CA ALA B 372 15.72 28.80 -5.13
C ALA B 372 15.90 29.59 -3.85
N SER B 373 14.79 30.01 -3.24
CA SER B 373 14.88 30.80 -2.02
C SER B 373 13.89 30.35 -0.95
N PHE B 374 13.17 29.25 -1.13
CA PHE B 374 12.21 28.78 -0.14
C PHE B 374 12.63 27.40 0.36
N SER B 375 12.19 27.07 1.56
CA SER B 375 12.52 25.81 2.20
C SER B 375 11.58 24.67 1.84
N THR B 376 10.32 24.96 1.50
CA THR B 376 9.37 23.92 1.11
C THR B 376 8.45 24.49 0.03
N PHE B 377 8.26 23.73 -1.05
CA PHE B 377 7.36 24.07 -2.16
C PHE B 377 6.62 22.79 -2.54
N LYS B 378 5.49 22.54 -1.87
CA LYS B 378 4.76 21.28 -2.01
C LYS B 378 3.38 21.53 -2.59
N CYS B 379 3.15 21.07 -3.81
CA CYS B 379 1.88 21.22 -4.48
C CYS B 379 1.08 19.94 -4.33
N TYR B 380 -0.24 20.08 -4.33
CA TYR B 380 -1.15 18.95 -4.14
C TYR B 380 -2.28 19.06 -5.16
N GLY B 381 -2.37 18.08 -6.04
CA GLY B 381 -3.32 18.09 -7.13
C GLY B 381 -2.81 18.70 -8.40
N VAL B 382 -1.68 19.41 -8.34
CA VAL B 382 -1.04 20.02 -9.50
C VAL B 382 0.44 19.72 -9.42
N SER B 383 1.15 20.05 -10.49
CA SER B 383 2.59 19.94 -10.53
C SER B 383 3.20 21.32 -10.71
N PRO B 384 4.11 21.74 -9.84
CA PRO B 384 4.54 23.15 -9.84
C PRO B 384 5.22 23.59 -11.12
N THR B 385 5.42 22.67 -12.07
CA THR B 385 6.02 23.01 -13.35
C THR B 385 5.00 23.21 -14.46
N LYS B 386 3.72 22.94 -14.21
CA LYS B 386 2.68 23.06 -15.22
C LYS B 386 1.68 24.15 -14.88
N LEU B 387 2.03 25.06 -13.97
CA LEU B 387 1.12 26.08 -13.51
C LEU B 387 0.96 27.22 -14.51
N ASN B 388 1.85 27.32 -15.49
CA ASN B 388 1.78 28.37 -16.50
C ASN B 388 0.95 27.97 -17.71
N ASP B 389 0.46 26.74 -17.75
CA ASP B 389 -0.39 26.28 -18.84
C ASP B 389 -1.86 26.25 -18.47
N LEU B 390 -2.19 26.42 -17.21
CA LEU B 390 -3.56 26.33 -16.73
C LEU B 390 -4.19 27.72 -16.66
N CYS B 391 -5.48 27.74 -16.33
CA CYS B 391 -6.16 28.97 -15.99
C CYS B 391 -7.05 28.69 -14.79
N PHE B 392 -7.12 29.67 -13.88
CA PHE B 392 -7.81 29.47 -12.62
C PHE B 392 -8.91 30.52 -12.46
N THR B 393 -9.88 30.17 -11.64
CA THR B 393 -11.03 31.03 -11.38
C THR B 393 -10.72 32.08 -10.33
N ASN B 394 -10.08 31.68 -9.23
CA ASN B 394 -9.67 32.59 -8.17
C ASN B 394 -8.32 32.12 -7.65
N VAL B 395 -7.70 32.96 -6.83
CA VAL B 395 -6.56 32.54 -6.01
C VAL B 395 -6.79 33.00 -4.58
N TYR B 396 -6.54 32.13 -3.62
CA TYR B 396 -6.48 32.52 -2.22
C TYR B 396 -5.07 32.35 -1.71
N ALA B 397 -4.44 33.43 -1.27
CA ALA B 397 -3.13 33.38 -0.66
C ALA B 397 -3.32 33.58 0.83
N ASP B 398 -3.04 32.53 1.61
CA ASP B 398 -3.09 32.62 3.06
C ASP B 398 -1.67 32.74 3.59
N SER B 399 -1.39 33.85 4.28
CA SER B 399 -0.01 34.16 4.62
C SER B 399 0.13 34.37 6.12
N PHE B 400 1.06 33.64 6.73
CA PHE B 400 1.23 33.74 8.17
C PHE B 400 2.63 33.25 8.54
N VAL B 401 2.85 33.01 9.85
CA VAL B 401 4.13 32.54 10.35
C VAL B 401 3.86 31.51 11.44
N ILE B 402 4.67 30.46 11.49
CA ILE B 402 4.48 29.35 12.42
C ILE B 402 5.81 29.03 13.09
N ARG B 403 5.75 28.09 14.02
CA ARG B 403 6.95 27.48 14.56
C ARG B 403 7.56 26.54 13.53
N GLY B 404 8.87 26.37 13.61
CA GLY B 404 9.58 25.64 12.57
C GLY B 404 9.23 24.16 12.53
N ASP B 405 8.65 23.65 13.62
CA ASP B 405 8.31 22.23 13.67
C ASP B 405 7.10 21.93 12.81
N GLU B 406 5.97 22.54 13.11
CA GLU B 406 4.72 22.19 12.44
C GLU B 406 4.61 22.85 11.07
N VAL B 407 5.64 22.64 10.24
CA VAL B 407 5.55 22.91 8.81
C VAL B 407 4.96 21.73 8.07
N ARG B 408 5.07 20.53 8.62
CA ARG B 408 4.36 19.35 8.11
C ARG B 408 2.92 19.32 8.58
N GLN B 409 2.50 20.29 9.38
CA GLN B 409 1.11 20.43 9.81
C GLN B 409 0.25 21.15 8.78
N ILE B 410 0.88 21.79 7.79
CA ILE B 410 0.17 22.38 6.68
C ILE B 410 0.23 21.38 5.54
N ALA B 411 -0.78 20.53 5.46
CA ALA B 411 -0.80 19.40 4.53
C ALA B 411 -2.25 18.94 4.39
N PRO B 412 -2.57 18.25 3.30
CA PRO B 412 -3.95 17.76 3.16
C PRO B 412 -4.21 16.52 3.99
N GLY B 413 -4.91 16.70 5.11
CA GLY B 413 -5.36 15.58 5.93
C GLY B 413 -4.36 15.22 7.00
N GLN B 414 -4.61 15.64 8.24
CA GLN B 414 -3.64 15.42 9.31
C GLN B 414 -4.24 15.79 10.65
N THR B 415 -3.53 15.41 11.70
CA THR B 415 -3.90 15.68 13.08
C THR B 415 -2.70 16.32 13.78
N GLY B 416 -2.97 17.36 14.55
CA GLY B 416 -1.94 18.07 15.25
C GLY B 416 -2.47 19.33 15.88
N LYS B 417 -1.76 19.78 16.92
CA LYS B 417 -2.25 20.89 17.73
C LYS B 417 -2.35 22.17 16.92
N ILE B 418 -1.50 22.32 15.91
CA ILE B 418 -1.64 23.45 14.99
C ILE B 418 -2.75 23.21 13.99
N ALA B 419 -2.84 22.00 13.45
CA ALA B 419 -3.86 21.67 12.46
C ALA B 419 -5.23 21.47 13.08
N ASP B 420 -5.31 21.06 14.34
CA ASP B 420 -6.61 20.78 14.93
C ASP B 420 -7.24 22.01 15.57
N TYR B 421 -6.50 23.11 15.73
CA TYR B 421 -7.03 24.27 16.42
C TYR B 421 -6.88 25.59 15.69
N ASN B 422 -5.83 25.81 14.88
CA ASN B 422 -5.58 27.14 14.34
C ASN B 422 -5.67 27.24 12.83
N TYR B 423 -5.49 26.14 12.10
CA TYR B 423 -5.56 26.20 10.64
C TYR B 423 -5.81 24.81 10.07
N LYS B 424 -6.77 24.70 9.16
CA LYS B 424 -7.11 23.42 8.57
C LYS B 424 -7.18 23.55 7.06
N LEU B 425 -6.75 22.50 6.37
CA LEU B 425 -6.97 22.35 4.95
C LEU B 425 -7.82 21.12 4.69
N PRO B 426 -8.73 21.17 3.73
CA PRO B 426 -9.54 19.99 3.43
C PRO B 426 -8.68 18.87 2.85
N ASP B 427 -9.19 17.65 2.98
CA ASP B 427 -8.52 16.53 2.32
C ASP B 427 -8.63 16.65 0.80
N ASP B 428 -9.62 17.42 0.33
CA ASP B 428 -9.77 17.71 -1.09
C ASP B 428 -9.06 19.01 -1.44
N PHE B 429 -7.80 19.10 -1.05
CA PHE B 429 -7.01 20.28 -1.31
C PHE B 429 -6.42 20.23 -2.72
N THR B 430 -6.22 21.42 -3.29
CA THR B 430 -5.60 21.53 -4.61
C THR B 430 -4.89 22.88 -4.68
N GLY B 431 -3.58 22.85 -4.55
CA GLY B 431 -2.79 24.06 -4.49
C GLY B 431 -1.44 23.78 -3.86
N CYS B 432 -0.62 24.82 -3.83
CA CYS B 432 0.75 24.68 -3.34
C CYS B 432 0.92 25.34 -1.97
N VAL B 433 1.93 24.86 -1.25
CA VAL B 433 2.29 25.33 0.07
C VAL B 433 3.77 25.68 0.04
N ILE B 434 4.09 26.94 0.35
CA ILE B 434 5.47 27.42 0.36
C ILE B 434 5.83 27.87 1.76
N ALA B 435 7.02 27.47 2.21
CA ALA B 435 7.50 27.88 3.52
C ALA B 435 8.97 28.23 3.44
N TRP B 436 9.34 29.34 4.09
CA TRP B 436 10.73 29.77 4.15
C TRP B 436 11.02 30.40 5.49
N ASN B 437 12.26 30.26 5.94
CA ASN B 437 12.61 30.55 7.33
C ASN B 437 12.61 32.05 7.61
N SER B 438 12.35 32.40 8.86
CA SER B 438 12.31 33.79 9.28
C SER B 438 12.61 33.91 10.76
N ASN B 439 13.83 34.32 11.08
CA ASN B 439 14.14 34.90 12.38
C ASN B 439 15.02 36.13 12.15
N ASN B 440 15.39 36.34 10.88
CA ASN B 440 16.11 37.54 10.47
C ASN B 440 15.19 38.69 10.12
N LEU B 441 13.89 38.51 10.26
CA LEU B 441 12.92 39.57 10.07
C LEU B 441 11.98 39.66 11.26
N TYR B 451 4.35 37.57 17.88
CA TYR B 451 4.01 36.39 17.08
C TYR B 451 3.24 35.39 17.93
N LEU B 452 2.16 35.88 18.55
CA LEU B 452 1.43 35.11 19.55
C LEU B 452 0.47 34.15 18.90
N TYR B 453 0.98 32.98 18.53
CA TYR B 453 0.29 31.89 17.86
C TYR B 453 -0.17 30.84 18.88
N ARG B 454 -0.50 29.64 18.40
CA ARG B 454 -0.76 28.49 19.27
C ARG B 454 -1.95 28.61 20.22
N LEU B 455 -3.16 28.62 19.66
CA LEU B 455 -4.41 28.62 20.41
C LEU B 455 -4.91 27.20 20.71
N PHE B 456 -5.81 27.05 21.68
CA PHE B 456 -6.40 25.76 22.07
C PHE B 456 -7.86 25.97 22.42
N ARG B 457 -8.74 25.06 21.98
CA ARG B 457 -10.18 25.32 22.00
C ARG B 457 -10.98 24.04 22.10
N LYS B 458 -12.28 24.19 21.81
CA LYS B 458 -13.25 23.10 21.69
C LYS B 458 -13.59 22.78 20.25
N SER B 459 -13.44 23.74 19.34
CA SER B 459 -13.98 23.68 17.98
C SER B 459 -13.42 22.50 17.18
N ASN B 460 -12.12 22.26 17.29
CA ASN B 460 -11.40 21.30 16.46
C ASN B 460 -11.45 21.68 14.98
N LEU B 461 -12.11 22.79 14.66
CA LEU B 461 -11.85 23.57 13.46
C LEU B 461 -11.98 22.81 12.14
N LYS B 462 -13.20 22.46 11.76
CA LYS B 462 -13.51 21.97 10.42
C LYS B 462 -12.94 22.94 9.39
N PRO B 463 -12.53 22.45 8.22
CA PRO B 463 -11.47 23.12 7.44
C PRO B 463 -11.80 24.56 7.01
N PHE B 464 -10.73 25.32 6.81
CA PHE B 464 -10.73 26.67 6.24
C PHE B 464 -11.51 27.69 7.07
N GLU B 465 -11.95 27.32 8.27
CA GLU B 465 -12.52 28.28 9.20
C GLU B 465 -11.48 28.67 10.23
N ARG B 466 -11.58 29.89 10.75
CA ARG B 466 -10.67 30.33 11.80
C ARG B 466 -11.46 30.94 12.95
N ASP B 467 -11.02 30.64 14.17
CA ASP B 467 -11.69 31.03 15.40
C ASP B 467 -10.86 32.09 16.11
N ILE B 468 -11.47 33.24 16.36
CA ILE B 468 -10.81 34.30 17.12
C ILE B 468 -11.71 34.72 18.28
N SER B 469 -11.18 34.59 19.50
CA SER B 469 -11.90 34.89 20.74
C SER B 469 -10.98 34.61 21.92
N THR B 470 -11.32 35.10 23.10
CA THR B 470 -10.58 34.77 24.32
C THR B 470 -11.52 34.59 25.51
N GLU B 471 -11.84 33.34 25.82
CA GLU B 471 -12.48 33.00 27.09
C GLU B 471 -11.77 31.80 27.68
N ILE B 472 -11.35 31.97 28.91
CA ILE B 472 -10.20 31.26 29.48
C ILE B 472 -10.52 29.80 29.78
N TYR B 473 -9.51 28.95 29.57
CA TYR B 473 -9.51 27.56 30.01
C TYR B 473 -9.02 27.43 31.44
N GLN B 474 -9.12 28.51 32.21
CA GLN B 474 -8.76 28.54 33.62
C GLN B 474 -9.90 27.96 34.45
N ALA B 475 -9.57 26.99 35.31
CA ALA B 475 -10.54 26.35 36.20
C ALA B 475 -10.00 26.38 37.62
N ASN B 487 -3.54 25.19 37.24
CA ASN B 487 -4.04 26.34 38.00
C ASN B 487 -4.86 27.27 37.11
N CYS B 488 -4.27 27.67 35.99
CA CYS B 488 -4.92 28.54 35.03
C CYS B 488 -4.34 28.26 33.65
N TYR B 489 -5.16 28.46 32.62
CA TYR B 489 -4.75 28.24 31.25
C TYR B 489 -5.32 29.36 30.38
N PHE B 490 -4.73 29.52 29.20
CA PHE B 490 -5.09 30.58 28.28
C PHE B 490 -4.87 30.10 26.85
N PRO B 491 -5.84 30.30 25.97
CA PRO B 491 -5.73 29.74 24.61
C PRO B 491 -4.80 30.53 23.70
N LEU B 492 -3.58 30.78 24.16
CA LEU B 492 -2.59 31.52 23.40
C LEU B 492 -1.22 31.26 24.03
N GLN B 493 -0.16 31.32 23.24
CA GLN B 493 1.18 31.05 23.76
C GLN B 493 2.20 31.85 22.97
N SER B 494 3.11 32.51 23.68
CA SER B 494 4.07 33.38 23.05
C SER B 494 5.12 32.54 22.30
N TYR B 495 5.77 33.20 21.35
CA TYR B 495 6.79 32.60 20.50
C TYR B 495 8.11 33.32 20.76
N GLY B 496 9.12 32.59 21.21
CA GLY B 496 10.44 33.14 21.41
C GLY B 496 11.35 32.97 20.20
N PHE B 497 12.50 33.60 20.27
CA PHE B 497 13.48 33.52 19.19
C PHE B 497 14.85 33.95 19.69
N VAL B 503 17.52 25.66 14.70
CA VAL B 503 16.45 25.45 13.74
C VAL B 503 15.30 24.69 14.40
N GLY B 504 14.08 25.01 13.99
CA GLY B 504 12.91 24.44 14.58
C GLY B 504 12.16 25.35 15.54
N TYR B 505 12.79 26.43 15.98
CA TYR B 505 12.10 27.42 16.81
C TYR B 505 12.38 28.83 16.28
N GLN B 506 12.52 28.95 14.97
CA GLN B 506 12.58 30.27 14.32
C GLN B 506 11.40 30.34 13.36
N PRO B 507 10.52 31.32 13.53
CA PRO B 507 9.20 31.27 12.88
C PRO B 507 9.25 31.25 11.36
N TYR B 508 8.84 30.13 10.76
CA TYR B 508 8.78 30.01 9.32
C TYR B 508 7.59 30.79 8.75
N ARG B 509 7.86 31.62 7.75
CA ARG B 509 6.80 32.26 7.00
C ARG B 509 6.21 31.28 5.99
N VAL B 510 4.88 31.20 5.96
CA VAL B 510 4.17 30.22 5.14
C VAL B 510 3.13 30.94 4.30
N VAL B 511 3.10 30.62 3.01
CA VAL B 511 2.10 31.10 2.07
C VAL B 511 1.42 29.89 1.43
N VAL B 512 0.10 29.83 1.55
CA VAL B 512 -0.70 28.71 1.07
C VAL B 512 -1.53 29.24 -0.08
N LEU B 513 -1.25 28.76 -1.30
CA LEU B 513 -2.05 29.15 -2.44
C LEU B 513 -3.20 28.16 -2.64
N SER B 514 -4.35 28.68 -3.04
CA SER B 514 -5.53 27.87 -3.21
C SER B 514 -6.17 28.22 -4.53
N PHE B 515 -6.28 27.22 -5.41
CA PHE B 515 -6.88 27.37 -6.72
C PHE B 515 -8.22 26.64 -6.76
N GLU B 516 -9.03 27.02 -7.73
CA GLU B 516 -10.23 26.26 -8.07
C GLU B 516 -10.24 26.07 -9.57
N LEU B 517 -10.59 24.87 -10.00
CA LEU B 517 -10.51 24.55 -11.42
C LEU B 517 -11.72 25.11 -12.16
N LEU B 518 -11.57 25.23 -13.47
CA LEU B 518 -12.53 25.99 -14.28
C LEU B 518 -13.90 25.35 -14.27
N HIS B 519 -14.87 26.08 -13.71
CA HIS B 519 -16.28 25.85 -13.97
C HIS B 519 -16.92 27.19 -14.31
N ALA B 520 -16.33 28.25 -13.79
CA ALA B 520 -16.64 29.64 -14.08
C ALA B 520 -15.58 30.21 -15.01
N PRO B 521 -15.78 31.42 -15.56
CA PRO B 521 -14.72 32.03 -16.39
C PRO B 521 -13.39 32.14 -15.68
N ALA B 522 -12.31 31.96 -16.42
CA ALA B 522 -10.99 32.16 -15.85
C ALA B 522 -10.65 33.65 -15.86
N THR B 523 -10.02 34.09 -14.79
CA THR B 523 -9.58 35.48 -14.69
C THR B 523 -8.12 35.64 -14.32
N VAL B 524 -7.53 34.74 -13.54
CA VAL B 524 -6.12 34.76 -13.21
C VAL B 524 -5.51 33.51 -13.83
N CYS B 525 -4.80 33.67 -14.94
CA CYS B 525 -4.47 32.48 -15.69
C CYS B 525 -3.19 32.70 -16.48
N GLY B 526 -2.46 31.60 -16.68
CA GLY B 526 -1.05 31.62 -17.00
C GLY B 526 -0.62 32.49 -18.16
N PRO B 527 0.66 32.84 -18.16
CA PRO B 527 1.21 33.64 -19.26
C PRO B 527 1.50 32.80 -20.50
N LYS B 528 0.48 32.61 -21.34
CA LYS B 528 0.62 31.80 -22.54
C LYS B 528 0.20 32.63 -23.75
N LYS B 529 1.00 32.60 -24.79
CA LYS B 529 0.77 33.43 -25.97
C LYS B 529 -0.31 32.81 -26.84
N SER B 530 -1.37 33.59 -27.09
CA SER B 530 -2.53 33.13 -27.85
C SER B 530 -2.27 33.29 -29.34
N THR B 531 -2.65 32.28 -30.12
CA THR B 531 -2.47 32.29 -31.56
C THR B 531 -3.81 32.43 -32.27
N ASN B 532 -3.74 32.39 -33.60
CA ASN B 532 -4.92 32.49 -34.43
C ASN B 532 -5.77 31.23 -34.30
N LEU B 533 -6.85 31.18 -35.06
CA LEU B 533 -7.72 30.01 -35.05
C LEU B 533 -8.18 29.70 -36.47
N VAL B 534 -8.41 28.41 -36.73
CA VAL B 534 -8.78 27.90 -38.04
C VAL B 534 -9.99 27.00 -37.88
N LYS B 535 -10.61 26.67 -39.01
CA LYS B 535 -11.83 25.87 -39.00
C LYS B 535 -11.78 24.80 -40.09
N ASN B 536 -12.58 23.75 -39.90
CA ASN B 536 -12.71 22.64 -40.83
C ASN B 536 -11.45 21.81 -40.96
N LYS B 537 -10.66 21.70 -39.90
CA LYS B 537 -9.52 20.80 -39.86
C LYS B 537 -9.40 20.20 -38.47
N CYS B 538 -9.15 18.90 -38.38
CA CYS B 538 -8.94 18.30 -37.08
C CYS B 538 -7.69 18.89 -36.46
N VAL B 539 -7.87 19.63 -35.36
CA VAL B 539 -6.82 20.41 -34.73
C VAL B 539 -6.78 20.09 -33.25
N ASN B 540 -5.67 20.48 -32.62
CA ASN B 540 -5.53 20.49 -31.17
C ASN B 540 -5.81 21.89 -30.66
N PHE B 541 -6.87 22.03 -29.88
CA PHE B 541 -7.21 23.33 -29.29
C PHE B 541 -6.90 23.33 -27.80
N ASN B 542 -6.64 24.52 -27.26
CA ASN B 542 -6.27 24.70 -25.86
C ASN B 542 -7.05 25.84 -25.23
N PHE B 543 -8.38 25.83 -25.39
CA PHE B 543 -9.23 26.94 -24.95
C PHE B 543 -9.16 27.10 -23.45
N ASN B 544 -8.40 28.10 -22.98
CA ASN B 544 -8.33 28.47 -21.56
C ASN B 544 -7.88 27.33 -20.67
N GLY B 545 -7.08 26.41 -21.21
CA GLY B 545 -6.69 25.22 -20.50
C GLY B 545 -7.45 23.97 -20.92
N LEU B 546 -8.72 24.11 -21.29
CA LEU B 546 -9.50 23.01 -21.84
C LEU B 546 -8.94 22.65 -23.21
N THR B 547 -8.15 21.59 -23.23
CA THR B 547 -7.50 21.19 -24.47
C THR B 547 -8.08 19.87 -24.98
N GLY B 548 -7.97 19.68 -26.29
CA GLY B 548 -8.55 18.52 -26.93
C GLY B 548 -8.30 18.57 -28.42
N THR B 549 -9.00 17.68 -29.13
CA THR B 549 -8.80 17.49 -30.57
C THR B 549 -10.14 17.36 -31.27
N GLY B 550 -10.29 18.08 -32.37
CA GLY B 550 -11.51 17.98 -33.15
C GLY B 550 -11.54 19.00 -34.26
N VAL B 551 -12.68 19.01 -34.95
CA VAL B 551 -12.93 19.97 -36.02
C VAL B 551 -13.96 21.00 -35.55
N LEU B 552 -13.61 22.27 -35.71
CA LEU B 552 -14.40 23.40 -35.25
C LEU B 552 -15.28 23.93 -36.37
N THR B 553 -16.34 24.64 -36.01
CA THR B 553 -17.27 25.17 -37.00
C THR B 553 -18.03 26.34 -36.40
N GLU B 554 -18.48 27.26 -37.27
CA GLU B 554 -19.41 28.30 -36.86
C GLU B 554 -20.75 27.66 -36.55
N SER B 555 -21.31 27.99 -35.39
CA SER B 555 -22.41 27.26 -34.81
C SER B 555 -23.69 28.10 -34.80
N ASN B 556 -24.83 27.41 -34.87
CA ASN B 556 -26.14 28.03 -34.75
C ASN B 556 -26.79 27.70 -33.41
N LYS B 557 -25.98 27.38 -32.40
CA LYS B 557 -26.47 27.18 -31.05
C LYS B 557 -26.68 28.53 -30.38
N LYS B 558 -27.82 28.68 -29.73
CA LYS B 558 -28.22 29.96 -29.16
C LYS B 558 -27.86 30.05 -27.68
N PHE B 559 -26.56 30.17 -27.42
CA PHE B 559 -26.09 30.45 -26.07
C PHE B 559 -26.74 31.74 -25.57
N LEU B 560 -26.73 31.90 -24.24
CA LEU B 560 -27.13 33.13 -23.58
C LEU B 560 -25.97 33.65 -22.75
N PRO B 561 -25.82 34.98 -22.65
CA PRO B 561 -24.54 35.58 -22.22
C PRO B 561 -23.82 34.90 -21.06
N PHE B 562 -24.58 34.30 -20.13
CA PHE B 562 -23.93 33.64 -19.02
C PHE B 562 -23.33 32.30 -19.42
N GLN B 563 -23.76 31.71 -20.53
CA GLN B 563 -23.34 30.37 -20.89
C GLN B 563 -21.99 30.39 -21.61
N GLN B 564 -21.14 29.45 -21.26
CA GLN B 564 -19.76 29.42 -21.75
C GLN B 564 -19.46 28.26 -22.68
N PHE B 565 -19.66 27.01 -22.25
CA PHE B 565 -19.44 25.88 -23.13
C PHE B 565 -20.60 24.91 -22.98
N GLY B 566 -20.95 24.25 -24.08
CA GLY B 566 -22.08 23.35 -24.12
C GLY B 566 -21.63 21.91 -23.93
N ARG B 567 -22.63 21.02 -23.82
CA ARG B 567 -22.40 19.60 -23.73
C ARG B 567 -23.72 18.87 -23.86
N ASP B 568 -23.68 17.71 -24.51
CA ASP B 568 -24.87 16.86 -24.55
C ASP B 568 -24.83 15.80 -23.47
N ILE B 569 -23.89 14.87 -23.56
CA ILE B 569 -23.79 13.77 -22.61
C ILE B 569 -22.31 13.58 -22.27
N ALA B 570 -22.03 12.54 -21.49
CA ALA B 570 -20.68 11.98 -21.30
C ALA B 570 -19.66 12.99 -20.78
N ASP B 571 -20.12 14.18 -20.37
CA ASP B 571 -19.23 15.24 -19.89
C ASP B 571 -18.18 15.60 -20.95
N THR B 572 -18.58 15.54 -22.21
CA THR B 572 -17.74 15.95 -23.33
C THR B 572 -18.22 17.29 -23.84
N THR B 573 -17.30 18.21 -24.02
CA THR B 573 -17.60 19.54 -24.53
C THR B 573 -18.02 19.47 -25.99
N ASP B 574 -19.03 20.23 -26.35
CA ASP B 574 -19.52 20.27 -27.72
C ASP B 574 -19.38 21.63 -28.38
N ALA B 575 -19.64 22.71 -27.66
CA ALA B 575 -19.38 24.04 -28.17
C ALA B 575 -18.53 24.79 -27.16
N VAL B 576 -17.98 25.89 -27.60
CA VAL B 576 -17.19 26.75 -26.72
C VAL B 576 -17.49 28.19 -27.09
N ARG B 577 -17.23 29.10 -26.15
CA ARG B 577 -17.24 30.53 -26.45
C ARG B 577 -15.80 30.96 -26.62
N ASP B 578 -15.49 31.57 -27.75
CA ASP B 578 -14.13 32.05 -27.99
C ASP B 578 -13.75 33.07 -26.92
N PRO B 579 -12.68 32.83 -26.15
CA PRO B 579 -12.31 33.80 -25.11
C PRO B 579 -11.93 35.16 -25.64
N GLN B 580 -11.40 35.25 -26.85
CA GLN B 580 -10.89 36.52 -27.37
C GLN B 580 -11.87 37.25 -28.27
N THR B 581 -12.83 36.56 -28.87
CA THR B 581 -13.80 37.26 -29.70
C THR B 581 -15.25 36.92 -29.37
N LEU B 582 -15.47 36.14 -28.32
CA LEU B 582 -16.83 35.79 -27.88
C LEU B 582 -17.67 34.99 -28.88
N GLU B 583 -17.00 34.32 -29.81
CA GLU B 583 -17.65 33.49 -30.81
C GLU B 583 -17.90 32.11 -30.25
N ILE B 584 -19.04 31.53 -30.62
CA ILE B 584 -19.41 30.18 -30.20
C ILE B 584 -19.07 29.22 -31.32
N LEU B 585 -18.23 28.24 -31.02
CA LEU B 585 -17.74 27.27 -31.98
C LEU B 585 -18.24 25.89 -31.65
N ASP B 586 -18.73 25.19 -32.66
CA ASP B 586 -19.15 23.80 -32.58
C ASP B 586 -17.95 22.88 -32.78
N ILE B 587 -17.91 21.80 -32.02
CA ILE B 587 -16.80 20.85 -32.05
C ILE B 587 -17.36 19.49 -32.47
N THR B 588 -16.70 18.84 -33.43
CA THR B 588 -17.04 17.49 -33.86
C THR B 588 -15.79 16.61 -33.89
N PRO B 589 -15.91 15.33 -33.52
CA PRO B 589 -14.76 14.43 -33.66
C PRO B 589 -14.39 14.22 -35.12
N CYS B 590 -13.09 14.26 -35.41
CA CYS B 590 -12.67 13.97 -36.77
C CYS B 590 -12.75 12.46 -37.03
N SER B 591 -12.79 12.11 -38.31
CA SER B 591 -13.28 10.81 -38.72
C SER B 591 -12.39 9.68 -38.26
N PHE B 592 -13.01 8.57 -37.89
CA PHE B 592 -12.31 7.39 -37.42
C PHE B 592 -13.15 6.18 -37.76
N GLY B 593 -12.50 5.03 -37.85
CA GLY B 593 -13.23 3.82 -38.18
C GLY B 593 -12.34 2.61 -38.17
N GLY B 594 -12.93 1.49 -38.56
CA GLY B 594 -12.21 0.25 -38.68
C GLY B 594 -11.81 -0.03 -40.11
N VAL B 595 -10.78 -0.85 -40.27
CA VAL B 595 -10.26 -1.18 -41.59
C VAL B 595 -10.35 -2.69 -41.76
N SER B 596 -11.00 -3.12 -42.84
CA SER B 596 -11.04 -4.54 -43.16
C SER B 596 -10.38 -4.77 -44.52
N VAL B 597 -9.83 -5.96 -44.71
CA VAL B 597 -9.17 -6.28 -45.96
C VAL B 597 -9.76 -7.56 -46.52
N ILE B 598 -10.18 -7.50 -47.77
CA ILE B 598 -10.83 -8.56 -48.51
C ILE B 598 -9.78 -9.26 -49.37
N THR B 599 -9.68 -10.58 -49.22
CA THR B 599 -8.71 -11.36 -49.95
C THR B 599 -9.35 -12.62 -50.53
N PRO B 600 -9.03 -12.97 -51.77
CA PRO B 600 -9.45 -14.27 -52.31
C PRO B 600 -8.68 -15.46 -51.80
N GLY B 601 -7.79 -15.29 -50.82
CA GLY B 601 -6.90 -16.32 -50.38
C GLY B 601 -5.55 -16.21 -51.05
N THR B 602 -4.51 -16.49 -50.27
CA THR B 602 -3.15 -16.43 -50.79
C THR B 602 -2.82 -17.61 -51.68
N ASN B 603 -3.54 -18.72 -51.55
CA ASN B 603 -3.36 -19.81 -52.50
C ASN B 603 -3.87 -19.42 -53.86
N THR B 604 -4.85 -18.53 -53.90
CA THR B 604 -5.44 -18.08 -55.16
C THR B 604 -4.57 -17.00 -55.81
N SER B 605 -4.79 -15.75 -55.42
CA SER B 605 -4.03 -14.64 -55.96
C SER B 605 -3.57 -13.69 -54.85
N ASN B 606 -2.42 -13.06 -55.06
CA ASN B 606 -1.86 -12.14 -54.08
C ASN B 606 -2.48 -10.75 -54.19
N GLN B 607 -3.79 -10.70 -54.31
CA GLN B 607 -4.51 -9.43 -54.43
C GLN B 607 -5.16 -9.05 -53.10
N VAL B 608 -5.68 -7.83 -53.03
CA VAL B 608 -6.32 -7.34 -51.83
C VAL B 608 -7.20 -6.14 -52.16
N ALA B 609 -8.35 -6.04 -51.48
CA ALA B 609 -9.16 -4.83 -51.48
C ALA B 609 -9.40 -4.39 -50.05
N VAL B 610 -9.67 -3.11 -49.84
CA VAL B 610 -9.69 -2.55 -48.50
C VAL B 610 -10.98 -1.78 -48.28
N LEU B 611 -11.63 -2.00 -47.14
CA LEU B 611 -12.85 -1.31 -46.77
C LEU B 611 -12.59 -0.43 -45.55
N TYR B 612 -12.87 0.85 -45.69
CA TYR B 612 -12.81 1.83 -44.61
C TYR B 612 -14.21 2.03 -44.09
N GLN B 613 -14.49 1.47 -42.92
CA GLN B 613 -15.85 1.31 -42.45
C GLN B 613 -16.42 2.61 -41.94
N ASP B 614 -17.55 3.02 -42.50
CA ASP B 614 -18.32 4.18 -42.04
C ASP B 614 -17.51 5.47 -42.20
N VAL B 615 -17.09 5.74 -43.44
CA VAL B 615 -16.36 6.95 -43.73
C VAL B 615 -16.67 7.36 -45.15
N ASN B 616 -16.48 8.64 -45.46
CA ASN B 616 -16.66 9.12 -46.82
C ASN B 616 -15.46 8.73 -47.65
N CYS B 617 -15.70 8.39 -48.91
CA CYS B 617 -14.61 7.92 -49.75
C CYS B 617 -13.89 9.14 -50.29
N THR B 618 -13.58 10.08 -49.39
CA THR B 618 -13.00 11.36 -49.74
C THR B 618 -11.98 11.85 -48.71
N GLU B 619 -11.78 11.13 -47.61
CA GLU B 619 -10.74 11.44 -46.65
C GLU B 619 -9.90 10.19 -46.39
N VAL B 620 -9.46 9.56 -47.47
CA VAL B 620 -8.62 8.39 -47.34
C VAL B 620 -7.33 8.57 -48.15
N THR B 638 -2.96 2.70 -52.89
CA THR B 638 -4.36 2.61 -52.55
C THR B 638 -5.07 3.93 -52.79
N GLY B 639 -5.10 4.37 -54.05
CA GLY B 639 -5.76 5.61 -54.39
C GLY B 639 -6.48 5.69 -55.72
N SER B 640 -6.91 4.57 -56.28
CA SER B 640 -7.71 4.59 -57.51
C SER B 640 -8.62 3.37 -57.52
N ASN B 641 -9.77 3.50 -58.19
CA ASN B 641 -10.88 2.55 -58.17
C ASN B 641 -11.68 2.59 -56.88
N VAL B 642 -11.86 3.77 -56.31
CA VAL B 642 -12.67 3.90 -55.10
C VAL B 642 -14.15 3.75 -55.45
N PHE B 643 -14.93 3.32 -54.47
CA PHE B 643 -16.35 3.02 -54.66
C PHE B 643 -17.02 3.15 -53.30
N GLN B 644 -18.09 3.93 -53.22
CA GLN B 644 -18.72 4.22 -51.94
C GLN B 644 -19.96 3.35 -51.74
N THR B 645 -19.95 2.55 -50.70
CA THR B 645 -21.10 1.73 -50.36
C THR B 645 -21.78 2.28 -49.12
N ARG B 646 -22.79 1.57 -48.63
CA ARG B 646 -23.47 1.91 -47.39
C ARG B 646 -22.72 1.42 -46.17
N ALA B 647 -21.71 0.57 -46.36
CA ALA B 647 -20.91 0.03 -45.27
C ALA B 647 -19.59 0.77 -45.10
N GLY B 648 -19.22 1.64 -46.03
CA GLY B 648 -17.99 2.39 -45.95
C GLY B 648 -17.47 2.76 -47.33
N CYS B 649 -16.16 2.85 -47.44
CA CYS B 649 -15.51 3.21 -48.69
C CYS B 649 -14.58 2.08 -49.10
N LEU B 650 -14.77 1.59 -50.33
CA LEU B 650 -14.06 0.43 -50.85
C LEU B 650 -13.00 0.88 -51.84
N ILE B 651 -11.78 0.34 -51.69
CA ILE B 651 -10.67 0.69 -52.55
C ILE B 651 -10.03 -0.59 -53.03
N GLY B 652 -9.98 -0.79 -54.35
CA GLY B 652 -9.36 -1.96 -54.92
C GLY B 652 -10.29 -2.96 -55.56
N ALA B 653 -11.54 -2.58 -55.82
CA ALA B 653 -12.50 -3.46 -56.46
C ALA B 653 -13.30 -2.66 -57.48
N GLU B 654 -13.62 -3.29 -58.59
CA GLU B 654 -14.43 -2.64 -59.62
C GLU B 654 -15.89 -3.03 -59.44
N HIS B 655 -16.76 -2.05 -59.64
CA HIS B 655 -18.19 -2.23 -59.48
C HIS B 655 -18.81 -2.69 -60.80
N VAL B 656 -19.47 -3.83 -60.78
CA VAL B 656 -20.12 -4.36 -61.96
C VAL B 656 -21.63 -4.19 -61.82
N ASN B 657 -22.35 -4.27 -62.95
CA ASN B 657 -23.80 -4.20 -62.96
C ASN B 657 -24.46 -5.55 -62.75
N ASN B 658 -23.74 -6.65 -62.91
CA ASN B 658 -24.32 -7.97 -62.81
C ASN B 658 -24.75 -8.28 -61.38
N SER B 659 -25.25 -9.48 -61.18
CA SER B 659 -25.52 -10.01 -59.85
C SER B 659 -25.18 -11.48 -59.83
N TYR B 660 -24.60 -11.93 -58.72
CA TYR B 660 -24.20 -13.31 -58.55
C TYR B 660 -24.62 -13.73 -57.16
N GLU B 661 -24.41 -15.00 -56.84
CA GLU B 661 -24.58 -15.44 -55.47
C GLU B 661 -23.44 -14.91 -54.61
N CYS B 662 -23.70 -14.71 -53.33
CA CYS B 662 -22.71 -14.06 -52.48
C CYS B 662 -21.49 -14.96 -52.30
N ASP B 663 -20.31 -14.33 -52.31
CA ASP B 663 -19.06 -15.04 -52.08
C ASP B 663 -18.39 -14.52 -50.81
N ILE B 664 -18.05 -13.24 -50.77
CA ILE B 664 -17.54 -12.59 -49.57
C ILE B 664 -18.49 -11.44 -49.24
N PRO B 665 -19.16 -11.46 -48.09
CA PRO B 665 -20.14 -10.42 -47.76
C PRO B 665 -19.46 -9.13 -47.34
N ILE B 666 -19.83 -8.03 -47.98
CA ILE B 666 -19.31 -6.73 -47.57
C ILE B 666 -20.34 -6.10 -46.66
N GLY B 667 -21.60 -6.15 -47.04
CA GLY B 667 -22.69 -5.67 -46.22
C GLY B 667 -23.65 -4.82 -47.00
N ALA B 668 -24.83 -4.61 -46.42
CA ALA B 668 -25.93 -3.84 -47.02
C ALA B 668 -26.20 -4.28 -48.44
N GLY B 669 -26.24 -5.59 -48.65
CA GLY B 669 -26.53 -6.15 -49.93
C GLY B 669 -25.35 -6.35 -50.85
N ILE B 670 -24.16 -5.87 -50.49
CA ILE B 670 -23.00 -5.86 -51.39
C ILE B 670 -22.09 -7.03 -51.03
N CYS B 671 -21.69 -7.79 -52.04
CA CYS B 671 -20.76 -8.90 -51.92
C CYS B 671 -19.60 -8.69 -52.88
N ALA B 672 -18.52 -9.44 -52.66
CA ALA B 672 -17.29 -9.26 -53.41
C ALA B 672 -16.73 -10.62 -53.79
N SER B 673 -16.14 -10.68 -54.99
CA SER B 673 -15.62 -11.95 -55.48
C SER B 673 -14.35 -11.72 -56.28
N TYR B 674 -13.66 -12.81 -56.58
CA TYR B 674 -12.44 -12.79 -57.37
C TYR B 674 -12.72 -13.41 -58.73
N GLN B 675 -12.92 -12.56 -59.73
CA GLN B 675 -13.10 -12.98 -61.11
C GLN B 675 -13.31 -11.76 -62.00
N THR B 676 -13.33 -11.97 -63.30
CA THR B 676 -13.78 -10.96 -64.25
C THR B 676 -12.97 -9.66 -64.16
N GLN B 690 -9.03 -11.68 -64.11
CA GLN B 690 -9.62 -11.62 -62.78
C GLN B 690 -9.02 -10.48 -61.98
N SER B 691 -9.83 -9.57 -61.46
CA SER B 691 -9.22 -8.64 -60.53
C SER B 691 -9.77 -8.72 -59.11
N ILE B 692 -10.91 -8.12 -58.84
CA ILE B 692 -11.76 -8.29 -57.64
C ILE B 692 -12.98 -7.44 -57.95
N ILE B 693 -14.17 -7.94 -57.68
CA ILE B 693 -15.39 -7.26 -58.09
C ILE B 693 -16.31 -7.11 -56.90
N ALA B 694 -17.09 -6.02 -56.92
CA ALA B 694 -18.09 -5.73 -55.92
C ALA B 694 -19.43 -5.59 -56.61
N TYR B 695 -20.43 -6.34 -56.16
CA TYR B 695 -21.72 -6.39 -56.84
C TYR B 695 -22.85 -6.47 -55.82
N THR B 696 -24.06 -6.26 -56.30
CA THR B 696 -25.26 -6.51 -55.52
C THR B 696 -25.68 -7.97 -55.65
N MET B 697 -25.84 -8.66 -54.53
CA MET B 697 -26.02 -10.11 -54.56
C MET B 697 -27.40 -10.49 -55.09
N SER B 698 -27.43 -11.61 -55.81
CA SER B 698 -28.68 -12.16 -56.31
C SER B 698 -29.24 -13.13 -55.29
N LEU B 699 -30.56 -13.20 -55.23
CA LEU B 699 -31.22 -14.04 -54.25
C LEU B 699 -31.48 -15.44 -54.78
N GLY B 700 -31.52 -15.61 -56.07
CA GLY B 700 -31.73 -16.91 -56.67
C GLY B 700 -32.37 -16.74 -58.03
N ALA B 701 -32.51 -17.87 -58.70
CA ALA B 701 -33.21 -17.88 -59.97
C ALA B 701 -34.68 -17.57 -59.75
N GLU B 702 -35.31 -17.07 -60.79
CA GLU B 702 -36.69 -16.64 -60.70
C GLU B 702 -37.55 -17.52 -61.60
N ASN B 703 -38.76 -17.82 -61.15
CA ASN B 703 -39.64 -18.56 -62.05
C ASN B 703 -41.09 -18.38 -61.66
N SER B 704 -41.92 -18.20 -62.67
CA SER B 704 -43.36 -18.22 -62.55
C SER B 704 -43.86 -19.65 -62.65
N VAL B 705 -44.74 -20.01 -61.73
CA VAL B 705 -45.44 -21.28 -61.76
C VAL B 705 -46.58 -21.13 -62.75
N ALA B 706 -46.88 -22.21 -63.46
CA ALA B 706 -47.92 -22.18 -64.49
C ALA B 706 -49.31 -22.38 -63.88
N TYR B 707 -49.67 -21.51 -62.96
CA TYR B 707 -50.92 -21.64 -62.25
C TYR B 707 -52.10 -21.33 -63.15
N SER B 708 -53.12 -22.18 -63.11
CA SER B 708 -54.43 -21.86 -63.67
C SER B 708 -55.51 -22.49 -62.80
N ASN B 709 -56.78 -22.28 -63.13
CA ASN B 709 -57.82 -22.79 -62.26
C ASN B 709 -58.25 -24.21 -62.57
N ASN B 710 -57.66 -24.87 -63.57
CA ASN B 710 -57.96 -26.27 -63.79
C ASN B 710 -56.75 -27.05 -64.27
N SER B 711 -55.55 -26.66 -63.86
CA SER B 711 -54.32 -27.33 -64.25
C SER B 711 -53.66 -27.96 -63.03
N ILE B 712 -53.03 -29.11 -63.23
CA ILE B 712 -52.34 -29.81 -62.16
C ILE B 712 -51.05 -30.42 -62.72
N ALA B 713 -50.09 -30.68 -61.84
CA ALA B 713 -48.84 -31.35 -62.19
C ALA B 713 -48.64 -32.55 -61.29
N ILE B 714 -48.45 -33.72 -61.89
CA ILE B 714 -48.30 -34.97 -61.15
C ILE B 714 -46.93 -35.54 -61.47
N PRO B 715 -46.19 -36.07 -60.50
CA PRO B 715 -44.90 -36.69 -60.79
C PRO B 715 -45.03 -38.09 -61.37
N THR B 716 -44.11 -38.42 -62.26
CA THR B 716 -44.11 -39.75 -62.89
C THR B 716 -42.92 -40.63 -62.49
N ASN B 717 -42.03 -40.09 -61.66
CA ASN B 717 -40.87 -40.83 -61.21
C ASN B 717 -40.44 -40.27 -59.86
N PHE B 718 -39.36 -40.80 -59.31
CA PHE B 718 -38.83 -40.32 -58.05
C PHE B 718 -37.33 -40.58 -58.00
N THR B 719 -36.67 -39.91 -57.06
CA THR B 719 -35.32 -40.24 -56.66
C THR B 719 -35.27 -40.51 -55.16
N ILE B 720 -34.29 -41.32 -54.77
CA ILE B 720 -33.97 -41.58 -53.38
C ILE B 720 -32.75 -40.75 -53.00
N SER B 721 -32.90 -39.85 -52.03
CA SER B 721 -31.81 -39.01 -51.58
C SER B 721 -31.30 -39.49 -50.22
N VAL B 722 -30.01 -39.28 -49.98
CA VAL B 722 -29.44 -39.38 -48.64
C VAL B 722 -28.59 -38.13 -48.39
N THR B 723 -28.79 -37.51 -47.24
CA THR B 723 -28.06 -36.30 -46.88
C THR B 723 -27.57 -36.38 -45.45
N THR B 724 -26.47 -35.71 -45.17
CA THR B 724 -25.87 -35.70 -43.85
C THR B 724 -26.34 -34.50 -43.04
N GLU B 725 -26.35 -34.71 -41.73
CA GLU B 725 -26.50 -33.63 -40.76
C GLU B 725 -25.53 -33.90 -39.62
N ILE B 726 -24.83 -32.89 -39.15
CA ILE B 726 -23.77 -33.06 -38.16
C ILE B 726 -24.09 -32.17 -36.96
N LEU B 727 -23.98 -32.75 -35.76
CA LEU B 727 -24.32 -32.00 -34.56
C LEU B 727 -23.31 -32.28 -33.45
N PRO B 728 -22.88 -31.24 -32.73
CA PRO B 728 -22.03 -31.45 -31.56
C PRO B 728 -22.83 -31.96 -30.36
N VAL B 729 -22.21 -32.83 -29.56
CA VAL B 729 -22.87 -33.27 -28.35
C VAL B 729 -22.05 -33.01 -27.08
N SER B 730 -20.75 -32.74 -27.14
CA SER B 730 -20.01 -32.49 -25.91
C SER B 730 -18.76 -31.66 -26.17
N MET B 731 -18.24 -31.07 -25.09
CA MET B 731 -16.94 -30.40 -25.01
C MET B 731 -15.99 -31.19 -24.13
N THR B 732 -14.72 -30.80 -24.17
CA THR B 732 -13.71 -31.38 -23.30
C THR B 732 -13.91 -30.93 -21.86
N LYS B 733 -13.72 -31.86 -20.94
CA LYS B 733 -13.86 -31.62 -19.51
C LYS B 733 -12.52 -31.16 -18.97
N THR B 734 -12.47 -29.92 -18.53
CA THR B 734 -11.26 -29.37 -17.97
C THR B 734 -11.54 -28.90 -16.55
N SER B 735 -10.48 -28.91 -15.75
CA SER B 735 -10.53 -28.38 -14.40
C SER B 735 -9.33 -27.47 -14.20
N VAL B 736 -9.52 -26.44 -13.39
CA VAL B 736 -8.43 -25.55 -13.00
C VAL B 736 -8.39 -25.52 -11.48
N ASP B 737 -7.20 -25.65 -10.93
CA ASP B 737 -6.96 -25.41 -9.52
C ASP B 737 -6.75 -23.91 -9.33
N CYS B 738 -7.74 -23.23 -8.77
CA CYS B 738 -7.68 -21.78 -8.61
C CYS B 738 -6.43 -21.34 -7.87
N THR B 739 -6.12 -22.00 -6.74
CA THR B 739 -4.97 -21.61 -5.94
C THR B 739 -3.66 -21.81 -6.68
N MET B 740 -3.53 -22.87 -7.46
CA MET B 740 -2.26 -23.13 -8.14
C MET B 740 -2.10 -22.29 -9.39
N TYR B 741 -3.19 -21.84 -9.99
CA TYR B 741 -3.08 -20.90 -11.10
C TYR B 741 -2.70 -19.52 -10.59
N ILE B 742 -3.34 -19.09 -9.50
CA ILE B 742 -3.11 -17.74 -9.00
C ILE B 742 -1.77 -17.58 -8.30
N CYS B 743 -1.35 -18.57 -7.51
CA CYS B 743 -0.23 -18.39 -6.60
C CYS B 743 0.98 -19.26 -6.94
N GLY B 744 0.78 -20.33 -7.69
CA GLY B 744 1.90 -21.16 -8.10
C GLY B 744 2.67 -21.83 -7.00
N ASP B 745 1.99 -22.28 -5.94
CA ASP B 745 2.61 -22.98 -4.82
C ASP B 745 3.70 -22.14 -4.16
N SER B 746 3.27 -21.00 -3.62
CA SER B 746 4.06 -20.16 -2.73
C SER B 746 3.18 -19.73 -1.57
N THR B 747 3.70 -19.88 -0.35
CA THR B 747 2.88 -19.69 0.85
C THR B 747 2.41 -18.25 1.02
N GLU B 748 3.23 -17.29 0.60
CA GLU B 748 2.91 -15.89 0.83
C GLU B 748 1.79 -15.38 -0.05
N CYS B 749 1.75 -15.77 -1.33
CA CYS B 749 0.56 -15.59 -2.13
C CYS B 749 -0.65 -16.30 -1.54
N SER B 750 -0.47 -17.49 -0.99
CA SER B 750 -1.60 -18.25 -0.49
C SER B 750 -2.26 -17.58 0.70
N ASN B 751 -1.48 -17.04 1.63
CA ASN B 751 -2.09 -16.37 2.77
C ASN B 751 -2.78 -15.08 2.37
N LEU B 752 -2.25 -14.38 1.36
CA LEU B 752 -2.92 -13.18 0.87
C LEU B 752 -4.21 -13.51 0.14
N LEU B 753 -4.23 -14.62 -0.62
CA LEU B 753 -5.42 -15.01 -1.35
C LEU B 753 -6.49 -15.58 -0.42
N LEU B 754 -6.09 -16.15 0.70
CA LEU B 754 -7.04 -16.59 1.72
C LEU B 754 -7.96 -15.48 2.19
N GLN B 755 -7.61 -14.21 1.91
CA GLN B 755 -8.37 -13.06 2.38
C GLN B 755 -9.55 -12.73 1.49
N TYR B 756 -9.76 -13.47 0.40
CA TYR B 756 -10.80 -13.14 -0.55
C TYR B 756 -12.05 -13.97 -0.37
N GLY B 757 -12.05 -14.91 0.56
CA GLY B 757 -13.27 -15.65 0.83
C GLY B 757 -13.38 -16.88 -0.02
N SER B 758 -14.58 -17.16 -0.50
CA SER B 758 -14.85 -18.37 -1.26
C SER B 758 -14.89 -18.13 -2.75
N PHE B 759 -14.07 -17.23 -3.29
CA PHE B 759 -14.06 -17.00 -4.72
C PHE B 759 -13.58 -18.21 -5.50
N CYS B 760 -12.62 -18.95 -4.98
CA CYS B 760 -12.07 -20.10 -5.67
C CYS B 760 -12.92 -21.35 -5.52
N THR B 761 -13.68 -21.48 -4.44
CA THR B 761 -14.61 -22.60 -4.29
C THR B 761 -15.76 -22.51 -5.28
N GLN B 762 -16.26 -21.30 -5.51
CA GLN B 762 -17.30 -21.09 -6.50
C GLN B 762 -16.83 -21.47 -7.89
N LEU B 763 -15.61 -21.10 -8.26
CA LEU B 763 -15.14 -21.38 -9.61
C LEU B 763 -14.97 -22.87 -9.85
N ASN B 764 -14.46 -23.60 -8.86
CA ASN B 764 -14.34 -25.04 -9.00
C ASN B 764 -15.70 -25.72 -9.05
N ARG B 765 -16.68 -25.24 -8.29
CA ARG B 765 -18.02 -25.77 -8.44
C ARG B 765 -18.57 -25.53 -9.84
N ALA B 766 -18.36 -24.33 -10.37
CA ALA B 766 -18.86 -24.00 -11.69
C ALA B 766 -18.24 -24.91 -12.75
N LEU B 767 -16.94 -25.12 -12.69
CA LEU B 767 -16.31 -25.99 -13.67
C LEU B 767 -16.67 -27.46 -13.49
N THR B 768 -16.93 -27.91 -12.28
CA THR B 768 -17.30 -29.30 -12.08
C THR B 768 -18.70 -29.60 -12.59
N GLY B 769 -19.63 -28.66 -12.42
CA GLY B 769 -20.95 -28.83 -13.00
C GLY B 769 -20.93 -29.00 -14.51
N ILE B 770 -20.14 -28.19 -15.20
CA ILE B 770 -19.95 -28.29 -16.64
C ILE B 770 -19.47 -29.67 -17.05
N ALA B 771 -18.47 -30.22 -16.34
CA ALA B 771 -17.92 -31.51 -16.67
C ALA B 771 -18.87 -32.65 -16.40
N VAL B 772 -19.72 -32.53 -15.38
CA VAL B 772 -20.73 -33.56 -15.16
C VAL B 772 -21.83 -33.48 -16.21
N GLU B 773 -22.09 -32.29 -16.75
CA GLU B 773 -23.12 -32.16 -17.78
C GLU B 773 -22.69 -32.78 -19.11
N GLN B 774 -21.39 -32.84 -19.38
CA GLN B 774 -20.92 -33.35 -20.66
C GLN B 774 -21.13 -34.86 -20.79
N ASP B 775 -21.16 -35.59 -19.70
CA ASP B 775 -21.44 -37.01 -19.77
C ASP B 775 -22.92 -37.31 -19.90
N LYS B 776 -23.75 -36.48 -19.32
CA LYS B 776 -25.18 -36.61 -19.46
C LYS B 776 -25.66 -36.25 -20.86
N ASN B 777 -25.00 -35.27 -21.51
CA ASN B 777 -25.23 -35.01 -22.92
C ASN B 777 -25.10 -36.28 -23.76
N THR B 778 -24.00 -37.01 -23.58
CA THR B 778 -23.71 -38.20 -24.37
C THR B 778 -24.61 -39.37 -24.00
N GLN B 779 -24.90 -39.53 -22.72
CA GLN B 779 -25.85 -40.56 -22.32
C GLN B 779 -27.22 -40.32 -22.92
N GLU B 780 -27.64 -39.06 -23.01
CA GLU B 780 -28.95 -38.77 -23.56
C GLU B 780 -29.00 -38.93 -25.07
N VAL B 781 -27.90 -38.70 -25.78
CA VAL B 781 -27.96 -38.90 -27.23
C VAL B 781 -27.85 -40.39 -27.59
N PHE B 782 -26.92 -41.11 -26.97
CA PHE B 782 -26.55 -42.42 -27.52
C PHE B 782 -27.14 -43.61 -26.77
N ALA B 783 -27.30 -43.56 -25.47
CA ALA B 783 -27.78 -44.72 -24.71
C ALA B 783 -29.31 -44.79 -24.72
N GLN B 784 -29.86 -44.77 -25.95
CA GLN B 784 -31.29 -44.79 -26.19
C GLN B 784 -31.81 -46.16 -26.54
N VAL B 785 -31.18 -47.21 -26.03
CA VAL B 785 -31.53 -48.55 -26.46
C VAL B 785 -31.37 -49.49 -25.28
N LYS B 786 -32.33 -50.40 -25.13
CA LYS B 786 -32.31 -51.34 -24.02
C LYS B 786 -31.23 -52.41 -24.21
N GLN B 787 -31.28 -53.11 -25.34
CA GLN B 787 -30.43 -54.24 -25.61
C GLN B 787 -29.38 -53.84 -26.62
N ILE B 788 -28.34 -54.66 -26.74
CA ILE B 788 -27.34 -54.47 -27.76
C ILE B 788 -27.66 -55.44 -28.87
N TYR B 789 -28.30 -54.94 -29.91
CA TYR B 789 -28.79 -55.77 -31.01
C TYR B 789 -27.68 -56.06 -32.01
N LYS B 790 -27.78 -57.23 -32.65
CA LYS B 790 -26.83 -57.68 -33.64
C LYS B 790 -27.53 -58.01 -34.95
N THR B 791 -26.86 -57.74 -36.06
CA THR B 791 -27.34 -58.15 -37.36
C THR B 791 -27.05 -59.63 -37.60
N PRO B 792 -27.89 -60.31 -38.38
CA PRO B 792 -27.64 -61.72 -38.65
C PRO B 792 -26.47 -61.89 -39.60
N PRO B 793 -25.83 -63.06 -39.63
CA PRO B 793 -24.63 -63.25 -40.46
C PRO B 793 -24.86 -63.13 -41.96
N ILE B 794 -26.07 -63.39 -42.47
CA ILE B 794 -26.41 -63.12 -43.86
C ILE B 794 -26.61 -61.64 -44.03
N LYS B 795 -26.75 -61.18 -45.27
CA LYS B 795 -27.09 -59.79 -45.52
C LYS B 795 -28.17 -59.69 -46.58
N ASP B 796 -29.17 -60.57 -46.53
CA ASP B 796 -30.25 -60.58 -47.52
C ASP B 796 -31.25 -59.51 -47.11
N PHE B 797 -31.04 -58.28 -47.59
CA PHE B 797 -31.91 -57.16 -47.26
C PHE B 797 -32.68 -56.63 -48.46
N GLY B 798 -33.07 -57.51 -49.37
CA GLY B 798 -33.86 -57.06 -50.50
C GLY B 798 -33.11 -56.33 -51.56
N GLY B 799 -31.80 -56.53 -51.66
CA GLY B 799 -30.98 -55.79 -52.59
C GLY B 799 -30.37 -54.54 -52.02
N PHE B 800 -30.70 -54.17 -50.79
CA PHE B 800 -30.11 -53.02 -50.12
C PHE B 800 -28.81 -53.43 -49.45
N ASN B 801 -27.82 -52.56 -49.51
CA ASN B 801 -26.46 -52.87 -49.13
C ASN B 801 -26.01 -51.85 -48.09
N PHE B 802 -25.78 -52.32 -46.87
CA PHE B 802 -25.46 -51.45 -45.74
C PHE B 802 -24.03 -51.61 -45.30
N SER B 803 -23.16 -52.14 -46.17
CA SER B 803 -21.83 -52.54 -45.72
C SER B 803 -20.96 -51.38 -45.33
N GLN B 804 -21.16 -50.20 -45.90
CA GLN B 804 -20.33 -49.07 -45.56
C GLN B 804 -20.68 -48.45 -44.22
N ILE B 805 -21.79 -48.83 -43.60
CA ILE B 805 -22.20 -48.27 -42.33
C ILE B 805 -22.38 -49.32 -41.25
N LEU B 806 -22.17 -50.55 -41.54
CA LEU B 806 -22.13 -51.55 -40.50
C LEU B 806 -20.72 -51.71 -39.96
N PRO B 807 -20.55 -52.21 -38.74
CA PRO B 807 -19.22 -52.24 -38.13
C PRO B 807 -18.24 -53.15 -38.88
N ASP B 808 -16.96 -52.81 -38.75
CA ASP B 808 -15.89 -53.52 -39.44
C ASP B 808 -15.25 -54.51 -38.49
N PRO B 809 -15.45 -55.83 -38.68
CA PRO B 809 -14.94 -56.79 -37.69
C PRO B 809 -13.41 -56.87 -37.63
N SER B 810 -12.70 -56.40 -38.65
CA SER B 810 -11.24 -56.43 -38.66
C SER B 810 -10.66 -55.12 -38.14
N LYS B 811 -10.93 -54.79 -36.88
CA LYS B 811 -10.43 -53.56 -36.29
C LYS B 811 -10.49 -53.70 -34.77
N PRO B 812 -9.57 -53.05 -34.05
CA PRO B 812 -9.72 -52.96 -32.59
C PRO B 812 -10.91 -52.13 -32.16
N SER B 813 -11.21 -51.06 -32.91
CA SER B 813 -12.29 -50.15 -32.56
C SER B 813 -13.65 -50.61 -33.08
N LYS B 814 -13.67 -51.47 -34.09
CA LYS B 814 -14.90 -51.99 -34.67
C LYS B 814 -15.79 -50.89 -35.22
N ARG B 815 -15.20 -49.82 -35.73
CA ARG B 815 -15.98 -48.77 -36.35
C ARG B 815 -16.37 -49.16 -37.75
N SER B 816 -17.27 -48.40 -38.35
CA SER B 816 -17.62 -48.63 -39.72
C SER B 816 -16.70 -47.83 -40.63
N PHE B 817 -16.85 -48.04 -41.93
CA PHE B 817 -16.03 -47.35 -42.91
C PHE B 817 -16.24 -45.84 -42.83
N ILE B 818 -17.49 -45.41 -42.70
CA ILE B 818 -17.79 -43.99 -42.68
C ILE B 818 -17.42 -43.38 -41.33
N GLU B 819 -17.52 -44.15 -40.25
CA GLU B 819 -17.04 -43.69 -38.97
C GLU B 819 -15.52 -43.63 -38.90
N ASP B 820 -14.82 -44.43 -39.69
CA ASP B 820 -13.38 -44.26 -39.83
C ASP B 820 -13.02 -43.05 -40.63
N LEU B 821 -13.78 -42.74 -41.69
CA LEU B 821 -13.54 -41.50 -42.40
C LEU B 821 -13.78 -40.28 -41.53
N LEU B 822 -14.79 -40.31 -40.67
CA LEU B 822 -15.09 -39.13 -39.86
C LEU B 822 -14.06 -38.91 -38.77
N PHE B 823 -13.39 -39.96 -38.29
CA PHE B 823 -12.44 -39.78 -37.21
C PHE B 823 -11.06 -39.37 -37.67
N ASN B 824 -10.81 -39.31 -38.98
CA ASN B 824 -9.56 -38.83 -39.51
C ASN B 824 -9.66 -37.41 -40.05
N LYS B 825 -10.82 -36.77 -39.90
CA LYS B 825 -11.00 -35.42 -40.38
C LYS B 825 -11.15 -34.40 -39.27
N VAL B 826 -11.35 -34.83 -38.03
CA VAL B 826 -11.48 -33.90 -36.92
C VAL B 826 -10.35 -34.08 -35.94
N LYS B 854 0.48 -31.16 -19.33
CA LYS B 854 0.36 -30.65 -17.97
C LYS B 854 0.77 -29.18 -17.90
N PHE B 855 0.12 -28.44 -17.00
CA PHE B 855 0.30 -27.00 -16.92
C PHE B 855 0.09 -26.49 -15.52
N ASN B 856 -0.15 -25.19 -15.40
CA ASN B 856 -0.22 -24.49 -14.12
C ASN B 856 -1.55 -24.69 -13.40
N GLY B 857 -1.89 -25.93 -13.09
CA GLY B 857 -3.16 -26.24 -12.46
C GLY B 857 -4.25 -26.69 -13.41
N LEU B 858 -3.96 -26.80 -14.70
CA LEU B 858 -4.95 -27.18 -15.69
C LEU B 858 -4.95 -28.69 -15.90
N THR B 859 -6.14 -29.27 -15.99
CA THR B 859 -6.30 -30.71 -16.12
C THR B 859 -7.43 -31.02 -17.09
N VAL B 860 -7.29 -32.11 -17.83
CA VAL B 860 -8.32 -32.61 -18.73
C VAL B 860 -8.76 -33.98 -18.23
N LEU B 861 -10.01 -34.11 -17.88
CA LEU B 861 -10.56 -35.38 -17.48
C LEU B 861 -11.02 -36.19 -18.67
N PRO B 862 -10.97 -37.52 -18.61
CA PRO B 862 -11.46 -38.34 -19.72
C PRO B 862 -12.96 -38.55 -19.65
N PRO B 863 -13.62 -38.72 -20.79
CA PRO B 863 -15.06 -39.03 -20.77
C PRO B 863 -15.35 -40.38 -20.16
N LEU B 864 -16.54 -40.52 -19.60
CA LEU B 864 -16.94 -41.76 -18.96
C LEU B 864 -17.08 -42.88 -19.99
N LEU B 865 -17.68 -42.60 -21.12
CA LEU B 865 -17.78 -43.56 -22.22
C LEU B 865 -16.58 -43.40 -23.13
N THR B 866 -15.87 -44.49 -23.36
CA THR B 866 -14.95 -44.58 -24.49
C THR B 866 -15.73 -44.40 -25.77
N ASP B 867 -15.03 -44.12 -26.86
CA ASP B 867 -15.74 -44.08 -28.13
C ASP B 867 -15.86 -45.44 -28.79
N GLU B 868 -15.19 -46.46 -28.28
CA GLU B 868 -15.59 -47.82 -28.57
C GLU B 868 -17.00 -48.11 -28.10
N MET B 869 -17.33 -47.72 -26.88
CA MET B 869 -18.68 -47.84 -26.36
C MET B 869 -19.69 -47.05 -27.17
N ILE B 870 -19.31 -45.87 -27.64
CA ILE B 870 -20.22 -45.07 -28.45
C ILE B 870 -20.45 -45.73 -29.80
N ALA B 871 -19.40 -46.26 -30.41
CA ALA B 871 -19.58 -46.99 -31.65
C ALA B 871 -20.41 -48.25 -31.46
N GLN B 872 -20.33 -48.86 -30.29
CA GLN B 872 -21.14 -50.03 -29.99
C GLN B 872 -22.60 -49.68 -29.73
N TYR B 873 -22.89 -48.50 -29.18
CA TYR B 873 -24.28 -48.04 -29.12
C TYR B 873 -24.83 -47.74 -30.51
N THR B 874 -24.03 -47.11 -31.37
CA THR B 874 -24.54 -46.76 -32.68
C THR B 874 -24.78 -47.96 -33.56
N SER B 875 -23.92 -48.97 -33.52
CA SER B 875 -24.18 -50.15 -34.32
C SER B 875 -25.40 -50.92 -33.86
N ALA B 876 -25.73 -50.90 -32.57
CA ALA B 876 -26.93 -51.54 -32.08
C ALA B 876 -28.18 -50.79 -32.48
N LEU B 877 -28.13 -49.46 -32.45
CA LEU B 877 -29.22 -48.68 -33.03
C LEU B 877 -29.42 -48.98 -34.50
N LEU B 878 -28.34 -49.20 -35.23
CA LEU B 878 -28.45 -49.52 -36.65
C LEU B 878 -29.07 -50.88 -36.90
N ALA B 879 -28.62 -51.91 -36.19
CA ALA B 879 -29.18 -53.25 -36.33
C ALA B 879 -30.62 -53.34 -35.83
N GLY B 880 -31.02 -52.52 -34.87
CA GLY B 880 -32.41 -52.47 -34.51
C GLY B 880 -33.29 -51.98 -35.63
N THR B 881 -32.86 -50.91 -36.31
CA THR B 881 -33.60 -50.34 -37.42
C THR B 881 -33.64 -51.24 -38.64
N ILE B 882 -32.53 -51.88 -39.00
CA ILE B 882 -32.51 -52.66 -40.23
C ILE B 882 -33.28 -53.96 -40.06
N THR B 883 -33.48 -54.39 -38.84
CA THR B 883 -34.11 -55.68 -38.59
C THR B 883 -35.54 -55.59 -38.06
N SER B 884 -35.91 -54.50 -37.41
CA SER B 884 -37.21 -54.42 -36.80
C SER B 884 -37.97 -53.15 -37.14
N GLY B 885 -37.44 -52.29 -37.97
CA GLY B 885 -38.13 -51.07 -38.32
C GLY B 885 -38.21 -50.10 -37.17
N TRP B 886 -39.43 -49.83 -36.69
CA TRP B 886 -39.62 -48.92 -35.57
C TRP B 886 -40.20 -49.61 -34.34
N THR B 887 -40.26 -50.92 -34.32
CA THR B 887 -40.90 -51.59 -33.20
C THR B 887 -40.01 -51.65 -31.98
N PHE B 888 -38.69 -51.69 -32.15
CA PHE B 888 -37.81 -51.73 -31.01
C PHE B 888 -37.75 -50.41 -30.25
N GLY B 889 -38.20 -49.30 -30.85
CA GLY B 889 -38.26 -48.05 -30.14
C GLY B 889 -39.50 -47.87 -29.28
N ALA B 890 -40.47 -48.77 -29.39
CA ALA B 890 -41.68 -48.70 -28.60
C ALA B 890 -41.89 -49.91 -27.70
N GLY B 891 -41.01 -50.90 -27.76
CA GLY B 891 -41.14 -52.08 -26.96
C GLY B 891 -40.13 -53.12 -27.37
N ALA B 892 -40.55 -54.37 -27.46
CA ALA B 892 -39.69 -55.44 -27.91
C ALA B 892 -39.54 -55.40 -29.42
N ALA B 893 -38.36 -55.79 -29.89
CA ALA B 893 -38.07 -55.75 -31.31
C ALA B 893 -38.80 -56.89 -32.02
N LEU B 894 -39.56 -56.55 -33.05
CA LEU B 894 -40.33 -57.51 -33.82
C LEU B 894 -39.77 -57.52 -35.23
N GLN B 895 -39.20 -58.65 -35.64
CA GLN B 895 -38.59 -58.72 -36.96
C GLN B 895 -39.64 -58.61 -38.06
N ILE B 896 -39.20 -58.06 -39.19
CA ILE B 896 -40.02 -57.90 -40.38
C ILE B 896 -39.03 -57.89 -41.53
N PRO B 897 -39.34 -58.41 -42.71
CA PRO B 897 -38.41 -58.32 -43.83
C PRO B 897 -38.23 -56.89 -44.32
N PHE B 898 -37.03 -56.57 -44.81
CA PHE B 898 -36.69 -55.18 -45.05
C PHE B 898 -37.51 -54.55 -46.18
N ALA B 899 -37.80 -55.30 -47.24
CA ALA B 899 -38.64 -54.75 -48.29
C ALA B 899 -40.04 -54.44 -47.79
N MET B 900 -40.60 -55.26 -46.92
CA MET B 900 -41.92 -54.99 -46.39
C MET B 900 -41.92 -53.80 -45.44
N GLN B 901 -40.83 -53.58 -44.73
CA GLN B 901 -40.70 -52.40 -43.91
C GLN B 901 -40.57 -51.14 -44.77
N MET B 902 -39.82 -51.24 -45.85
CA MET B 902 -39.72 -50.17 -46.83
C MET B 902 -41.08 -49.85 -47.45
N ALA B 903 -41.90 -50.86 -47.66
CA ALA B 903 -43.25 -50.66 -48.17
C ALA B 903 -44.19 -50.04 -47.13
N TYR B 904 -44.04 -50.36 -45.86
CA TYR B 904 -44.76 -49.64 -44.81
C TYR B 904 -44.40 -48.18 -44.79
N ARG B 905 -43.12 -47.87 -44.98
CA ARG B 905 -42.68 -46.48 -44.97
C ARG B 905 -43.15 -45.72 -46.20
N PHE B 906 -43.26 -46.38 -47.35
CA PHE B 906 -43.85 -45.71 -48.50
C PHE B 906 -45.30 -45.33 -48.27
N ASN B 907 -46.03 -46.12 -47.50
CA ASN B 907 -47.38 -45.75 -47.10
C ASN B 907 -47.40 -44.53 -46.21
N GLY B 908 -46.38 -44.33 -45.39
CA GLY B 908 -46.37 -43.24 -44.45
C GLY B 908 -46.19 -41.89 -45.12
N ILE B 909 -45.61 -41.87 -46.30
CA ILE B 909 -45.50 -40.63 -47.06
C ILE B 909 -46.60 -40.51 -48.11
N GLY B 910 -47.58 -41.39 -48.11
CA GLY B 910 -48.71 -41.28 -49.01
C GLY B 910 -48.51 -41.86 -50.38
N VAL B 911 -47.60 -42.80 -50.55
CA VAL B 911 -47.45 -43.52 -51.79
C VAL B 911 -47.99 -44.92 -51.58
N THR B 912 -48.62 -45.45 -52.59
CA THR B 912 -49.22 -46.77 -52.50
C THR B 912 -48.15 -47.83 -52.63
N GLN B 913 -48.30 -48.93 -51.89
CA GLN B 913 -47.15 -49.77 -51.61
C GLN B 913 -46.76 -50.71 -52.73
N ASN B 914 -47.56 -50.86 -53.79
CA ASN B 914 -47.05 -51.57 -54.96
C ASN B 914 -46.04 -50.74 -55.75
N VAL B 915 -46.02 -49.43 -55.58
CA VAL B 915 -45.00 -48.61 -56.20
C VAL B 915 -43.63 -49.02 -55.71
N LEU B 916 -43.52 -49.55 -54.49
CA LEU B 916 -42.24 -50.05 -54.02
C LEU B 916 -41.94 -51.42 -54.59
N TYR B 917 -42.90 -52.34 -54.56
CA TYR B 917 -42.59 -53.71 -54.92
C TYR B 917 -42.36 -53.85 -56.42
N GLU B 918 -42.96 -52.99 -57.23
CA GLU B 918 -42.74 -53.04 -58.66
C GLU B 918 -41.50 -52.28 -59.09
N ASN B 919 -40.83 -51.59 -58.18
CA ASN B 919 -39.65 -50.80 -58.49
C ASN B 919 -38.51 -51.12 -57.52
N GLN B 920 -38.60 -52.26 -56.83
CA GLN B 920 -37.62 -52.62 -55.80
C GLN B 920 -36.17 -52.51 -56.27
N LYS B 921 -35.83 -53.07 -57.42
CA LYS B 921 -34.44 -53.05 -57.87
C LYS B 921 -33.94 -51.64 -58.15
N LEU B 922 -34.74 -50.84 -58.83
CA LEU B 922 -34.36 -49.46 -59.08
C LEU B 922 -34.20 -48.68 -57.79
N ILE B 923 -35.10 -48.89 -56.83
CA ILE B 923 -35.04 -48.16 -55.58
C ILE B 923 -33.79 -48.55 -54.79
N ALA B 924 -33.46 -49.84 -54.79
CA ALA B 924 -32.26 -50.31 -54.12
C ALA B 924 -30.98 -49.82 -54.77
N ASN B 925 -30.91 -49.79 -56.10
CA ASN B 925 -29.79 -49.18 -56.80
C ASN B 925 -29.63 -47.70 -56.48
N GLN B 926 -30.72 -46.93 -56.46
CA GLN B 926 -30.61 -45.53 -56.10
C GLN B 926 -30.11 -45.33 -54.67
N PHE B 927 -30.62 -46.11 -53.72
CA PHE B 927 -30.07 -46.04 -52.37
C PHE B 927 -28.57 -46.32 -52.37
N ASN B 928 -28.15 -47.37 -53.08
CA ASN B 928 -26.74 -47.77 -53.06
C ASN B 928 -25.84 -46.73 -53.68
N SER B 929 -26.26 -46.11 -54.78
CA SER B 929 -25.47 -45.03 -55.35
C SER B 929 -25.42 -43.80 -54.45
N ALA B 930 -26.54 -43.43 -53.82
CA ALA B 930 -26.51 -42.30 -52.91
C ALA B 930 -25.63 -42.56 -51.69
N ILE B 931 -25.56 -43.79 -51.22
CA ILE B 931 -24.67 -44.09 -50.10
C ILE B 931 -23.22 -44.04 -50.56
N GLY B 932 -22.95 -44.51 -51.78
CA GLY B 932 -21.62 -44.39 -52.33
C GLY B 932 -21.15 -42.96 -52.51
N LYS B 933 -22.04 -42.04 -52.86
CA LYS B 933 -21.62 -40.66 -53.04
C LYS B 933 -21.22 -39.98 -51.73
N ILE B 934 -21.65 -40.50 -50.58
CA ILE B 934 -21.38 -39.80 -49.34
C ILE B 934 -19.91 -39.88 -48.96
N GLN B 935 -19.29 -41.06 -49.12
CA GLN B 935 -17.86 -41.14 -48.85
C GLN B 935 -17.06 -40.21 -49.75
N ASP B 936 -17.33 -40.21 -51.06
CA ASP B 936 -16.65 -39.27 -51.94
C ASP B 936 -16.87 -37.83 -51.50
N SER B 937 -18.09 -37.48 -51.12
CA SER B 937 -18.33 -36.14 -50.59
C SER B 937 -17.64 -35.93 -49.25
N LEU B 938 -17.14 -36.98 -48.61
CA LEU B 938 -16.46 -36.84 -47.34
C LEU B 938 -14.94 -36.93 -47.50
N SER B 939 -14.45 -38.02 -48.08
CA SER B 939 -13.02 -38.19 -48.31
C SER B 939 -12.56 -37.47 -49.56
N ALA B 944 -17.98 -29.14 -44.25
CA ALA B 944 -18.40 -30.48 -43.85
C ALA B 944 -18.43 -30.59 -42.33
N LEU B 945 -17.30 -31.02 -41.75
CA LEU B 945 -17.18 -31.19 -40.31
C LEU B 945 -16.62 -29.95 -39.63
N GLY B 946 -16.90 -28.77 -40.18
CA GLY B 946 -16.49 -27.54 -39.53
C GLY B 946 -17.23 -27.24 -38.25
N LYS B 947 -18.46 -27.72 -38.10
CA LYS B 947 -19.20 -27.50 -36.86
C LYS B 947 -18.56 -28.24 -35.69
N LEU B 948 -17.88 -29.35 -35.95
CA LEU B 948 -17.18 -30.05 -34.91
C LEU B 948 -15.78 -29.49 -34.67
N GLN B 949 -15.17 -28.92 -35.70
CA GLN B 949 -13.87 -28.29 -35.55
C GLN B 949 -13.96 -26.97 -34.79
N ASP B 950 -15.01 -26.19 -35.01
CA ASP B 950 -15.19 -24.93 -34.29
C ASP B 950 -15.23 -25.11 -32.78
N VAL B 951 -15.88 -26.13 -32.27
CA VAL B 951 -15.94 -26.30 -30.82
C VAL B 951 -14.56 -26.56 -30.25
N VAL B 952 -13.81 -27.47 -30.86
CA VAL B 952 -12.45 -27.77 -30.45
C VAL B 952 -11.56 -26.54 -30.55
N ASN B 953 -11.71 -25.76 -31.62
CA ASN B 953 -10.87 -24.59 -31.81
C ASN B 953 -11.17 -23.52 -30.79
N GLN B 954 -12.45 -23.20 -30.58
CA GLN B 954 -12.80 -22.20 -29.58
C GLN B 954 -12.36 -22.60 -28.19
N ASN B 955 -12.43 -23.88 -27.85
CA ASN B 955 -12.01 -24.25 -26.52
C ASN B 955 -10.49 -24.20 -26.37
N ALA B 956 -9.75 -24.69 -27.36
CA ALA B 956 -8.29 -24.62 -27.25
C ALA B 956 -7.80 -23.19 -27.23
N GLN B 957 -8.40 -22.33 -28.04
CA GLN B 957 -8.02 -20.93 -28.07
C GLN B 957 -8.40 -20.20 -26.79
N ALA B 958 -9.49 -20.57 -26.14
CA ALA B 958 -9.80 -19.93 -24.86
C ALA B 958 -8.91 -20.45 -23.73
N LEU B 959 -8.39 -21.66 -23.86
CA LEU B 959 -7.45 -22.16 -22.86
C LEU B 959 -6.04 -21.64 -23.05
N ASN B 960 -5.67 -21.25 -24.27
CA ASN B 960 -4.38 -20.66 -24.52
C ASN B 960 -4.27 -19.24 -23.96
N THR B 961 -5.35 -18.47 -24.00
CA THR B 961 -5.38 -17.13 -23.44
C THR B 961 -5.21 -17.11 -21.93
N LEU B 962 -5.80 -18.07 -21.22
CA LEU B 962 -5.63 -18.13 -19.78
C LEU B 962 -4.19 -18.36 -19.37
N VAL B 963 -3.46 -19.19 -20.12
CA VAL B 963 -2.05 -19.39 -19.83
C VAL B 963 -1.23 -18.18 -20.23
N LYS B 964 -1.54 -17.55 -21.35
CA LYS B 964 -0.79 -16.37 -21.73
C LYS B 964 -1.00 -15.20 -20.79
N GLN B 965 -2.12 -15.13 -20.09
CA GLN B 965 -2.37 -14.07 -19.13
C GLN B 965 -1.52 -14.18 -17.87
N LEU B 966 -0.68 -15.19 -17.74
CA LEU B 966 0.15 -15.29 -16.56
C LEU B 966 1.46 -14.52 -16.69
N SER B 967 1.86 -14.16 -17.90
CA SER B 967 2.98 -13.27 -18.06
C SER B 967 2.53 -11.83 -18.31
N SER B 968 1.81 -11.25 -17.36
CA SER B 968 1.46 -9.83 -17.39
C SER B 968 1.57 -9.31 -15.97
N ASN B 969 2.12 -8.10 -15.80
CA ASN B 969 2.32 -7.61 -14.44
C ASN B 969 1.06 -7.02 -13.85
N PHE B 970 0.11 -6.59 -14.69
CA PHE B 970 -1.07 -5.88 -14.24
C PHE B 970 -0.74 -4.63 -13.46
N GLY B 971 0.41 -4.03 -13.73
CA GLY B 971 0.81 -2.83 -13.04
C GLY B 971 1.65 -3.06 -11.81
N ALA B 972 2.30 -4.21 -11.71
CA ALA B 972 3.32 -4.47 -10.70
C ALA B 972 4.67 -4.34 -11.37
N ILE B 973 5.75 -4.55 -10.61
CA ILE B 973 7.06 -4.40 -11.22
C ILE B 973 7.32 -5.52 -12.21
N SER B 974 6.97 -6.76 -11.87
CA SER B 974 7.18 -7.88 -12.76
C SER B 974 5.99 -8.81 -12.65
N SER B 975 6.06 -9.92 -13.39
CA SER B 975 4.96 -10.85 -13.47
C SER B 975 5.35 -12.24 -12.97
N VAL B 976 6.47 -12.35 -12.26
CA VAL B 976 6.96 -13.63 -11.76
C VAL B 976 7.13 -13.52 -10.26
N LEU B 977 6.41 -14.34 -9.51
CA LEU B 977 6.20 -14.18 -8.08
C LEU B 977 7.47 -14.35 -7.25
N ASN B 978 8.58 -14.76 -7.84
CA ASN B 978 9.82 -14.83 -7.08
C ASN B 978 10.62 -13.54 -7.17
N ASP B 979 10.80 -13.01 -8.39
CA ASP B 979 11.61 -11.82 -8.56
C ASP B 979 11.01 -10.62 -7.85
N ILE B 980 9.68 -10.57 -7.74
CA ILE B 980 9.06 -9.53 -6.92
C ILE B 980 9.41 -9.82 -5.47
N LEU B 981 9.53 -11.10 -5.14
CA LEU B 981 9.66 -11.49 -3.74
C LEU B 981 11.08 -11.50 -3.23
N SER B 982 12.08 -11.59 -4.09
CA SER B 982 13.47 -11.63 -3.69
C SER B 982 14.16 -10.31 -4.03
N ARG B 983 13.37 -9.28 -4.29
CA ARG B 983 13.93 -7.96 -4.56
C ARG B 983 13.18 -6.90 -3.77
N LEU B 984 12.30 -7.32 -2.86
CA LEU B 984 11.66 -6.38 -1.94
C LEU B 984 11.40 -7.10 -0.64
N ASP B 985 11.14 -6.32 0.41
CA ASP B 985 10.83 -6.84 1.73
C ASP B 985 9.33 -6.75 1.99
N PRO B 986 8.80 -7.57 2.91
CA PRO B 986 7.38 -7.97 2.86
C PRO B 986 6.41 -6.81 2.69
N PRO B 987 6.48 -5.75 3.51
CA PRO B 987 5.44 -4.72 3.37
C PRO B 987 5.51 -3.99 2.05
N GLU B 988 6.68 -4.05 1.38
CA GLU B 988 6.79 -3.53 0.04
C GLU B 988 6.30 -4.51 -1.01
N ALA B 989 6.45 -5.82 -0.77
CA ALA B 989 6.11 -6.82 -1.76
C ALA B 989 4.63 -7.17 -1.76
N GLU B 990 4.02 -7.22 -0.59
CA GLU B 990 2.58 -7.49 -0.49
C GLU B 990 1.76 -6.55 -1.37
N VAL B 991 2.19 -5.30 -1.55
CA VAL B 991 1.47 -4.40 -2.42
C VAL B 991 1.47 -4.88 -3.86
N GLN B 992 2.61 -5.33 -4.38
CA GLN B 992 2.66 -5.80 -5.75
C GLN B 992 1.98 -7.15 -5.91
N ILE B 993 2.09 -8.01 -4.90
CA ILE B 993 1.49 -9.33 -5.01
C ILE B 993 -0.02 -9.20 -5.01
N ASP B 994 -0.58 -8.22 -4.32
CA ASP B 994 -2.02 -8.04 -4.42
C ASP B 994 -2.48 -7.59 -5.80
N ARG B 995 -1.71 -6.77 -6.51
CA ARG B 995 -2.04 -6.45 -7.89
C ARG B 995 -1.99 -7.66 -8.80
N LEU B 996 -0.93 -8.45 -8.68
CA LEU B 996 -0.86 -9.70 -9.44
C LEU B 996 -2.05 -10.60 -9.15
N ILE B 997 -2.43 -10.74 -7.89
CA ILE B 997 -3.57 -11.58 -7.54
C ILE B 997 -4.84 -11.05 -8.17
N THR B 998 -5.06 -9.74 -8.12
CA THR B 998 -6.28 -9.18 -8.68
C THR B 998 -6.39 -9.46 -10.17
N GLY B 999 -5.30 -9.24 -10.91
CA GLY B 999 -5.34 -9.54 -12.33
C GLY B 999 -5.58 -11.00 -12.64
N ARG B 1000 -4.88 -11.90 -11.95
CA ARG B 1000 -5.01 -13.31 -12.22
C ARG B 1000 -6.36 -13.87 -11.81
N LEU B 1001 -7.01 -13.29 -10.82
CA LEU B 1001 -8.35 -13.71 -10.48
C LEU B 1001 -9.39 -13.20 -11.48
N GLN B 1002 -9.21 -11.99 -11.99
CA GLN B 1002 -10.08 -11.50 -13.06
C GLN B 1002 -10.00 -12.37 -14.30
N SER B 1003 -8.80 -12.80 -14.69
CA SER B 1003 -8.67 -13.67 -15.85
C SER B 1003 -9.42 -14.98 -15.70
N LEU B 1004 -9.33 -15.60 -14.55
CA LEU B 1004 -10.02 -16.84 -14.29
C LEU B 1004 -11.53 -16.68 -14.24
N GLN B 1005 -12.02 -15.56 -13.74
CA GLN B 1005 -13.46 -15.34 -13.79
C GLN B 1005 -13.97 -15.17 -15.21
N THR B 1006 -13.23 -14.42 -16.03
CA THR B 1006 -13.60 -14.32 -17.43
C THR B 1006 -13.64 -15.68 -18.10
N TYR B 1007 -12.64 -16.52 -17.85
CA TYR B 1007 -12.61 -17.85 -18.43
C TYR B 1007 -13.82 -18.68 -18.01
N VAL B 1008 -14.13 -18.70 -16.71
CA VAL B 1008 -15.20 -19.58 -16.26
C VAL B 1008 -16.56 -19.09 -16.72
N THR B 1009 -16.78 -17.77 -16.75
CA THR B 1009 -18.06 -17.27 -17.23
C THR B 1009 -18.28 -17.62 -18.70
N GLN B 1010 -17.25 -17.50 -19.51
CA GLN B 1010 -17.42 -17.90 -20.90
C GLN B 1010 -17.59 -19.41 -21.09
N GLN B 1011 -16.96 -20.24 -20.27
CA GLN B 1011 -17.23 -21.66 -20.37
C GLN B 1011 -18.66 -21.99 -19.98
N LEU B 1012 -19.22 -21.30 -19.00
CA LEU B 1012 -20.62 -21.46 -18.66
C LEU B 1012 -21.54 -21.07 -19.78
N ILE B 1013 -21.23 -19.98 -20.49
CA ILE B 1013 -22.09 -19.57 -21.60
C ILE B 1013 -21.93 -20.49 -22.79
N ARG B 1014 -20.74 -21.03 -23.00
CA ARG B 1014 -20.50 -21.94 -24.11
C ARG B 1014 -21.02 -23.35 -23.86
N ALA B 1015 -21.17 -23.76 -22.61
CA ALA B 1015 -21.72 -25.08 -22.35
C ALA B 1015 -23.23 -25.14 -22.50
N ALA B 1016 -23.92 -24.05 -22.22
CA ALA B 1016 -25.36 -23.98 -22.44
C ALA B 1016 -25.72 -24.02 -23.92
N GLU B 1017 -24.81 -23.63 -24.80
CA GLU B 1017 -25.00 -23.74 -26.22
C GLU B 1017 -24.76 -25.15 -26.74
N ILE B 1018 -23.88 -25.90 -26.08
CA ILE B 1018 -23.63 -27.29 -26.44
C ILE B 1018 -24.75 -28.18 -25.93
N ARG B 1019 -25.37 -27.78 -24.83
CA ARG B 1019 -26.48 -28.54 -24.29
C ARG B 1019 -27.73 -28.41 -25.15
N ALA B 1020 -28.00 -27.23 -25.67
CA ALA B 1020 -29.13 -27.05 -26.57
C ALA B 1020 -28.95 -27.84 -27.86
N SER B 1021 -27.71 -28.11 -28.24
CA SER B 1021 -27.42 -28.90 -29.42
C SER B 1021 -27.53 -30.39 -29.18
N ALA B 1022 -27.04 -30.87 -28.04
CA ALA B 1022 -27.26 -32.25 -27.66
C ALA B 1022 -28.73 -32.57 -27.40
N ASN B 1023 -29.52 -31.59 -26.97
CA ASN B 1023 -30.96 -31.80 -26.84
C ASN B 1023 -31.65 -31.97 -28.18
N LEU B 1024 -31.25 -31.20 -29.18
CA LEU B 1024 -31.73 -31.38 -30.54
C LEU B 1024 -31.30 -32.71 -31.13
N ALA B 1025 -30.08 -33.15 -30.85
CA ALA B 1025 -29.64 -34.46 -31.27
C ALA B 1025 -30.44 -35.60 -30.63
N ALA B 1026 -30.75 -35.51 -29.35
CA ALA B 1026 -31.57 -36.55 -28.71
C ALA B 1026 -32.96 -36.67 -29.33
N THR B 1027 -33.59 -35.54 -29.64
CA THR B 1027 -34.88 -35.51 -30.30
C THR B 1027 -34.79 -36.06 -31.71
N LYS B 1028 -33.75 -35.74 -32.45
CA LYS B 1028 -33.56 -36.35 -33.75
C LYS B 1028 -33.33 -37.84 -33.67
N MET B 1029 -32.56 -38.32 -32.72
CA MET B 1029 -32.34 -39.75 -32.61
C MET B 1029 -33.63 -40.47 -32.27
N SER B 1030 -34.49 -39.85 -31.46
CA SER B 1030 -35.77 -40.45 -31.13
C SER B 1030 -36.72 -40.44 -32.32
N GLU B 1031 -36.79 -39.33 -33.02
CA GLU B 1031 -37.86 -39.11 -33.97
C GLU B 1031 -37.51 -39.41 -35.41
N CYS B 1032 -36.23 -39.52 -35.74
CA CYS B 1032 -35.83 -39.77 -37.12
C CYS B 1032 -35.17 -41.12 -37.31
N VAL B 1033 -34.70 -41.69 -36.20
CA VAL B 1033 -34.04 -42.98 -36.25
C VAL B 1033 -34.91 -44.06 -35.65
N LEU B 1034 -35.64 -43.76 -34.59
CA LEU B 1034 -36.56 -44.70 -33.97
C LEU B 1034 -37.98 -44.55 -34.49
N GLY B 1035 -38.20 -43.69 -35.47
CA GLY B 1035 -39.52 -43.62 -36.07
C GLY B 1035 -39.45 -42.92 -37.40
N GLN B 1036 -40.63 -42.71 -37.99
CA GLN B 1036 -40.78 -41.93 -39.21
C GLN B 1036 -41.48 -40.61 -38.90
N SER B 1037 -40.91 -39.52 -39.37
CA SER B 1037 -41.37 -38.19 -39.03
C SER B 1037 -42.21 -37.58 -40.14
N LYS B 1038 -43.24 -36.84 -39.75
CA LYS B 1038 -44.01 -36.05 -40.69
C LYS B 1038 -43.74 -34.56 -40.56
N ARG B 1039 -42.92 -34.15 -39.60
CA ARG B 1039 -42.47 -32.77 -39.47
C ARG B 1039 -41.61 -32.37 -40.66
N VAL B 1040 -41.95 -31.27 -41.32
CA VAL B 1040 -41.31 -30.88 -42.56
C VAL B 1040 -39.91 -30.35 -42.30
N ASP B 1041 -38.93 -30.95 -42.96
CA ASP B 1041 -37.53 -30.54 -42.87
C ASP B 1041 -36.82 -30.86 -41.55
N PHE B 1042 -37.40 -31.74 -40.74
CA PHE B 1042 -36.78 -32.09 -39.48
C PHE B 1042 -35.76 -33.20 -39.70
N CYS B 1043 -35.95 -33.95 -40.77
CA CYS B 1043 -35.07 -35.06 -41.12
C CYS B 1043 -34.65 -35.00 -42.58
N GLY B 1044 -34.19 -33.83 -43.04
CA GLY B 1044 -33.76 -33.67 -44.42
C GLY B 1044 -34.78 -33.03 -45.36
N LYS B 1045 -34.44 -32.97 -46.65
CA LYS B 1045 -35.32 -32.39 -47.67
C LYS B 1045 -36.03 -33.51 -48.43
N GLY B 1046 -37.35 -33.45 -48.49
CA GLY B 1046 -38.14 -34.49 -49.11
C GLY B 1046 -39.03 -35.12 -48.09
N TYR B 1047 -39.64 -36.22 -48.46
CA TYR B 1047 -40.45 -36.98 -47.53
C TYR B 1047 -39.60 -38.01 -46.80
N HIS B 1048 -39.48 -37.84 -45.49
CA HIS B 1048 -38.60 -38.66 -44.69
C HIS B 1048 -38.97 -40.14 -44.82
N LEU B 1049 -38.02 -40.94 -45.28
CA LEU B 1049 -38.18 -42.39 -45.24
C LEU B 1049 -37.56 -42.99 -44.00
N MET B 1050 -36.25 -42.81 -43.81
CA MET B 1050 -35.59 -43.36 -42.63
C MET B 1050 -34.28 -42.65 -42.42
N SER B 1051 -33.67 -42.85 -41.25
CA SER B 1051 -32.42 -42.18 -40.91
C SER B 1051 -31.50 -43.15 -40.17
N PHE B 1052 -30.19 -43.00 -40.39
CA PHE B 1052 -29.15 -43.84 -39.81
C PHE B 1052 -28.15 -42.99 -39.04
N PRO B 1053 -27.77 -43.38 -37.83
CA PRO B 1053 -26.78 -42.61 -37.07
C PRO B 1053 -25.36 -43.15 -37.20
N GLN B 1054 -24.40 -42.23 -37.12
CA GLN B 1054 -22.99 -42.56 -37.08
C GLN B 1054 -22.34 -41.68 -36.03
N SER B 1055 -21.35 -42.19 -35.33
CA SER B 1055 -20.69 -41.43 -34.29
C SER B 1055 -19.51 -40.66 -34.87
N ALA B 1056 -19.35 -39.42 -34.42
CA ALA B 1056 -18.24 -38.60 -34.85
C ALA B 1056 -17.47 -38.23 -33.59
N PRO B 1057 -16.31 -37.60 -33.65
CA PRO B 1057 -15.64 -37.16 -32.43
C PRO B 1057 -16.34 -35.96 -31.79
N HIS B 1058 -16.90 -36.17 -30.59
CA HIS B 1058 -17.70 -35.20 -29.85
C HIS B 1058 -19.03 -34.90 -30.53
N GLY B 1059 -19.52 -35.76 -31.39
CA GLY B 1059 -20.71 -35.42 -32.11
C GLY B 1059 -21.37 -36.62 -32.74
N VAL B 1060 -22.39 -36.33 -33.53
CA VAL B 1060 -23.15 -37.37 -34.22
C VAL B 1060 -23.44 -36.89 -35.63
N VAL B 1061 -23.52 -37.84 -36.55
CA VAL B 1061 -23.88 -37.60 -37.94
C VAL B 1061 -25.13 -38.42 -38.23
N PHE B 1062 -26.09 -37.80 -38.88
CA PHE B 1062 -27.34 -38.43 -39.26
C PHE B 1062 -27.37 -38.50 -40.78
N LEU B 1063 -27.54 -39.68 -41.32
CA LEU B 1063 -27.76 -39.88 -42.74
C LEU B 1063 -29.25 -40.06 -42.95
N HIS B 1064 -29.91 -39.04 -43.51
CA HIS B 1064 -31.34 -39.06 -43.74
C HIS B 1064 -31.61 -39.54 -45.17
N VAL B 1065 -32.43 -40.58 -45.29
CA VAL B 1065 -32.97 -41.08 -46.54
C VAL B 1065 -34.36 -40.51 -46.75
N THR B 1066 -34.55 -39.79 -47.85
CA THR B 1066 -35.81 -39.18 -48.21
C THR B 1066 -36.21 -39.54 -49.64
N TYR B 1067 -37.47 -39.31 -49.93
CA TYR B 1067 -38.10 -39.55 -51.23
C TYR B 1067 -38.36 -38.22 -51.90
N VAL B 1068 -37.88 -38.04 -53.12
CA VAL B 1068 -38.01 -36.77 -53.83
C VAL B 1068 -38.76 -37.02 -55.14
N PRO B 1069 -39.90 -36.39 -55.38
CA PRO B 1069 -40.62 -36.63 -56.64
C PRO B 1069 -39.90 -36.03 -57.84
N ALA B 1070 -40.12 -36.62 -59.01
CA ALA B 1070 -39.35 -36.26 -60.19
C ALA B 1070 -40.16 -36.48 -61.46
N GLN B 1071 -39.83 -35.68 -62.48
CA GLN B 1071 -40.36 -35.81 -63.84
C GLN B 1071 -41.87 -35.67 -63.91
N GLU B 1072 -42.36 -34.48 -63.60
CA GLU B 1072 -43.79 -34.26 -63.57
C GLU B 1072 -44.35 -33.94 -64.95
N LYS B 1073 -45.62 -34.31 -65.14
CA LYS B 1073 -46.39 -33.91 -66.30
C LYS B 1073 -47.57 -33.06 -65.84
N ASN B 1074 -48.06 -32.21 -66.74
CA ASN B 1074 -49.24 -31.42 -66.44
C ASN B 1074 -50.48 -32.11 -67.02
N PHE B 1075 -51.61 -31.85 -66.39
CA PHE B 1075 -52.89 -32.44 -66.73
C PHE B 1075 -53.97 -31.41 -66.48
N THR B 1076 -55.15 -31.69 -67.01
CA THR B 1076 -56.38 -30.99 -66.68
C THR B 1076 -57.02 -31.69 -65.50
N THR B 1077 -57.74 -30.96 -64.68
CA THR B 1077 -58.26 -31.50 -63.45
C THR B 1077 -59.63 -30.88 -63.15
N ALA B 1078 -60.33 -31.48 -62.21
CA ALA B 1078 -61.68 -31.07 -61.83
C ALA B 1078 -61.93 -31.54 -60.42
N PRO B 1079 -62.74 -30.83 -59.66
CA PRO B 1079 -62.99 -31.25 -58.28
C PRO B 1079 -63.98 -32.39 -58.13
N ALA B 1080 -65.00 -32.46 -58.97
CA ALA B 1080 -66.01 -33.49 -58.85
C ALA B 1080 -66.40 -33.94 -60.25
N ILE B 1081 -67.27 -34.95 -60.33
CA ILE B 1081 -67.75 -35.44 -61.61
C ILE B 1081 -69.25 -35.66 -61.51
N CYS B 1082 -70.00 -35.19 -62.49
CA CYS B 1082 -71.45 -35.29 -62.44
C CYS B 1082 -71.94 -36.44 -63.29
N HIS B 1083 -72.79 -37.27 -62.70
CA HIS B 1083 -73.33 -38.44 -63.37
C HIS B 1083 -74.66 -38.78 -62.73
N ASP B 1084 -75.70 -38.95 -63.55
CA ASP B 1084 -77.07 -39.18 -63.10
C ASP B 1084 -77.57 -38.09 -62.18
N GLY B 1085 -77.09 -36.86 -62.34
CA GLY B 1085 -77.49 -35.81 -61.43
C GLY B 1085 -76.87 -35.91 -60.07
N LYS B 1086 -75.79 -36.67 -59.91
CA LYS B 1086 -75.11 -36.78 -58.64
C LYS B 1086 -73.65 -36.35 -58.80
N ALA B 1087 -73.11 -35.77 -57.74
CA ALA B 1087 -71.72 -35.35 -57.72
C ALA B 1087 -70.88 -36.45 -57.09
N HIS B 1088 -69.74 -36.75 -57.71
CA HIS B 1088 -68.82 -37.79 -57.27
C HIS B 1088 -67.49 -37.15 -56.96
N PHE B 1089 -66.94 -37.52 -55.88
CA PHE B 1089 -65.67 -37.07 -55.35
C PHE B 1089 -64.72 -38.24 -55.22
N PRO B 1090 -63.42 -38.06 -55.41
CA PRO B 1090 -62.51 -39.17 -55.25
C PRO B 1090 -62.34 -39.55 -53.79
N ARG B 1091 -62.21 -40.85 -53.54
CA ARG B 1091 -61.98 -41.32 -52.19
C ARG B 1091 -60.59 -40.95 -51.71
N GLU B 1092 -59.56 -41.37 -52.43
CA GLU B 1092 -58.24 -40.78 -52.37
C GLU B 1092 -57.77 -40.60 -53.81
N GLY B 1093 -57.10 -39.50 -54.08
CA GLY B 1093 -56.63 -39.22 -55.41
C GLY B 1093 -57.23 -37.95 -55.96
N VAL B 1094 -56.89 -37.68 -57.22
CA VAL B 1094 -57.43 -36.57 -57.98
C VAL B 1094 -57.93 -37.10 -59.31
N PHE B 1095 -58.99 -36.48 -59.82
CA PHE B 1095 -59.44 -36.70 -61.18
C PHE B 1095 -58.54 -35.92 -62.12
N VAL B 1096 -57.97 -36.59 -63.12
CA VAL B 1096 -57.14 -35.97 -64.13
C VAL B 1096 -57.62 -36.37 -65.51
N SER B 1097 -57.25 -35.56 -66.49
CA SER B 1097 -57.63 -35.80 -67.88
C SER B 1097 -56.38 -35.81 -68.74
N ASN B 1098 -56.22 -36.83 -69.58
CA ASN B 1098 -55.07 -36.89 -70.48
C ASN B 1098 -55.32 -36.15 -71.78
N GLY B 1099 -56.44 -35.47 -71.91
CA GLY B 1099 -56.78 -34.74 -73.10
C GLY B 1099 -58.18 -35.08 -73.57
N THR B 1100 -58.55 -36.35 -73.46
CA THR B 1100 -59.88 -36.80 -73.86
C THR B 1100 -60.57 -37.69 -72.85
N HIS B 1101 -59.85 -38.31 -71.93
CA HIS B 1101 -60.42 -39.26 -70.99
C HIS B 1101 -60.11 -38.84 -69.57
N TRP B 1102 -60.92 -39.30 -68.63
CA TRP B 1102 -60.79 -38.97 -67.22
C TRP B 1102 -60.40 -40.17 -66.40
N PHE B 1103 -59.50 -39.98 -65.44
CA PHE B 1103 -59.01 -41.03 -64.57
C PHE B 1103 -58.93 -40.52 -63.14
N VAL B 1104 -58.80 -41.43 -62.19
CA VAL B 1104 -58.38 -41.12 -60.82
C VAL B 1104 -56.94 -41.56 -60.65
N THR B 1105 -56.14 -40.73 -60.01
CA THR B 1105 -54.79 -41.14 -59.66
C THR B 1105 -54.52 -40.81 -58.20
N GLN B 1106 -53.51 -41.47 -57.63
CA GLN B 1106 -52.99 -41.03 -56.35
C GLN B 1106 -52.18 -39.75 -56.54
N ARG B 1107 -52.11 -38.94 -55.51
CA ARG B 1107 -51.68 -37.57 -55.68
C ARG B 1107 -50.18 -37.39 -55.85
N ASN B 1108 -49.36 -38.38 -55.53
CA ASN B 1108 -47.92 -38.19 -55.51
C ASN B 1108 -47.18 -39.02 -56.54
N PHE B 1109 -47.84 -39.96 -57.19
CA PHE B 1109 -47.23 -40.79 -58.22
C PHE B 1109 -48.30 -41.04 -59.27
N TYR B 1110 -47.98 -40.80 -60.53
CA TYR B 1110 -49.00 -40.88 -61.57
C TYR B 1110 -49.30 -42.34 -61.91
N GLU B 1111 -50.53 -42.76 -61.63
CA GLU B 1111 -50.95 -44.14 -61.82
C GLU B 1111 -52.45 -44.14 -62.08
N PRO B 1112 -52.85 -43.94 -63.34
CA PRO B 1112 -54.26 -43.67 -63.65
C PRO B 1112 -55.13 -44.91 -63.73
N GLN B 1113 -56.35 -44.78 -63.21
CA GLN B 1113 -57.33 -45.85 -63.20
C GLN B 1113 -58.67 -45.32 -63.65
N ILE B 1114 -59.58 -46.22 -64.02
CA ILE B 1114 -60.88 -45.76 -64.53
C ILE B 1114 -61.82 -45.53 -63.35
N ILE B 1115 -62.68 -44.54 -63.49
CA ILE B 1115 -63.51 -44.04 -62.40
C ILE B 1115 -64.70 -44.96 -62.22
N THR B 1116 -64.77 -45.61 -61.06
CA THR B 1116 -65.82 -46.54 -60.73
C THR B 1116 -66.51 -46.07 -59.46
N THR B 1117 -67.48 -46.85 -58.98
CA THR B 1117 -68.16 -46.58 -57.74
C THR B 1117 -67.37 -47.02 -56.52
N ASP B 1118 -66.22 -47.67 -56.71
CA ASP B 1118 -65.36 -48.05 -55.61
C ASP B 1118 -64.19 -47.11 -55.48
N ASN B 1119 -64.02 -46.25 -56.47
CA ASN B 1119 -63.03 -45.20 -56.51
C ASN B 1119 -63.51 -43.92 -55.86
N THR B 1120 -64.81 -43.73 -55.75
CA THR B 1120 -65.40 -42.44 -55.50
C THR B 1120 -66.43 -42.57 -54.40
N PHE B 1121 -66.96 -41.44 -53.95
CA PHE B 1121 -68.16 -41.42 -53.17
C PHE B 1121 -69.06 -40.31 -53.68
N VAL B 1122 -70.33 -40.39 -53.31
CA VAL B 1122 -71.36 -39.50 -53.81
C VAL B 1122 -71.76 -38.54 -52.70
N SER B 1123 -72.09 -37.31 -53.08
CA SER B 1123 -72.68 -36.36 -52.15
C SER B 1123 -73.39 -35.27 -52.90
N GLY B 1124 -74.70 -35.15 -52.73
CA GLY B 1124 -75.45 -34.08 -53.33
C GLY B 1124 -75.64 -34.22 -54.83
N ASN B 1125 -76.18 -33.17 -55.43
CA ASN B 1125 -76.43 -33.12 -56.85
C ASN B 1125 -75.45 -32.15 -57.49
N CYS B 1126 -75.29 -32.25 -58.81
CA CYS B 1126 -74.29 -31.44 -59.49
C CYS B 1126 -74.82 -30.07 -59.89
N ASP B 1127 -75.04 -29.21 -58.90
CA ASP B 1127 -75.51 -27.85 -59.14
C ASP B 1127 -74.76 -26.85 -58.27
N VAL B 1128 -74.01 -27.36 -57.29
CA VAL B 1128 -73.44 -26.54 -56.22
C VAL B 1128 -71.92 -26.44 -56.31
N VAL B 1129 -71.26 -27.36 -56.98
CA VAL B 1129 -69.81 -27.39 -57.04
C VAL B 1129 -69.35 -26.55 -58.21
N ILE B 1130 -68.35 -25.71 -57.99
CA ILE B 1130 -67.81 -24.82 -59.02
C ILE B 1130 -66.76 -25.60 -59.79
N GLY B 1131 -66.98 -25.80 -61.07
CA GLY B 1131 -66.06 -26.49 -61.91
C GLY B 1131 -66.33 -27.97 -62.11
N ILE B 1132 -67.54 -28.43 -61.83
CA ILE B 1132 -67.88 -29.83 -61.99
C ILE B 1132 -67.92 -30.19 -63.48
N VAL B 1133 -67.63 -31.45 -63.78
CA VAL B 1133 -67.43 -31.90 -65.14
C VAL B 1133 -68.27 -33.16 -65.37
N ASN B 1134 -68.73 -33.34 -66.61
CA ASN B 1134 -69.54 -34.47 -66.99
C ASN B 1134 -68.67 -35.65 -67.39
N ASN B 1135 -68.97 -36.81 -66.84
CA ASN B 1135 -68.34 -38.05 -67.27
C ASN B 1135 -69.17 -39.20 -66.74
N THR B 1136 -68.80 -40.42 -67.12
CA THR B 1136 -69.51 -41.61 -66.74
C THR B 1136 -68.74 -42.32 -65.62
N VAL B 1137 -69.46 -42.76 -64.60
CA VAL B 1137 -68.89 -43.46 -63.47
C VAL B 1137 -69.35 -44.91 -63.57
N TYR B 1138 -68.39 -45.83 -63.62
CA TYR B 1138 -68.66 -47.20 -64.00
C TYR B 1138 -68.98 -48.04 -62.78
N ASP B 1139 -70.04 -48.80 -62.87
CA ASP B 1139 -70.50 -49.75 -61.86
C ASP B 1139 -70.09 -51.14 -62.27
N PRO B 1140 -69.49 -51.95 -61.40
CA PRO B 1140 -69.07 -53.30 -61.81
C PRO B 1140 -70.20 -54.33 -61.75
N LEU B 1141 -71.11 -54.13 -60.81
CA LEU B 1141 -72.10 -55.16 -60.53
C LEU B 1141 -73.02 -55.40 -61.72
N GLN B 1142 -73.61 -54.36 -62.27
CA GLN B 1142 -74.63 -54.56 -63.31
C GLN B 1142 -74.04 -55.08 -64.62
N PRO B 1143 -72.80 -54.77 -65.00
CA PRO B 1143 -72.20 -55.48 -66.13
C PRO B 1143 -71.65 -56.84 -65.73
N GLU B 1144 -71.66 -57.17 -64.44
CA GLU B 1144 -71.50 -58.57 -64.09
C GLU B 1144 -72.82 -59.31 -64.30
N LEU B 1145 -73.94 -58.63 -64.04
CA LEU B 1145 -75.26 -59.25 -64.15
C LEU B 1145 -75.77 -59.28 -65.59
N ASP B 1146 -74.88 -59.06 -66.55
CA ASP B 1146 -75.24 -59.01 -67.97
C ASP B 1146 -76.44 -58.11 -68.26
N ALA C 27 -51.35 37.08 4.93
CA ALA C 27 -50.10 36.82 5.63
C ALA C 27 -49.35 35.64 5.01
N TYR C 28 -50.03 34.85 4.17
CA TYR C 28 -49.38 33.73 3.51
C TYR C 28 -50.00 33.47 2.15
N THR C 29 -49.23 32.84 1.28
CA THR C 29 -49.69 32.36 0.00
C THR C 29 -48.97 31.06 -0.31
N ASN C 30 -49.22 30.54 -1.51
CA ASN C 30 -48.65 29.28 -1.98
C ASN C 30 -47.75 29.53 -3.18
N SER C 31 -46.49 29.14 -3.05
CA SER C 31 -45.58 29.11 -4.20
C SER C 31 -45.84 27.81 -4.94
N PHE C 32 -46.41 27.93 -6.15
CA PHE C 32 -46.86 26.74 -6.84
C PHE C 32 -45.73 26.05 -7.57
N THR C 33 -45.18 26.69 -8.59
CA THR C 33 -43.99 26.21 -9.27
C THR C 33 -42.89 27.25 -9.30
N ARG C 34 -43.12 28.40 -8.67
CA ARG C 34 -42.21 29.53 -8.75
C ARG C 34 -40.86 29.19 -8.15
N GLY C 35 -39.82 29.80 -8.70
CA GLY C 35 -38.50 29.78 -8.10
C GLY C 35 -37.47 28.88 -8.73
N VAL C 36 -37.56 28.62 -10.02
CA VAL C 36 -36.59 27.76 -10.69
C VAL C 36 -35.59 28.65 -11.40
N TYR C 37 -34.32 28.24 -11.39
CA TYR C 37 -33.29 29.02 -12.06
C TYR C 37 -32.39 28.07 -12.86
N TYR C 38 -31.64 28.65 -13.81
CA TYR C 38 -30.62 27.91 -14.52
C TYR C 38 -29.44 27.71 -13.59
N PRO C 39 -29.12 26.48 -13.19
CA PRO C 39 -28.11 26.28 -12.15
C PRO C 39 -26.67 26.38 -12.61
N ASP C 40 -26.40 26.37 -13.92
CA ASP C 40 -25.02 26.46 -14.37
C ASP C 40 -24.99 26.98 -15.80
N LYS C 41 -23.77 27.16 -16.32
CA LYS C 41 -23.51 27.87 -17.57
C LYS C 41 -23.43 26.94 -18.78
N VAL C 42 -23.93 25.72 -18.69
CA VAL C 42 -23.86 24.78 -19.79
C VAL C 42 -25.13 24.86 -20.62
N PHE C 43 -24.98 25.06 -21.92
CA PHE C 43 -26.12 24.98 -22.82
C PHE C 43 -26.55 23.52 -22.98
N ARG C 44 -27.86 23.28 -23.08
CA ARG C 44 -28.36 21.93 -23.24
C ARG C 44 -29.49 21.89 -24.26
N SER C 45 -29.37 20.97 -25.21
CA SER C 45 -30.24 20.96 -26.38
C SER C 45 -31.69 20.64 -26.05
N SER C 46 -31.97 19.39 -25.70
CA SER C 46 -33.33 18.95 -25.41
C SER C 46 -33.35 17.90 -24.30
N VAL C 47 -32.28 17.82 -23.53
CA VAL C 47 -32.14 16.85 -22.45
C VAL C 47 -33.23 17.07 -21.42
N LEU C 48 -33.65 15.99 -20.77
CA LEU C 48 -34.23 16.02 -19.45
C LEU C 48 -33.09 15.88 -18.45
N HIS C 49 -32.79 16.93 -17.71
CA HIS C 49 -31.58 16.91 -16.90
C HIS C 49 -31.95 16.96 -15.43
N SER C 50 -31.33 16.10 -14.64
CA SER C 50 -31.61 16.06 -13.20
C SER C 50 -30.47 16.69 -12.44
N THR C 51 -30.82 17.46 -11.41
CA THR C 51 -29.82 18.21 -10.65
C THR C 51 -30.17 18.28 -9.19
N GLN C 52 -29.15 18.25 -8.35
CA GLN C 52 -29.25 18.51 -6.93
C GLN C 52 -28.77 19.93 -6.65
N ASP C 53 -29.66 20.77 -6.15
CA ASP C 53 -29.30 22.15 -5.89
C ASP C 53 -30.26 22.73 -4.87
N LEU C 54 -29.95 23.95 -4.41
CA LEU C 54 -30.80 24.63 -3.44
C LEU C 54 -31.97 25.28 -4.14
N PHE C 55 -33.19 24.82 -3.87
CA PHE C 55 -34.38 25.28 -4.57
C PHE C 55 -35.46 25.63 -3.57
N LEU C 56 -36.55 26.16 -4.10
CA LEU C 56 -37.72 26.48 -3.30
C LEU C 56 -38.80 25.45 -3.60
N PRO C 57 -39.08 24.51 -2.69
CA PRO C 57 -39.92 23.37 -3.04
C PRO C 57 -41.29 23.78 -3.56
N PHE C 58 -41.81 23.01 -4.50
CA PHE C 58 -43.09 23.31 -5.10
C PHE C 58 -44.16 23.35 -4.01
N PHE C 59 -45.19 24.16 -4.26
CA PHE C 59 -46.33 24.30 -3.36
C PHE C 59 -45.85 24.51 -1.92
N SER C 60 -45.17 25.63 -1.72
CA SER C 60 -44.69 25.98 -0.41
C SER C 60 -45.50 27.13 0.16
N ASN C 61 -45.27 27.36 1.45
CA ASN C 61 -46.00 28.34 2.24
C ASN C 61 -45.15 29.60 2.37
N VAL C 62 -45.43 30.62 1.56
CA VAL C 62 -44.56 31.79 1.49
C VAL C 62 -45.21 32.98 2.18
N THR C 63 -44.42 33.70 2.97
CA THR C 63 -44.88 34.84 3.74
C THR C 63 -45.35 35.96 2.83
N TRP C 64 -46.12 36.90 3.37
CA TRP C 64 -46.73 37.94 2.58
C TRP C 64 -46.66 39.23 3.37
N PHE C 65 -45.90 40.20 2.87
CA PHE C 65 -45.61 41.42 3.60
C PHE C 65 -46.28 42.60 2.93
N HIS C 66 -46.35 43.71 3.68
CA HIS C 66 -47.06 44.90 3.23
C HIS C 66 -46.31 46.13 3.70
N ALA C 67 -46.85 47.30 3.38
CA ALA C 67 -46.26 48.59 3.74
C ALA C 67 -46.06 48.72 5.25
N ASN C 81 -41.88 46.37 7.15
CA ASN C 81 -40.49 46.12 6.77
C ASN C 81 -39.71 45.46 7.89
N PRO C 82 -40.05 44.23 8.21
CA PRO C 82 -39.44 43.55 9.36
C PRO C 82 -38.01 43.12 9.09
N VAL C 83 -37.45 42.32 10.00
CA VAL C 83 -36.14 41.73 9.78
C VAL C 83 -36.25 40.22 9.96
N LEU C 84 -35.67 39.47 9.03
CA LEU C 84 -35.76 38.02 8.96
C LEU C 84 -34.38 37.46 8.66
N PRO C 85 -34.17 36.15 8.83
CA PRO C 85 -32.87 35.57 8.46
C PRO C 85 -32.81 35.17 6.99
N PHE C 86 -31.58 34.83 6.57
CA PHE C 86 -31.33 34.29 5.24
C PHE C 86 -31.60 32.79 5.20
N ASN C 87 -30.96 32.05 6.10
CA ASN C 87 -31.21 30.66 6.47
C ASN C 87 -30.71 29.60 5.50
N ASP C 88 -30.73 29.88 4.20
CA ASP C 88 -29.83 29.28 3.22
C ASP C 88 -29.59 30.24 2.07
N GLY C 89 -30.66 30.90 1.64
CA GLY C 89 -30.80 31.68 0.44
C GLY C 89 -32.25 32.09 0.46
N VAL C 90 -32.62 32.96 -0.46
CA VAL C 90 -33.96 33.55 -0.39
C VAL C 90 -34.53 33.67 -1.78
N TYR C 91 -35.78 33.25 -1.92
CA TYR C 91 -36.63 33.66 -3.02
C TYR C 91 -37.41 34.89 -2.60
N PHE C 92 -37.50 35.86 -3.50
CA PHE C 92 -38.04 37.16 -3.15
C PHE C 92 -38.81 37.68 -4.38
N ALA C 93 -40.13 37.73 -4.28
CA ALA C 93 -40.89 38.25 -5.39
C ALA C 93 -41.52 39.59 -5.02
N SER C 94 -41.48 40.52 -5.98
CA SER C 94 -42.04 41.84 -5.75
C SER C 94 -43.02 42.15 -6.87
N THR C 95 -43.93 43.07 -6.58
CA THR C 95 -45.05 43.38 -7.45
C THR C 95 -45.29 44.90 -7.41
N GLU C 96 -46.50 45.34 -7.79
CA GLU C 96 -46.83 46.77 -7.80
C GLU C 96 -46.02 47.54 -8.84
N LYS C 97 -46.42 47.38 -10.11
CA LYS C 97 -45.77 48.03 -11.26
C LYS C 97 -45.26 49.44 -10.95
N SER C 98 -46.03 50.24 -10.21
CA SER C 98 -45.57 51.57 -9.81
C SER C 98 -44.44 51.42 -8.81
N ASN C 99 -43.27 51.94 -9.15
CA ASN C 99 -42.04 51.73 -8.39
C ASN C 99 -42.21 52.09 -6.93
N ILE C 100 -42.08 51.09 -6.06
CA ILE C 100 -42.04 51.31 -4.61
C ILE C 100 -40.84 50.61 -3.99
N ILE C 101 -40.37 49.54 -4.63
CA ILE C 101 -39.42 48.62 -4.01
C ILE C 101 -38.01 49.02 -4.43
N ARG C 102 -37.11 49.20 -3.44
CA ARG C 102 -35.80 49.80 -3.68
C ARG C 102 -34.74 49.04 -2.87
N GLY C 103 -34.19 47.99 -3.48
CA GLY C 103 -32.99 47.36 -2.95
C GLY C 103 -33.18 46.68 -1.60
N TRP C 104 -32.08 46.12 -1.10
CA TRP C 104 -32.09 45.34 0.13
C TRP C 104 -30.83 45.62 0.91
N ILE C 105 -30.78 45.08 2.13
CA ILE C 105 -29.56 45.06 2.94
C ILE C 105 -29.46 43.70 3.60
N PHE C 106 -28.25 43.21 3.78
CA PHE C 106 -28.03 41.90 4.38
C PHE C 106 -26.98 42.01 5.47
N GLY C 107 -26.94 41.01 6.35
CA GLY C 107 -25.93 40.95 7.39
C GLY C 107 -26.44 40.25 8.64
N THR C 108 -25.55 40.18 9.62
CA THR C 108 -25.85 39.50 10.88
C THR C 108 -26.41 40.44 11.95
N THR C 109 -25.99 41.71 11.97
CA THR C 109 -26.53 42.64 12.96
C THR C 109 -26.98 43.97 12.37
N LEU C 110 -26.66 44.28 11.12
CA LEU C 110 -27.04 45.54 10.48
C LEU C 110 -26.55 46.74 11.30
N ASP C 111 -25.37 46.58 11.88
CA ASP C 111 -24.93 47.47 12.94
C ASP C 111 -23.51 47.93 12.65
N SER C 112 -22.91 48.59 13.63
CA SER C 112 -21.58 49.15 13.47
C SER C 112 -20.50 48.10 13.65
N LYS C 113 -19.41 48.25 12.89
CA LYS C 113 -18.13 47.59 13.11
C LYS C 113 -18.14 46.14 12.67
N THR C 114 -19.16 45.74 11.90
CA THR C 114 -19.22 44.44 11.26
C THR C 114 -19.73 44.62 9.83
N GLN C 115 -19.49 43.61 9.01
CA GLN C 115 -19.76 43.72 7.58
C GLN C 115 -21.25 43.56 7.29
N SER C 116 -21.74 44.41 6.39
CA SER C 116 -23.13 44.43 5.96
C SER C 116 -23.19 45.12 4.61
N LEU C 117 -23.94 44.54 3.68
CA LEU C 117 -23.91 44.98 2.29
C LEU C 117 -25.27 45.51 1.88
N LEU C 118 -25.29 46.25 0.78
CA LEU C 118 -26.46 47.04 0.39
C LEU C 118 -26.50 47.15 -1.11
N ILE C 119 -27.61 46.70 -1.70
CA ILE C 119 -27.99 47.00 -3.07
C ILE C 119 -29.10 48.03 -2.99
N VAL C 120 -29.07 49.02 -3.88
CA VAL C 120 -30.02 50.11 -3.83
C VAL C 120 -30.45 50.48 -5.24
N ASN C 121 -31.57 51.18 -5.35
CA ASN C 121 -31.94 51.89 -6.55
C ASN C 121 -32.23 53.32 -6.18
N ASN C 122 -32.20 54.20 -7.19
CA ASN C 122 -32.45 55.63 -7.05
C ASN C 122 -33.34 56.05 -8.20
N ALA C 123 -33.35 57.33 -8.50
CA ALA C 123 -33.79 57.77 -9.81
C ALA C 123 -33.17 56.91 -10.91
N THR C 124 -31.84 56.76 -10.93
CA THR C 124 -31.19 55.91 -11.90
C THR C 124 -30.11 55.01 -11.29
N ASN C 125 -29.52 55.42 -10.16
CA ASN C 125 -28.30 54.78 -9.69
C ASN C 125 -28.57 53.43 -9.05
N VAL C 126 -27.59 52.54 -9.15
CA VAL C 126 -27.65 51.20 -8.59
C VAL C 126 -26.36 51.00 -7.81
N VAL C 127 -26.40 51.27 -6.51
CA VAL C 127 -25.22 51.30 -5.67
C VAL C 127 -25.17 50.02 -4.87
N ILE C 128 -24.04 49.32 -4.95
CA ILE C 128 -23.80 48.10 -4.19
C ILE C 128 -22.54 48.28 -3.38
N LYS C 129 -22.68 48.24 -2.06
CA LYS C 129 -21.56 48.58 -1.19
C LYS C 129 -21.57 47.68 0.04
N VAL C 130 -20.39 47.42 0.59
CA VAL C 130 -20.27 46.52 1.74
C VAL C 130 -19.43 47.17 2.83
N CYS C 131 -20.09 47.72 3.85
CA CYS C 131 -19.38 48.50 4.86
C CYS C 131 -19.81 48.07 6.25
N GLU C 132 -19.47 48.91 7.24
CA GLU C 132 -19.97 48.78 8.60
C GLU C 132 -20.84 50.01 8.91
N PHE C 133 -22.16 49.82 8.85
CA PHE C 133 -23.06 50.96 8.94
C PHE C 133 -23.58 51.11 10.35
N GLN C 134 -24.51 52.02 10.55
CA GLN C 134 -25.27 52.05 11.80
C GLN C 134 -26.72 52.33 11.40
N PHE C 135 -27.47 51.27 11.18
CA PHE C 135 -28.75 51.36 10.48
C PHE C 135 -29.85 51.83 11.41
N CYS C 136 -30.84 52.50 10.84
CA CYS C 136 -31.87 53.21 11.56
C CYS C 136 -32.79 52.27 12.34
N ASN C 137 -33.75 52.84 13.07
CA ASN C 137 -34.85 52.04 13.61
C ASN C 137 -35.80 51.63 12.50
N ASP C 138 -36.07 52.54 11.57
CA ASP C 138 -36.92 52.25 10.41
C ASP C 138 -36.20 52.74 9.17
N PRO C 139 -35.11 52.07 8.78
CA PRO C 139 -34.30 52.58 7.65
C PRO C 139 -35.00 52.43 6.30
N PHE C 140 -35.90 53.38 6.01
CA PHE C 140 -36.62 53.43 4.75
C PHE C 140 -36.42 54.81 4.13
N LEU C 141 -36.08 54.82 2.84
CA LEU C 141 -35.75 56.04 2.12
C LEU C 141 -36.93 57.00 2.02
N GLY C 142 -37.98 56.60 1.30
CA GLY C 142 -39.13 57.44 1.10
C GLY C 142 -38.94 58.51 0.04
N VAL C 143 -40.03 59.04 -0.49
CA VAL C 143 -39.95 60.16 -1.42
C VAL C 143 -40.63 61.36 -0.78
N MET C 153 -43.50 67.83 -0.82
CA MET C 153 -42.35 67.55 0.04
C MET C 153 -41.33 66.69 -0.70
N GLU C 154 -41.59 65.38 -0.77
CA GLU C 154 -40.88 64.47 -1.66
C GLU C 154 -39.36 64.43 -1.46
N SER C 155 -38.89 64.00 -0.29
CA SER C 155 -37.45 63.91 -0.02
C SER C 155 -37.07 62.48 0.37
N GLU C 156 -35.80 62.22 0.69
CA GLU C 156 -35.38 60.82 0.74
C GLU C 156 -34.22 60.52 1.67
N PHE C 157 -33.76 59.26 1.62
CA PHE C 157 -32.61 58.76 2.38
C PHE C 157 -32.74 58.83 3.88
N ARG C 158 -33.57 57.97 4.47
CA ARG C 158 -33.37 57.65 5.86
C ARG C 158 -32.93 56.19 5.98
N VAL C 159 -31.63 55.93 5.85
CA VAL C 159 -31.14 54.55 5.77
C VAL C 159 -30.09 54.27 6.85
N TYR C 160 -28.94 54.93 6.77
CA TYR C 160 -27.80 54.64 7.63
C TYR C 160 -27.07 55.91 8.01
N SER C 161 -26.18 55.79 8.99
CA SER C 161 -25.40 56.94 9.45
C SER C 161 -23.95 56.60 9.78
N SER C 162 -23.43 55.49 9.25
CA SER C 162 -22.02 55.16 9.41
C SER C 162 -21.54 54.45 8.15
N ALA C 163 -20.29 54.68 7.78
CA ALA C 163 -19.75 54.10 6.56
C ALA C 163 -18.32 53.59 6.75
N ASN C 164 -17.85 53.56 8.00
CA ASN C 164 -16.48 53.20 8.31
C ASN C 164 -16.14 51.78 7.87
N ASN C 165 -14.91 51.60 7.42
CA ASN C 165 -14.35 50.29 7.05
C ASN C 165 -15.21 49.61 5.99
N CYS C 166 -15.28 50.24 4.83
CA CYS C 166 -15.94 49.64 3.69
C CYS C 166 -14.92 48.85 2.88
N THR C 167 -15.14 47.54 2.75
CA THR C 167 -14.21 46.64 2.09
C THR C 167 -14.74 46.17 0.73
N PHE C 168 -15.63 46.95 0.13
CA PHE C 168 -16.08 46.74 -1.23
C PHE C 168 -16.84 47.97 -1.72
N GLU C 169 -16.81 48.23 -3.01
CA GLU C 169 -17.54 49.36 -3.57
C GLU C 169 -18.08 48.99 -4.94
N TYR C 170 -19.10 49.72 -5.37
CA TYR C 170 -19.61 49.68 -6.74
C TYR C 170 -20.66 50.77 -6.91
N VAL C 171 -20.73 51.35 -8.10
CA VAL C 171 -21.78 52.31 -8.43
C VAL C 171 -22.16 52.08 -9.89
N SER C 172 -23.45 52.20 -10.18
CA SER C 172 -23.96 52.21 -11.55
C SER C 172 -23.71 50.88 -12.25
N LYS C 187 -49.86 45.27 -12.88
CA LYS C 187 -48.64 45.18 -12.09
C LYS C 187 -47.49 44.59 -12.90
N ASN C 188 -46.30 44.59 -12.32
CA ASN C 188 -45.11 44.02 -12.95
C ASN C 188 -44.33 43.24 -11.91
N LEU C 189 -44.15 41.94 -12.17
CA LEU C 189 -43.58 41.00 -11.21
C LEU C 189 -42.07 40.93 -11.41
N ARG C 190 -41.32 40.95 -10.30
CA ARG C 190 -39.87 40.87 -10.33
C ARG C 190 -39.43 39.85 -9.31
N GLU C 191 -38.94 38.71 -9.81
CA GLU C 191 -38.48 37.63 -8.96
C GLU C 191 -36.98 37.72 -8.77
N PHE C 192 -36.51 37.25 -7.62
CA PHE C 192 -35.10 37.27 -7.30
C PHE C 192 -34.75 36.06 -6.45
N VAL C 193 -33.64 35.42 -6.76
CA VAL C 193 -33.04 34.43 -5.90
C VAL C 193 -31.71 34.98 -5.47
N PHE C 194 -31.49 35.06 -4.17
CA PHE C 194 -30.20 35.46 -3.61
C PHE C 194 -29.62 34.28 -2.87
N LYS C 195 -28.38 33.93 -3.17
CA LYS C 195 -27.75 32.87 -2.41
C LYS C 195 -26.30 33.20 -2.11
N ASN C 196 -25.92 32.99 -0.85
CA ASN C 196 -24.58 33.29 -0.37
C ASN C 196 -23.91 31.98 0.01
N ILE C 197 -23.30 31.31 -0.97
CA ILE C 197 -22.48 30.14 -0.74
C ILE C 197 -21.17 30.36 -1.48
N ASP C 198 -20.27 29.38 -1.38
CA ASP C 198 -18.99 29.31 -2.09
C ASP C 198 -18.26 30.63 -2.20
N GLY C 199 -18.17 31.37 -1.09
CA GLY C 199 -17.44 32.63 -1.08
C GLY C 199 -17.91 33.64 -2.10
N TYR C 200 -19.21 33.67 -2.39
CA TYR C 200 -19.79 34.64 -3.29
C TYR C 200 -21.12 35.12 -2.74
N PHE C 201 -21.78 35.93 -3.54
CA PHE C 201 -23.18 36.28 -3.32
C PHE C 201 -23.81 36.36 -4.70
N LYS C 202 -24.56 35.34 -5.07
CA LYS C 202 -25.08 35.19 -6.42
C LYS C 202 -26.52 35.66 -6.47
N ILE C 203 -26.88 36.29 -7.60
CA ILE C 203 -28.18 36.92 -7.75
C ILE C 203 -28.77 36.51 -9.08
N TYR C 204 -29.86 35.75 -9.04
CA TYR C 204 -30.62 35.40 -10.24
C TYR C 204 -31.90 36.21 -10.18
N SER C 205 -32.45 36.56 -11.34
CA SER C 205 -33.65 37.37 -11.33
C SER C 205 -34.41 37.20 -12.62
N LYS C 206 -35.64 37.70 -12.64
CA LYS C 206 -36.45 37.72 -13.85
C LYS C 206 -37.65 38.64 -13.63
N HIS C 207 -37.87 39.55 -14.59
CA HIS C 207 -38.89 40.58 -14.47
C HIS C 207 -39.95 40.32 -15.53
N THR C 208 -40.92 39.50 -15.19
CA THR C 208 -41.98 39.22 -16.14
C THR C 208 -43.08 40.28 -16.04
N PRO C 209 -43.88 40.44 -17.08
CA PRO C 209 -45.08 41.27 -16.95
C PRO C 209 -46.23 40.48 -16.38
N ILE C 210 -47.17 41.14 -15.71
CA ILE C 210 -48.38 40.51 -15.21
C ILE C 210 -49.56 41.45 -15.41
N ASN C 211 -50.76 40.90 -15.24
CA ASN C 211 -51.98 41.68 -15.25
C ASN C 211 -52.88 41.24 -14.11
N LEU C 212 -52.26 40.93 -12.97
CA LEU C 212 -52.96 40.46 -11.79
C LEU C 212 -53.30 41.62 -10.87
N VAL C 213 -54.06 41.30 -9.82
CA VAL C 213 -54.63 42.32 -8.95
C VAL C 213 -53.81 42.47 -7.68
N ARG C 214 -53.81 41.44 -6.84
CA ARG C 214 -53.00 41.42 -5.63
C ARG C 214 -52.46 40.01 -5.38
N ASP C 215 -52.26 39.24 -6.45
CA ASP C 215 -52.07 37.80 -6.34
C ASP C 215 -50.69 37.40 -6.85
N LEU C 216 -50.13 36.35 -6.23
CA LEU C 216 -48.91 35.72 -6.73
C LEU C 216 -49.28 34.85 -7.93
N PRO C 217 -48.86 35.20 -9.14
CA PRO C 217 -49.29 34.46 -10.33
C PRO C 217 -48.92 32.98 -10.25
N GLN C 218 -49.48 32.23 -11.18
CA GLN C 218 -49.36 30.78 -11.18
C GLN C 218 -48.91 30.34 -12.56
N GLY C 219 -47.64 30.00 -12.69
CA GLY C 219 -47.10 29.58 -13.96
C GLY C 219 -45.65 29.18 -13.79
N PHE C 220 -45.00 28.92 -14.92
CA PHE C 220 -43.59 28.55 -14.87
C PHE C 220 -42.70 29.64 -15.43
N SER C 221 -41.53 29.81 -14.79
CA SER C 221 -40.54 30.80 -15.16
C SER C 221 -39.20 30.38 -14.59
N ALA C 222 -38.13 30.60 -15.35
CA ALA C 222 -36.79 30.27 -14.89
C ALA C 222 -35.96 31.54 -14.79
N LEU C 223 -35.05 31.58 -13.82
CA LEU C 223 -34.39 32.81 -13.40
C LEU C 223 -32.92 32.76 -13.80
N GLU C 224 -32.54 33.59 -14.72
CA GLU C 224 -31.18 33.57 -15.24
C GLU C 224 -30.28 34.45 -14.39
N PRO C 225 -29.06 33.99 -14.08
CA PRO C 225 -28.21 34.75 -13.18
C PRO C 225 -27.88 36.12 -13.74
N LEU C 226 -27.98 37.14 -12.89
CA LEU C 226 -27.64 38.49 -13.33
C LEU C 226 -26.19 38.81 -13.00
N VAL C 227 -25.84 38.75 -11.72
CA VAL C 227 -24.49 39.04 -11.29
C VAL C 227 -24.09 38.04 -10.20
N ASP C 228 -22.78 38.02 -9.94
CA ASP C 228 -22.22 37.33 -8.79
C ASP C 228 -21.21 38.27 -8.17
N LEU C 229 -21.33 38.52 -6.87
CA LEU C 229 -20.43 39.41 -6.19
C LEU C 229 -19.41 38.59 -5.40
N PRO C 230 -18.13 38.84 -5.61
CA PRO C 230 -17.09 37.99 -5.01
C PRO C 230 -16.79 38.30 -3.55
N ILE C 231 -17.81 38.38 -2.70
CA ILE C 231 -17.64 38.99 -1.39
C ILE C 231 -16.89 38.11 -0.40
N GLY C 232 -17.56 37.10 0.12
CA GLY C 232 -17.07 36.42 1.30
C GLY C 232 -17.58 37.20 2.51
N ILE C 233 -18.63 36.71 3.19
CA ILE C 233 -19.33 37.54 4.16
C ILE C 233 -19.91 36.72 5.31
N ASN C 234 -20.64 37.38 6.22
CA ASN C 234 -21.42 36.74 7.26
C ASN C 234 -22.87 37.24 7.23
N ILE C 235 -23.76 36.58 6.48
CA ILE C 235 -25.16 36.96 6.42
C ILE C 235 -25.99 35.94 7.20
N THR C 236 -26.70 36.42 8.22
CA THR C 236 -27.70 35.60 8.90
C THR C 236 -29.03 36.34 9.03
N ARG C 237 -29.22 37.44 8.31
CA ARG C 237 -30.41 38.25 8.38
C ARG C 237 -30.42 39.19 7.18
N PHE C 238 -31.59 39.76 6.90
CA PHE C 238 -31.68 40.76 5.84
C PHE C 238 -32.92 41.63 6.06
N GLN C 239 -32.92 42.77 5.38
CA GLN C 239 -34.05 43.69 5.41
C GLN C 239 -34.31 44.22 4.01
N THR C 240 -35.54 44.63 3.78
CA THR C 240 -35.95 45.35 2.59
C THR C 240 -35.89 46.85 2.83
N LEU C 241 -35.78 47.61 1.75
CA LEU C 241 -35.79 49.07 1.83
C LEU C 241 -36.84 49.58 0.85
N LEU C 242 -37.86 50.25 1.37
CA LEU C 242 -38.97 50.75 0.57
C LEU C 242 -38.87 52.27 0.48
N ALA C 243 -39.76 52.84 -0.33
CA ALA C 243 -39.88 54.29 -0.46
C ALA C 243 -41.30 54.69 -0.07
N LEU C 244 -41.49 54.99 1.20
CA LEU C 244 -42.81 55.31 1.75
C LEU C 244 -42.89 56.82 1.93
N HIS C 245 -43.95 57.42 1.36
CA HIS C 245 -44.08 58.87 1.24
C HIS C 245 -43.76 59.62 2.53
N ARG C 246 -42.95 60.67 2.42
CA ARG C 246 -42.76 61.62 3.52
C ARG C 246 -43.49 62.92 3.29
N SER C 247 -44.59 62.92 2.55
CA SER C 247 -45.38 64.10 2.29
C SER C 247 -45.98 64.67 3.57
N ALA C 264 -46.72 44.79 -2.57
CA ALA C 264 -46.43 43.72 -1.63
C ALA C 264 -45.24 42.89 -2.10
N TYR C 265 -44.60 42.18 -1.16
CA TYR C 265 -43.46 41.35 -1.49
C TYR C 265 -43.48 40.05 -0.70
N TYR C 266 -43.15 38.96 -1.38
CA TYR C 266 -43.27 37.61 -0.84
C TYR C 266 -41.88 37.05 -0.63
N VAL C 267 -41.68 36.39 0.50
CA VAL C 267 -40.40 35.80 0.86
C VAL C 267 -40.56 34.29 0.95
N GLY C 268 -39.54 33.57 0.48
CA GLY C 268 -39.52 32.13 0.57
C GLY C 268 -38.10 31.65 0.81
N TYR C 269 -37.99 30.46 1.37
CA TYR C 269 -36.68 29.94 1.74
C TYR C 269 -36.35 28.73 0.87
N LEU C 270 -35.06 28.42 0.76
CA LEU C 270 -34.59 27.34 -0.08
C LEU C 270 -34.07 26.19 0.78
N GLN C 271 -34.22 24.99 0.26
CA GLN C 271 -33.64 23.78 0.84
C GLN C 271 -32.97 23.02 -0.28
N PRO C 272 -32.09 22.07 0.04
CA PRO C 272 -31.51 21.21 -0.99
C PRO C 272 -32.56 20.24 -1.52
N ARG C 273 -32.73 20.21 -2.84
CA ARG C 273 -33.73 19.36 -3.47
C ARG C 273 -33.10 18.70 -4.68
N THR C 274 -33.88 17.88 -5.37
CA THR C 274 -33.48 17.28 -6.64
C THR C 274 -34.58 17.55 -7.64
N PHE C 275 -34.23 18.20 -8.74
CA PHE C 275 -35.22 18.57 -9.74
C PHE C 275 -34.88 17.91 -11.07
N LEU C 276 -35.88 17.88 -11.94
CA LEU C 276 -35.78 17.32 -13.29
C LEU C 276 -36.22 18.39 -14.28
N LEU C 277 -35.25 19.08 -14.87
CA LEU C 277 -35.54 20.17 -15.77
C LEU C 277 -35.81 19.66 -17.19
N LYS C 278 -36.88 20.17 -17.79
CA LYS C 278 -37.29 19.82 -19.13
C LYS C 278 -36.86 20.91 -20.11
N TYR C 279 -35.59 20.90 -20.46
CA TYR C 279 -35.06 21.84 -21.43
C TYR C 279 -35.80 21.73 -22.75
N ASN C 280 -35.68 22.78 -23.56
CA ASN C 280 -36.36 22.84 -24.85
C ASN C 280 -35.33 23.20 -25.91
N GLU C 281 -35.76 23.16 -27.18
CA GLU C 281 -34.81 23.26 -28.27
C GLU C 281 -34.39 24.70 -28.54
N ASN C 282 -34.09 25.45 -27.49
CA ASN C 282 -33.42 26.73 -27.61
C ASN C 282 -32.46 26.84 -26.45
N GLY C 283 -32.41 25.79 -25.63
CA GLY C 283 -31.66 25.84 -24.39
C GLY C 283 -32.36 26.54 -23.26
N THR C 284 -33.69 26.48 -23.20
CA THR C 284 -34.46 27.20 -22.20
C THR C 284 -35.32 26.22 -21.41
N ILE C 285 -35.35 26.41 -20.09
CA ILE C 285 -36.11 25.57 -19.17
C ILE C 285 -37.59 25.93 -19.23
N THR C 286 -38.43 24.95 -19.53
CA THR C 286 -39.85 25.25 -19.69
C THR C 286 -40.73 24.45 -18.72
N ASP C 287 -40.15 23.44 -18.08
CA ASP C 287 -40.88 22.69 -17.07
C ASP C 287 -39.90 22.02 -16.12
N ALA C 288 -40.41 21.60 -14.98
CA ALA C 288 -39.57 20.96 -13.98
C ALA C 288 -40.44 20.07 -13.10
N VAL C 289 -39.80 19.07 -12.51
CA VAL C 289 -40.45 18.16 -11.57
C VAL C 289 -39.71 18.23 -10.26
N ASP C 290 -40.45 18.47 -9.19
CA ASP C 290 -39.90 18.45 -7.83
C ASP C 290 -40.22 17.09 -7.26
N CYS C 291 -39.41 16.09 -7.57
CA CYS C 291 -39.56 14.83 -6.88
C CYS C 291 -39.05 14.97 -5.46
N ALA C 292 -39.62 14.18 -4.56
CA ALA C 292 -39.70 14.39 -3.12
C ALA C 292 -40.88 15.29 -2.76
N LEU C 293 -41.77 15.56 -3.72
CA LEU C 293 -43.06 16.17 -3.41
C LEU C 293 -44.10 15.10 -3.09
N ASP C 294 -44.34 14.18 -4.02
CA ASP C 294 -45.34 13.14 -3.85
C ASP C 294 -44.84 11.91 -4.58
N PRO C 295 -45.52 10.76 -4.42
CA PRO C 295 -45.00 9.52 -5.04
C PRO C 295 -44.95 9.55 -6.56
N LEU C 296 -45.90 10.21 -7.22
CA LEU C 296 -45.88 10.29 -8.67
C LEU C 296 -44.65 11.04 -9.16
N SER C 297 -44.22 12.05 -8.41
CA SER C 297 -43.00 12.78 -8.76
C SER C 297 -41.77 11.90 -8.63
N GLU C 298 -41.74 11.05 -7.61
CA GLU C 298 -40.65 10.10 -7.50
C GLU C 298 -40.60 9.15 -8.68
N THR C 299 -41.78 8.69 -9.12
CA THR C 299 -41.83 7.87 -10.32
C THR C 299 -41.23 8.61 -11.51
N LYS C 300 -41.63 9.87 -11.69
CA LYS C 300 -41.13 10.64 -12.83
C LYS C 300 -39.62 10.84 -12.74
N CYS C 301 -39.09 10.97 -11.52
CA CYS C 301 -37.65 11.09 -11.36
C CYS C 301 -36.94 9.79 -11.71
N THR C 302 -37.42 8.67 -11.19
CA THR C 302 -36.67 7.42 -11.38
C THR C 302 -36.86 6.87 -12.78
N LEU C 303 -37.92 7.28 -13.47
CA LEU C 303 -38.15 6.86 -14.84
C LEU C 303 -37.58 7.83 -15.85
N LYS C 304 -37.14 9.01 -15.41
CA LYS C 304 -36.61 10.07 -16.25
C LYS C 304 -37.57 10.38 -17.41
N SER C 305 -38.78 10.79 -17.03
CA SER C 305 -39.80 11.11 -18.01
C SER C 305 -41.01 11.77 -17.35
N PHE C 306 -41.62 12.69 -18.08
CA PHE C 306 -42.78 13.42 -17.61
C PHE C 306 -44.06 12.64 -17.82
N THR C 307 -44.02 11.60 -18.64
CA THR C 307 -45.13 10.68 -18.83
C THR C 307 -44.75 9.34 -18.23
N VAL C 308 -45.70 8.69 -17.56
CA VAL C 308 -45.52 7.32 -17.12
C VAL C 308 -46.74 6.52 -17.57
N GLU C 309 -46.52 5.25 -17.84
CA GLU C 309 -47.56 4.33 -18.28
C GLU C 309 -47.97 3.45 -17.13
N LYS C 310 -49.15 2.85 -17.25
CA LYS C 310 -49.69 2.08 -16.14
C LYS C 310 -48.76 0.92 -15.80
N GLY C 311 -48.70 0.60 -14.52
CA GLY C 311 -47.80 -0.42 -14.06
C GLY C 311 -47.53 -0.26 -12.58
N ILE C 312 -46.56 -1.02 -12.11
CA ILE C 312 -46.06 -0.92 -10.75
C ILE C 312 -44.57 -0.69 -10.85
N TYR C 313 -44.05 0.26 -10.09
CA TYR C 313 -42.67 0.72 -10.26
C TYR C 313 -41.98 0.82 -8.92
N GLN C 314 -40.85 0.14 -8.78
CA GLN C 314 -40.01 0.29 -7.61
C GLN C 314 -39.31 1.64 -7.67
N THR C 315 -39.52 2.45 -6.66
CA THR C 315 -39.02 3.82 -6.69
C THR C 315 -37.97 4.09 -5.64
N SER C 316 -38.11 3.55 -4.44
CA SER C 316 -37.15 3.79 -3.39
C SER C 316 -37.18 2.64 -2.40
N ASN C 317 -36.30 2.70 -1.42
CA ASN C 317 -36.35 1.78 -0.29
C ASN C 317 -36.83 2.53 0.92
N PHE C 318 -37.04 1.78 1.99
CA PHE C 318 -37.56 2.32 3.22
C PHE C 318 -36.96 1.52 4.36
N ARG C 319 -36.72 2.19 5.49
CA ARG C 319 -36.19 1.51 6.64
C ARG C 319 -36.45 2.33 7.89
N VAL C 320 -36.64 1.63 9.01
CA VAL C 320 -36.86 2.30 10.28
C VAL C 320 -35.51 2.67 10.89
N GLN C 321 -35.46 3.84 11.51
CA GLN C 321 -34.26 4.44 12.10
C GLN C 321 -34.19 4.17 13.59
N PRO C 322 -32.98 4.00 14.12
CA PRO C 322 -32.82 3.74 15.55
C PRO C 322 -33.29 4.91 16.40
N THR C 323 -34.15 4.60 17.37
CA THR C 323 -34.69 5.64 18.24
C THR C 323 -33.61 6.25 19.13
N GLU C 324 -32.82 5.40 19.77
CA GLU C 324 -31.83 5.87 20.74
C GLU C 324 -30.63 4.94 20.71
N SER C 325 -29.80 5.02 21.75
CA SER C 325 -28.64 4.16 21.91
C SER C 325 -28.61 3.64 23.33
N ILE C 326 -28.15 2.41 23.51
CA ILE C 326 -28.01 1.82 24.83
C ILE C 326 -26.64 1.17 24.93
N VAL C 327 -26.19 1.00 26.16
CA VAL C 327 -24.89 0.41 26.46
C VAL C 327 -25.04 -0.50 27.66
N ARG C 328 -24.45 -1.69 27.61
CA ARG C 328 -24.58 -2.61 28.73
C ARG C 328 -23.30 -3.33 29.08
N PHE C 329 -23.13 -3.62 30.37
CA PHE C 329 -21.97 -4.31 30.87
C PHE C 329 -22.32 -4.98 32.19
N PRO C 330 -21.24 -5.42 32.94
CA PRO C 330 -21.63 -6.07 34.21
C PRO C 330 -21.61 -5.08 35.37
N ASN C 331 -21.92 -5.57 36.57
CA ASN C 331 -21.94 -4.73 37.76
C ASN C 331 -20.56 -4.17 38.09
N ILE C 332 -20.28 -4.03 39.38
CA ILE C 332 -18.99 -3.49 39.82
C ILE C 332 -18.60 -4.04 41.19
N THR C 333 -17.49 -4.78 41.24
CA THR C 333 -17.01 -5.36 42.48
C THR C 333 -15.56 -5.00 42.75
N ASN C 334 -14.90 -4.43 41.73
CA ASN C 334 -13.50 -4.04 41.86
C ASN C 334 -13.22 -2.63 41.39
N LEU C 335 -13.88 -1.65 42.02
CA LEU C 335 -13.70 -0.25 41.69
C LEU C 335 -12.47 0.33 42.37
N CYS C 336 -11.68 -0.56 42.98
CA CYS C 336 -10.45 -0.22 43.70
C CYS C 336 -10.78 0.63 44.93
N PRO C 337 -10.25 0.27 46.10
CA PRO C 337 -10.59 1.11 47.25
C PRO C 337 -9.46 2.06 47.61
N PHE C 338 -9.33 3.14 46.85
CA PHE C 338 -8.30 4.13 47.08
C PHE C 338 -8.44 4.81 48.43
N GLY C 339 -9.46 4.45 49.21
CA GLY C 339 -9.62 4.85 50.58
C GLY C 339 -8.76 4.09 51.56
N GLU C 340 -7.67 3.49 51.12
CA GLU C 340 -6.64 2.98 52.02
C GLU C 340 -5.33 3.74 51.87
N VAL C 341 -4.97 4.13 50.66
CA VAL C 341 -3.74 4.90 50.45
C VAL C 341 -4.01 6.39 50.61
N PHE C 342 -5.21 6.83 50.20
CA PHE C 342 -5.60 8.21 50.41
C PHE C 342 -6.36 8.42 51.71
N ASN C 343 -6.49 7.36 52.52
CA ASN C 343 -7.21 7.45 53.78
C ASN C 343 -6.51 6.67 54.89
N ALA C 344 -5.18 6.77 54.97
CA ALA C 344 -4.43 6.05 55.99
C ALA C 344 -4.34 6.88 57.27
N THR C 345 -4.20 6.18 58.39
CA THR C 345 -4.05 6.85 59.68
C THR C 345 -2.62 7.28 59.94
N ARG C 346 -1.65 6.61 59.33
CA ARG C 346 -0.23 6.95 59.52
C ARG C 346 0.48 6.75 58.20
N PHE C 347 1.04 7.82 57.66
CA PHE C 347 1.76 7.75 56.39
C PHE C 347 3.14 7.13 56.58
N ALA C 348 3.98 7.25 55.56
CA ALA C 348 5.33 6.70 55.61
C ALA C 348 6.39 7.79 55.47
N SER C 349 7.56 7.57 56.06
CA SER C 349 8.64 8.53 56.00
C SER C 349 8.94 8.95 54.56
N VAL C 350 9.84 9.92 54.40
CA VAL C 350 10.21 10.40 53.08
C VAL C 350 11.43 9.66 52.55
N TYR C 351 12.24 9.12 53.45
CA TYR C 351 13.43 8.38 53.06
C TYR C 351 13.18 6.90 52.89
N ALA C 352 12.08 6.38 53.40
CA ALA C 352 11.63 5.03 53.08
C ALA C 352 10.16 5.13 52.69
N TRP C 353 9.89 5.55 51.47
CA TRP C 353 8.53 5.76 51.04
C TRP C 353 7.84 4.42 50.92
N ASN C 354 6.52 4.45 50.82
CA ASN C 354 5.91 3.15 50.64
C ASN C 354 5.77 2.85 49.16
N ARG C 355 5.26 1.67 48.83
CA ARG C 355 5.07 1.32 47.43
C ARG C 355 3.96 0.30 47.33
N LYS C 356 2.77 0.75 46.96
CA LYS C 356 1.61 -0.13 46.79
C LYS C 356 1.47 -0.37 45.30
N ARG C 357 1.25 -1.63 44.89
CA ARG C 357 1.12 -1.92 43.48
C ARG C 357 -0.33 -2.20 43.18
N ILE C 358 -1.08 -1.14 42.91
CA ILE C 358 -2.45 -1.31 42.47
C ILE C 358 -2.46 -2.21 41.25
N SER C 359 -3.51 -3.03 41.12
CA SER C 359 -3.53 -4.07 40.10
C SER C 359 -4.93 -4.10 39.50
N ASN C 360 -5.23 -5.19 38.79
CA ASN C 360 -6.50 -5.36 38.07
C ASN C 360 -7.69 -4.95 38.91
N CYS C 361 -8.42 -3.95 38.46
CA CYS C 361 -9.46 -3.29 39.23
C CYS C 361 -10.20 -2.34 38.29
N VAL C 362 -11.09 -1.55 38.87
CA VAL C 362 -11.84 -0.51 38.17
C VAL C 362 -11.44 0.78 38.87
N ALA C 363 -10.56 1.57 38.24
CA ALA C 363 -10.05 2.79 38.84
C ALA C 363 -10.85 3.98 38.35
N ASP C 364 -11.29 4.81 39.29
CA ASP C 364 -12.10 5.98 38.98
C ASP C 364 -11.34 7.22 39.43
N TYR C 365 -10.48 7.73 38.55
CA TYR C 365 -9.71 8.92 38.88
C TYR C 365 -10.55 10.17 38.93
N SER C 366 -11.85 10.07 38.69
CA SER C 366 -12.68 11.27 38.80
C SER C 366 -12.94 11.64 40.25
N VAL C 367 -13.21 10.65 41.10
CA VAL C 367 -13.39 10.92 42.52
C VAL C 367 -12.14 11.56 43.09
N LEU C 368 -10.99 11.26 42.52
CA LEU C 368 -9.78 11.97 42.90
C LEU C 368 -9.78 13.37 42.32
N TYR C 369 -9.93 13.47 41.01
CA TYR C 369 -9.67 14.72 40.32
C TYR C 369 -10.57 15.85 40.81
N ASN C 370 -11.81 15.54 41.16
CA ASN C 370 -12.75 16.59 41.52
C ASN C 370 -12.94 16.73 43.02
N SER C 371 -12.12 16.08 43.82
CA SER C 371 -12.39 16.08 45.26
C SER C 371 -12.09 17.42 45.90
N ALA C 372 -11.37 18.30 45.22
CA ALA C 372 -11.14 19.67 45.66
C ALA C 372 -10.47 19.74 47.01
N SER C 373 -10.13 18.61 47.61
CA SER C 373 -9.41 18.58 48.87
C SER C 373 -7.92 18.56 48.67
N PHE C 374 -7.45 18.41 47.43
CA PHE C 374 -6.04 18.30 47.13
C PHE C 374 -5.48 19.66 46.79
N SER C 375 -4.38 20.00 47.43
CA SER C 375 -3.74 21.27 47.12
C SER C 375 -2.90 21.22 45.87
N THR C 376 -2.53 20.03 45.42
CA THR C 376 -1.70 19.93 44.21
C THR C 376 -2.09 18.67 43.47
N PHE C 377 -2.48 18.81 42.21
CA PHE C 377 -2.82 17.64 41.39
C PHE C 377 -2.26 17.87 40.01
N LYS C 378 -1.01 17.45 39.78
CA LYS C 378 -0.39 17.65 38.48
C LYS C 378 -0.32 16.32 37.77
N CYS C 379 -0.62 16.32 36.48
CA CYS C 379 -0.47 15.13 35.67
C CYS C 379 0.50 15.41 34.55
N TYR C 380 1.41 14.47 34.29
CA TYR C 380 2.51 14.73 33.38
C TYR C 380 2.43 13.98 32.08
N GLY C 381 2.39 12.66 32.13
CA GLY C 381 2.30 11.93 30.90
C GLY C 381 0.99 12.17 30.20
N VAL C 382 -0.04 12.48 30.98
CA VAL C 382 -1.41 12.46 30.49
C VAL C 382 -2.28 13.42 31.30
N SER C 383 -2.98 14.30 30.61
CA SER C 383 -3.84 15.27 31.28
C SER C 383 -4.92 14.53 32.09
N PRO C 384 -5.41 15.15 33.17
CA PRO C 384 -6.20 14.39 34.15
C PRO C 384 -7.53 13.87 33.66
N THR C 385 -8.25 14.63 32.83
CA THR C 385 -9.62 14.24 32.51
C THR C 385 -9.69 12.98 31.65
N LYS C 386 -8.60 12.63 30.97
CA LYS C 386 -8.57 11.47 30.11
C LYS C 386 -8.06 10.22 30.81
N LEU C 387 -7.99 10.23 32.14
CA LEU C 387 -7.54 9.05 32.86
C LEU C 387 -8.63 7.99 32.92
N ASN C 388 -9.88 8.41 33.07
CA ASN C 388 -11.00 7.49 33.14
C ASN C 388 -11.45 7.02 31.76
N ASP C 389 -10.48 6.92 30.84
CA ASP C 389 -10.77 6.48 29.48
C ASP C 389 -9.58 5.73 28.88
N LEU C 390 -8.64 5.37 29.72
CA LEU C 390 -7.44 4.65 29.28
C LEU C 390 -7.20 3.41 30.14
N CYS C 391 -6.37 2.50 29.65
CA CYS C 391 -6.04 1.28 30.37
C CYS C 391 -4.56 0.98 30.30
N PHE C 392 -3.99 0.57 31.43
CA PHE C 392 -2.57 0.26 31.50
C PHE C 392 -2.34 -1.15 32.02
N THR C 393 -1.10 -1.47 32.39
CA THR C 393 -0.75 -2.78 32.90
C THR C 393 -0.66 -2.78 34.42
N ASN C 394 -0.04 -1.74 34.97
CA ASN C 394 0.12 -1.61 36.40
C ASN C 394 0.06 -0.15 36.78
N VAL C 395 -0.47 0.13 37.97
CA VAL C 395 -0.39 1.44 38.57
C VAL C 395 0.35 1.25 39.87
N TYR C 396 1.34 2.07 40.12
CA TYR C 396 1.99 2.03 41.40
C TYR C 396 1.61 3.29 42.15
N ALA C 397 1.52 3.20 43.47
CA ALA C 397 1.23 4.37 44.27
C ALA C 397 2.28 4.47 45.36
N ASP C 398 3.03 5.56 45.38
CA ASP C 398 4.02 5.78 46.41
C ASP C 398 3.53 6.85 47.37
N SER C 399 3.84 6.69 48.65
CA SER C 399 3.27 7.54 49.68
C SER C 399 4.36 8.02 50.62
N PHE C 400 4.30 9.30 51.00
CA PHE C 400 5.23 9.80 52.03
C PHE C 400 4.78 11.16 52.51
N VAL C 401 5.60 11.77 53.36
CA VAL C 401 5.30 13.03 54.02
C VAL C 401 6.51 13.94 53.95
N ILE C 402 6.32 15.18 53.49
CA ILE C 402 7.42 16.12 53.37
C ILE C 402 6.99 17.47 53.91
N ARG C 403 7.86 18.47 53.77
CA ARG C 403 7.52 19.80 54.22
C ARG C 403 6.53 20.38 53.23
N GLY C 404 6.14 21.63 53.41
CA GLY C 404 5.19 22.24 52.51
C GLY C 404 5.83 22.75 51.25
N ASP C 405 7.04 23.28 51.34
CA ASP C 405 7.65 23.87 50.18
C ASP C 405 8.63 22.96 49.49
N GLU C 406 8.51 21.67 49.78
CA GLU C 406 9.34 20.66 49.15
C GLU C 406 8.48 19.90 48.14
N VAL C 407 7.24 20.34 47.93
CA VAL C 407 6.40 19.64 46.97
C VAL C 407 6.77 19.99 45.55
N ARG C 408 7.63 20.99 45.37
CA ARG C 408 8.03 21.33 44.03
C ARG C 408 9.24 20.54 43.57
N GLN C 409 9.79 19.69 44.41
CA GLN C 409 10.85 18.79 43.96
C GLN C 409 10.33 17.43 43.58
N ILE C 410 9.04 17.18 43.75
CA ILE C 410 8.43 15.93 43.29
C ILE C 410 7.90 16.22 41.89
N ALA C 411 8.79 16.12 40.94
CA ALA C 411 8.48 16.45 39.55
C ALA C 411 9.65 15.96 38.71
N PRO C 412 9.46 15.67 37.43
CA PRO C 412 10.58 15.15 36.63
C PRO C 412 11.59 16.24 36.38
N GLY C 413 12.86 15.95 36.67
CA GLY C 413 13.91 16.91 36.46
C GLY C 413 13.98 18.03 37.47
N GLN C 414 14.23 17.71 38.74
CA GLN C 414 14.47 18.69 39.78
C GLN C 414 15.70 18.32 40.57
N THR C 415 16.11 19.21 41.46
CA THR C 415 17.23 18.98 42.35
C THR C 415 16.90 19.53 43.72
N GLY C 416 17.67 19.11 44.71
CA GLY C 416 17.39 19.41 46.09
C GLY C 416 17.49 18.17 46.96
N LYS C 417 17.53 18.41 48.27
CA LYS C 417 17.82 17.32 49.19
C LYS C 417 16.80 16.20 49.09
N ILE C 418 15.59 16.51 48.63
CA ILE C 418 14.58 15.48 48.51
C ILE C 418 14.75 14.70 47.22
N ALA C 419 14.81 15.42 46.10
CA ALA C 419 14.89 14.72 44.82
C ALA C 419 16.27 14.15 44.58
N ASP C 420 17.30 14.71 45.22
CA ASP C 420 18.63 14.15 45.01
C ASP C 420 18.74 12.79 45.64
N TYR C 421 18.65 12.71 46.96
CA TYR C 421 18.65 11.43 47.61
C TYR C 421 17.55 11.35 48.66
N ASN C 422 16.29 11.30 48.24
CA ASN C 422 15.27 10.64 49.01
C ASN C 422 14.30 9.91 48.08
N TYR C 423 13.93 10.56 46.99
CA TYR C 423 12.91 10.04 46.09
C TYR C 423 13.07 10.73 44.74
N LYS C 424 13.50 9.99 43.73
CA LYS C 424 13.78 10.55 42.42
C LYS C 424 12.82 9.99 41.41
N LEU C 425 12.21 10.86 40.61
CA LEU C 425 11.25 10.62 39.54
C LEU C 425 11.95 10.59 38.19
N PRO C 426 11.72 9.60 37.33
CA PRO C 426 12.45 9.55 36.08
C PRO C 426 12.11 10.73 35.21
N ASP C 427 12.87 10.89 34.13
CA ASP C 427 12.75 12.09 33.34
C ASP C 427 11.65 12.00 32.28
N ASP C 428 11.07 10.83 32.08
CA ASP C 428 9.90 10.67 31.22
C ASP C 428 8.72 10.12 31.99
N PHE C 429 8.47 10.70 33.17
CA PHE C 429 7.42 10.24 34.03
C PHE C 429 6.10 10.19 33.28
N THR C 430 5.18 9.36 33.75
CA THR C 430 3.89 9.23 33.11
C THR C 430 2.70 9.49 33.99
N GLY C 431 2.82 9.37 35.29
CA GLY C 431 1.67 9.38 36.16
C GLY C 431 1.21 10.75 36.56
N CYS C 432 0.73 10.86 37.79
CA CYS C 432 0.32 12.12 38.36
C CYS C 432 0.79 12.21 39.80
N VAL C 433 0.91 13.44 40.29
CA VAL C 433 1.41 13.72 41.62
C VAL C 433 0.31 14.45 42.36
N ILE C 434 -0.05 13.97 43.54
CA ILE C 434 -1.12 14.55 44.33
C ILE C 434 -0.60 14.88 45.71
N ALA C 435 -1.02 16.01 46.27
CA ALA C 435 -0.48 16.44 47.53
C ALA C 435 -1.49 17.28 48.28
N TRP C 436 -1.57 17.09 49.59
CA TRP C 436 -2.49 17.90 50.38
C TRP C 436 -1.93 18.15 51.76
N ASN C 437 -2.31 19.28 52.34
CA ASN C 437 -1.80 19.67 53.64
C ASN C 437 -2.37 18.78 54.72
N SER C 438 -1.57 18.48 55.71
CA SER C 438 -1.99 17.62 56.79
C SER C 438 -1.47 18.13 58.12
N ASN C 439 -1.62 19.42 58.38
CA ASN C 439 -1.04 19.97 59.60
C ASN C 439 -1.66 19.39 60.85
N ASN C 440 -2.95 19.12 60.84
CA ASN C 440 -3.62 18.72 62.07
C ASN C 440 -3.35 17.28 62.44
N LEU C 441 -2.97 16.45 61.50
CA LEU C 441 -2.75 15.03 61.75
C LEU C 441 -1.32 14.72 62.15
N ASP C 442 -0.34 15.37 61.55
CA ASP C 442 1.04 14.95 61.68
C ASP C 442 1.87 15.84 62.58
N SER C 443 1.42 17.03 62.88
CA SER C 443 2.18 17.95 63.70
C SER C 443 1.63 17.98 65.11
N LYS C 444 2.51 17.85 66.10
CA LYS C 444 2.05 17.79 67.46
C LYS C 444 2.88 18.72 68.33
N VAL C 445 2.23 19.31 69.32
CA VAL C 445 2.87 20.28 70.19
C VAL C 445 4.10 19.65 70.83
N GLY C 446 5.18 20.42 70.89
CA GLY C 446 6.44 19.92 71.34
C GLY C 446 7.30 19.34 70.23
N GLY C 447 6.73 19.15 69.05
CA GLY C 447 7.52 18.69 67.93
C GLY C 447 7.37 17.21 67.66
N ASN C 448 6.96 16.87 66.46
CA ASN C 448 6.82 15.48 66.06
C ASN C 448 8.13 15.06 65.41
N TYR C 449 8.98 14.39 66.17
CA TYR C 449 10.30 14.01 65.69
C TYR C 449 10.32 12.61 65.12
N ASN C 450 9.22 12.13 64.57
CA ASN C 450 9.19 10.80 63.99
C ASN C 450 9.26 10.79 62.48
N TYR C 451 9.38 11.95 61.85
CA TYR C 451 9.40 12.06 60.41
C TYR C 451 10.79 12.51 59.98
N LEU C 452 11.59 11.59 59.49
CA LEU C 452 12.98 11.83 59.17
C LEU C 452 13.16 11.95 57.67
N TYR C 453 14.33 12.43 57.28
CA TYR C 453 14.72 12.46 55.89
C TYR C 453 16.23 12.31 55.83
N ARG C 454 16.72 11.86 54.70
CA ARG C 454 18.15 11.67 54.50
C ARG C 454 18.73 12.95 53.93
N LEU C 455 19.85 13.38 54.49
CA LEU C 455 20.44 14.63 54.04
C LEU C 455 21.88 14.49 53.56
N PHE C 456 22.44 13.28 53.57
CA PHE C 456 23.77 13.04 53.03
C PHE C 456 23.77 11.72 52.29
N ARG C 457 24.29 11.71 51.07
CA ARG C 457 24.49 10.46 50.36
C ARG C 457 25.68 10.60 49.42
N LYS C 458 26.28 9.46 49.09
CA LYS C 458 27.41 9.48 48.18
C LYS C 458 27.03 9.97 46.80
N SER C 459 25.89 9.51 46.27
CA SER C 459 25.52 9.83 44.90
C SER C 459 24.01 9.86 44.78
N ASN C 460 23.53 10.75 43.92
CA ASN C 460 22.11 10.91 43.73
C ASN C 460 21.47 9.59 43.31
N LEU C 461 20.18 9.46 43.64
CA LEU C 461 19.49 8.21 43.42
C LEU C 461 19.20 7.99 41.95
N LYS C 462 19.16 6.73 41.55
CA LYS C 462 18.52 6.41 40.29
C LYS C 462 17.03 6.58 40.45
N PRO C 463 16.30 6.83 39.38
CA PRO C 463 14.85 7.01 39.51
C PRO C 463 14.19 5.79 40.13
N PHE C 464 13.33 6.04 41.12
CA PHE C 464 12.56 5.00 41.80
C PHE C 464 13.45 4.06 42.60
N GLU C 465 14.63 4.52 42.95
CA GLU C 465 15.53 3.74 43.79
C GLU C 465 15.33 4.14 45.24
N ARG C 466 15.64 3.22 46.15
CA ARG C 466 15.30 3.39 47.56
C ARG C 466 16.47 2.95 48.42
N ASP C 467 16.71 3.66 49.52
CA ASP C 467 17.93 3.49 50.30
C ASP C 467 17.62 3.71 51.77
N ILE C 468 17.50 2.63 52.54
CA ILE C 468 17.14 2.71 53.95
C ILE C 468 18.34 2.42 54.84
N SER C 469 19.55 2.44 54.32
CA SER C 469 20.70 2.15 55.16
C SER C 469 20.94 3.30 56.12
N THR C 470 21.79 3.04 57.12
CA THR C 470 22.02 4.01 58.18
C THR C 470 23.50 4.04 58.54
N GLU C 471 24.36 3.99 57.54
CA GLU C 471 25.79 4.04 57.77
C GLU C 471 26.23 5.46 58.04
N ILE C 472 27.24 5.60 58.88
CA ILE C 472 27.78 6.92 59.20
C ILE C 472 28.42 7.51 57.96
N TYR C 473 27.93 8.67 57.55
CA TYR C 473 28.46 9.35 56.37
C TYR C 473 29.89 9.79 56.65
N GLN C 474 30.67 9.94 55.60
CA GLN C 474 32.07 10.35 55.73
C GLN C 474 32.32 11.50 54.77
N ALA C 475 32.33 12.71 55.29
CA ALA C 475 32.51 13.86 54.42
C ALA C 475 33.97 14.03 54.02
N GLY C 476 34.85 14.22 55.00
CA GLY C 476 36.26 14.37 54.75
C GLY C 476 36.91 13.07 54.37
N SER C 477 38.23 13.14 54.16
CA SER C 477 38.99 11.98 53.75
C SER C 477 39.24 11.01 54.90
N THR C 478 39.19 11.48 56.12
CA THR C 478 39.50 10.64 57.26
C THR C 478 38.45 9.56 57.41
N PRO C 479 38.84 8.30 57.58
CA PRO C 479 37.85 7.24 57.80
C PRO C 479 37.12 7.43 59.12
N CYS C 480 35.91 6.89 59.19
CA CYS C 480 35.01 7.17 60.29
C CYS C 480 34.96 6.09 61.36
N ASN C 481 35.07 4.82 60.98
CA ASN C 481 35.05 3.70 61.92
C ASN C 481 33.77 3.70 62.76
N GLY C 482 32.65 4.06 62.16
CA GLY C 482 31.38 3.90 62.83
C GLY C 482 31.14 4.79 64.02
N VAL C 483 31.95 5.81 64.24
CA VAL C 483 31.70 6.76 65.33
C VAL C 483 31.56 8.15 64.74
N GLU C 484 30.78 8.97 65.41
CA GLU C 484 30.54 10.34 64.97
C GLU C 484 31.76 11.20 65.20
N GLY C 485 31.66 12.44 64.75
CA GLY C 485 32.77 13.38 64.89
C GLY C 485 32.79 14.32 63.72
N PHE C 486 33.81 15.16 63.69
CA PHE C 486 33.97 16.07 62.57
C PHE C 486 34.10 15.29 61.28
N ASN C 487 33.33 15.69 60.27
CA ASN C 487 33.35 15.04 58.96
C ASN C 487 32.96 13.57 59.05
N CYS C 488 32.23 13.21 60.11
CA CYS C 488 31.64 11.88 60.25
C CYS C 488 30.26 12.09 60.85
N TYR C 489 29.24 12.11 60.00
CA TYR C 489 27.92 12.55 60.36
C TYR C 489 26.90 11.43 60.24
N PHE C 490 25.99 11.37 61.18
CA PHE C 490 24.80 10.56 61.03
C PHE C 490 24.00 11.07 59.86
N PRO C 491 23.46 10.22 58.99
CA PRO C 491 22.90 10.70 57.74
C PRO C 491 21.42 11.05 57.76
N LEU C 492 20.73 10.95 58.89
CA LEU C 492 19.29 11.20 58.92
C LEU C 492 18.98 12.34 59.87
N GLN C 493 18.10 13.23 59.41
CA GLN C 493 17.64 14.37 60.18
C GLN C 493 16.14 14.20 60.38
N SER C 494 15.55 14.94 61.30
CA SER C 494 14.12 14.83 61.55
C SER C 494 13.47 16.19 61.49
N TYR C 495 12.42 16.30 60.70
CA TYR C 495 11.54 17.46 60.76
C TYR C 495 10.98 17.52 62.18
N GLY C 496 11.18 18.62 62.87
CA GLY C 496 10.43 18.74 64.08
C GLY C 496 9.18 19.53 63.81
N PHE C 497 8.09 18.87 63.49
CA PHE C 497 6.89 19.58 63.09
C PHE C 497 6.18 20.11 64.32
N GLN C 498 5.67 21.33 64.23
CA GLN C 498 4.94 21.90 65.33
C GLN C 498 3.74 22.66 64.81
N PRO C 499 2.63 22.65 65.53
CA PRO C 499 1.40 23.19 64.96
C PRO C 499 1.44 24.66 64.69
N THR C 500 2.30 25.41 65.37
CA THR C 500 2.42 26.84 65.11
C THR C 500 3.56 27.13 64.13
N ASN C 501 3.57 26.44 63.00
CA ASN C 501 4.56 26.69 61.96
C ASN C 501 3.89 27.40 60.80
N GLY C 502 4.58 28.38 60.24
CA GLY C 502 4.10 29.01 59.04
C GLY C 502 3.93 28.01 57.93
N VAL C 503 2.98 28.27 57.03
CA VAL C 503 2.79 27.41 55.90
C VAL C 503 4.10 27.30 55.14
N GLY C 504 4.33 26.18 54.49
CA GLY C 504 5.64 25.93 53.94
C GLY C 504 6.59 25.33 54.94
N TYR C 505 6.18 25.22 56.19
CA TYR C 505 6.87 24.35 57.14
C TYR C 505 5.92 23.36 57.79
N GLN C 506 4.70 23.30 57.37
CA GLN C 506 3.78 22.32 57.89
C GLN C 506 3.78 21.08 57.03
N PRO C 507 3.45 19.93 57.59
CA PRO C 507 3.62 18.69 56.85
C PRO C 507 2.59 18.54 55.76
N TYR C 508 3.04 18.08 54.61
CA TYR C 508 2.18 17.79 53.48
C TYR C 508 2.29 16.31 53.20
N ARG C 509 1.17 15.66 52.90
CA ARG C 509 1.21 14.28 52.52
C ARG C 509 1.13 14.18 51.01
N VAL C 510 1.93 13.29 50.44
CA VAL C 510 2.11 13.19 49.00
C VAL C 510 1.87 11.76 48.56
N VAL C 511 1.19 11.60 47.43
CA VAL C 511 0.97 10.31 46.78
C VAL C 511 1.32 10.49 45.31
N VAL C 512 2.18 9.62 44.80
CA VAL C 512 2.65 9.69 43.44
C VAL C 512 2.13 8.46 42.72
N LEU C 513 1.20 8.65 41.79
CA LEU C 513 0.71 7.54 40.99
C LEU C 513 1.52 7.43 39.73
N SER C 514 1.98 6.24 39.43
CA SER C 514 2.83 6.02 38.27
C SER C 514 2.23 4.90 37.44
N PHE C 515 1.69 5.23 36.29
CA PHE C 515 1.10 4.24 35.42
C PHE C 515 2.19 3.68 34.55
N GLU C 516 2.33 2.36 34.53
CA GLU C 516 3.33 1.76 33.70
C GLU C 516 2.69 0.78 32.73
N LEU C 517 3.34 0.57 31.59
CA LEU C 517 2.84 -0.34 30.56
C LEU C 517 3.93 -1.27 30.05
N LEU C 518 4.12 -2.40 30.73
CA LEU C 518 5.13 -3.37 30.33
C LEU C 518 4.83 -3.91 28.94
N HIS C 519 4.36 -5.15 28.88
CA HIS C 519 4.03 -5.79 27.61
C HIS C 519 3.06 -6.95 27.80
N ALA C 520 2.19 -6.82 28.81
CA ALA C 520 1.21 -7.86 29.10
C ALA C 520 0.05 -7.80 28.10
N PRO C 521 -1.08 -8.43 28.46
CA PRO C 521 -2.25 -8.45 27.59
C PRO C 521 -3.28 -7.38 27.93
N ALA C 522 -3.21 -6.88 29.16
CA ALA C 522 -4.13 -5.84 29.62
C ALA C 522 -4.10 -5.72 31.14
N THR C 523 -4.91 -4.82 31.67
CA THR C 523 -4.99 -4.61 33.11
C THR C 523 -6.01 -3.53 33.47
N VAL C 524 -5.92 -3.02 34.69
CA VAL C 524 -6.85 -1.98 35.15
C VAL C 524 -7.21 -0.93 34.11
N CYS C 525 -8.50 -0.58 34.05
CA CYS C 525 -8.97 0.56 33.27
C CYS C 525 -10.13 1.25 33.97
N GLY C 526 -10.55 2.39 33.41
CA GLY C 526 -11.61 3.19 33.96
C GLY C 526 -12.99 2.60 33.72
N PRO C 527 -13.92 2.98 34.59
CA PRO C 527 -15.30 2.49 34.54
C PRO C 527 -15.88 2.40 33.15
N LYS C 528 -17.00 1.68 33.04
CA LYS C 528 -17.70 1.52 31.77
C LYS C 528 -19.14 1.97 31.96
N LYS C 529 -19.43 3.22 31.62
CA LYS C 529 -20.77 3.77 31.76
C LYS C 529 -21.80 2.89 31.06
N SER C 530 -23.02 2.89 31.59
CA SER C 530 -24.10 2.08 31.02
C SER C 530 -25.40 2.87 30.91
N THR C 531 -26.50 2.14 30.72
CA THR C 531 -27.82 2.75 30.61
C THR C 531 -28.90 1.73 30.92
N ASN C 532 -30.15 2.06 30.62
CA ASN C 532 -31.27 1.17 30.87
C ASN C 532 -31.50 0.20 29.72
N LEU C 533 -32.48 -0.68 29.88
CA LEU C 533 -32.78 -1.67 28.85
C LEU C 533 -34.11 -1.40 28.13
N VAL C 534 -34.00 -0.86 26.92
CA VAL C 534 -35.17 -0.56 26.10
C VAL C 534 -35.42 -1.72 25.15
N LYS C 535 -36.61 -2.32 25.25
CA LYS C 535 -36.95 -3.45 24.40
C LYS C 535 -38.08 -3.06 23.46
N ASN C 536 -38.11 -3.71 22.30
CA ASN C 536 -39.15 -3.52 21.28
C ASN C 536 -39.04 -2.18 20.56
N LYS C 537 -37.83 -1.67 20.38
CA LYS C 537 -37.59 -0.49 19.56
C LYS C 537 -36.28 -0.64 18.82
N CYS C 538 -36.22 -0.12 17.60
CA CYS C 538 -34.96 -0.11 16.87
C CYS C 538 -34.00 0.83 17.60
N VAL C 539 -32.91 0.27 18.11
CA VAL C 539 -31.92 0.99 18.88
C VAL C 539 -30.55 0.70 18.29
N ASN C 540 -29.56 1.43 18.77
CA ASN C 540 -28.15 1.10 18.55
C ASN C 540 -27.67 0.49 19.85
N PHE C 541 -27.44 -0.81 19.85
CA PHE C 541 -27.02 -1.44 21.09
C PHE C 541 -25.51 -1.60 21.11
N ASN C 542 -25.00 -1.88 22.31
CA ASN C 542 -23.59 -2.23 22.49
C ASN C 542 -23.50 -3.03 23.78
N PHE C 543 -23.18 -4.30 23.64
CA PHE C 543 -22.96 -5.20 24.77
C PHE C 543 -21.50 -5.61 24.75
N ASN C 544 -20.70 -4.99 25.61
CA ASN C 544 -19.32 -5.35 25.90
C ASN C 544 -18.39 -5.11 24.71
N GLY C 545 -18.91 -4.75 23.54
CA GLY C 545 -18.08 -4.64 22.37
C GLY C 545 -18.80 -5.21 21.17
N LEU C 546 -19.76 -6.08 21.43
CA LEU C 546 -20.76 -6.46 20.43
C LEU C 546 -21.56 -5.23 20.06
N THR C 547 -21.39 -4.76 18.84
CA THR C 547 -21.99 -3.52 18.36
C THR C 547 -22.90 -3.81 17.18
N GLY C 548 -24.13 -3.33 17.27
CA GLY C 548 -25.04 -3.44 16.16
C GLY C 548 -26.27 -2.58 16.39
N THR C 549 -27.27 -2.77 15.54
CA THR C 549 -28.50 -2.02 15.65
C THR C 549 -29.67 -2.93 15.32
N GLY C 550 -30.79 -2.71 15.99
CA GLY C 550 -31.95 -3.56 15.80
C GLY C 550 -32.89 -3.46 16.98
N VAL C 551 -33.83 -4.39 17.03
CA VAL C 551 -34.82 -4.40 18.10
C VAL C 551 -34.62 -5.65 18.95
N LEU C 552 -34.60 -5.46 20.27
CA LEU C 552 -34.28 -6.48 21.24
C LEU C 552 -35.56 -6.95 21.92
N THR C 553 -35.79 -8.24 21.92
CA THR C 553 -36.92 -8.82 22.63
C THR C 553 -36.42 -9.88 23.60
N GLU C 554 -37.29 -10.35 24.47
CA GLU C 554 -36.92 -11.45 25.35
C GLU C 554 -37.21 -12.78 24.68
N SER C 555 -36.44 -13.80 25.06
CA SER C 555 -36.32 -15.02 24.25
C SER C 555 -36.68 -16.29 25.00
N ASN C 556 -36.57 -17.43 24.32
CA ASN C 556 -36.78 -18.74 24.93
C ASN C 556 -35.58 -19.63 24.69
N LYS C 557 -34.41 -19.03 24.58
CA LYS C 557 -33.19 -19.80 24.46
C LYS C 557 -32.60 -20.05 25.84
N LYS C 558 -31.64 -20.96 25.89
CA LYS C 558 -30.90 -21.24 27.13
C LYS C 558 -29.45 -21.45 26.76
N PHE C 559 -28.61 -20.47 27.06
CA PHE C 559 -27.19 -20.57 26.76
C PHE C 559 -26.54 -21.57 27.69
N LEU C 560 -25.21 -21.66 27.63
CA LEU C 560 -24.46 -22.35 28.65
C LEU C 560 -23.74 -21.29 29.49
N PRO C 561 -23.64 -21.52 30.79
CA PRO C 561 -23.20 -20.44 31.70
C PRO C 561 -22.01 -19.64 31.21
N PHE C 562 -21.12 -20.23 30.42
CA PHE C 562 -19.97 -19.51 29.91
C PHE C 562 -20.23 -18.84 28.57
N GLN C 563 -21.37 -19.10 27.93
CA GLN C 563 -21.64 -18.56 26.60
C GLN C 563 -22.26 -17.18 26.71
N GLN C 564 -21.75 -16.27 25.89
CA GLN C 564 -22.06 -14.84 26.02
C GLN C 564 -22.94 -14.28 24.92
N PHE C 565 -23.00 -14.92 23.76
CA PHE C 565 -23.92 -14.51 22.72
C PHE C 565 -24.06 -15.63 21.71
N GLY C 566 -25.17 -15.62 20.97
CA GLY C 566 -25.47 -16.63 20.00
C GLY C 566 -25.42 -16.09 18.58
N ARG C 567 -25.20 -17.01 17.65
CA ARG C 567 -25.26 -16.65 16.25
C ARG C 567 -25.74 -17.86 15.47
N ASP C 568 -26.34 -17.60 14.32
CA ASP C 568 -26.99 -18.61 13.51
C ASP C 568 -26.13 -19.00 12.32
N ILE C 569 -26.72 -19.80 11.44
CA ILE C 569 -26.09 -20.12 10.15
C ILE C 569 -25.90 -18.80 9.42
N ALA C 570 -24.87 -18.73 8.57
CA ALA C 570 -24.41 -17.51 7.91
C ALA C 570 -23.70 -16.59 8.90
N ASP C 571 -23.62 -17.01 10.16
CA ASP C 571 -22.87 -16.30 11.19
C ASP C 571 -23.29 -14.85 11.32
N THR C 572 -24.55 -14.61 11.66
CA THR C 572 -25.03 -13.32 12.10
C THR C 572 -25.44 -13.46 13.55
N THR C 573 -25.24 -12.41 14.33
CA THR C 573 -25.63 -12.45 15.74
C THR C 573 -27.14 -12.32 15.85
N ASP C 574 -27.77 -13.29 16.50
CA ASP C 574 -29.23 -13.26 16.61
C ASP C 574 -29.68 -13.38 18.06
N ALA C 575 -28.75 -13.43 19.00
CA ALA C 575 -29.05 -13.38 20.41
C ALA C 575 -27.88 -12.76 21.15
N VAL C 576 -28.09 -12.43 22.42
CA VAL C 576 -27.03 -11.86 23.23
C VAL C 576 -27.39 -12.09 24.68
N ARG C 577 -26.40 -12.01 25.56
CA ARG C 577 -26.59 -12.04 27.00
C ARG C 577 -26.22 -10.67 27.56
N ASP C 578 -27.07 -10.13 28.40
CA ASP C 578 -26.58 -8.84 28.86
C ASP C 578 -25.85 -8.99 30.19
N PRO C 579 -24.76 -8.27 30.38
CA PRO C 579 -23.82 -8.62 31.44
C PRO C 579 -24.22 -8.18 32.85
N GLN C 580 -25.46 -7.79 33.07
CA GLN C 580 -25.91 -7.44 34.42
C GLN C 580 -27.14 -8.19 34.88
N THR C 581 -28.10 -8.43 34.01
CA THR C 581 -29.27 -9.22 34.40
C THR C 581 -29.02 -10.72 34.31
N LEU C 582 -28.10 -11.12 33.43
CA LEU C 582 -27.85 -12.51 33.07
C LEU C 582 -29.08 -13.09 32.38
N GLU C 583 -29.65 -12.31 31.47
CA GLU C 583 -30.79 -12.73 30.67
C GLU C 583 -30.41 -12.66 29.21
N ILE C 584 -30.89 -13.59 28.41
CA ILE C 584 -30.57 -13.61 26.99
C ILE C 584 -31.72 -12.99 26.21
N LEU C 585 -31.36 -12.23 25.19
CA LEU C 585 -32.28 -11.42 24.42
C LEU C 585 -32.13 -11.73 22.94
N ASP C 586 -33.27 -11.86 22.26
CA ASP C 586 -33.31 -12.00 20.82
C ASP C 586 -33.05 -10.66 20.14
N ILE C 587 -32.36 -10.72 19.02
CA ILE C 587 -32.05 -9.55 18.21
C ILE C 587 -32.73 -9.73 16.87
N THR C 588 -33.50 -8.73 16.46
CA THR C 588 -34.20 -8.78 15.18
C THR C 588 -33.90 -7.52 14.39
N PRO C 589 -33.49 -7.69 13.07
CA PRO C 589 -33.21 -6.44 12.35
C PRO C 589 -34.42 -5.53 12.31
N CYS C 590 -34.17 -4.21 12.27
CA CYS C 590 -35.24 -3.23 12.23
C CYS C 590 -35.84 -3.12 10.82
N SER C 591 -37.12 -3.45 10.72
CA SER C 591 -37.87 -3.42 9.46
C SER C 591 -37.31 -2.53 8.34
N PHE C 592 -37.35 -3.07 7.13
CA PHE C 592 -36.90 -2.38 5.93
C PHE C 592 -37.64 -2.99 4.76
N GLY C 593 -37.53 -2.41 3.57
CA GLY C 593 -38.22 -2.95 2.44
C GLY C 593 -38.13 -2.01 1.27
N GLY C 594 -38.86 -2.36 0.21
CA GLY C 594 -38.96 -1.52 -0.96
C GLY C 594 -40.30 -0.81 -0.98
N VAL C 595 -40.37 0.20 -1.82
CA VAL C 595 -41.59 0.97 -1.99
C VAL C 595 -41.92 0.97 -3.47
N SER C 596 -43.13 0.55 -3.81
CA SER C 596 -43.56 0.57 -5.20
C SER C 596 -44.80 1.44 -5.31
N VAL C 597 -44.92 2.16 -6.42
CA VAL C 597 -46.10 2.97 -6.66
C VAL C 597 -46.89 2.36 -7.81
N ILE C 598 -48.18 2.24 -7.61
CA ILE C 598 -49.13 1.70 -8.56
C ILE C 598 -49.81 2.88 -9.23
N THR C 599 -49.62 2.99 -10.54
CA THR C 599 -50.11 4.09 -11.35
C THR C 599 -51.10 3.58 -12.37
N PRO C 600 -52.26 4.19 -12.51
CA PRO C 600 -53.18 3.78 -13.57
C PRO C 600 -52.81 4.38 -14.92
N GLY C 601 -51.61 4.91 -15.02
CA GLY C 601 -51.17 5.61 -16.21
C GLY C 601 -51.39 7.10 -16.05
N THR C 602 -50.35 7.90 -16.28
CA THR C 602 -50.48 9.35 -16.12
C THR C 602 -51.38 9.97 -17.18
N ASN C 603 -51.61 9.27 -18.28
CA ASN C 603 -52.50 9.69 -19.35
C ASN C 603 -53.96 9.41 -19.02
N THR C 604 -54.25 8.97 -17.80
CA THR C 604 -55.60 8.62 -17.41
C THR C 604 -55.94 9.32 -16.10
N SER C 605 -54.96 9.53 -15.25
CA SER C 605 -55.20 10.09 -13.93
C SER C 605 -53.86 10.53 -13.34
N ASN C 606 -53.94 11.09 -12.13
CA ASN C 606 -52.77 11.41 -11.33
C ASN C 606 -52.79 10.69 -10.00
N GLN C 607 -53.81 9.87 -9.76
CA GLN C 607 -53.90 9.09 -8.53
C GLN C 607 -52.86 7.97 -8.53
N VAL C 608 -52.38 7.62 -7.34
CA VAL C 608 -51.44 6.52 -7.18
C VAL C 608 -51.79 5.77 -5.92
N ALA C 609 -51.35 4.52 -5.85
CA ALA C 609 -51.33 3.76 -4.61
C ALA C 609 -49.90 3.37 -4.30
N VAL C 610 -49.63 3.00 -3.06
CA VAL C 610 -48.27 2.70 -2.64
C VAL C 610 -48.24 1.38 -1.91
N LEU C 611 -47.30 0.53 -2.27
CA LEU C 611 -47.06 -0.74 -1.59
C LEU C 611 -45.72 -0.67 -0.86
N TYR C 612 -45.75 -1.02 0.41
CA TYR C 612 -44.57 -1.16 1.25
C TYR C 612 -44.31 -2.65 1.38
N GLN C 613 -43.25 -3.13 0.76
CA GLN C 613 -43.10 -4.56 0.56
C GLN C 613 -42.70 -5.28 1.84
N ASP C 614 -43.41 -6.37 2.12
CA ASP C 614 -43.29 -7.21 3.30
C ASP C 614 -43.06 -6.40 4.58
N VAL C 615 -43.92 -5.41 4.79
CA VAL C 615 -43.92 -4.62 6.01
C VAL C 615 -45.32 -4.68 6.59
N ASN C 616 -45.40 -4.89 7.89
CA ASN C 616 -46.68 -4.80 8.58
C ASN C 616 -47.18 -3.36 8.55
N CYS C 617 -48.50 -3.21 8.52
CA CYS C 617 -49.08 -1.90 8.28
C CYS C 617 -48.87 -0.93 9.43
N THR C 618 -48.61 -1.43 10.64
CA THR C 618 -48.46 -0.55 11.80
C THR C 618 -47.23 0.35 11.69
N GLU C 619 -46.20 -0.10 10.98
CA GLU C 619 -44.91 0.59 11.00
C GLU C 619 -44.74 1.61 9.89
N VAL C 620 -45.83 2.10 9.32
CA VAL C 620 -45.73 3.15 8.32
C VAL C 620 -46.52 4.37 8.80
N ASN C 641 -58.82 2.12 2.45
CA ASN C 641 -57.68 2.95 2.82
C ASN C 641 -56.40 2.15 2.91
N VAL C 642 -56.22 1.46 4.04
CA VAL C 642 -55.00 0.74 4.37
C VAL C 642 -55.33 -0.74 4.41
N PHE C 643 -54.60 -1.54 3.66
CA PHE C 643 -54.98 -2.93 3.41
C PHE C 643 -53.74 -3.81 3.50
N GLN C 644 -53.83 -4.92 4.21
CA GLN C 644 -52.68 -5.79 4.41
C GLN C 644 -52.77 -6.99 3.48
N THR C 645 -51.82 -7.09 2.57
CA THR C 645 -51.69 -8.23 1.70
C THR C 645 -50.57 -9.12 2.24
N ARG C 646 -50.24 -10.16 1.49
CA ARG C 646 -49.07 -10.97 1.76
C ARG C 646 -47.84 -10.43 1.05
N ALA C 647 -48.03 -9.53 0.09
CA ALA C 647 -46.94 -8.82 -0.57
C ALA C 647 -46.47 -7.61 0.22
N GLY C 648 -47.18 -7.21 1.27
CA GLY C 648 -46.84 -6.03 2.03
C GLY C 648 -48.06 -5.21 2.40
N CYS C 649 -47.86 -3.95 2.78
CA CYS C 649 -48.94 -3.08 3.20
C CYS C 649 -49.25 -2.12 2.06
N LEU C 650 -50.53 -2.00 1.73
CA LEU C 650 -50.95 -1.25 0.55
C LEU C 650 -51.82 -0.09 0.99
N ILE C 651 -51.45 1.13 0.59
CA ILE C 651 -52.12 2.35 1.00
C ILE C 651 -52.62 3.09 -0.23
N GLY C 652 -53.87 3.51 -0.19
CA GLY C 652 -54.46 4.28 -1.26
C GLY C 652 -55.30 3.50 -2.25
N ALA C 653 -55.69 2.27 -1.93
CA ALA C 653 -56.50 1.43 -2.80
C ALA C 653 -57.57 0.77 -1.96
N GLU C 654 -58.78 0.71 -2.50
CA GLU C 654 -59.91 0.10 -1.84
C GLU C 654 -59.97 -1.38 -2.15
N HIS C 655 -60.28 -2.19 -1.16
CA HIS C 655 -60.37 -3.63 -1.34
C HIS C 655 -61.82 -4.01 -1.63
N VAL C 656 -62.13 -4.25 -2.91
CA VAL C 656 -63.43 -4.73 -3.34
C VAL C 656 -63.52 -6.23 -3.17
N ASN C 657 -64.72 -6.78 -3.35
CA ASN C 657 -64.97 -8.21 -3.17
C ASN C 657 -65.15 -8.99 -4.45
N ASN C 658 -65.24 -8.34 -5.60
CA ASN C 658 -65.40 -9.04 -6.85
C ASN C 658 -64.05 -9.40 -7.44
N SER C 659 -64.06 -10.34 -8.39
CA SER C 659 -62.83 -10.82 -9.00
C SER C 659 -62.86 -10.52 -10.49
N TYR C 660 -61.89 -9.76 -10.94
CA TYR C 660 -61.71 -9.49 -12.35
C TYR C 660 -60.46 -10.18 -12.86
N GLU C 661 -60.24 -10.07 -14.16
CA GLU C 661 -58.95 -10.43 -14.73
C GLU C 661 -57.86 -9.54 -14.14
N CYS C 662 -56.64 -10.05 -14.11
CA CYS C 662 -55.57 -9.26 -13.51
C CYS C 662 -55.20 -8.10 -14.42
N ASP C 663 -55.00 -6.93 -13.81
CA ASP C 663 -54.66 -5.72 -14.56
C ASP C 663 -53.25 -5.25 -14.22
N ILE C 664 -52.96 -4.94 -12.97
CA ILE C 664 -51.61 -4.68 -12.50
C ILE C 664 -51.31 -5.70 -11.41
N PRO C 665 -50.29 -6.52 -11.56
CA PRO C 665 -50.02 -7.55 -10.54
C PRO C 665 -49.40 -6.96 -9.29
N ILE C 666 -50.06 -7.17 -8.17
CA ILE C 666 -49.52 -6.83 -6.87
C ILE C 666 -48.71 -7.99 -6.30
N GLY C 667 -49.28 -9.18 -6.30
CA GLY C 667 -48.56 -10.35 -5.88
C GLY C 667 -49.40 -11.19 -4.96
N ALA C 668 -48.96 -12.44 -4.76
CA ALA C 668 -49.64 -13.40 -3.90
C ALA C 668 -51.14 -13.49 -4.18
N GLY C 669 -51.54 -13.27 -5.42
CA GLY C 669 -52.91 -13.43 -5.82
C GLY C 669 -53.70 -12.16 -5.94
N ILE C 670 -53.11 -11.01 -5.62
CA ILE C 670 -53.82 -9.73 -5.60
C ILE C 670 -53.37 -8.91 -6.79
N CYS C 671 -54.32 -8.21 -7.40
CA CYS C 671 -54.11 -7.28 -8.51
C CYS C 671 -54.86 -5.98 -8.21
N ALA C 672 -54.51 -4.94 -8.97
CA ALA C 672 -55.13 -3.63 -8.79
C ALA C 672 -55.61 -3.08 -10.14
N SER C 673 -56.56 -2.15 -10.09
CA SER C 673 -57.09 -1.56 -11.31
C SER C 673 -57.83 -0.25 -11.07
N TYR C 674 -57.89 0.59 -12.09
CA TYR C 674 -58.57 1.88 -12.02
C TYR C 674 -60.00 1.73 -12.50
N GLN C 675 -60.94 1.66 -11.57
CA GLN C 675 -62.35 1.50 -11.90
C GLN C 675 -63.15 2.78 -11.76
N THR C 676 -64.44 2.64 -11.45
CA THR C 676 -65.33 3.79 -11.26
C THR C 676 -66.24 3.58 -10.06
N GLN C 690 -61.90 6.40 -11.51
CA GLN C 690 -62.69 7.06 -10.48
C GLN C 690 -62.14 6.70 -9.11
N SER C 691 -61.40 5.60 -9.04
CA SER C 691 -60.68 5.20 -7.85
C SER C 691 -59.76 4.02 -8.17
N ILE C 692 -58.92 3.62 -7.23
CA ILE C 692 -58.01 2.49 -7.41
C ILE C 692 -58.44 1.36 -6.48
N ILE C 693 -58.71 0.20 -7.05
CA ILE C 693 -59.25 -0.92 -6.30
C ILE C 693 -58.28 -2.10 -6.37
N ALA C 694 -58.35 -2.94 -5.35
CA ALA C 694 -57.49 -4.10 -5.21
C ALA C 694 -58.34 -5.33 -4.93
N TYR C 695 -58.06 -6.42 -5.64
CA TYR C 695 -58.93 -7.59 -5.63
C TYR C 695 -58.12 -8.85 -5.86
N THR C 696 -58.69 -9.98 -5.48
CA THR C 696 -58.18 -11.28 -5.88
C THR C 696 -58.53 -11.53 -7.34
N MET C 697 -57.54 -11.94 -8.12
CA MET C 697 -57.78 -12.18 -9.54
C MET C 697 -58.70 -13.37 -9.74
N SER C 698 -59.35 -13.40 -10.89
CA SER C 698 -60.15 -14.55 -11.28
C SER C 698 -59.44 -15.31 -12.38
N LEU C 699 -59.57 -16.64 -12.32
CA LEU C 699 -58.93 -17.48 -13.32
C LEU C 699 -59.76 -17.59 -14.59
N GLY C 700 -61.07 -17.49 -14.47
CA GLY C 700 -61.94 -17.56 -15.62
C GLY C 700 -63.33 -17.93 -15.19
N ALA C 701 -64.23 -17.98 -16.15
CA ALA C 701 -65.61 -18.33 -15.88
C ALA C 701 -65.75 -19.84 -15.72
N GLU C 702 -66.66 -20.23 -14.83
CA GLU C 702 -66.82 -21.65 -14.56
C GLU C 702 -67.73 -22.32 -15.59
N ASN C 703 -67.60 -23.63 -15.68
CA ASN C 703 -68.20 -24.39 -16.77
C ASN C 703 -68.29 -25.85 -16.37
N SER C 704 -69.50 -26.36 -16.26
CA SER C 704 -69.73 -27.79 -16.14
C SER C 704 -70.10 -28.32 -17.51
N VAL C 705 -69.48 -29.41 -17.90
CA VAL C 705 -69.74 -30.06 -19.16
C VAL C 705 -70.81 -31.12 -18.93
N ALA C 706 -71.79 -31.18 -19.81
CA ALA C 706 -72.92 -32.09 -19.63
C ALA C 706 -72.51 -33.52 -19.96
N TYR C 707 -71.58 -34.04 -19.16
CA TYR C 707 -71.10 -35.38 -19.38
C TYR C 707 -72.12 -36.41 -18.94
N SER C 708 -72.38 -37.38 -19.81
CA SER C 708 -73.02 -38.63 -19.45
C SER C 708 -72.45 -39.73 -20.33
N ASN C 709 -72.89 -40.96 -20.12
CA ASN C 709 -72.28 -42.08 -20.80
C ASN C 709 -72.96 -42.46 -22.11
N ASN C 710 -73.94 -41.69 -22.59
CA ASN C 710 -74.41 -41.92 -23.95
C ASN C 710 -74.76 -40.62 -24.64
N SER C 711 -74.12 -39.52 -24.28
CA SER C 711 -74.36 -38.23 -24.89
C SER C 711 -73.13 -37.75 -25.65
N ILE C 712 -73.35 -37.11 -26.78
CA ILE C 712 -72.27 -36.58 -27.58
C ILE C 712 -72.67 -35.24 -28.19
N ALA C 713 -71.72 -34.35 -28.33
CA ALA C 713 -71.93 -33.05 -28.94
C ALA C 713 -71.18 -32.97 -30.25
N ILE C 714 -71.89 -32.64 -31.33
CA ILE C 714 -71.29 -32.63 -32.67
C ILE C 714 -71.55 -31.28 -33.33
N PRO C 715 -70.54 -30.63 -33.88
CA PRO C 715 -70.73 -29.29 -34.43
C PRO C 715 -71.39 -29.30 -35.80
N THR C 716 -72.19 -28.27 -36.04
CA THR C 716 -72.95 -28.16 -37.28
C THR C 716 -72.45 -27.05 -38.17
N ASN C 717 -71.44 -26.30 -37.77
CA ASN C 717 -70.93 -25.19 -38.57
C ASN C 717 -69.47 -25.00 -38.20
N PHE C 718 -68.83 -24.02 -38.80
CA PHE C 718 -67.44 -23.75 -38.49
C PHE C 718 -67.17 -22.28 -38.74
N THR C 719 -66.04 -21.81 -38.22
CA THR C 719 -65.48 -20.52 -38.57
C THR C 719 -64.05 -20.70 -39.06
N ILE C 720 -63.65 -19.80 -39.96
CA ILE C 720 -62.26 -19.65 -40.36
C ILE C 720 -61.65 -18.56 -39.50
N SER C 721 -60.56 -18.88 -38.82
CA SER C 721 -59.88 -17.94 -37.96
C SER C 721 -58.49 -17.62 -38.51
N VAL C 722 -58.08 -16.36 -38.39
CA VAL C 722 -56.73 -15.93 -38.73
C VAL C 722 -56.16 -15.18 -37.54
N THR C 723 -55.01 -15.62 -37.05
CA THR C 723 -54.36 -14.95 -35.94
C THR C 723 -52.88 -14.73 -36.23
N THR C 724 -52.29 -13.78 -35.52
CA THR C 724 -50.90 -13.41 -35.75
C THR C 724 -49.98 -13.94 -34.65
N GLU C 725 -48.72 -14.09 -35.01
CA GLU C 725 -47.68 -14.49 -34.07
C GLU C 725 -46.39 -13.80 -34.44
N ILE C 726 -45.75 -13.16 -33.48
CA ILE C 726 -44.62 -12.28 -33.73
C ILE C 726 -43.38 -12.83 -33.06
N LEU C 727 -42.26 -12.83 -33.79
CA LEU C 727 -41.02 -13.41 -33.27
C LEU C 727 -39.79 -12.59 -33.61
N PRO C 728 -38.96 -12.25 -32.63
CA PRO C 728 -37.69 -11.60 -32.92
C PRO C 728 -36.66 -12.54 -33.52
N VAL C 729 -36.04 -12.10 -34.60
CA VAL C 729 -35.06 -12.90 -35.31
C VAL C 729 -33.64 -12.40 -35.09
N SER C 730 -33.45 -11.11 -34.86
CA SER C 730 -32.15 -10.49 -35.03
C SER C 730 -32.03 -9.33 -34.06
N MET C 731 -30.81 -8.90 -33.82
CA MET C 731 -30.64 -7.65 -33.09
C MET C 731 -29.57 -6.79 -33.74
N THR C 732 -29.31 -5.62 -33.17
CA THR C 732 -28.41 -4.64 -33.76
C THR C 732 -26.96 -5.07 -33.59
N LYS C 733 -26.20 -5.04 -34.69
CA LYS C 733 -24.79 -5.37 -34.64
C LYS C 733 -23.99 -4.16 -34.25
N THR C 734 -23.31 -4.24 -33.11
CA THR C 734 -22.53 -3.13 -32.61
C THR C 734 -21.12 -3.60 -32.32
N SER C 735 -20.17 -2.71 -32.51
CA SER C 735 -18.80 -2.96 -32.10
C SER C 735 -18.31 -1.81 -31.26
N VAL C 736 -17.39 -2.12 -30.35
CA VAL C 736 -16.72 -1.10 -29.57
C VAL C 736 -15.23 -1.35 -29.71
N ASP C 737 -14.48 -0.32 -30.05
CA ASP C 737 -13.04 -0.39 -29.92
C ASP C 737 -12.69 -0.26 -28.45
N CYS C 738 -12.12 -1.32 -27.89
CA CYS C 738 -11.82 -1.35 -26.46
C CYS C 738 -10.80 -0.28 -26.08
N THR C 739 -9.86 0.02 -26.97
CA THR C 739 -8.82 0.97 -26.63
C THR C 739 -9.33 2.40 -26.66
N MET C 740 -10.14 2.74 -27.66
CA MET C 740 -10.65 4.10 -27.76
C MET C 740 -11.71 4.39 -26.71
N TYR C 741 -12.40 3.37 -26.21
CA TYR C 741 -13.35 3.60 -25.13
C TYR C 741 -12.63 3.96 -23.84
N ILE C 742 -11.57 3.22 -23.53
CA ILE C 742 -10.90 3.37 -22.25
C ILE C 742 -9.97 4.58 -22.26
N CYS C 743 -9.14 4.69 -23.29
CA CYS C 743 -8.15 5.75 -23.35
C CYS C 743 -8.60 6.91 -24.21
N GLY C 744 -9.06 6.62 -25.42
CA GLY C 744 -9.56 7.65 -26.29
C GLY C 744 -8.52 8.60 -26.83
N ASP C 745 -7.60 8.11 -27.65
CA ASP C 745 -6.56 8.95 -28.25
C ASP C 745 -5.68 9.58 -27.18
N SER C 746 -5.00 8.73 -26.41
CA SER C 746 -4.01 9.17 -25.44
C SER C 746 -2.95 8.10 -25.28
N THR C 747 -1.72 8.42 -25.65
CA THR C 747 -0.66 7.42 -25.61
C THR C 747 -0.21 7.09 -24.19
N GLU C 748 -0.31 8.02 -23.25
CA GLU C 748 0.03 7.71 -21.87
C GLU C 748 -0.85 6.60 -21.33
N CYS C 749 -2.14 6.63 -21.67
CA CYS C 749 -3.07 5.62 -21.19
C CYS C 749 -2.88 4.31 -21.94
N SER C 750 -2.55 4.38 -23.22
CA SER C 750 -2.47 3.19 -24.04
C SER C 750 -1.35 2.26 -23.62
N ASN C 751 -0.21 2.81 -23.21
CA ASN C 751 0.91 1.96 -22.81
C ASN C 751 0.67 1.34 -21.45
N LEU C 752 -0.06 2.02 -20.58
CA LEU C 752 -0.49 1.41 -19.33
C LEU C 752 -1.54 0.35 -19.54
N LEU C 753 -2.37 0.48 -20.57
CA LEU C 753 -3.35 -0.55 -20.87
C LEU C 753 -2.70 -1.84 -21.37
N LEU C 754 -1.46 -1.76 -21.84
CA LEU C 754 -0.77 -2.95 -22.32
C LEU C 754 -0.36 -3.88 -21.18
N GLN C 755 -0.46 -3.45 -19.94
CA GLN C 755 -0.05 -4.25 -18.81
C GLN C 755 -1.11 -5.22 -18.35
N TYR C 756 -2.25 -5.26 -19.03
CA TYR C 756 -3.32 -6.18 -18.68
C TYR C 756 -3.43 -7.32 -19.68
N GLY C 757 -2.68 -7.28 -20.75
CA GLY C 757 -2.64 -8.40 -21.67
C GLY C 757 -3.68 -8.32 -22.75
N SER C 758 -4.44 -9.39 -22.91
CA SER C 758 -5.35 -9.55 -24.04
C SER C 758 -6.80 -9.34 -23.65
N PHE C 759 -7.10 -8.35 -22.81
CA PHE C 759 -8.49 -8.09 -22.45
C PHE C 759 -9.26 -7.49 -23.61
N CYS C 760 -8.66 -6.56 -24.33
CA CYS C 760 -9.39 -5.90 -25.41
C CYS C 760 -9.51 -6.79 -26.64
N THR C 761 -8.52 -7.64 -26.88
CA THR C 761 -8.63 -8.61 -27.95
C THR C 761 -9.77 -9.58 -27.67
N GLN C 762 -9.87 -10.02 -26.42
CA GLN C 762 -10.97 -10.88 -26.02
C GLN C 762 -12.32 -10.20 -26.19
N LEU C 763 -12.42 -8.94 -25.78
CA LEU C 763 -13.68 -8.24 -25.87
C LEU C 763 -14.12 -8.03 -27.32
N ASN C 764 -13.19 -7.63 -28.20
CA ASN C 764 -13.56 -7.49 -29.60
C ASN C 764 -13.93 -8.83 -30.22
N ARG C 765 -13.22 -9.90 -29.87
CA ARG C 765 -13.56 -11.21 -30.39
C ARG C 765 -14.93 -11.67 -29.93
N ALA C 766 -15.32 -11.37 -28.69
CA ALA C 766 -16.65 -11.73 -28.24
C ALA C 766 -17.72 -10.94 -28.96
N LEU C 767 -17.53 -9.64 -29.13
CA LEU C 767 -18.54 -8.83 -29.78
C LEU C 767 -18.68 -9.10 -31.27
N THR C 768 -17.61 -9.53 -31.93
CA THR C 768 -17.67 -9.80 -33.36
C THR C 768 -18.37 -11.12 -33.66
N GLY C 769 -18.20 -12.11 -32.79
CA GLY C 769 -18.85 -13.38 -32.95
C GLY C 769 -20.35 -13.32 -32.82
N ILE C 770 -20.88 -12.35 -32.09
CA ILE C 770 -22.33 -12.20 -31.99
C ILE C 770 -22.87 -11.25 -33.05
N ALA C 771 -22.01 -10.54 -33.75
CA ALA C 771 -22.44 -9.83 -34.95
C ALA C 771 -22.48 -10.75 -36.16
N VAL C 772 -21.62 -11.76 -36.18
CA VAL C 772 -21.71 -12.74 -37.25
C VAL C 772 -22.92 -13.65 -37.08
N GLU C 773 -23.29 -13.96 -35.83
CA GLU C 773 -24.45 -14.82 -35.57
C GLU C 773 -25.75 -14.16 -36.02
N GLN C 774 -25.81 -12.84 -36.09
CA GLN C 774 -27.06 -12.19 -36.42
C GLN C 774 -27.43 -12.35 -37.89
N ASP C 775 -26.45 -12.43 -38.77
CA ASP C 775 -26.75 -12.65 -40.18
C ASP C 775 -27.13 -14.09 -40.45
N LYS C 776 -26.51 -15.03 -39.76
CA LYS C 776 -26.92 -16.42 -39.75
C LYS C 776 -28.35 -16.60 -39.27
N ASN C 777 -28.75 -15.83 -38.26
CA ASN C 777 -30.10 -15.87 -37.74
C ASN C 777 -31.13 -15.59 -38.82
N THR C 778 -30.92 -14.58 -39.65
CA THR C 778 -31.96 -14.23 -40.62
C THR C 778 -31.80 -15.01 -41.92
N GLN C 779 -30.59 -15.48 -42.24
CA GLN C 779 -30.47 -16.48 -43.28
C GLN C 779 -31.22 -17.75 -42.97
N GLU C 780 -31.23 -18.19 -41.72
CA GLU C 780 -31.90 -19.43 -41.36
C GLU C 780 -33.41 -19.31 -41.35
N VAL C 781 -33.97 -18.12 -41.20
CA VAL C 781 -35.42 -17.94 -41.22
C VAL C 781 -35.91 -17.67 -42.64
N PHE C 782 -35.26 -16.79 -43.38
CA PHE C 782 -35.90 -16.31 -44.59
C PHE C 782 -35.46 -17.01 -45.86
N ALA C 783 -34.19 -17.40 -45.98
CA ALA C 783 -33.70 -18.02 -47.21
C ALA C 783 -33.94 -19.54 -47.15
N GLN C 784 -35.21 -19.89 -47.10
CA GLN C 784 -35.65 -21.28 -47.04
C GLN C 784 -36.24 -21.72 -48.37
N VAL C 785 -35.98 -20.97 -49.42
CA VAL C 785 -36.58 -21.23 -50.72
C VAL C 785 -35.47 -21.09 -51.76
N LYS C 786 -35.49 -21.98 -52.74
CA LYS C 786 -34.43 -22.03 -53.75
C LYS C 786 -34.66 -21.05 -54.89
N GLN C 787 -35.88 -20.97 -55.40
CA GLN C 787 -36.24 -20.07 -56.48
C GLN C 787 -37.03 -18.90 -55.94
N ILE C 788 -37.05 -17.84 -56.71
CA ILE C 788 -37.91 -16.70 -56.43
C ILE C 788 -39.19 -16.88 -57.25
N TYR C 789 -40.22 -17.42 -56.63
CA TYR C 789 -41.49 -17.66 -57.29
C TYR C 789 -42.30 -16.38 -57.40
N LYS C 790 -43.05 -16.27 -58.49
CA LYS C 790 -43.95 -15.15 -58.73
C LYS C 790 -45.38 -15.64 -58.90
N THR C 791 -46.34 -14.82 -58.50
CA THR C 791 -47.73 -15.13 -58.75
C THR C 791 -48.12 -14.72 -60.17
N PRO C 792 -49.17 -15.32 -60.73
CA PRO C 792 -49.61 -14.92 -62.06
C PRO C 792 -50.25 -13.55 -62.02
N PRO C 793 -50.37 -12.88 -63.17
CA PRO C 793 -51.09 -11.61 -63.18
C PRO C 793 -52.58 -11.77 -62.95
N ILE C 794 -53.18 -12.88 -63.39
CA ILE C 794 -54.60 -13.15 -63.22
C ILE C 794 -54.78 -13.96 -61.95
N LYS C 795 -55.37 -13.35 -60.94
CA LYS C 795 -55.43 -13.92 -59.60
C LYS C 795 -56.77 -14.61 -59.34
N ASP C 796 -56.96 -15.75 -59.98
CA ASP C 796 -58.17 -16.56 -59.81
C ASP C 796 -57.90 -17.62 -58.76
N PHE C 797 -58.33 -17.36 -57.52
CA PHE C 797 -58.05 -18.26 -56.41
C PHE C 797 -59.32 -18.75 -55.73
N GLY C 798 -60.32 -19.11 -56.51
CA GLY C 798 -61.55 -19.65 -55.97
C GLY C 798 -62.37 -18.69 -55.15
N GLY C 799 -62.04 -17.40 -55.19
CA GLY C 799 -62.73 -16.40 -54.40
C GLY C 799 -61.90 -15.80 -53.31
N PHE C 800 -60.78 -16.42 -52.96
CA PHE C 800 -59.94 -15.95 -51.85
C PHE C 800 -59.12 -14.76 -52.30
N ASN C 801 -59.13 -13.70 -51.51
CA ASN C 801 -58.52 -12.43 -51.85
C ASN C 801 -57.26 -12.24 -51.00
N PHE C 802 -56.09 -12.25 -51.64
CA PHE C 802 -54.80 -12.20 -50.97
C PHE C 802 -54.10 -10.86 -51.16
N SER C 803 -54.83 -9.79 -51.42
CA SER C 803 -54.18 -8.60 -51.93
C SER C 803 -53.52 -7.75 -50.85
N GLN C 804 -53.92 -7.86 -49.60
CA GLN C 804 -53.30 -7.11 -48.52
C GLN C 804 -52.01 -7.74 -48.04
N ILE C 805 -51.69 -8.96 -48.44
CA ILE C 805 -50.46 -9.61 -48.06
C ILE C 805 -49.53 -9.88 -49.24
N LEU C 806 -49.91 -9.52 -50.41
CA LEU C 806 -49.09 -9.65 -51.59
C LEU C 806 -48.33 -8.35 -51.82
N PRO C 807 -47.17 -8.40 -52.47
CA PRO C 807 -46.40 -7.18 -52.68
C PRO C 807 -47.20 -6.17 -53.49
N ASP C 808 -47.02 -4.89 -53.16
CA ASP C 808 -47.65 -3.80 -53.89
C ASP C 808 -46.57 -3.04 -54.66
N PRO C 809 -46.46 -3.37 -55.94
CA PRO C 809 -45.44 -2.79 -56.83
C PRO C 809 -45.56 -1.30 -57.10
N SER C 810 -45.61 -0.49 -56.05
CA SER C 810 -45.69 0.95 -56.27
C SER C 810 -45.58 1.71 -54.96
N LYS C 811 -44.71 1.24 -54.07
CA LYS C 811 -44.51 1.88 -52.78
C LYS C 811 -43.07 1.72 -52.30
N PRO C 812 -42.82 1.94 -51.02
CA PRO C 812 -41.46 1.78 -50.49
C PRO C 812 -40.87 0.43 -50.91
N SER C 813 -40.04 0.41 -51.95
CA SER C 813 -39.44 -0.83 -52.42
C SER C 813 -40.49 -1.75 -53.02
N LYS C 814 -41.14 -2.53 -52.17
CA LYS C 814 -42.19 -3.46 -52.62
C LYS C 814 -42.65 -4.35 -51.48
N ARG C 815 -43.43 -3.79 -50.56
CA ARG C 815 -43.94 -4.53 -49.43
C ARG C 815 -45.44 -4.64 -49.57
N SER C 816 -45.99 -5.65 -48.92
CA SER C 816 -47.43 -5.76 -48.86
C SER C 816 -47.99 -4.59 -48.08
N PHE C 817 -49.31 -4.45 -48.12
CA PHE C 817 -49.98 -3.46 -47.30
C PHE C 817 -49.80 -3.74 -45.82
N ILE C 818 -49.76 -5.01 -45.42
CA ILE C 818 -49.61 -5.37 -44.01
C ILE C 818 -48.19 -5.11 -43.53
N GLU C 819 -47.18 -5.30 -44.37
CA GLU C 819 -45.81 -5.07 -43.95
C GLU C 819 -45.53 -3.60 -43.71
N ASP C 820 -46.24 -2.70 -44.38
CA ASP C 820 -46.06 -1.28 -44.17
C ASP C 820 -46.58 -0.83 -42.81
N LEU C 821 -47.74 -1.30 -42.38
CA LEU C 821 -48.15 -1.02 -41.02
C LEU C 821 -47.14 -1.53 -40.00
N LEU C 822 -46.53 -2.68 -40.25
CA LEU C 822 -45.57 -3.21 -39.29
C LEU C 822 -44.28 -2.43 -39.26
N PHE C 823 -43.86 -1.90 -40.39
CA PHE C 823 -42.65 -1.09 -40.42
C PHE C 823 -42.90 0.33 -39.99
N ASN C 824 -44.16 0.76 -39.91
CA ASN C 824 -44.49 2.03 -39.28
C ASN C 824 -44.83 1.90 -37.80
N LYS C 825 -45.11 0.70 -37.32
CA LYS C 825 -45.46 0.54 -35.92
C LYS C 825 -44.25 0.55 -35.00
N VAL C 826 -43.14 -0.03 -35.44
CA VAL C 826 -41.92 -0.08 -34.63
C VAL C 826 -41.02 1.12 -34.91
N LYS C 854 -22.21 7.07 -33.05
CA LYS C 854 -20.77 7.14 -33.26
C LYS C 854 -20.16 8.19 -32.37
N PHE C 855 -19.73 7.79 -31.18
CA PHE C 855 -19.18 8.79 -30.26
C PHE C 855 -17.73 8.53 -29.91
N ASN C 856 -17.45 7.40 -29.27
CA ASN C 856 -16.08 7.09 -28.91
C ASN C 856 -15.91 5.57 -28.87
N GLY C 857 -15.54 5.01 -30.01
CA GLY C 857 -15.37 3.59 -30.17
C GLY C 857 -16.61 2.85 -30.61
N LEU C 858 -17.79 3.46 -30.51
CA LEU C 858 -19.04 2.74 -30.72
C LEU C 858 -19.49 2.84 -32.17
N THR C 859 -19.81 1.68 -32.74
CA THR C 859 -20.19 1.59 -34.14
C THR C 859 -21.37 0.64 -34.27
N VAL C 860 -22.16 0.86 -35.31
CA VAL C 860 -23.23 -0.04 -35.70
C VAL C 860 -22.95 -0.50 -37.13
N LEU C 861 -22.85 -1.80 -37.31
CA LEU C 861 -22.68 -2.38 -38.63
C LEU C 861 -24.02 -2.66 -39.28
N PRO C 862 -24.15 -2.51 -40.60
CA PRO C 862 -25.42 -2.78 -41.24
C PRO C 862 -25.62 -4.27 -41.45
N PRO C 863 -26.85 -4.76 -41.35
CA PRO C 863 -27.10 -6.14 -41.72
C PRO C 863 -26.76 -6.41 -43.18
N LEU C 864 -26.44 -7.66 -43.47
CA LEU C 864 -26.03 -8.03 -44.81
C LEU C 864 -27.20 -7.98 -45.78
N LEU C 865 -28.33 -8.57 -45.44
CA LEU C 865 -29.51 -8.47 -46.25
C LEU C 865 -30.24 -7.18 -45.94
N THR C 866 -30.57 -6.43 -46.97
CA THR C 866 -31.40 -5.27 -46.80
C THR C 866 -32.85 -5.69 -46.56
N ASP C 867 -33.68 -4.74 -46.16
CA ASP C 867 -35.09 -5.04 -45.94
C ASP C 867 -35.84 -5.23 -47.24
N GLU C 868 -35.36 -4.62 -48.31
CA GLU C 868 -35.91 -4.92 -49.63
C GLU C 868 -35.63 -6.36 -50.04
N MET C 869 -34.55 -6.96 -49.54
CA MET C 869 -34.25 -8.34 -49.87
C MET C 869 -35.06 -9.32 -49.02
N ILE C 870 -35.32 -8.98 -47.77
CA ILE C 870 -36.15 -9.81 -46.93
C ILE C 870 -37.61 -9.77 -47.39
N ALA C 871 -38.09 -8.62 -47.84
CA ALA C 871 -39.42 -8.58 -48.41
C ALA C 871 -39.53 -9.45 -49.65
N GLN C 872 -38.48 -9.52 -50.46
CA GLN C 872 -38.48 -10.35 -51.64
C GLN C 872 -38.38 -11.83 -51.33
N TYR C 873 -37.76 -12.21 -50.23
CA TYR C 873 -37.82 -13.61 -49.80
C TYR C 873 -39.22 -13.99 -49.32
N THR C 874 -39.82 -13.17 -48.47
CA THR C 874 -41.15 -13.52 -48.01
C THR C 874 -42.19 -13.45 -49.10
N SER C 875 -41.97 -12.69 -50.18
CA SER C 875 -42.94 -12.74 -51.26
C SER C 875 -42.85 -13.99 -52.11
N ALA C 876 -41.67 -14.57 -52.26
CA ALA C 876 -41.52 -15.84 -52.94
C ALA C 876 -42.01 -17.02 -52.11
N LEU C 877 -41.89 -16.96 -50.78
CA LEU C 877 -42.52 -17.99 -49.96
C LEU C 877 -44.04 -17.98 -50.08
N LEU C 878 -44.63 -16.80 -50.09
CA LEU C 878 -46.06 -16.62 -50.28
C LEU C 878 -46.53 -17.06 -51.63
N ALA C 879 -45.84 -16.68 -52.69
CA ALA C 879 -46.21 -17.15 -54.01
C ALA C 879 -46.04 -18.64 -54.17
N GLY C 880 -45.05 -19.24 -53.53
CA GLY C 880 -44.92 -20.68 -53.56
C GLY C 880 -46.05 -21.40 -52.86
N THR C 881 -46.54 -20.88 -51.75
CA THR C 881 -47.59 -21.61 -51.04
C THR C 881 -48.97 -21.43 -51.66
N ILE C 882 -49.20 -20.38 -52.43
CA ILE C 882 -50.52 -20.10 -52.97
C ILE C 882 -50.74 -20.81 -54.30
N THR C 883 -49.68 -21.07 -55.06
CA THR C 883 -49.85 -21.71 -56.36
C THR C 883 -49.55 -23.19 -56.30
N SER C 884 -48.78 -23.63 -55.32
CA SER C 884 -48.16 -24.94 -55.32
C SER C 884 -48.45 -25.76 -54.10
N GLY C 885 -49.17 -25.25 -53.13
CA GLY C 885 -49.43 -26.02 -51.94
C GLY C 885 -48.18 -26.24 -51.13
N TRP C 886 -47.92 -27.50 -50.78
CA TRP C 886 -46.77 -27.89 -49.97
C TRP C 886 -45.71 -28.64 -50.77
N THR C 887 -45.72 -28.50 -52.08
CA THR C 887 -44.80 -29.27 -52.91
C THR C 887 -43.49 -28.56 -53.17
N PHE C 888 -43.47 -27.24 -53.14
CA PHE C 888 -42.22 -26.53 -53.38
C PHE C 888 -41.27 -26.69 -52.21
N GLY C 889 -41.75 -27.12 -51.06
CA GLY C 889 -40.88 -27.35 -49.93
C GLY C 889 -40.38 -28.78 -49.82
N ALA C 890 -40.63 -29.59 -50.84
CA ALA C 890 -40.20 -30.98 -50.83
C ALA C 890 -39.60 -31.37 -52.17
N GLY C 891 -39.38 -30.39 -53.03
CA GLY C 891 -38.90 -30.65 -54.36
C GLY C 891 -39.22 -29.51 -55.29
N ALA C 892 -39.74 -29.83 -56.46
CA ALA C 892 -40.14 -28.82 -57.43
C ALA C 892 -41.59 -28.41 -57.20
N ALA C 893 -41.87 -27.13 -57.44
CA ALA C 893 -43.21 -26.62 -57.27
C ALA C 893 -44.13 -27.19 -58.34
N LEU C 894 -45.20 -27.86 -57.92
CA LEU C 894 -46.19 -28.39 -58.81
C LEU C 894 -47.49 -27.64 -58.63
N GLN C 895 -48.03 -27.07 -59.70
CA GLN C 895 -49.23 -26.27 -59.58
C GLN C 895 -50.45 -27.12 -59.29
N ILE C 896 -51.42 -26.53 -58.61
CA ILE C 896 -52.70 -27.13 -58.28
C ILE C 896 -53.66 -25.96 -58.08
N PRO C 897 -54.93 -26.06 -58.45
CA PRO C 897 -55.84 -24.94 -58.18
C PRO C 897 -56.09 -24.77 -56.69
N PHE C 898 -56.39 -23.54 -56.28
CA PHE C 898 -56.31 -23.21 -54.87
C PHE C 898 -57.46 -23.82 -54.07
N ALA C 899 -58.67 -23.88 -54.62
CA ALA C 899 -59.75 -24.58 -53.94
C ALA C 899 -59.47 -26.06 -53.76
N MET C 900 -58.78 -26.68 -54.70
CA MET C 900 -58.38 -28.07 -54.56
C MET C 900 -57.27 -28.26 -53.54
N GLN C 901 -56.45 -27.25 -53.31
CA GLN C 901 -55.46 -27.28 -52.24
C GLN C 901 -56.14 -27.14 -50.89
N MET C 902 -57.13 -26.26 -50.81
CA MET C 902 -57.94 -26.09 -49.63
C MET C 902 -58.69 -27.37 -49.28
N ALA C 903 -59.10 -28.13 -50.27
CA ALA C 903 -59.78 -29.39 -49.97
C ALA C 903 -58.84 -30.45 -49.43
N TYR C 904 -57.63 -30.57 -49.97
CA TYR C 904 -56.60 -31.41 -49.38
C TYR C 904 -56.38 -31.03 -47.93
N ARG C 905 -56.29 -29.75 -47.65
CA ARG C 905 -56.05 -29.31 -46.30
C ARG C 905 -57.22 -29.59 -45.36
N PHE C 906 -58.46 -29.50 -45.83
CA PHE C 906 -59.59 -29.96 -45.04
C PHE C 906 -59.53 -31.46 -44.76
N ASN C 907 -59.12 -32.26 -45.74
CA ASN C 907 -58.87 -33.67 -45.49
C ASN C 907 -57.85 -33.88 -44.38
N GLY C 908 -56.80 -33.07 -44.36
CA GLY C 908 -55.75 -33.22 -43.37
C GLY C 908 -56.15 -32.92 -41.94
N ILE C 909 -57.36 -32.39 -41.71
CA ILE C 909 -57.84 -32.23 -40.35
C ILE C 909 -59.05 -33.10 -40.05
N GLY C 910 -59.45 -33.96 -40.97
CA GLY C 910 -60.52 -34.89 -40.70
C GLY C 910 -61.89 -34.56 -41.23
N VAL C 911 -62.01 -33.61 -42.13
CA VAL C 911 -63.28 -33.23 -42.73
C VAL C 911 -63.26 -33.66 -44.19
N THR C 912 -64.35 -34.23 -44.67
CA THR C 912 -64.39 -34.61 -46.07
C THR C 912 -64.40 -33.37 -46.96
N GLN C 913 -64.00 -33.55 -48.20
CA GLN C 913 -63.75 -32.39 -49.03
C GLN C 913 -65.00 -31.86 -49.71
N ASN C 914 -66.04 -32.65 -49.81
CA ASN C 914 -67.33 -32.11 -50.19
C ASN C 914 -67.79 -30.99 -49.25
N VAL C 915 -67.40 -31.02 -47.98
CA VAL C 915 -67.74 -29.94 -47.07
C VAL C 915 -67.07 -28.64 -47.47
N LEU C 916 -65.91 -28.71 -48.12
CA LEU C 916 -65.32 -27.49 -48.65
C LEU C 916 -65.99 -27.08 -49.95
N TYR C 917 -66.16 -28.01 -50.88
CA TYR C 917 -66.69 -27.63 -52.18
C TYR C 917 -68.13 -27.16 -52.12
N GLU C 918 -68.90 -27.60 -51.15
CA GLU C 918 -70.29 -27.17 -51.03
C GLU C 918 -70.44 -25.91 -50.19
N ASN C 919 -69.35 -25.32 -49.72
CA ASN C 919 -69.37 -24.13 -48.89
C ASN C 919 -68.36 -23.10 -49.34
N GLN C 920 -67.73 -23.36 -50.49
CA GLN C 920 -66.62 -22.55 -50.99
C GLN C 920 -66.84 -21.04 -50.80
N LYS C 921 -68.01 -20.54 -51.18
CA LYS C 921 -68.23 -19.09 -51.14
C LYS C 921 -68.28 -18.56 -49.71
N LEU C 922 -68.91 -19.30 -48.80
CA LEU C 922 -68.93 -18.88 -47.41
C LEU C 922 -67.55 -18.94 -46.79
N ILE C 923 -66.81 -20.01 -47.09
CA ILE C 923 -65.47 -20.16 -46.54
C ILE C 923 -64.56 -19.03 -47.02
N ALA C 924 -64.70 -18.63 -48.28
CA ALA C 924 -63.88 -17.54 -48.79
C ALA C 924 -64.30 -16.18 -48.22
N ASN C 925 -65.61 -15.94 -48.08
CA ASN C 925 -66.07 -14.75 -47.37
C ASN C 925 -65.50 -14.67 -45.97
N GLN C 926 -65.49 -15.78 -45.24
CA GLN C 926 -64.99 -15.78 -43.87
C GLN C 926 -63.50 -15.51 -43.82
N PHE C 927 -62.73 -16.12 -44.73
CA PHE C 927 -61.31 -15.82 -44.78
C PHE C 927 -61.05 -14.35 -45.09
N ASN C 928 -61.84 -13.77 -45.99
CA ASN C 928 -61.61 -12.39 -46.38
C ASN C 928 -61.95 -11.42 -45.24
N SER C 929 -63.04 -11.65 -44.54
CA SER C 929 -63.33 -10.83 -43.36
C SER C 929 -62.27 -10.99 -42.29
N ALA C 930 -61.76 -12.20 -42.09
CA ALA C 930 -60.75 -12.41 -41.08
C ALA C 930 -59.45 -11.70 -41.42
N ILE C 931 -59.09 -11.66 -42.70
CA ILE C 931 -57.87 -10.95 -43.09
C ILE C 931 -58.08 -9.44 -43.01
N GLY C 932 -59.30 -8.97 -43.31
CA GLY C 932 -59.57 -7.55 -43.20
C GLY C 932 -59.65 -7.05 -41.78
N LYS C 933 -59.88 -7.95 -40.83
CA LYS C 933 -59.84 -7.58 -39.42
C LYS C 933 -58.45 -7.44 -38.85
N ILE C 934 -57.43 -8.01 -39.48
CA ILE C 934 -56.07 -7.95 -38.96
C ILE C 934 -55.46 -6.58 -39.19
N GLN C 935 -55.66 -6.05 -40.39
CA GLN C 935 -55.13 -4.73 -40.71
C GLN C 935 -55.87 -3.63 -39.96
N ASP C 936 -57.10 -3.91 -39.52
CA ASP C 936 -57.82 -2.94 -38.70
C ASP C 936 -57.22 -2.88 -37.31
N SER C 937 -56.90 -4.03 -36.75
CA SER C 937 -56.22 -4.05 -35.46
C SER C 937 -54.80 -3.54 -35.56
N LEU C 938 -54.18 -3.60 -36.74
CA LEU C 938 -52.81 -3.11 -36.86
C LEU C 938 -52.75 -1.61 -37.12
N SER C 939 -53.65 -1.07 -37.93
CA SER C 939 -53.67 0.38 -38.15
C SER C 939 -54.69 1.05 -37.25
N ALA C 944 -49.23 -4.63 -29.51
CA ALA C 944 -49.06 -5.46 -30.70
C ALA C 944 -47.61 -5.91 -30.87
N LEU C 945 -46.76 -4.97 -31.26
CA LEU C 945 -45.37 -5.25 -31.58
C LEU C 945 -44.43 -5.00 -30.42
N GLY C 946 -44.90 -5.16 -29.19
CA GLY C 946 -44.06 -4.97 -28.03
C GLY C 946 -42.96 -5.99 -27.87
N LYS C 947 -43.14 -7.20 -28.39
CA LYS C 947 -42.09 -8.20 -28.30
C LYS C 947 -40.88 -7.86 -29.15
N LEU C 948 -41.05 -6.99 -30.14
CA LEU C 948 -39.94 -6.49 -30.93
C LEU C 948 -39.39 -5.19 -30.37
N GLN C 949 -40.25 -4.36 -29.78
CA GLN C 949 -39.81 -3.13 -29.17
C GLN C 949 -39.01 -3.39 -27.89
N ASP C 950 -39.26 -4.50 -27.21
CA ASP C 950 -38.47 -4.86 -26.04
C ASP C 950 -37.01 -5.08 -26.36
N VAL C 951 -36.69 -5.72 -27.48
CA VAL C 951 -35.29 -5.92 -27.84
C VAL C 951 -34.62 -4.59 -28.15
N VAL C 952 -35.26 -3.74 -28.96
CA VAL C 952 -34.71 -2.43 -29.27
C VAL C 952 -34.45 -1.63 -28.00
N ASN C 953 -35.41 -1.63 -27.07
CA ASN C 953 -35.28 -0.86 -25.85
C ASN C 953 -34.19 -1.40 -24.95
N GLN C 954 -34.11 -2.72 -24.76
CA GLN C 954 -33.06 -3.27 -23.92
C GLN C 954 -31.67 -2.97 -24.47
N ASN C 955 -31.50 -3.03 -25.78
CA ASN C 955 -30.16 -2.76 -26.30
C ASN C 955 -29.80 -1.28 -26.19
N ALA C 956 -30.74 -0.38 -26.47
CA ALA C 956 -30.44 1.03 -26.28
C ALA C 956 -30.17 1.36 -24.83
N GLN C 957 -30.88 0.72 -23.91
CA GLN C 957 -30.68 0.96 -22.50
C GLN C 957 -29.34 0.45 -22.01
N ALA C 958 -28.78 -0.57 -22.67
CA ALA C 958 -27.43 -0.99 -22.31
C ALA C 958 -26.36 -0.07 -22.88
N LEU C 959 -26.51 0.35 -24.14
CA LEU C 959 -25.52 1.26 -24.70
C LEU C 959 -25.50 2.60 -23.99
N ASN C 960 -26.64 3.07 -23.51
CA ASN C 960 -26.67 4.33 -22.79
C ASN C 960 -25.90 4.24 -21.48
N THR C 961 -26.04 3.14 -20.75
CA THR C 961 -25.28 2.96 -19.52
C THR C 961 -23.79 2.88 -19.79
N LEU C 962 -23.40 2.20 -20.86
CA LEU C 962 -21.99 2.14 -21.19
C LEU C 962 -21.43 3.52 -21.51
N VAL C 963 -22.16 4.32 -22.28
CA VAL C 963 -21.72 5.69 -22.55
C VAL C 963 -21.63 6.49 -21.27
N LYS C 964 -22.63 6.39 -20.39
CA LYS C 964 -22.66 7.27 -19.24
C LYS C 964 -21.67 6.90 -18.16
N GLN C 965 -21.17 5.68 -18.13
CA GLN C 965 -20.13 5.37 -17.17
C GLN C 965 -18.80 6.03 -17.49
N LEU C 966 -18.70 6.76 -18.60
CA LEU C 966 -17.47 7.46 -18.92
C LEU C 966 -17.34 8.79 -18.19
N SER C 967 -18.16 9.04 -17.18
CA SER C 967 -18.12 10.28 -16.46
C SER C 967 -18.09 10.05 -14.96
N SER C 968 -17.67 8.86 -14.54
CA SER C 968 -17.39 8.55 -13.15
C SER C 968 -15.89 8.65 -12.91
N ASN C 969 -15.54 9.08 -11.70
CA ASN C 969 -14.14 9.19 -11.31
C ASN C 969 -13.52 7.88 -10.89
N PHE C 970 -14.34 6.96 -10.38
CA PHE C 970 -13.86 5.71 -9.80
C PHE C 970 -12.80 5.97 -8.74
N GLY C 971 -12.90 7.12 -8.08
CA GLY C 971 -11.96 7.47 -7.04
C GLY C 971 -10.72 8.21 -7.50
N ALA C 972 -10.77 8.89 -8.62
CA ALA C 972 -9.68 9.70 -9.12
C ALA C 972 -10.05 11.17 -8.91
N ILE C 973 -9.17 12.07 -9.34
CA ILE C 973 -9.41 13.49 -9.15
C ILE C 973 -10.34 14.06 -10.22
N SER C 974 -10.25 13.59 -11.45
CA SER C 974 -11.09 14.07 -12.52
C SER C 974 -11.66 12.87 -13.25
N SER C 975 -12.74 13.10 -13.96
CA SER C 975 -13.31 12.09 -14.84
C SER C 975 -12.75 12.15 -16.24
N VAL C 976 -12.16 13.27 -16.64
CA VAL C 976 -11.59 13.47 -17.96
C VAL C 976 -10.08 13.27 -17.87
N LEU C 977 -9.54 12.46 -18.76
CA LEU C 977 -8.13 12.10 -18.73
C LEU C 977 -7.21 13.25 -19.07
N ASN C 978 -7.65 14.19 -19.91
CA ASN C 978 -6.83 15.33 -20.28
C ASN C 978 -6.61 16.29 -19.11
N ASP C 979 -7.54 16.33 -18.16
CA ASP C 979 -7.36 17.19 -17.00
C ASP C 979 -6.52 16.52 -15.92
N ILE C 980 -6.23 15.24 -16.07
CA ILE C 980 -5.20 14.63 -15.25
C ILE C 980 -3.85 14.80 -15.94
N LEU C 981 -3.83 14.66 -17.26
CA LEU C 981 -2.59 14.83 -18.00
C LEU C 981 -2.08 16.26 -18.00
N SER C 982 -2.97 17.24 -17.97
CA SER C 982 -2.53 18.62 -18.13
C SER C 982 -1.95 19.18 -16.85
N ARG C 983 -2.51 18.83 -15.70
CA ARG C 983 -2.04 19.38 -14.44
C ARG C 983 -1.43 18.33 -13.53
N LEU C 984 -0.77 17.34 -14.10
CA LEU C 984 0.00 16.38 -13.32
C LEU C 984 1.13 15.87 -14.18
N ASP C 985 2.18 15.39 -13.53
CA ASP C 985 3.37 14.87 -14.19
C ASP C 985 3.41 13.35 -14.09
N PRO C 986 4.13 12.69 -14.99
CA PRO C 986 3.91 11.24 -15.22
C PRO C 986 3.83 10.41 -13.95
N PRO C 987 4.72 10.59 -12.95
CA PRO C 987 4.66 9.71 -11.78
C PRO C 987 3.33 9.74 -11.03
N GLU C 988 2.69 10.89 -10.96
CA GLU C 988 1.41 10.97 -10.26
C GLU C 988 0.22 11.01 -11.20
N ALA C 989 0.44 11.28 -12.48
CA ALA C 989 -0.61 11.05 -13.46
C ALA C 989 -0.95 9.58 -13.54
N GLU C 990 0.05 8.72 -13.36
CA GLU C 990 -0.11 7.28 -13.55
C GLU C 990 -1.04 6.68 -12.52
N VAL C 991 -0.91 7.07 -11.25
CA VAL C 991 -1.75 6.52 -10.20
C VAL C 991 -3.21 6.88 -10.37
N GLN C 992 -3.50 8.08 -10.86
CA GLN C 992 -4.87 8.48 -11.18
C GLN C 992 -5.39 7.85 -12.46
N ILE C 993 -4.53 7.63 -13.45
CA ILE C 993 -4.98 7.03 -14.70
C ILE C 993 -5.32 5.56 -14.48
N ASP C 994 -4.64 4.91 -13.55
CA ASP C 994 -4.90 3.50 -13.33
C ASP C 994 -6.29 3.24 -12.75
N ARG C 995 -6.82 4.13 -11.92
CA ARG C 995 -8.17 3.93 -11.40
C ARG C 995 -9.22 4.10 -12.49
N LEU C 996 -9.01 5.04 -13.40
CA LEU C 996 -9.90 5.17 -14.54
C LEU C 996 -9.85 3.95 -15.43
N ILE C 997 -8.66 3.42 -15.68
CA ILE C 997 -8.54 2.21 -16.48
C ILE C 997 -9.26 1.06 -15.82
N THR C 998 -9.06 0.87 -14.53
CA THR C 998 -9.75 -0.18 -13.80
C THR C 998 -11.27 -0.06 -13.87
N GLY C 999 -11.83 1.14 -13.67
CA GLY C 999 -13.27 1.28 -13.72
C GLY C 999 -13.86 1.08 -15.09
N ARG C 1000 -13.22 1.64 -16.12
CA ARG C 1000 -13.75 1.53 -17.47
C ARG C 1000 -13.64 0.12 -18.02
N LEU C 1001 -12.57 -0.61 -17.70
CA LEU C 1001 -12.49 -2.01 -18.09
C LEU C 1001 -13.64 -2.83 -17.54
N GLN C 1002 -13.96 -2.66 -16.26
CA GLN C 1002 -15.08 -3.37 -15.67
C GLN C 1002 -16.41 -3.00 -16.29
N SER C 1003 -16.64 -1.72 -16.56
CA SER C 1003 -17.83 -1.32 -17.31
C SER C 1003 -17.95 -2.09 -18.61
N LEU C 1004 -16.89 -2.10 -19.41
CA LEU C 1004 -16.92 -2.75 -20.71
C LEU C 1004 -17.16 -4.24 -20.60
N GLN C 1005 -16.56 -4.90 -19.61
CA GLN C 1005 -16.77 -6.33 -19.42
C GLN C 1005 -18.20 -6.64 -19.04
N THR C 1006 -18.82 -5.83 -18.20
CA THR C 1006 -20.22 -6.07 -17.88
C THR C 1006 -21.10 -5.94 -19.13
N TYR C 1007 -20.83 -4.93 -19.95
CA TYR C 1007 -21.59 -4.79 -21.19
C TYR C 1007 -21.45 -6.01 -22.08
N VAL C 1008 -20.23 -6.52 -22.26
CA VAL C 1008 -20.06 -7.65 -23.16
C VAL C 1008 -20.67 -8.93 -22.61
N THR C 1009 -20.59 -9.18 -21.32
CA THR C 1009 -21.22 -10.38 -20.77
C THR C 1009 -22.73 -10.33 -20.92
N GLN C 1010 -23.33 -9.17 -20.70
CA GLN C 1010 -24.77 -9.13 -20.84
C GLN C 1010 -25.23 -9.12 -22.29
N GLN C 1011 -24.37 -8.74 -23.23
CA GLN C 1011 -24.71 -8.97 -24.62
C GLN C 1011 -24.62 -10.42 -25.01
N LEU C 1012 -23.66 -11.16 -24.46
CA LEU C 1012 -23.56 -12.57 -24.78
C LEU C 1012 -24.73 -13.36 -24.24
N ILE C 1013 -25.29 -12.95 -23.10
CA ILE C 1013 -26.42 -13.70 -22.55
C ILE C 1013 -27.69 -13.39 -23.33
N ARG C 1014 -27.78 -12.21 -23.91
CA ARG C 1014 -28.95 -11.78 -24.65
C ARG C 1014 -28.95 -12.28 -26.10
N ALA C 1015 -27.78 -12.41 -26.71
CA ALA C 1015 -27.68 -13.02 -28.01
C ALA C 1015 -28.09 -14.49 -28.00
N ALA C 1016 -27.86 -15.20 -26.91
CA ALA C 1016 -28.27 -16.58 -26.79
C ALA C 1016 -29.77 -16.73 -26.67
N GLU C 1017 -30.45 -15.72 -26.17
CA GLU C 1017 -31.90 -15.72 -26.12
C GLU C 1017 -32.49 -15.38 -27.48
N ILE C 1018 -31.83 -14.51 -28.22
CA ILE C 1018 -32.28 -14.20 -29.57
C ILE C 1018 -32.08 -15.40 -30.50
N ARG C 1019 -31.04 -16.20 -30.27
CA ARG C 1019 -30.81 -17.36 -31.11
C ARG C 1019 -31.88 -18.44 -30.91
N ALA C 1020 -32.34 -18.64 -29.68
CA ALA C 1020 -33.42 -19.59 -29.46
C ALA C 1020 -34.69 -19.17 -30.16
N SER C 1021 -35.02 -17.89 -30.12
CA SER C 1021 -36.15 -17.33 -30.84
C SER C 1021 -36.05 -17.51 -32.35
N ALA C 1022 -34.89 -17.24 -32.92
CA ALA C 1022 -34.69 -17.43 -34.35
C ALA C 1022 -34.69 -18.89 -34.76
N ASN C 1023 -34.25 -19.81 -33.91
CA ASN C 1023 -34.41 -21.22 -34.22
C ASN C 1023 -35.86 -21.66 -34.18
N LEU C 1024 -36.63 -21.17 -33.21
CA LEU C 1024 -38.05 -21.45 -33.19
C LEU C 1024 -38.77 -20.86 -34.41
N ALA C 1025 -38.37 -19.69 -34.87
CA ALA C 1025 -39.01 -19.11 -36.04
C ALA C 1025 -38.64 -19.84 -37.32
N ALA C 1026 -37.41 -20.34 -37.43
CA ALA C 1026 -37.06 -21.22 -38.52
C ALA C 1026 -37.90 -22.49 -38.52
N THR C 1027 -38.12 -23.08 -37.34
CA THR C 1027 -38.91 -24.30 -37.28
C THR C 1027 -40.37 -24.07 -37.62
N LYS C 1028 -40.94 -22.94 -37.22
CA LYS C 1028 -42.27 -22.57 -37.65
C LYS C 1028 -42.37 -22.26 -39.12
N MET C 1029 -41.38 -21.65 -39.71
CA MET C 1029 -41.39 -21.45 -41.15
C MET C 1029 -41.40 -22.75 -41.91
N SER C 1030 -40.65 -23.76 -41.45
CA SER C 1030 -40.64 -25.04 -42.15
C SER C 1030 -41.93 -25.83 -41.91
N GLU C 1031 -42.47 -25.78 -40.71
CA GLU C 1031 -43.55 -26.67 -40.35
C GLU C 1031 -44.94 -26.06 -40.47
N CYS C 1032 -45.01 -24.73 -40.55
CA CYS C 1032 -46.30 -24.05 -40.66
C CYS C 1032 -46.55 -23.36 -42.01
N VAL C 1033 -45.48 -22.98 -42.71
CA VAL C 1033 -45.64 -22.31 -44.00
C VAL C 1033 -45.37 -23.28 -45.14
N LEU C 1034 -44.41 -24.18 -44.97
CA LEU C 1034 -44.10 -25.15 -46.01
C LEU C 1034 -44.77 -26.49 -45.78
N GLY C 1035 -45.67 -26.57 -44.81
CA GLY C 1035 -46.46 -27.77 -44.63
C GLY C 1035 -47.69 -27.49 -43.81
N GLN C 1036 -48.41 -28.56 -43.50
CA GLN C 1036 -49.54 -28.51 -42.57
C GLN C 1036 -49.17 -29.32 -41.34
N SER C 1037 -49.32 -28.71 -40.17
CA SER C 1037 -48.87 -29.33 -38.94
C SER C 1037 -50.03 -29.98 -38.19
N LYS C 1038 -49.72 -31.04 -37.46
CA LYS C 1038 -50.64 -31.68 -36.54
C LYS C 1038 -50.32 -31.43 -35.08
N ARG C 1039 -49.20 -30.79 -34.78
CA ARG C 1039 -48.86 -30.45 -33.41
C ARG C 1039 -49.83 -29.42 -32.85
N VAL C 1040 -50.48 -29.75 -31.74
CA VAL C 1040 -51.51 -28.89 -31.19
C VAL C 1040 -50.90 -27.59 -30.69
N ASP C 1041 -51.50 -26.48 -31.09
CA ASP C 1041 -51.08 -25.15 -30.67
C ASP C 1041 -49.77 -24.64 -31.27
N PHE C 1042 -49.12 -25.44 -32.10
CA PHE C 1042 -47.86 -25.00 -32.70
C PHE C 1042 -48.06 -23.90 -33.72
N CYS C 1043 -49.15 -23.97 -34.48
CA CYS C 1043 -49.44 -22.98 -35.50
C CYS C 1043 -50.81 -22.32 -35.28
N GLY C 1044 -51.01 -21.73 -34.10
CA GLY C 1044 -52.27 -21.08 -33.78
C GLY C 1044 -53.25 -21.96 -33.03
N LYS C 1045 -54.34 -21.37 -32.57
CA LYS C 1045 -55.37 -22.12 -31.82
C LYS C 1045 -56.46 -22.64 -32.74
N GLY C 1046 -56.59 -23.95 -32.83
CA GLY C 1046 -57.57 -24.59 -33.68
C GLY C 1046 -56.84 -25.55 -34.59
N TYR C 1047 -57.55 -26.16 -35.54
CA TYR C 1047 -56.92 -27.08 -36.47
C TYR C 1047 -56.23 -26.32 -37.58
N HIS C 1048 -54.90 -26.37 -37.61
CA HIS C 1048 -54.11 -25.62 -38.58
C HIS C 1048 -54.53 -25.94 -40.00
N LEU C 1049 -54.80 -24.91 -40.79
CA LEU C 1049 -54.95 -25.07 -42.23
C LEU C 1049 -53.75 -24.54 -42.98
N MET C 1050 -53.37 -23.27 -42.80
CA MET C 1050 -52.16 -22.80 -43.48
C MET C 1050 -51.62 -21.58 -42.77
N SER C 1051 -50.45 -21.14 -43.18
CA SER C 1051 -49.77 -20.00 -42.58
C SER C 1051 -49.10 -19.18 -43.67
N PHE C 1052 -49.01 -17.87 -43.45
CA PHE C 1052 -48.34 -16.93 -44.35
C PHE C 1052 -47.34 -16.10 -43.58
N PRO C 1053 -46.11 -15.95 -44.07
CA PRO C 1053 -45.12 -15.08 -43.42
C PRO C 1053 -45.15 -13.64 -43.88
N GLN C 1054 -44.76 -12.75 -42.98
CA GLN C 1054 -44.60 -11.32 -43.25
C GLN C 1054 -43.35 -10.85 -42.55
N SER C 1055 -42.64 -9.91 -43.16
CA SER C 1055 -41.43 -9.43 -42.52
C SER C 1055 -41.72 -8.24 -41.63
N ALA C 1056 -40.95 -8.14 -40.56
CA ALA C 1056 -41.06 -7.07 -39.59
C ALA C 1056 -39.67 -6.47 -39.42
N PRO C 1057 -39.54 -5.35 -38.70
CA PRO C 1057 -38.22 -4.69 -38.58
C PRO C 1057 -37.07 -5.57 -38.09
N HIS C 1058 -37.23 -6.39 -37.06
CA HIS C 1058 -36.15 -7.32 -36.71
C HIS C 1058 -36.73 -8.70 -36.42
N GLY C 1059 -37.77 -9.07 -37.13
CA GLY C 1059 -38.52 -10.23 -36.78
C GLY C 1059 -39.37 -10.71 -37.90
N VAL C 1060 -40.40 -11.48 -37.54
CA VAL C 1060 -41.28 -12.07 -38.53
C VAL C 1060 -42.65 -12.21 -37.88
N VAL C 1061 -43.68 -12.00 -38.69
CA VAL C 1061 -45.07 -12.18 -38.27
C VAL C 1061 -45.66 -13.32 -39.08
N PHE C 1062 -46.17 -14.33 -38.40
CA PHE C 1062 -46.90 -15.41 -39.04
C PHE C 1062 -48.40 -15.16 -38.91
N LEU C 1063 -49.10 -15.26 -40.03
CA LEU C 1063 -50.56 -15.25 -40.09
C LEU C 1063 -51.03 -16.69 -40.20
N HIS C 1064 -51.66 -17.20 -39.16
CA HIS C 1064 -52.12 -18.58 -39.08
C HIS C 1064 -53.60 -18.64 -39.41
N VAL C 1065 -53.96 -19.46 -40.39
CA VAL C 1065 -55.35 -19.77 -40.73
C VAL C 1065 -55.70 -21.13 -40.15
N THR C 1066 -56.72 -21.15 -39.30
CA THR C 1066 -57.19 -22.35 -38.63
C THR C 1066 -58.69 -22.51 -38.81
N TYR C 1067 -59.13 -23.73 -38.56
CA TYR C 1067 -60.53 -24.12 -38.62
C TYR C 1067 -61.04 -24.26 -37.19
N VAL C 1068 -62.17 -23.64 -36.88
CA VAL C 1068 -62.72 -23.69 -35.53
C VAL C 1068 -64.15 -24.17 -35.60
N PRO C 1069 -64.48 -25.33 -35.05
CA PRO C 1069 -65.87 -25.82 -35.13
C PRO C 1069 -66.85 -25.01 -34.29
N ALA C 1070 -68.10 -24.97 -34.73
CA ALA C 1070 -69.09 -24.05 -34.19
C ALA C 1070 -70.49 -24.66 -34.19
N GLN C 1071 -71.32 -24.19 -33.27
CA GLN C 1071 -72.76 -24.49 -33.19
C GLN C 1071 -73.01 -25.99 -33.01
N GLU C 1072 -72.56 -26.50 -31.89
CA GLU C 1072 -72.69 -27.91 -31.58
C GLU C 1072 -74.09 -28.26 -31.14
N LYS C 1073 -74.51 -29.47 -31.47
CA LYS C 1073 -75.78 -30.02 -31.02
C LYS C 1073 -75.57 -31.30 -30.23
N ASN C 1074 -76.57 -31.63 -29.42
CA ASN C 1074 -76.63 -32.82 -28.59
C ASN C 1074 -77.20 -34.01 -29.34
N PHE C 1075 -76.66 -35.19 -29.07
CA PHE C 1075 -77.17 -36.43 -29.65
C PHE C 1075 -76.94 -37.56 -28.67
N THR C 1076 -77.59 -38.69 -28.93
CA THR C 1076 -77.39 -39.94 -28.23
C THR C 1076 -76.43 -40.82 -29.04
N THR C 1077 -75.50 -41.48 -28.37
CA THR C 1077 -74.50 -42.31 -29.04
C THR C 1077 -74.61 -43.76 -28.58
N ALA C 1078 -73.94 -44.63 -29.34
CA ALA C 1078 -73.76 -46.03 -29.02
C ALA C 1078 -72.42 -46.48 -29.57
N PRO C 1079 -71.73 -47.36 -28.86
CA PRO C 1079 -70.47 -47.90 -29.40
C PRO C 1079 -70.64 -48.74 -30.65
N ALA C 1080 -71.66 -49.59 -30.68
CA ALA C 1080 -71.84 -50.54 -31.76
C ALA C 1080 -73.33 -50.73 -31.99
N ILE C 1081 -73.67 -51.28 -33.16
CA ILE C 1081 -75.04 -51.65 -33.50
C ILE C 1081 -75.12 -53.17 -33.43
N CYS C 1082 -76.25 -53.71 -33.03
CA CYS C 1082 -76.47 -55.14 -33.10
C CYS C 1082 -77.50 -55.46 -34.16
N HIS C 1083 -77.14 -56.35 -35.07
CA HIS C 1083 -78.04 -56.76 -36.14
C HIS C 1083 -77.71 -58.19 -36.53
N ASP C 1084 -78.72 -59.06 -36.54
CA ASP C 1084 -78.56 -60.47 -36.88
C ASP C 1084 -77.57 -61.16 -35.96
N GLY C 1085 -77.57 -60.79 -34.69
CA GLY C 1085 -76.59 -61.35 -33.78
C GLY C 1085 -75.16 -60.98 -34.09
N LYS C 1086 -74.92 -59.83 -34.71
CA LYS C 1086 -73.59 -59.38 -35.04
C LYS C 1086 -73.39 -57.96 -34.55
N ALA C 1087 -72.16 -57.63 -34.17
CA ALA C 1087 -71.79 -56.31 -33.72
C ALA C 1087 -71.18 -55.52 -34.88
N HIS C 1088 -71.69 -54.31 -35.11
CA HIS C 1088 -71.26 -53.48 -36.21
C HIS C 1088 -70.63 -52.21 -35.65
N PHE C 1089 -69.49 -51.84 -36.18
CA PHE C 1089 -68.74 -50.68 -35.80
C PHE C 1089 -68.61 -49.74 -36.98
N PRO C 1090 -68.57 -48.44 -36.77
CA PRO C 1090 -68.40 -47.52 -37.88
C PRO C 1090 -66.99 -47.54 -38.44
N ARG C 1091 -66.90 -47.40 -39.76
CA ARG C 1091 -65.58 -47.34 -40.40
C ARG C 1091 -64.86 -46.06 -40.06
N GLU C 1092 -65.52 -44.92 -40.20
CA GLU C 1092 -64.95 -43.64 -39.81
C GLU C 1092 -66.09 -42.70 -39.42
N GLY C 1093 -66.39 -42.63 -38.15
CA GLY C 1093 -67.46 -41.78 -37.70
C GLY C 1093 -68.02 -42.27 -36.39
N VAL C 1094 -69.23 -41.82 -36.09
CA VAL C 1094 -69.94 -42.20 -34.90
C VAL C 1094 -71.38 -42.47 -35.25
N PHE C 1095 -71.98 -43.38 -34.52
CA PHE C 1095 -73.42 -43.62 -34.56
C PHE C 1095 -74.10 -42.57 -33.69
N VAL C 1096 -75.09 -41.87 -34.23
CA VAL C 1096 -75.83 -40.86 -33.50
C VAL C 1096 -77.31 -41.07 -33.70
N SER C 1097 -78.08 -40.63 -32.71
CA SER C 1097 -79.53 -40.72 -32.80
C SER C 1097 -80.14 -39.34 -32.65
N ASN C 1098 -81.09 -38.99 -33.51
CA ASN C 1098 -81.81 -37.73 -33.35
C ASN C 1098 -82.99 -37.86 -32.40
N GLY C 1099 -83.11 -38.97 -31.70
CA GLY C 1099 -84.27 -39.27 -30.89
C GLY C 1099 -85.05 -40.48 -31.34
N THR C 1100 -85.11 -40.74 -32.65
CA THR C 1100 -85.91 -41.86 -33.14
C THR C 1100 -85.17 -42.69 -34.17
N HIS C 1101 -84.16 -42.12 -34.82
CA HIS C 1101 -83.46 -42.75 -35.92
C HIS C 1101 -81.97 -42.72 -35.69
N TRP C 1102 -81.27 -43.74 -36.20
CA TRP C 1102 -79.84 -43.88 -36.04
C TRP C 1102 -79.12 -43.60 -37.35
N PHE C 1103 -78.03 -42.86 -37.27
CA PHE C 1103 -77.23 -42.45 -38.42
C PHE C 1103 -75.77 -42.66 -38.11
N VAL C 1104 -74.93 -42.60 -39.13
CA VAL C 1104 -73.49 -42.45 -38.98
C VAL C 1104 -73.15 -41.04 -39.42
N THR C 1105 -72.21 -40.41 -38.74
CA THR C 1105 -71.74 -39.09 -39.13
C THR C 1105 -70.23 -39.06 -38.94
N GLN C 1106 -69.58 -38.19 -39.69
CA GLN C 1106 -68.18 -37.89 -39.41
C GLN C 1106 -68.08 -37.03 -38.17
N ARG C 1107 -66.96 -37.14 -37.47
CA ARG C 1107 -66.90 -36.69 -36.09
C ARG C 1107 -66.77 -35.19 -35.91
N ASN C 1108 -66.42 -34.43 -36.95
CA ASN C 1108 -66.18 -33.01 -36.80
C ASN C 1108 -67.22 -32.14 -37.48
N PHE C 1109 -68.08 -32.72 -38.29
CA PHE C 1109 -69.11 -31.97 -39.00
C PHE C 1109 -70.32 -32.85 -39.01
N TYR C 1110 -71.48 -32.30 -38.70
CA TYR C 1110 -72.69 -33.11 -38.64
C TYR C 1110 -73.23 -33.30 -40.05
N GLU C 1111 -73.27 -34.54 -40.49
CA GLU C 1111 -73.71 -34.88 -41.84
C GLU C 1111 -74.23 -36.30 -41.82
N PRO C 1112 -75.48 -36.49 -41.37
CA PRO C 1112 -75.96 -37.84 -41.07
C PRO C 1112 -76.29 -38.69 -42.29
N GLN C 1113 -75.94 -39.97 -42.22
CA GLN C 1113 -76.19 -40.90 -43.31
C GLN C 1113 -76.76 -42.19 -42.76
N ILE C 1114 -77.32 -42.99 -43.65
CA ILE C 1114 -77.88 -44.27 -43.28
C ILE C 1114 -76.77 -45.25 -42.92
N ILE C 1115 -77.06 -46.13 -41.97
CA ILE C 1115 -76.14 -47.18 -41.58
C ILE C 1115 -76.29 -48.35 -42.53
N THR C 1116 -75.27 -48.60 -43.33
CA THR C 1116 -75.27 -49.68 -44.30
C THR C 1116 -74.06 -50.57 -44.07
N THR C 1117 -73.95 -51.62 -44.86
CA THR C 1117 -72.80 -52.51 -44.80
C THR C 1117 -71.58 -51.94 -45.50
N ASP C 1118 -71.65 -50.72 -46.00
CA ASP C 1118 -70.54 -50.06 -46.66
C ASP C 1118 -69.86 -49.03 -45.78
N ASN C 1119 -70.49 -48.56 -44.70
CA ASN C 1119 -69.82 -47.66 -43.80
C ASN C 1119 -69.58 -48.29 -42.43
N THR C 1120 -69.82 -49.59 -42.27
CA THR C 1120 -69.58 -50.30 -41.03
C THR C 1120 -68.70 -51.50 -41.31
N PHE C 1121 -68.22 -52.14 -40.26
CA PHE C 1121 -67.63 -53.46 -40.32
C PHE C 1121 -68.10 -54.29 -39.14
N VAL C 1122 -67.93 -55.59 -39.24
CA VAL C 1122 -68.47 -56.53 -38.26
C VAL C 1122 -67.32 -57.13 -37.45
N SER C 1123 -67.56 -57.34 -36.16
CA SER C 1123 -66.62 -58.09 -35.34
C SER C 1123 -67.36 -58.66 -34.13
N GLY C 1124 -67.70 -59.93 -34.18
CA GLY C 1124 -68.17 -60.67 -33.02
C GLY C 1124 -69.67 -60.73 -32.88
N ASN C 1125 -70.09 -61.02 -31.66
CA ASN C 1125 -71.49 -61.03 -31.24
C ASN C 1125 -71.84 -59.74 -30.54
N CYS C 1126 -73.14 -59.49 -30.38
CA CYS C 1126 -73.59 -58.34 -29.62
C CYS C 1126 -73.90 -58.75 -28.18
N ASP C 1127 -72.90 -59.33 -27.53
CA ASP C 1127 -73.07 -59.71 -26.13
C ASP C 1127 -71.82 -59.50 -25.30
N VAL C 1128 -70.83 -58.79 -25.84
CA VAL C 1128 -69.56 -58.61 -25.15
C VAL C 1128 -69.28 -57.13 -24.95
N VAL C 1129 -69.77 -56.29 -25.84
CA VAL C 1129 -69.48 -54.86 -25.79
C VAL C 1129 -70.54 -54.18 -24.95
N ILE C 1130 -70.13 -53.22 -24.14
CA ILE C 1130 -70.97 -52.58 -23.14
C ILE C 1130 -71.65 -51.37 -23.79
N GLY C 1131 -72.92 -51.51 -24.12
CA GLY C 1131 -73.68 -50.41 -24.68
C GLY C 1131 -74.18 -50.59 -26.09
N ILE C 1132 -74.14 -51.81 -26.64
CA ILE C 1132 -74.74 -52.07 -27.95
C ILE C 1132 -76.20 -51.68 -27.95
N VAL C 1133 -76.68 -51.15 -29.06
CA VAL C 1133 -78.09 -50.93 -29.26
C VAL C 1133 -78.53 -51.70 -30.49
N ASN C 1134 -79.82 -52.03 -30.52
CA ASN C 1134 -80.41 -52.79 -31.62
C ASN C 1134 -80.96 -51.90 -32.73
N ASN C 1135 -80.50 -52.14 -33.94
CA ASN C 1135 -80.96 -51.39 -35.09
C ASN C 1135 -80.62 -52.19 -36.33
N THR C 1136 -81.07 -51.73 -37.48
CA THR C 1136 -80.93 -52.48 -38.70
C THR C 1136 -79.84 -51.88 -39.57
N VAL C 1137 -79.04 -52.76 -40.19
CA VAL C 1137 -77.96 -52.36 -41.06
C VAL C 1137 -78.38 -52.72 -42.47
N TYR C 1138 -78.63 -51.71 -43.29
CA TYR C 1138 -79.23 -51.90 -44.59
C TYR C 1138 -78.19 -52.40 -45.57
N ASP C 1139 -78.49 -53.47 -46.28
CA ASP C 1139 -77.62 -53.99 -47.32
C ASP C 1139 -78.14 -53.54 -48.68
N PRO C 1140 -77.34 -52.83 -49.48
CA PRO C 1140 -77.85 -52.32 -50.77
C PRO C 1140 -78.07 -53.39 -51.83
N LEU C 1141 -77.21 -54.41 -51.80
CA LEU C 1141 -77.24 -55.43 -52.83
C LEU C 1141 -78.58 -56.15 -52.92
N GLN C 1142 -79.26 -56.34 -51.79
CA GLN C 1142 -80.45 -57.15 -51.84
C GLN C 1142 -81.57 -56.43 -52.61
N PRO C 1143 -81.93 -55.20 -52.27
CA PRO C 1143 -82.86 -54.49 -53.16
C PRO C 1143 -82.28 -54.19 -54.52
N GLU C 1144 -80.97 -54.32 -54.70
CA GLU C 1144 -80.42 -54.22 -56.05
C GLU C 1144 -80.86 -55.40 -56.91
N LEU C 1145 -80.48 -56.61 -56.51
CA LEU C 1145 -80.81 -57.78 -57.29
C LEU C 1145 -82.20 -58.34 -56.99
N ASP C 1146 -82.90 -57.77 -56.01
CA ASP C 1146 -84.22 -58.25 -55.59
C ASP C 1146 -84.14 -59.70 -55.14
N GLU D 1 74.96 34.24 7.47
CA GLU D 1 73.95 34.97 6.71
C GLU D 1 72.61 34.24 6.75
N VAL D 2 72.34 33.57 7.87
CA VAL D 2 71.09 32.83 8.04
C VAL D 2 70.81 32.55 9.51
N GLN D 3 70.37 33.57 10.24
CA GLN D 3 70.07 33.44 11.65
C GLN D 3 68.65 33.94 11.85
N LEU D 4 67.84 33.15 12.54
CA LEU D 4 66.46 33.50 12.81
C LEU D 4 66.30 33.95 14.26
N VAL D 5 65.66 35.10 14.46
CA VAL D 5 65.45 35.64 15.80
C VAL D 5 63.99 35.43 16.23
N GLU D 6 63.83 34.88 17.43
CA GLU D 6 62.50 34.62 17.97
C GLU D 6 62.08 35.67 19.00
N SER D 7 60.93 36.29 18.79
CA SER D 7 60.43 37.29 19.72
C SER D 7 59.43 36.66 20.69
N GLY D 8 59.73 36.75 21.98
CA GLY D 8 58.86 36.18 23.00
C GLY D 8 59.55 36.03 24.33
N GLY D 9 59.10 35.05 25.12
CA GLY D 9 59.69 34.80 26.42
C GLY D 9 58.87 35.42 27.54
N GLY D 10 59.53 36.19 28.39
CA GLY D 10 58.86 36.85 29.50
C GLY D 10 58.19 35.87 30.44
N LEU D 11 57.89 36.31 31.65
CA LEU D 11 57.25 35.47 32.64
C LEU D 11 55.79 35.20 32.28
N ILE D 12 55.06 34.58 33.21
CA ILE D 12 53.66 34.27 32.98
C ILE D 12 53.13 33.30 34.04
N GLN D 13 51.82 33.35 34.29
CA GLN D 13 51.19 32.49 35.26
C GLN D 13 50.83 31.16 34.61
N PRO D 14 50.63 30.10 35.42
CA PRO D 14 50.16 28.82 34.84
C PRO D 14 48.78 28.91 34.23
N GLY D 15 48.70 28.78 32.91
CA GLY D 15 47.44 28.85 32.22
C GLY D 15 47.42 29.91 31.13
N GLY D 16 48.57 30.50 30.85
CA GLY D 16 48.67 31.59 29.90
C GLY D 16 48.50 31.20 28.45
N SER D 17 48.69 32.16 27.54
CA SER D 17 48.50 31.90 26.12
C SER D 17 49.56 32.60 25.27
N LEU D 18 50.77 32.71 25.79
CA LEU D 18 51.87 33.36 25.08
C LEU D 18 52.24 32.60 23.82
N ARG D 19 52.49 33.34 22.73
CA ARG D 19 52.95 32.73 21.49
C ARG D 19 54.23 33.43 21.03
N LEU D 20 55.07 32.68 20.33
CA LEU D 20 56.43 33.11 19.99
C LEU D 20 56.57 33.30 18.50
N SER D 21 57.39 34.26 18.09
CA SER D 21 57.51 34.66 16.70
C SER D 21 58.92 34.46 16.18
N CYS D 22 59.16 33.33 15.53
CA CYS D 22 60.46 33.03 14.97
C CYS D 22 60.53 33.56 13.54
N ALA D 23 61.27 34.65 13.35
CA ALA D 23 61.36 35.32 12.07
C ALA D 23 62.69 35.02 11.41
N ALA D 24 62.65 34.55 10.17
CA ALA D 24 63.83 34.02 9.51
C ALA D 24 64.33 34.93 8.40
N SER D 25 65.57 34.73 7.99
CA SER D 25 66.18 35.48 6.91
C SER D 25 67.08 34.57 6.09
N GLY D 26 67.03 34.72 4.78
CA GLY D 26 67.92 33.96 3.91
C GLY D 26 67.27 32.79 3.20
N PHE D 27 66.06 32.41 3.62
CA PHE D 27 65.34 31.31 2.97
C PHE D 27 63.85 31.40 3.25
N THR D 28 63.04 30.80 2.38
CA THR D 28 61.60 30.77 2.56
C THR D 28 61.22 29.80 3.66
N VAL D 29 60.27 30.16 4.52
CA VAL D 29 59.80 29.27 5.56
C VAL D 29 58.51 28.61 5.13
N SER D 30 58.17 28.76 3.85
CA SER D 30 57.01 28.07 3.31
C SER D 30 57.49 27.01 2.34
N SER D 31 58.76 26.64 2.43
CA SER D 31 59.34 25.64 1.55
C SER D 31 60.34 24.74 2.29
N ASN D 32 60.52 25.00 3.58
CA ASN D 32 61.44 24.23 4.39
C ASN D 32 60.69 23.49 5.49
N TYR D 33 61.43 22.65 6.21
CA TYR D 33 60.90 21.88 7.33
C TYR D 33 61.35 22.58 8.61
N MET D 34 60.60 23.58 9.05
CA MET D 34 61.00 24.25 10.28
C MET D 34 60.54 23.44 11.48
N SER D 35 61.31 23.52 12.56
CA SER D 35 60.99 22.73 13.74
C SER D 35 61.38 23.47 15.00
N TRP D 36 60.73 23.09 16.10
CA TRP D 36 60.97 23.67 17.42
C TRP D 36 61.59 22.64 18.34
N VAL D 37 62.62 23.05 19.07
CA VAL D 37 63.30 22.18 20.01
C VAL D 37 63.56 22.98 21.28
N ARG D 38 63.14 22.45 22.42
CA ARG D 38 63.36 23.08 23.71
C ARG D 38 64.31 22.23 24.54
N GLN D 39 64.85 22.81 25.60
CA GLN D 39 65.61 22.05 26.58
C GLN D 39 65.50 22.73 27.93
N ALA D 40 65.20 21.93 28.94
CA ALA D 40 65.01 22.42 30.29
C ALA D 40 66.35 22.84 30.90
N PRO D 41 66.34 23.70 31.91
CA PRO D 41 67.59 24.06 32.58
C PRO D 41 68.26 22.88 33.27
N GLY D 42 69.49 22.59 32.85
CA GLY D 42 70.26 21.49 33.37
C GLY D 42 69.73 20.14 32.95
N LYS D 43 69.14 20.07 31.75
CA LYS D 43 68.59 18.83 31.26
C LYS D 43 69.02 18.64 29.81
N GLY D 44 68.64 17.50 29.24
CA GLY D 44 68.93 17.21 27.86
C GLY D 44 67.89 17.85 26.95
N LEU D 45 68.18 17.85 25.65
CA LEU D 45 67.29 18.46 24.66
C LEU D 45 66.04 17.62 24.47
N GLU D 46 65.02 18.20 23.85
CA GLU D 46 63.77 17.48 23.60
C GLU D 46 63.09 18.12 22.40
N TRP D 47 62.67 17.29 21.45
CA TRP D 47 61.94 17.77 20.29
C TRP D 47 60.54 18.24 20.69
N VAL D 48 60.01 19.24 19.99
CA VAL D 48 58.69 19.78 20.33
C VAL D 48 57.72 19.60 19.17
N SER D 49 58.03 20.18 18.01
CA SER D 49 57.07 20.16 16.92
C SER D 49 57.77 20.42 15.60
N VAL D 50 57.07 20.11 14.51
CA VAL D 50 57.57 20.33 13.16
C VAL D 50 56.38 20.63 12.26
N ILE D 51 56.65 21.34 11.17
CA ILE D 51 55.66 21.53 10.10
C ILE D 51 56.27 21.20 8.75
N TYR D 52 55.53 20.47 7.94
CA TYR D 52 56.01 20.16 6.61
C TYR D 52 55.61 21.29 5.69
N SER D 53 56.27 21.38 4.54
CA SER D 53 55.95 22.49 3.64
C SER D 53 54.78 22.17 2.73
N GLY D 54 53.71 21.63 3.30
CA GLY D 54 52.45 21.50 2.61
C GLY D 54 51.32 21.76 3.56
N GLY D 55 51.65 21.92 4.84
CA GLY D 55 50.63 22.24 5.82
C GLY D 55 50.52 21.32 7.02
N SER D 56 51.14 20.15 6.98
CA SER D 56 50.97 19.17 8.05
C SER D 56 51.66 19.59 9.34
N THR D 57 51.20 19.06 10.47
CA THR D 57 51.69 19.43 11.78
C THR D 57 51.89 18.20 12.63
N TYR D 58 52.91 18.18 13.48
CA TYR D 58 53.12 17.06 14.39
C TYR D 58 53.60 17.60 15.73
N TYR D 59 53.29 16.86 16.79
CA TYR D 59 53.56 17.32 18.15
C TYR D 59 54.24 16.21 18.94
N ALA D 60 54.86 16.60 20.05
CA ALA D 60 55.78 15.72 20.76
C ALA D 60 55.09 14.80 21.77
N ASP D 61 53.75 14.79 21.75
CA ASP D 61 52.87 13.86 22.47
C ASP D 61 52.82 14.12 23.98
N SER D 62 53.73 14.94 24.49
CA SER D 62 53.66 15.40 25.87
C SER D 62 53.09 16.80 25.88
N VAL D 63 53.15 17.46 24.73
CA VAL D 63 52.69 18.84 24.60
C VAL D 63 51.65 18.91 23.49
N LYS D 64 51.05 17.78 23.16
CA LYS D 64 50.04 17.77 22.11
C LYS D 64 48.69 18.14 22.70
N GLY D 65 47.84 18.72 21.88
CA GLY D 65 46.58 19.26 22.33
C GLY D 65 46.64 20.63 22.97
N ARG D 66 47.84 21.14 23.24
CA ARG D 66 47.99 22.44 23.89
C ARG D 66 48.84 23.40 23.08
N PHE D 67 49.47 22.94 22.00
CA PHE D 67 50.43 23.73 21.25
C PHE D 67 49.93 23.84 19.82
N THR D 68 50.40 24.87 19.12
CA THR D 68 50.03 25.05 17.71
C THR D 68 51.17 25.73 16.99
N ILE D 69 51.43 25.28 15.76
CA ILE D 69 52.43 25.88 14.89
C ILE D 69 51.71 26.54 13.72
N SER D 70 52.22 27.67 13.28
CA SER D 70 51.75 28.31 12.06
C SER D 70 52.87 29.18 11.51
N ARG D 71 52.73 29.57 10.25
CA ARG D 71 53.74 30.37 9.57
C ARG D 71 53.08 31.46 8.75
N ASP D 72 53.81 32.55 8.52
CA ASP D 72 53.38 33.60 7.61
C ASP D 72 54.29 33.56 6.38
N ASN D 73 53.74 33.12 5.25
CA ASN D 73 54.49 32.95 4.02
C ASN D 73 54.72 34.27 3.28
N SER D 74 54.17 35.37 3.79
CA SER D 74 54.50 36.68 3.23
C SER D 74 55.25 37.54 4.24
N LYS D 75 55.49 37.03 5.44
CA LYS D 75 56.25 37.76 6.44
C LYS D 75 57.49 37.01 6.92
N ASN D 76 57.62 35.73 6.55
CA ASN D 76 58.74 34.85 6.93
C ASN D 76 58.88 34.76 8.45
N THR D 77 57.75 34.58 9.11
CA THR D 77 57.73 34.40 10.55
C THR D 77 57.11 33.05 10.88
N LEU D 78 57.70 32.37 11.84
CA LEU D 78 57.24 31.06 12.30
C LEU D 78 56.65 31.20 13.69
N TYR D 79 55.43 30.75 13.87
CA TYR D 79 54.68 30.98 15.10
C TYR D 79 54.55 29.69 15.88
N LEU D 80 54.86 29.75 17.16
CA LEU D 80 54.54 28.69 18.11
C LEU D 80 53.39 29.21 18.96
N GLN D 81 52.16 28.90 18.56
CA GLN D 81 51.00 29.33 19.31
C GLN D 81 50.83 28.39 20.49
N MET D 82 51.26 28.86 21.65
CA MET D 82 51.22 28.07 22.87
C MET D 82 50.10 28.60 23.75
N ASN D 83 49.43 27.70 24.47
CA ASN D 83 48.43 28.07 25.45
C ASN D 83 48.23 26.93 26.43
N SER D 84 47.60 27.25 27.57
CA SER D 84 47.23 26.32 28.64
C SER D 84 48.44 25.55 29.18
N LEU D 85 49.34 26.30 29.82
CA LEU D 85 50.55 25.75 30.39
C LEU D 85 50.31 24.77 31.53
N ARG D 86 51.38 24.11 31.96
CA ARG D 86 51.31 23.29 33.16
C ARG D 86 52.51 23.52 34.06
N ALA D 87 53.30 24.57 33.83
CA ALA D 87 54.38 25.04 34.70
C ALA D 87 55.50 24.00 34.86
N GLU D 88 55.68 23.14 33.87
CA GLU D 88 56.96 22.46 33.70
C GLU D 88 57.62 22.83 32.39
N ASP D 89 56.99 23.70 31.59
CA ASP D 89 57.50 24.08 30.29
C ASP D 89 58.47 25.24 30.34
N THR D 90 59.04 25.52 31.51
CA THR D 90 60.07 26.54 31.64
C THR D 90 61.35 26.03 31.00
N ALA D 91 61.70 26.60 29.85
CA ALA D 91 62.83 26.10 29.07
C ALA D 91 63.33 27.20 28.16
N VAL D 92 64.40 26.89 27.43
CA VAL D 92 64.90 27.74 26.35
C VAL D 92 64.47 27.10 25.04
N TYR D 93 63.88 27.90 24.17
CA TYR D 93 63.23 27.37 22.97
C TYR D 93 64.02 27.76 21.75
N TYR D 94 64.41 26.78 20.95
CA TYR D 94 65.21 26.98 19.75
C TYR D 94 64.39 26.68 18.50
N CYS D 95 64.70 27.39 17.43
CA CYS D 95 64.21 27.07 16.10
C CYS D 95 65.32 26.37 15.32
N ALA D 96 64.93 25.55 14.35
CA ALA D 96 65.90 24.85 13.54
C ALA D 96 65.30 24.51 12.19
N ARG D 97 66.12 24.59 11.15
CA ARG D 97 65.75 24.16 9.81
C ARG D 97 66.19 22.72 9.66
N GLU D 98 65.36 21.91 9.02
CA GLU D 98 65.62 20.49 8.85
C GLU D 98 65.89 20.25 7.37
N GLY D 99 67.18 20.11 7.03
CA GLY D 99 67.58 20.04 5.64
C GLY D 99 68.51 18.88 5.37
N PRO D 100 68.35 18.25 4.20
CA PRO D 100 69.18 17.09 3.88
C PRO D 100 70.62 17.46 3.56
N LYS D 101 71.56 16.59 3.94
CA LYS D 101 72.97 16.83 3.66
C LYS D 101 73.60 15.52 3.23
N SER D 102 72.84 14.70 2.53
CA SER D 102 73.34 13.43 2.03
C SER D 102 72.51 12.93 0.87
N ILE D 103 72.91 11.80 0.30
CA ILE D 103 72.07 11.07 -0.63
C ILE D 103 70.98 10.39 0.21
N THR D 104 71.32 10.07 1.45
CA THR D 104 70.33 9.58 2.40
C THR D 104 70.60 10.06 3.83
N GLY D 105 69.68 10.85 4.35
CA GLY D 105 69.79 11.35 5.72
C GLY D 105 69.56 12.83 5.74
N THR D 106 68.99 13.32 6.84
CA THR D 106 68.67 14.73 6.99
C THR D 106 69.12 15.19 8.37
N ALA D 107 69.09 16.50 8.61
CA ALA D 107 69.74 17.03 9.79
C ALA D 107 69.24 18.44 10.08
N PHE D 108 69.43 18.87 11.32
CA PHE D 108 69.29 20.26 11.72
C PHE D 108 70.60 21.00 11.52
N ASP D 109 70.58 22.02 10.68
CA ASP D 109 71.86 22.61 10.28
C ASP D 109 72.00 24.10 10.58
N ILE D 110 70.93 24.75 11.04
CA ILE D 110 71.01 26.15 11.42
C ILE D 110 70.02 26.42 12.55
N TRP D 111 70.46 27.15 13.57
CA TRP D 111 69.75 27.33 14.82
C TRP D 111 69.58 28.81 15.13
N GLY D 112 68.86 29.10 16.20
CA GLY D 112 68.45 30.47 16.43
C GLY D 112 68.77 31.12 17.77
N GLN D 113 69.75 30.57 18.49
CA GLN D 113 70.33 31.10 19.74
C GLN D 113 69.38 31.12 20.94
N GLY D 114 68.14 30.66 20.78
CA GLY D 114 67.29 30.40 21.93
C GLY D 114 66.67 31.61 22.60
N THR D 115 65.47 31.42 23.16
CA THR D 115 64.78 32.43 23.93
C THR D 115 64.14 31.79 25.15
N ILE D 116 64.24 32.47 26.28
CA ILE D 116 63.85 31.93 27.57
C ILE D 116 62.36 32.14 27.76
N VAL D 117 61.69 31.12 28.28
CA VAL D 117 60.29 31.19 28.69
C VAL D 117 60.20 30.64 30.10
N THR D 118 59.62 31.43 31.01
CA THR D 118 59.51 31.04 32.42
C THR D 118 58.06 31.10 32.87
N VAL D 119 57.72 30.34 33.89
CA VAL D 119 56.34 30.33 34.39
C VAL D 119 56.26 29.99 35.88
N SER D 120 55.45 30.75 36.60
CA SER D 120 55.27 30.54 38.03
C SER D 120 54.54 31.72 38.67
N SER D 121 54.32 32.77 37.89
CA SER D 121 53.64 33.97 38.37
C SER D 121 54.60 34.82 39.21
N ALA D 122 54.34 34.91 40.52
CA ALA D 122 55.19 35.69 41.42
C ALA D 122 55.58 37.04 40.82
N SER D 123 54.83 37.47 39.80
CA SER D 123 55.09 38.75 39.15
C SER D 123 56.57 38.92 38.81
N THR D 124 56.94 40.14 38.45
CA THR D 124 58.32 40.45 38.10
C THR D 124 58.83 41.61 38.93
N LYS D 125 60.11 41.93 38.79
CA LYS D 125 60.71 43.03 39.53
C LYS D 125 62.03 43.44 38.93
N GLY D 126 62.38 44.70 39.10
CA GLY D 126 63.59 45.26 38.55
C GLY D 126 64.78 45.06 39.46
N PRO D 127 65.98 45.13 38.89
CA PRO D 127 67.18 44.85 39.70
C PRO D 127 67.61 46.06 40.51
N SER D 128 68.23 45.78 41.65
CA SER D 128 68.89 46.80 42.46
C SER D 128 70.40 46.64 42.29
N VAL D 129 71.08 47.73 41.99
CA VAL D 129 72.50 47.68 41.60
C VAL D 129 73.33 48.40 42.64
N PHE D 130 74.46 47.81 42.99
CA PHE D 130 75.53 48.43 43.78
C PHE D 130 76.87 48.24 43.08
N PRO D 131 77.78 49.18 43.20
CA PRO D 131 79.14 48.95 42.70
C PRO D 131 80.05 48.40 43.79
N LEU D 132 80.72 47.28 43.51
CA LEU D 132 81.72 46.72 44.41
C LEU D 132 83.07 47.30 44.00
N ALA D 133 83.54 48.21 44.80
CA ALA D 133 84.71 49.04 44.59
C ALA D 133 85.99 48.21 44.53
N PRO D 134 86.97 48.62 43.74
CA PRO D 134 88.29 47.99 43.84
C PRO D 134 88.95 48.39 45.15
N SER D 135 89.57 47.42 45.82
CA SER D 135 90.15 47.65 47.12
C SER D 135 91.48 46.91 47.22
N SER D 136 92.29 47.31 48.20
CA SER D 136 93.55 46.63 48.46
C SER D 136 93.33 45.19 48.89
N LYS D 137 92.20 44.90 49.54
CA LYS D 137 91.86 43.51 49.85
C LYS D 137 91.54 42.72 48.59
N SER D 138 91.14 43.39 47.52
CA SER D 138 91.05 42.77 46.21
C SER D 138 92.31 42.97 45.39
N THR D 139 93.14 43.96 45.73
CA THR D 139 94.35 44.23 44.98
C THR D 139 95.44 43.24 45.36
N SER D 140 96.23 42.81 44.36
CA SER D 140 97.37 41.92 44.58
C SER D 140 98.39 42.19 43.47
N GLY D 141 99.44 42.92 43.81
CA GLY D 141 100.52 43.13 42.87
C GLY D 141 100.10 44.03 41.72
N GLY D 142 100.06 43.44 40.52
CA GLY D 142 99.86 44.22 39.31
C GLY D 142 98.42 44.51 38.96
N THR D 143 97.47 43.79 39.55
CA THR D 143 96.07 43.90 39.17
C THR D 143 95.18 44.06 40.40
N ALA D 144 93.98 44.60 40.17
CA ALA D 144 92.95 44.74 41.20
C ALA D 144 91.59 44.60 40.52
N ALA D 145 90.63 44.04 41.26
CA ALA D 145 89.33 43.67 40.71
C ALA D 145 88.24 44.61 41.22
N LEU D 146 87.29 44.93 40.35
CA LEU D 146 86.12 45.73 40.68
C LEU D 146 84.92 45.18 39.91
N GLY D 147 83.72 45.45 40.41
CA GLY D 147 82.56 44.89 39.76
C GLY D 147 81.27 45.56 40.13
N CYS D 148 80.16 44.92 39.74
CA CYS D 148 78.83 45.43 39.97
C CYS D 148 77.93 44.29 40.44
N LEU D 149 77.19 44.54 41.52
CA LEU D 149 76.27 43.58 42.10
C LEU D 149 74.85 43.98 41.72
N VAL D 150 74.17 43.13 40.96
CA VAL D 150 72.81 43.38 40.51
C VAL D 150 71.93 42.28 41.11
N LYS D 151 71.03 42.67 42.00
CA LYS D 151 70.32 41.71 42.84
C LYS D 151 68.82 41.92 42.80
N ASP D 152 68.09 40.98 43.41
CA ASP D 152 66.65 41.03 43.62
C ASP D 152 65.87 41.35 42.36
N TYR D 153 65.85 40.42 41.41
CA TYR D 153 64.98 40.52 40.25
C TYR D 153 64.39 39.16 39.93
N PHE D 154 63.12 39.13 39.54
CA PHE D 154 62.54 37.87 39.07
C PHE D 154 62.82 37.53 37.61
N PRO D 155 62.64 38.46 36.67
CA PRO D 155 62.63 38.07 35.26
C PRO D 155 64.01 37.67 34.74
N GLU D 156 64.31 36.39 34.87
CA GLU D 156 65.61 35.72 34.75
C GLU D 156 66.58 36.37 33.76
N PRO D 157 66.21 36.60 32.50
CA PRO D 157 67.20 37.16 31.57
C PRO D 157 67.53 38.60 31.90
N VAL D 158 68.74 38.84 32.39
CA VAL D 158 69.24 40.17 32.73
C VAL D 158 70.69 40.23 32.27
N THR D 159 71.16 41.41 31.89
CA THR D 159 72.53 41.48 31.39
C THR D 159 73.22 42.68 32.01
N VAL D 160 74.52 42.52 32.27
CA VAL D 160 75.39 43.60 32.71
C VAL D 160 76.62 43.58 31.83
N SER D 161 76.90 44.71 31.18
CA SER D 161 78.10 44.85 30.37
C SER D 161 79.04 45.83 31.07
N TRP D 162 80.28 45.86 30.59
CA TRP D 162 81.27 46.79 31.11
C TRP D 162 81.63 47.81 30.04
N ASN D 163 81.35 49.07 30.34
CA ASN D 163 81.68 50.20 29.47
C ASN D 163 81.06 49.99 28.09
N SER D 164 79.75 49.79 28.08
CA SER D 164 78.97 49.66 26.84
C SER D 164 79.49 48.54 25.95
N GLY D 165 80.12 47.53 26.55
CA GLY D 165 80.68 46.43 25.80
C GLY D 165 82.13 46.57 25.42
N ALA D 166 82.85 47.53 26.03
CA ALA D 166 84.24 47.77 25.66
C ALA D 166 85.21 46.73 26.23
N LEU D 167 85.20 46.52 27.55
CA LEU D 167 86.17 45.65 28.20
C LEU D 167 85.72 44.20 28.08
N THR D 168 86.57 43.36 27.49
CA THR D 168 86.29 41.94 27.37
C THR D 168 87.34 41.14 28.14
N SER D 169 88.35 41.84 28.65
CA SER D 169 89.42 41.21 29.42
C SER D 169 89.07 41.23 30.90
N GLY D 170 89.04 40.04 31.51
CA GLY D 170 88.76 39.91 32.92
C GLY D 170 87.29 40.02 33.30
N VAL D 171 86.45 40.50 32.38
CA VAL D 171 85.01 40.62 32.65
C VAL D 171 84.42 39.22 32.74
N HIS D 172 83.89 38.89 33.92
CA HIS D 172 83.26 37.60 34.15
C HIS D 172 81.97 37.73 34.98
N THR D 173 80.83 37.45 34.36
CA THR D 173 79.55 37.53 35.04
C THR D 173 79.25 36.15 35.61
N PHE D 174 78.97 36.11 36.89
CA PHE D 174 78.76 34.82 37.51
C PHE D 174 77.31 34.39 37.43
N PRO D 175 77.03 33.09 37.45
CA PRO D 175 75.65 32.63 37.34
C PRO D 175 74.78 33.26 38.42
N ALA D 176 73.58 33.67 38.03
CA ALA D 176 72.66 34.25 38.97
C ALA D 176 72.28 33.23 40.03
N VAL D 177 72.01 33.72 41.22
CA VAL D 177 71.63 32.85 42.32
C VAL D 177 70.18 33.14 42.69
N LEU D 178 69.46 32.08 43.02
CA LEU D 178 68.05 32.16 43.38
C LEU D 178 67.93 32.08 44.89
N GLN D 179 67.47 33.16 45.51
CA GLN D 179 67.38 33.26 46.95
C GLN D 179 66.12 32.57 47.46
N SER D 180 66.00 32.51 48.78
CA SER D 180 64.77 32.01 49.39
C SER D 180 63.61 32.96 49.15
N SER D 181 63.90 34.25 49.02
CA SER D 181 62.86 35.23 48.74
C SER D 181 62.18 34.97 47.40
N GLY D 182 62.78 34.16 46.54
CA GLY D 182 62.24 33.88 45.23
C GLY D 182 62.81 34.73 44.12
N LEU D 183 63.68 35.68 44.44
CA LEU D 183 64.24 36.57 43.44
C LEU D 183 65.70 36.21 43.16
N TYR D 184 66.13 36.51 41.95
CA TYR D 184 67.49 36.19 41.55
C TYR D 184 68.45 37.29 41.97
N SER D 185 69.74 36.99 41.89
CA SER D 185 70.80 37.95 42.17
C SER D 185 72.09 37.44 41.54
N LEU D 186 72.94 38.37 41.12
CA LEU D 186 74.22 38.03 40.56
C LEU D 186 75.18 39.19 40.74
N SER D 187 76.45 38.93 40.41
CA SER D 187 77.51 39.92 40.50
C SER D 187 78.54 39.66 39.40
N SER D 188 78.91 40.69 38.65
CA SER D 188 79.87 40.56 37.57
C SER D 188 81.11 41.37 37.92
N VAL D 189 82.27 40.75 37.80
CA VAL D 189 83.51 41.36 38.25
C VAL D 189 84.55 41.30 37.12
N VAL D 190 85.43 42.29 37.12
CA VAL D 190 86.51 42.38 36.14
C VAL D 190 87.75 42.90 36.85
N THR D 191 88.90 42.32 36.49
CA THR D 191 90.19 42.76 37.00
C THR D 191 90.84 43.72 36.01
N VAL D 192 91.63 44.65 36.53
CA VAL D 192 92.23 45.73 35.75
C VAL D 192 93.51 46.14 36.48
N PRO D 193 94.58 46.51 35.78
CA PRO D 193 95.85 46.81 36.45
C PRO D 193 95.68 47.75 37.63
N SER D 194 96.39 47.43 38.72
CA SER D 194 96.25 48.22 39.95
C SER D 194 96.77 49.63 39.77
N SER D 195 97.59 49.87 38.75
CA SER D 195 97.97 51.25 38.43
C SER D 195 96.77 52.02 37.89
N SER D 196 95.73 51.31 37.46
CA SER D 196 94.56 51.91 36.84
C SER D 196 93.30 51.79 37.69
N LEU D 197 93.40 52.03 39.00
CA LEU D 197 92.24 51.93 39.87
C LEU D 197 91.10 52.85 39.43
N GLY D 198 91.33 54.16 39.48
CA GLY D 198 90.29 55.09 39.07
C GLY D 198 90.54 55.70 37.72
N THR D 199 91.70 55.42 37.12
CA THR D 199 92.20 56.18 35.98
C THR D 199 91.22 56.22 34.81
N GLN D 200 90.78 55.06 34.34
CA GLN D 200 89.94 55.01 33.15
C GLN D 200 88.48 54.80 33.54
N THR D 201 87.63 54.62 32.54
CA THR D 201 86.20 54.46 32.76
C THR D 201 85.86 52.99 32.97
N TYR D 202 85.13 52.71 34.04
CA TYR D 202 84.60 51.38 34.31
C TYR D 202 83.16 51.55 34.76
N ILE D 203 82.24 51.57 33.80
CA ILE D 203 80.82 51.77 34.09
C ILE D 203 80.08 50.52 33.64
N CYS D 204 79.39 49.88 34.57
CA CYS D 204 78.59 48.71 34.27
C CYS D 204 77.22 49.16 33.78
N ASN D 205 76.83 48.62 32.63
CA ASN D 205 75.58 48.93 31.94
C ASN D 205 74.63 47.78 32.24
N VAL D 206 73.62 48.05 33.05
CA VAL D 206 72.65 47.06 33.49
C VAL D 206 71.41 47.22 32.63
N ASN D 207 71.02 46.15 31.93
CA ASN D 207 69.81 46.12 31.14
C ASN D 207 68.96 44.92 31.51
N HIS D 208 67.68 45.20 31.76
CA HIS D 208 66.68 44.20 32.14
C HIS D 208 65.63 44.18 31.03
N LYS D 209 65.65 43.13 30.22
CA LYS D 209 64.86 43.06 28.98
C LYS D 209 63.38 42.76 29.18
N PRO D 210 62.98 41.88 30.10
CA PRO D 210 61.53 41.75 30.35
C PRO D 210 60.91 43.03 30.85
N SER D 211 61.57 43.73 31.78
CA SER D 211 61.22 45.12 32.08
C SER D 211 61.96 45.99 31.08
N ASN D 212 62.06 47.29 31.36
CA ASN D 212 62.80 48.21 30.51
C ASN D 212 63.80 49.01 31.33
N THR D 213 64.56 48.33 32.18
CA THR D 213 65.53 48.99 33.04
C THR D 213 66.89 49.07 32.37
N LYS D 214 67.47 50.27 32.38
CA LYS D 214 68.79 50.53 31.82
C LYS D 214 69.47 51.56 32.70
N VAL D 215 70.52 51.15 33.42
CA VAL D 215 71.23 52.02 34.34
C VAL D 215 72.73 51.78 34.22
N ASP D 216 73.51 52.86 34.20
CA ASP D 216 74.97 52.79 34.17
C ASP D 216 75.52 53.20 35.53
N LYS D 217 76.34 52.34 36.12
CA LYS D 217 76.91 52.58 37.44
C LYS D 217 78.43 52.56 37.36
N LYS D 218 79.06 53.60 37.88
CA LYS D 218 80.53 53.70 37.88
C LYS D 218 81.08 53.08 39.16
N VAL D 219 82.18 52.35 39.02
CA VAL D 219 82.85 51.72 40.16
C VAL D 219 84.19 52.41 40.37
N GLU D 220 84.41 52.92 41.58
CA GLU D 220 85.62 53.65 41.92
C GLU D 220 86.18 53.10 43.22
N PRO D 221 87.49 53.25 43.45
CA PRO D 221 88.07 52.75 44.70
C PRO D 221 87.36 53.32 45.93
N LYS D 222 87.48 52.58 47.03
CA LYS D 222 86.81 52.96 48.25
C LYS D 222 87.34 54.29 48.77
N SER D 223 86.45 55.06 49.37
CA SER D 223 86.75 56.41 49.86
C SER D 223 87.90 56.42 50.85
N ASP E 1 59.48 2.28 20.69
CA ASP E 1 60.41 3.37 20.44
C ASP E 1 61.87 2.98 20.55
N ILE E 2 62.76 3.96 20.44
CA ILE E 2 64.21 3.74 20.53
C ILE E 2 64.86 4.84 21.38
N GLN E 3 65.49 4.45 22.48
CA GLN E 3 66.17 5.39 23.38
C GLN E 3 67.67 5.05 23.37
N MET E 4 68.53 6.05 23.15
CA MET E 4 69.99 5.84 23.11
C MET E 4 70.64 6.41 24.40
N THR E 5 71.46 5.60 25.07
CA THR E 5 72.14 6.01 26.30
C THR E 5 73.63 6.33 26.05
N GLN E 6 74.08 7.52 26.47
CA GLN E 6 75.48 7.95 26.33
C GLN E 6 76.15 7.62 27.67
N SER E 7 77.07 6.66 27.69
CA SER E 7 77.64 6.22 28.96
C SER E 7 78.55 7.26 29.64
N PRO E 8 79.68 7.72 29.06
CA PRO E 8 80.63 8.44 29.91
C PRO E 8 80.30 9.91 30.04
N SER E 9 79.71 10.32 31.17
CA SER E 9 79.20 11.69 31.31
C SER E 9 80.26 12.57 31.96
N SER E 10 80.69 13.60 31.21
CA SER E 10 81.64 14.63 31.61
C SER E 10 82.93 14.03 32.15
N LEU E 11 83.73 13.43 31.27
CA LEU E 11 85.01 12.86 31.68
C LEU E 11 86.02 13.98 31.96
N SER E 12 87.30 13.68 31.85
CA SER E 12 88.38 14.66 32.05
C SER E 12 89.21 14.60 30.77
N ALA E 13 89.51 15.74 30.16
CA ALA E 13 90.31 15.80 28.93
C ALA E 13 91.66 16.47 29.29
N SER E 14 92.78 15.91 28.82
CA SER E 14 94.12 16.47 29.09
C SER E 14 94.64 16.98 27.73
N VAL E 15 95.42 18.07 27.66
CA VAL E 15 95.76 18.44 26.30
C VAL E 15 96.81 17.48 25.76
N GLY E 16 96.67 17.11 24.49
CA GLY E 16 97.52 16.09 23.93
C GLY E 16 97.11 14.69 24.34
N ASP E 17 95.90 14.26 23.97
CA ASP E 17 95.38 12.97 24.40
C ASP E 17 94.32 12.52 23.40
N ARG E 18 93.51 11.56 23.79
CA ARG E 18 92.35 11.15 23.01
C ARG E 18 91.15 11.00 23.92
N VAL E 19 89.97 10.94 23.32
CA VAL E 19 88.73 10.81 24.05
C VAL E 19 87.71 10.11 23.16
N THR E 20 87.00 9.15 23.72
CA THR E 20 86.01 8.39 22.99
C THR E 20 84.74 8.29 23.82
N ILE E 21 83.76 9.11 23.50
CA ILE E 21 82.43 8.98 24.10
C ILE E 21 81.71 7.89 23.33
N THR E 22 80.72 7.28 23.95
CA THR E 22 80.15 6.05 23.43
C THR E 22 78.65 6.03 23.70
N CYS E 23 77.88 5.72 22.65
CA CYS E 23 76.42 5.65 22.78
C CYS E 23 75.85 4.42 22.06
N GLN E 24 74.80 3.83 22.62
CA GLN E 24 74.20 2.66 22.02
C GLN E 24 72.70 2.91 21.98
N ALA E 25 71.91 1.90 21.62
CA ALA E 25 70.50 2.14 21.45
C ALA E 25 69.64 0.92 21.73
N SER E 26 68.37 1.03 21.38
CA SER E 26 67.42 -0.07 21.31
C SER E 26 67.62 -0.83 20.01
N GLN E 27 66.55 -1.49 19.55
CA GLN E 27 66.42 -2.07 18.21
C GLN E 27 67.11 -1.25 17.13
N ASP E 28 67.97 -1.90 16.34
CA ASP E 28 69.09 -1.26 15.66
C ASP E 28 68.63 -0.31 14.56
N ILE E 29 69.43 0.71 14.31
CA ILE E 29 69.22 1.65 13.23
C ILE E 29 70.45 1.59 12.34
N SER E 30 70.48 2.38 11.27
CA SER E 30 71.65 2.36 10.41
C SER E 30 71.86 3.71 9.78
N ASN E 31 72.93 4.39 10.21
CA ASN E 31 73.37 5.69 9.70
C ASN E 31 72.32 6.80 9.82
N TYR E 32 71.32 6.63 10.67
CA TYR E 32 70.42 7.73 10.93
C TYR E 32 70.75 8.30 12.30
N PHE E 33 71.84 9.02 12.40
CA PHE E 33 72.45 9.31 13.69
C PHE E 33 73.37 10.53 13.59
N ASN E 34 72.99 11.64 14.19
CA ASN E 34 73.83 12.84 14.14
C ASN E 34 74.33 13.23 15.52
N TRP E 35 75.57 13.67 15.58
CA TRP E 35 76.19 14.22 16.78
C TRP E 35 76.21 15.74 16.73
N TYR E 36 75.83 16.37 17.83
CA TYR E 36 75.74 17.82 17.92
C TYR E 36 76.72 18.32 18.97
N GLN E 37 77.06 19.60 18.89
CA GLN E 37 77.90 20.23 19.89
C GLN E 37 77.27 21.55 20.33
N GLN E 38 76.98 21.65 21.61
CA GLN E 38 76.47 22.89 22.18
C GLN E 38 77.47 23.44 23.18
N LYS E 39 78.01 24.60 22.88
CA LYS E 39 78.95 25.29 23.75
C LYS E 39 78.21 25.80 24.98
N PRO E 40 78.90 26.12 26.09
CA PRO E 40 78.19 26.57 27.29
C PRO E 40 77.60 27.97 27.13
N GLY E 41 76.43 28.05 26.53
CA GLY E 41 75.74 29.32 26.40
C GLY E 41 75.12 29.53 25.03
N LYS E 42 75.72 28.94 24.00
CA LYS E 42 75.29 29.20 22.64
C LYS E 42 74.26 28.18 22.17
N ALA E 43 73.94 28.23 20.88
CA ALA E 43 73.02 27.30 20.26
C ALA E 43 73.80 26.06 19.82
N PRO E 44 73.17 24.89 19.68
CA PRO E 44 73.90 23.72 19.21
C PRO E 44 74.25 23.80 17.73
N LYS E 45 75.37 23.22 17.34
CA LYS E 45 75.75 23.07 15.95
C LYS E 45 75.87 21.60 15.61
N LEU E 46 75.73 21.29 14.33
CA LEU E 46 75.86 19.92 13.84
C LEU E 46 77.25 19.73 13.27
N LEU E 47 77.88 18.58 13.58
CA LEU E 47 79.25 18.38 13.15
C LEU E 47 79.54 16.96 12.65
N ILE E 48 78.53 16.11 12.58
CA ILE E 48 78.74 14.74 12.11
C ILE E 48 77.71 14.29 11.08
N TYR E 49 76.50 14.02 11.54
CA TYR E 49 75.40 13.58 10.68
C TYR E 49 75.67 12.26 9.96
N ASP E 50 74.62 11.47 9.77
CA ASP E 50 74.71 10.18 9.10
C ASP E 50 75.46 9.15 9.94
N ALA E 51 76.65 9.52 10.38
CA ALA E 51 77.49 8.65 11.20
C ALA E 51 78.90 9.20 11.19
N SER E 52 79.32 9.67 10.01
CA SER E 52 80.64 10.25 9.82
C SER E 52 80.48 11.49 8.94
N ASN E 53 81.24 11.56 7.85
CA ASN E 53 81.16 12.70 6.94
C ASN E 53 81.19 14.02 7.71
N LEU E 54 82.36 14.41 8.17
CA LEU E 54 82.52 15.65 8.92
C LEU E 54 81.78 16.79 8.25
N GLU E 55 81.54 17.85 9.02
CA GLU E 55 80.84 19.03 8.52
C GLU E 55 81.85 20.08 8.08
N THR E 56 81.49 20.86 7.06
CA THR E 56 82.37 21.87 6.48
C THR E 56 82.56 23.04 7.44
N GLY E 57 83.65 23.02 8.19
CA GLY E 57 83.92 24.05 9.16
C GLY E 57 84.54 23.47 10.42
N VAL E 58 84.32 22.18 10.62
CA VAL E 58 84.91 21.42 11.72
C VAL E 58 86.34 21.10 11.33
N PRO E 59 87.32 21.18 12.24
CA PRO E 59 88.71 20.90 11.87
C PRO E 59 89.02 19.44 11.62
N SER E 60 90.32 19.13 11.45
CA SER E 60 90.77 17.79 11.09
C SER E 60 90.58 16.77 12.22
N ARG E 61 90.23 17.24 13.41
CA ARG E 61 89.90 16.40 14.55
C ARG E 61 88.47 15.90 14.41
N PHE E 62 87.89 15.38 15.50
CA PHE E 62 86.47 15.01 15.60
C PHE E 62 86.05 13.94 14.60
N SER E 63 86.57 12.73 14.73
CA SER E 63 86.15 11.64 13.85
C SER E 63 85.08 10.79 14.50
N GLY E 64 84.26 10.11 13.70
CA GLY E 64 83.21 9.26 14.23
C GLY E 64 83.06 7.97 13.46
N SER E 65 82.47 6.94 14.08
CA SER E 65 82.40 5.63 13.47
C SER E 65 81.26 4.79 14.03
N GLY E 66 81.23 3.50 13.68
CA GLY E 66 80.17 2.61 14.12
C GLY E 66 78.91 2.79 13.31
N SER E 67 78.22 1.68 13.04
CA SER E 67 77.07 1.84 12.16
C SER E 67 75.84 0.98 12.45
N GLY E 68 75.83 0.14 13.48
CA GLY E 68 74.58 -0.58 13.67
C GLY E 68 73.87 -0.45 14.99
N THR E 69 74.61 -0.48 16.11
CA THR E 69 74.03 -0.17 17.41
C THR E 69 74.94 0.79 18.15
N ASP E 70 76.24 0.59 18.02
CA ASP E 70 77.23 1.31 18.80
C ASP E 70 77.95 2.31 17.93
N PHE E 71 78.11 3.52 18.44
CA PHE E 71 78.68 4.62 17.68
C PHE E 71 79.71 5.31 18.57
N THR E 72 80.88 5.58 18.02
CA THR E 72 81.99 6.10 18.80
C THR E 72 82.53 7.38 18.18
N PHE E 73 82.52 8.44 18.98
CA PHE E 73 82.97 9.78 18.60
C PHE E 73 84.35 9.98 19.18
N THR E 74 85.29 10.42 18.36
CA THR E 74 86.68 10.38 18.77
C THR E 74 87.39 11.66 18.40
N ILE E 75 88.18 12.22 19.32
CA ILE E 75 88.94 13.43 19.06
C ILE E 75 90.42 13.12 19.20
N SER E 76 91.23 13.70 18.32
CA SER E 76 92.68 13.50 18.35
C SER E 76 93.29 14.06 19.63
N SER E 77 92.44 14.59 20.51
CA SER E 77 92.89 15.16 21.76
C SER E 77 91.78 15.95 22.45
N LEU E 78 92.15 16.94 23.24
CA LEU E 78 91.19 17.77 23.95
C LEU E 78 91.57 19.24 23.90
N GLN E 79 91.34 19.86 22.75
CA GLN E 79 91.66 21.28 22.56
C GLN E 79 90.97 22.14 23.61
N PRO E 80 91.77 23.11 24.20
CA PRO E 80 91.07 23.92 25.22
C PRO E 80 89.80 24.56 24.66
N GLU E 81 89.71 24.62 23.33
CA GLU E 81 88.54 25.20 22.68
C GLU E 81 87.39 24.21 22.56
N ASP E 82 87.13 23.48 23.64
CA ASP E 82 86.05 22.49 23.66
C ASP E 82 85.14 22.70 24.88
N ILE E 83 85.18 21.78 25.83
CA ILE E 83 84.37 21.86 27.03
C ILE E 83 82.94 22.29 26.70
N ALA E 84 82.32 21.54 25.79
CA ALA E 84 80.97 21.84 25.34
C ALA E 84 80.11 20.67 25.79
N THR E 85 78.94 20.52 25.21
CA THR E 85 78.11 19.37 25.52
C THR E 85 77.71 18.68 24.21
N TYR E 86 77.89 17.36 24.16
CA TYR E 86 77.74 16.62 22.92
C TYR E 86 76.54 15.70 22.95
N TYR E 87 75.55 15.96 22.10
CA TYR E 87 74.32 15.17 22.06
C TYR E 87 74.33 14.24 20.87
N CYS E 88 73.37 13.30 20.88
CA CYS E 88 73.19 12.33 19.80
C CYS E 88 71.71 12.36 19.42
N GLN E 89 71.44 12.39 18.11
CA GLN E 89 70.07 12.43 17.62
C GLN E 89 69.80 11.21 16.75
N GLN E 90 68.61 10.63 16.87
CA GLN E 90 68.13 9.73 15.85
C GLN E 90 66.77 10.22 15.38
N TYR E 91 66.23 9.60 14.33
CA TYR E 91 64.91 9.98 13.85
C TYR E 91 64.23 8.84 13.09
N ASP E 92 62.94 8.98 12.83
CA ASP E 92 62.23 7.91 12.12
C ASP E 92 61.20 8.45 11.13
N ASN E 93 60.74 7.57 10.25
CA ASN E 93 59.74 7.93 9.25
C ASN E 93 58.64 8.73 9.90
N LEU E 94 58.10 8.20 11.01
CA LEU E 94 57.05 8.87 11.74
C LEU E 94 57.68 10.04 12.47
N PRO E 95 56.87 11.16 12.65
CA PRO E 95 57.52 12.26 13.36
C PRO E 95 58.12 11.82 14.69
N MET E 96 59.34 12.26 14.97
CA MET E 96 60.03 11.91 16.21
C MET E 96 61.51 12.26 16.10
N TYR E 97 62.13 12.61 17.21
CA TYR E 97 63.55 12.95 17.17
C TYR E 97 64.08 12.88 18.59
N THR E 98 64.52 11.71 19.01
CA THR E 98 64.88 11.47 20.40
C THR E 98 66.34 11.84 20.60
N PHE E 99 66.58 12.94 21.30
CA PHE E 99 67.92 13.37 21.63
C PHE E 99 68.36 12.58 22.86
N GLY E 100 69.52 11.95 22.74
CA GLY E 100 70.11 11.33 23.90
C GLY E 100 70.65 12.39 24.84
N GLN E 101 70.76 12.05 26.12
CA GLN E 101 71.26 13.00 27.13
C GLN E 101 72.46 13.78 26.61
N GLY E 102 73.66 13.32 26.94
CA GLY E 102 74.88 13.97 26.51
C GLY E 102 75.95 14.02 27.57
N THR E 103 77.14 14.44 27.19
CA THR E 103 78.27 14.53 28.12
C THR E 103 78.74 15.97 28.28
N LYS E 104 79.99 16.14 28.71
CA LYS E 104 80.54 17.47 28.91
C LYS E 104 81.89 17.53 28.22
N LEU E 105 82.90 17.10 28.97
CA LEU E 105 84.33 17.05 28.62
C LEU E 105 84.91 17.74 29.85
N GLU E 106 86.02 18.45 29.70
CA GLU E 106 86.68 19.18 30.78
C GLU E 106 88.14 19.27 30.38
N ILE E 107 88.99 19.68 31.32
CA ILE E 107 90.43 19.81 31.05
C ILE E 107 91.23 19.56 32.32
N LYS E 108 92.56 19.50 32.15
CA LYS E 108 93.45 19.27 33.28
C LYS E 108 94.61 20.26 33.28
N ARG E 109 94.29 21.53 33.55
CA ARG E 109 95.30 22.58 33.57
C ARG E 109 96.15 22.51 34.84
N THR E 110 97.29 23.17 34.82
CA THR E 110 98.19 23.19 35.98
C THR E 110 97.53 23.87 37.17
N VAL E 111 98.02 23.55 38.37
CA VAL E 111 97.48 24.12 39.60
C VAL E 111 97.69 25.64 39.62
N ALA E 112 96.59 26.37 39.73
CA ALA E 112 96.65 27.82 39.77
C ALA E 112 95.88 28.29 40.99
N ALA E 113 96.52 29.10 41.83
CA ALA E 113 95.82 29.59 43.00
C ALA E 113 94.94 30.77 42.63
N PRO E 114 93.87 31.00 43.38
CA PRO E 114 92.98 32.11 43.05
C PRO E 114 93.52 33.44 43.55
N SER E 115 93.25 34.49 42.79
CA SER E 115 93.28 35.82 43.38
C SER E 115 92.02 35.98 44.22
N VAL E 116 92.15 36.40 45.47
CA VAL E 116 91.00 36.59 46.35
C VAL E 116 90.76 38.08 46.55
N PHE E 117 89.49 38.46 46.72
CA PHE E 117 89.11 39.84 46.94
C PHE E 117 87.78 39.93 47.68
N ILE E 118 87.73 40.75 48.72
CA ILE E 118 86.50 40.90 49.49
C ILE E 118 85.98 42.31 49.29
N PHE E 119 84.67 42.42 49.11
CA PHE E 119 84.00 43.70 48.86
C PHE E 119 83.01 43.98 49.98
N PRO E 120 83.12 45.08 50.68
CA PRO E 120 82.11 45.42 51.69
C PRO E 120 80.83 45.92 51.04
N PRO E 121 79.73 46.01 51.78
CA PRO E 121 78.48 46.48 51.16
C PRO E 121 78.53 47.96 50.84
N SER E 122 77.92 48.32 49.71
CA SER E 122 77.90 49.71 49.30
C SER E 122 76.97 50.54 50.20
N ASP E 123 77.33 51.81 50.37
CA ASP E 123 76.53 52.69 51.23
C ASP E 123 75.09 52.78 50.77
N GLU E 124 74.84 52.63 49.46
CA GLU E 124 73.48 52.70 48.95
C GLU E 124 72.62 51.57 49.52
N GLN E 125 73.21 50.39 49.64
CA GLN E 125 72.46 49.23 50.09
C GLN E 125 72.15 49.31 51.58
N LEU E 126 73.06 49.85 52.38
CA LEU E 126 72.79 49.97 53.80
C LEU E 126 71.64 50.94 54.06
N LYS E 127 71.38 51.89 53.15
CA LYS E 127 70.17 52.67 53.24
C LYS E 127 68.94 51.76 53.13
N SER E 128 68.94 50.90 52.10
CA SER E 128 67.82 50.02 51.85
C SER E 128 67.52 49.09 53.03
N GLY E 129 68.52 48.76 53.83
CA GLY E 129 68.34 47.96 55.01
C GLY E 129 68.88 46.55 54.96
N THR E 130 69.80 46.26 54.04
CA THR E 130 70.39 44.94 53.89
C THR E 130 71.85 45.11 53.46
N ALA E 131 72.70 44.14 53.81
CA ALA E 131 74.13 44.18 53.52
C ALA E 131 74.57 42.92 52.77
N SER E 132 74.98 43.06 51.52
CA SER E 132 75.64 41.95 50.82
C SER E 132 77.16 42.13 50.93
N VAL E 133 77.84 41.06 51.29
CA VAL E 133 79.29 41.06 51.44
C VAL E 133 79.82 40.06 50.43
N VAL E 134 80.46 40.55 49.38
CA VAL E 134 80.88 39.67 48.30
C VAL E 134 82.35 39.32 48.48
N CYS E 135 82.69 38.10 48.15
CA CYS E 135 84.07 37.63 48.16
C CYS E 135 84.31 36.94 46.84
N LEU E 136 85.36 37.35 46.13
CA LEU E 136 85.63 36.87 44.79
C LEU E 136 86.90 36.01 44.78
N LEU E 137 86.88 34.89 44.05
CA LEU E 137 88.04 34.04 43.83
C LEU E 137 88.29 33.99 42.33
N ASN E 138 89.41 34.55 41.89
CA ASN E 138 89.61 34.78 40.47
C ASN E 138 90.55 33.74 39.87
N ASN E 139 90.22 33.25 38.69
CA ASN E 139 91.04 32.26 38.02
C ASN E 139 91.54 31.18 38.97
N PHE E 140 91.34 29.92 38.61
CA PHE E 140 91.77 28.80 39.44
C PHE E 140 91.33 27.47 38.84
N TYR E 141 92.26 26.54 38.71
CA TYR E 141 91.98 25.23 38.15
C TYR E 141 91.09 24.41 39.10
N PRO E 142 91.76 23.79 40.15
CA PRO E 142 90.87 23.00 41.03
C PRO E 142 89.71 23.84 41.56
N ARG E 143 88.49 23.49 41.16
CA ARG E 143 87.29 24.21 41.59
C ARG E 143 86.88 23.81 42.99
N GLU E 144 87.47 22.72 43.48
CA GLU E 144 87.17 22.23 44.82
C GLU E 144 87.67 23.19 45.90
N ALA E 145 87.38 24.47 45.70
CA ALA E 145 87.79 25.49 46.65
C ALA E 145 86.76 25.61 47.76
N LYS E 146 87.21 26.00 48.95
CA LYS E 146 86.35 26.26 50.11
C LYS E 146 86.36 27.75 50.44
N VAL E 147 85.16 28.31 50.63
CA VAL E 147 85.00 29.70 51.07
C VAL E 147 84.37 29.68 52.45
N GLN E 148 85.15 30.03 53.46
CA GLN E 148 84.66 30.15 54.83
C GLN E 148 84.51 31.64 55.15
N TRP E 149 83.28 32.08 55.36
CA TRP E 149 83.05 33.40 55.92
C TRP E 149 83.24 33.36 57.43
N LYS E 150 83.77 34.44 57.97
CA LYS E 150 83.90 34.59 59.40
C LYS E 150 83.45 36.00 59.73
N VAL E 151 82.66 36.15 60.77
CA VAL E 151 82.25 37.46 61.25
C VAL E 151 82.72 37.58 62.69
N ASP E 152 83.66 38.50 62.94
CA ASP E 152 84.32 38.61 64.23
C ASP E 152 84.89 37.27 64.68
N ASN E 153 85.41 36.51 63.72
CA ASN E 153 86.05 35.21 63.95
C ASN E 153 85.06 34.10 64.26
N ALA E 154 83.78 34.28 63.93
CA ALA E 154 82.79 33.22 64.09
C ALA E 154 82.48 32.67 62.71
N LEU E 155 82.69 31.37 62.52
CA LEU E 155 82.43 30.81 61.21
C LEU E 155 80.92 30.90 60.93
N GLN E 156 80.57 31.47 59.78
CA GLN E 156 79.20 31.78 59.40
C GLN E 156 78.62 30.67 58.55
N SER E 157 77.51 30.09 59.00
CA SER E 157 76.90 28.98 58.28
C SER E 157 75.46 29.32 57.92
N GLY E 158 75.14 29.21 56.63
CA GLY E 158 73.76 29.27 56.20
C GLY E 158 73.22 30.62 55.81
N ASN E 159 74.09 31.59 55.55
CA ASN E 159 73.66 32.87 55.01
C ASN E 159 74.51 33.27 53.82
N SER E 160 75.11 32.31 53.12
CA SER E 160 75.93 32.60 51.96
C SER E 160 75.40 31.83 50.76
N GLN E 161 75.78 32.30 49.57
CA GLN E 161 75.53 31.61 48.31
C GLN E 161 76.74 31.79 47.41
N GLU E 162 77.08 30.74 46.67
CA GLU E 162 78.18 30.76 45.72
C GLU E 162 77.64 30.53 44.32
N SER E 163 78.39 31.01 43.32
CA SER E 163 78.29 30.44 41.99
C SER E 163 79.65 30.52 41.31
N VAL E 164 79.81 29.71 40.28
CA VAL E 164 81.09 29.41 39.66
C VAL E 164 80.91 29.51 38.16
N THR E 165 81.96 29.92 37.47
CA THR E 165 81.84 30.11 36.03
C THR E 165 82.21 28.84 35.30
N GLU E 166 81.83 28.78 34.02
CA GLU E 166 82.28 27.68 33.19
C GLU E 166 83.79 27.78 33.00
N GLN E 167 84.43 26.61 32.89
CA GLN E 167 85.87 26.57 32.65
C GLN E 167 86.24 27.46 31.47
N ASP E 168 87.18 28.37 31.71
CA ASP E 168 87.52 29.41 30.75
C ASP E 168 88.14 28.85 29.47
N SER E 169 87.63 29.28 28.32
CA SER E 169 88.11 28.76 27.04
C SER E 169 89.54 29.16 26.73
N LYS E 170 90.07 30.22 27.34
CA LYS E 170 91.45 30.62 27.12
C LYS E 170 92.42 29.89 28.06
N ASP E 171 92.30 30.11 29.37
CA ASP E 171 93.28 29.59 30.32
C ASP E 171 92.75 28.44 31.17
N SER E 172 91.56 27.92 30.86
CA SER E 172 91.03 26.70 31.48
C SER E 172 90.90 26.81 33.00
N THR E 173 90.60 28.00 33.51
CA THR E 173 90.46 28.23 34.94
C THR E 173 89.00 28.42 35.32
N TYR E 174 88.75 28.47 36.61
CA TYR E 174 87.41 28.75 37.13
C TYR E 174 87.45 30.05 37.92
N SER E 175 86.28 30.65 38.13
CA SER E 175 86.17 31.81 39.00
C SER E 175 84.91 31.67 39.82
N LEU E 176 84.97 32.12 41.08
CA LEU E 176 83.91 31.84 42.04
C LEU E 176 83.56 33.10 42.83
N SER E 177 82.27 33.29 43.05
CA SER E 177 81.75 34.45 43.78
C SER E 177 80.87 33.95 44.90
N SER E 178 81.22 34.28 46.14
CA SER E 178 80.39 33.93 47.29
C SER E 178 79.81 35.21 47.89
N THR E 179 78.49 35.22 48.13
CA THR E 179 77.81 36.39 48.67
C THR E 179 77.23 36.07 50.05
N LEU E 180 77.59 36.87 51.05
CA LEU E 180 77.07 36.75 52.40
C LEU E 180 76.00 37.82 52.58
N THR E 181 74.81 37.43 53.02
CA THR E 181 73.70 38.39 53.11
C THR E 181 73.24 38.55 54.56
N LEU E 182 73.23 39.80 55.03
CA LEU E 182 72.88 40.18 56.38
C LEU E 182 71.87 41.33 56.35
N SER E 183 71.23 41.55 57.49
CA SER E 183 70.42 42.75 57.61
C SER E 183 71.32 43.93 57.96
N LYS E 184 70.84 45.15 57.70
CA LYS E 184 71.59 46.32 58.15
C LYS E 184 71.80 46.24 59.65
N ALA E 185 70.73 45.96 60.39
CA ALA E 185 70.81 45.85 61.85
C ALA E 185 71.88 44.86 62.30
N ASP E 186 71.83 43.63 61.78
CA ASP E 186 72.81 42.62 62.19
C ASP E 186 74.20 42.95 61.66
N TYR E 187 74.30 43.61 60.51
CA TYR E 187 75.59 44.01 59.99
C TYR E 187 76.31 44.93 60.97
N GLU E 188 75.63 45.99 61.40
CA GLU E 188 76.06 46.97 62.38
C GLU E 188 76.34 46.43 63.78
N LYS E 189 76.21 45.12 64.02
CA LYS E 189 76.49 44.51 65.32
C LYS E 189 77.89 43.90 65.42
N HIS E 190 78.64 43.83 64.33
CA HIS E 190 79.96 43.20 64.30
C HIS E 190 80.96 44.10 63.58
N LYS E 191 82.25 43.77 63.69
CA LYS E 191 83.32 44.62 63.15
C LYS E 191 84.05 43.98 61.97
N VAL E 192 84.79 42.90 62.20
CA VAL E 192 85.65 42.31 61.17
C VAL E 192 84.81 41.37 60.31
N TYR E 193 84.82 41.61 59.00
CA TYR E 193 84.27 40.65 58.05
C TYR E 193 85.43 40.07 57.26
N ALA E 194 85.51 38.74 57.26
CA ALA E 194 86.63 38.00 56.70
C ALA E 194 86.11 36.92 55.77
N CYS E 195 86.93 36.56 54.80
CA CYS E 195 86.62 35.54 53.81
C CYS E 195 87.87 34.70 53.69
N GLU E 196 87.82 33.45 54.12
CA GLU E 196 89.02 32.61 54.16
C GLU E 196 88.90 31.53 53.09
N VAL E 197 89.80 31.56 52.11
CA VAL E 197 89.74 30.65 50.96
C VAL E 197 90.79 29.56 51.11
N THR E 198 90.36 28.32 50.95
CA THR E 198 91.22 27.14 50.97
C THR E 198 91.31 26.57 49.56
N HIS E 199 92.51 26.17 49.13
CA HIS E 199 92.70 25.72 47.76
C HIS E 199 94.05 25.04 47.63
N GLN E 200 94.14 24.14 46.65
CA GLN E 200 95.33 23.30 46.51
C GLN E 200 96.55 24.12 46.12
N GLY E 201 96.37 25.20 45.38
CA GLY E 201 97.48 26.08 45.04
C GLY E 201 97.93 27.00 46.16
N LEU E 202 97.23 26.99 47.30
CA LEU E 202 97.62 27.74 48.48
C LEU E 202 98.22 26.78 49.51
N SER E 203 99.41 27.11 50.02
CA SER E 203 100.03 26.28 51.04
C SER E 203 99.26 26.37 52.36
N SER E 204 98.75 27.54 52.70
CA SER E 204 97.81 27.68 53.81
C SER E 204 96.77 28.71 53.41
N PRO E 205 95.57 28.66 54.00
CA PRO E 205 94.46 29.42 53.44
C PRO E 205 94.71 30.92 53.49
N VAL E 206 94.09 31.60 52.55
CA VAL E 206 94.22 33.03 52.41
C VAL E 206 92.96 33.64 52.96
N THR E 207 93.10 34.68 53.77
CA THR E 207 91.98 35.44 54.29
C THR E 207 92.09 36.87 53.80
N LYS E 208 91.05 37.35 53.13
CA LYS E 208 90.88 38.77 52.85
C LYS E 208 89.78 39.31 53.76
N SER E 209 90.03 40.46 54.38
CA SER E 209 89.09 40.95 55.38
C SER E 209 89.10 42.46 55.41
N PHE E 210 88.00 43.03 55.88
CA PHE E 210 87.88 44.45 56.12
C PHE E 210 87.23 44.67 57.48
N ASN E 211 87.24 45.92 57.90
CA ASN E 211 86.70 46.31 59.20
C ASN E 211 85.58 47.31 58.94
N ARG E 212 84.33 46.88 59.21
CA ARG E 212 83.17 47.73 58.95
C ARG E 212 83.39 49.13 59.49
N GLY E 213 83.30 50.11 58.59
CA GLY E 213 83.34 51.49 59.00
C GLY E 213 84.71 52.12 59.04
N GLU E 214 85.69 51.55 58.34
CA GLU E 214 87.04 52.10 58.29
C GLU E 214 87.40 52.44 56.83
N CYS E 215 87.29 53.73 56.48
CA CYS E 215 87.70 54.22 55.17
C CYS E 215 89.11 53.73 54.83
N GLU F 1 42.37 23.37 63.20
CA GLU F 1 42.89 22.38 62.25
C GLU F 1 41.95 22.21 61.07
N VAL F 2 41.27 23.29 60.68
CA VAL F 2 40.34 23.25 59.56
C VAL F 2 40.06 24.66 59.05
N GLN F 3 41.02 25.21 58.31
CA GLN F 3 40.87 26.55 57.75
C GLN F 3 41.14 26.43 56.26
N LEU F 4 40.24 27.00 55.47
CA LEU F 4 40.35 26.99 54.01
C LEU F 4 40.81 28.34 53.50
N VAL F 5 41.84 28.34 52.66
CA VAL F 5 42.38 29.57 52.09
C VAL F 5 41.95 29.74 50.64
N GLU F 6 41.41 30.91 50.31
CA GLU F 6 40.95 31.19 48.97
C GLU F 6 41.94 32.06 48.20
N SER F 7 42.34 31.59 47.02
CA SER F 7 43.28 32.34 46.19
C SER F 7 42.52 33.13 45.13
N GLY F 8 42.69 34.45 45.15
CA GLY F 8 42.02 35.31 44.19
C GLY F 8 42.02 36.76 44.61
N GLY F 9 41.00 37.51 44.18
CA GLY F 9 40.89 38.91 44.51
C GLY F 9 41.40 39.81 43.40
N GLY F 10 42.30 40.72 43.75
CA GLY F 10 42.86 41.64 42.77
C GLY F 10 41.81 42.48 42.09
N LEU F 11 42.23 43.59 41.49
CA LEU F 11 41.32 44.49 40.80
C LEU F 11 40.81 43.87 39.50
N ILE F 12 40.10 44.67 38.72
CA ILE F 12 39.55 44.20 37.44
C ILE F 12 38.54 45.19 36.88
N GLN F 13 38.38 45.17 35.57
CA GLN F 13 37.44 46.05 34.89
C GLN F 13 36.04 45.44 34.89
N PRO F 14 35.00 46.25 34.69
CA PRO F 14 33.64 45.68 34.56
C PRO F 14 33.47 44.80 33.33
N GLY F 15 33.30 43.50 33.55
CA GLY F 15 33.14 42.57 32.46
C GLY F 15 34.15 41.45 32.49
N GLY F 16 34.91 41.36 33.57
CA GLY F 16 35.97 40.37 33.68
C GLY F 16 35.52 38.94 33.87
N SER F 17 36.47 38.03 34.09
CA SER F 17 36.15 36.62 34.23
C SER F 17 36.98 35.94 35.31
N LEU F 18 37.32 36.68 36.37
CA LEU F 18 38.12 36.17 37.47
C LEU F 18 37.40 35.05 38.21
N ARG F 19 38.13 33.99 38.54
CA ARG F 19 37.59 32.90 39.33
C ARG F 19 38.47 32.66 40.55
N LEU F 20 37.86 32.17 41.63
CA LEU F 20 38.49 32.10 42.94
C LEU F 20 38.66 30.64 43.34
N SER F 21 39.72 30.34 44.07
CA SER F 21 40.11 28.98 44.40
C SER F 21 40.13 28.76 45.90
N CYS F 22 39.04 28.24 46.44
CA CYS F 22 38.95 27.96 47.86
C CYS F 22 39.45 26.54 48.13
N ALA F 23 40.63 26.43 48.71
CA ALA F 23 41.27 25.15 48.95
C ALA F 23 41.18 24.79 50.42
N ALA F 24 40.67 23.59 50.71
CA ALA F 24 40.33 23.21 52.06
C ALA F 24 41.28 22.16 52.62
N SER F 25 41.27 22.01 53.94
CA SER F 25 42.09 21.02 54.63
C SER F 25 41.31 20.46 55.81
N GLY F 26 41.42 19.15 55.99
CA GLY F 26 40.80 18.52 57.15
C GLY F 26 39.51 17.78 56.86
N PHE F 27 38.94 17.97 55.66
CA PHE F 27 37.73 17.27 55.28
C PHE F 27 37.57 17.23 53.76
N THR F 28 36.82 16.28 53.25
CA THR F 28 36.56 16.18 51.82
C THR F 28 35.57 17.24 51.39
N VAL F 29 35.79 17.87 50.24
CA VAL F 29 34.86 18.85 49.73
C VAL F 29 33.99 18.21 48.67
N SER F 30 34.03 16.89 48.57
CA SER F 30 33.14 16.18 47.67
C SER F 30 32.14 15.39 48.50
N SER F 31 32.01 15.76 49.77
CA SER F 31 31.09 15.06 50.66
C SER F 31 30.39 16.04 51.62
N ASN F 32 30.72 17.31 51.50
CA ASN F 32 30.13 18.33 52.35
C ASN F 32 29.32 19.32 51.51
N TYR F 33 28.63 20.21 52.21
CA TYR F 33 27.82 21.26 51.61
C TYR F 33 28.62 22.56 51.67
N MET F 34 29.50 22.77 50.70
CA MET F 34 30.25 24.01 50.72
C MET F 34 29.41 25.16 50.17
N SER F 35 29.65 26.36 50.68
CA SER F 35 28.85 27.49 50.26
C SER F 35 29.68 28.76 50.26
N TRP F 36 29.23 29.73 49.48
CA TRP F 36 29.88 31.03 49.35
C TRP F 36 29.00 32.12 49.92
N VAL F 37 29.60 33.01 50.70
CA VAL F 37 28.88 34.13 51.31
C VAL F 37 29.75 35.37 51.18
N ARG F 38 29.19 36.43 50.63
CA ARG F 38 29.88 37.71 50.49
C ARG F 38 29.23 38.75 51.37
N GLN F 39 29.93 39.86 51.58
CA GLN F 39 29.34 41.00 52.24
C GLN F 39 30.01 42.27 51.75
N ALA F 40 29.21 43.25 51.39
CA ALA F 40 29.70 44.50 50.85
C ALA F 40 30.36 45.33 51.96
N PRO F 41 31.23 46.27 51.60
CA PRO F 41 31.82 47.15 52.63
C PRO F 41 30.79 48.01 53.32
N GLY F 42 30.70 47.86 54.64
CA GLY F 42 29.77 48.59 55.45
C GLY F 42 28.33 48.15 55.24
N LYS F 43 28.13 46.89 54.92
CA LYS F 43 26.79 46.36 54.69
C LYS F 43 26.64 45.05 55.43
N GLY F 44 25.43 44.49 55.35
CA GLY F 44 25.16 43.21 55.96
C GLY F 44 25.59 42.07 55.04
N LEU F 45 25.60 40.86 55.58
CA LEU F 45 26.02 39.69 54.82
C LEU F 45 24.98 39.30 53.79
N GLU F 46 25.36 38.45 52.84
CA GLU F 46 24.44 38.02 51.79
C GLU F 46 24.91 36.68 51.27
N TRP F 47 24.00 35.71 51.19
CA TRP F 47 24.32 34.40 50.64
C TRP F 47 24.56 34.49 49.15
N VAL F 48 25.43 33.65 48.61
CA VAL F 48 25.75 33.69 47.18
C VAL F 48 25.37 32.37 46.51
N SER F 49 25.96 31.27 46.95
CA SER F 49 25.75 30.01 46.24
C SER F 49 26.09 28.84 47.15
N VAL F 50 25.64 27.65 46.73
CA VAL F 50 25.90 26.42 47.45
C VAL F 50 25.96 25.28 46.44
N ILE F 51 26.68 24.21 46.80
CA ILE F 51 26.66 22.98 46.04
C ILE F 51 26.40 21.79 46.96
N TYR F 52 25.54 20.90 46.50
CA TYR F 52 25.26 19.72 47.29
C TYR F 52 26.29 18.65 46.92
N SER F 53 26.47 17.66 47.77
CA SER F 53 27.47 16.65 47.47
C SER F 53 26.93 15.55 46.57
N GLY F 54 26.24 15.92 45.51
CA GLY F 54 25.88 15.01 44.45
C GLY F 54 25.97 15.71 43.12
N GLY F 55 26.22 17.02 43.15
CA GLY F 55 26.40 17.76 41.92
C GLY F 55 25.50 18.97 41.72
N SER F 56 24.46 19.13 42.52
CA SER F 56 23.49 20.20 42.28
C SER F 56 24.06 21.57 42.64
N THR F 57 23.49 22.61 42.04
CA THR F 57 23.98 23.97 42.19
C THR F 57 22.82 24.93 42.41
N TYR F 58 23.01 25.96 43.22
CA TYR F 58 21.96 26.95 43.43
C TYR F 58 22.61 28.33 43.53
N TYR F 59 21.86 29.35 43.14
CA TYR F 59 22.40 30.70 43.05
C TYR F 59 21.45 31.68 43.72
N ALA F 60 21.96 32.86 44.04
CA ALA F 60 21.27 33.79 44.92
C ALA F 60 20.28 34.70 44.20
N ASP F 61 20.04 34.43 42.91
CA ASP F 61 19.00 35.01 42.06
C ASP F 61 19.29 36.47 41.67
N SER F 62 20.27 37.09 42.31
CA SER F 62 20.74 38.40 41.89
C SER F 62 22.03 38.21 41.11
N VAL F 63 22.66 37.06 41.30
CA VAL F 63 23.94 36.75 40.67
C VAL F 63 23.81 35.47 39.87
N LYS F 64 22.58 35.08 39.53
CA LYS F 64 22.36 33.88 38.77
C LYS F 64 22.52 34.17 37.30
N GLY F 65 22.93 33.15 36.55
CA GLY F 65 23.26 33.32 35.15
C GLY F 65 24.63 33.88 34.87
N ARG F 66 25.35 34.35 35.89
CA ARG F 66 26.67 34.92 35.69
C ARG F 66 27.74 34.23 36.54
N PHE F 67 27.35 33.32 37.42
CA PHE F 67 28.28 32.74 38.38
C PHE F 67 28.27 31.22 38.17
N THR F 68 29.33 30.57 38.59
CA THR F 68 29.41 29.12 38.49
C THR F 68 30.25 28.58 39.63
N ILE F 69 29.81 27.46 40.21
CA ILE F 69 30.55 26.76 41.26
C ILE F 69 31.04 25.45 40.69
N SER F 70 32.23 25.03 41.10
CA SER F 70 32.75 23.71 40.78
C SER F 70 33.78 23.33 41.83
N ARG F 71 34.11 22.05 41.90
CA ARG F 71 35.05 21.53 42.88
C ARG F 71 35.98 20.54 42.23
N ASP F 72 37.16 20.38 42.81
CA ASP F 72 38.10 19.34 42.42
C ASP F 72 38.18 18.32 43.54
N ASN F 73 37.62 17.13 43.31
CA ASN F 73 37.55 16.09 44.32
C ASN F 73 38.86 15.33 44.47
N SER F 74 39.87 15.64 43.66
CA SER F 74 41.20 15.08 43.90
C SER F 74 42.20 16.16 44.28
N LYS F 75 41.78 17.42 44.35
CA LYS F 75 42.66 18.51 44.76
C LYS F 75 42.13 19.25 45.98
N ASN F 76 40.89 19.00 46.39
CA ASN F 76 40.22 19.64 47.53
C ASN F 76 40.20 21.16 47.38
N THR F 77 39.85 21.60 46.18
CA THR F 77 39.71 23.03 45.89
C THR F 77 38.28 23.30 45.45
N LEU F 78 37.73 24.40 45.93
CA LEU F 78 36.39 24.84 45.60
C LEU F 78 36.47 26.09 44.74
N TYR F 79 35.82 26.05 43.58
CA TYR F 79 35.96 27.09 42.57
C TYR F 79 34.69 27.91 42.50
N LEU F 80 34.84 29.23 42.53
CA LEU F 80 33.77 30.16 42.19
C LEU F 80 34.11 30.73 40.83
N GLN F 81 33.58 30.12 39.78
CA GLN F 81 33.85 30.60 38.43
C GLN F 81 32.91 31.78 38.18
N MET F 82 33.48 32.97 38.28
CA MET F 82 32.74 34.21 38.12
C MET F 82 33.10 34.82 36.78
N ASN F 83 32.11 35.44 36.13
CA ASN F 83 32.34 36.19 34.91
C ASN F 83 31.21 37.19 34.70
N SER F 84 31.45 38.15 33.80
CA SER F 84 30.51 39.19 33.37
C SER F 84 29.97 40.00 34.56
N LEU F 85 30.87 40.74 35.18
CA LEU F 85 30.56 41.58 36.34
C LEU F 85 29.59 42.71 36.02
N ARG F 86 29.12 43.38 37.06
CA ARG F 86 28.34 44.59 36.90
C ARG F 86 28.79 45.69 37.83
N ALA F 87 29.95 45.55 38.48
CA ALA F 87 30.62 46.59 39.28
C ALA F 87 29.80 47.03 40.48
N GLU F 88 28.95 46.15 41.00
CA GLU F 88 28.48 46.27 42.38
C GLU F 88 28.92 45.09 43.22
N ASP F 89 29.65 44.14 42.65
CA ASP F 89 30.07 42.92 43.32
C ASP F 89 31.39 43.11 44.07
N THR F 90 31.79 44.34 44.35
CA THR F 90 32.97 44.60 45.15
C THR F 90 32.67 44.25 46.60
N ALA F 91 33.25 43.16 47.08
CA ALA F 91 32.93 42.65 48.40
C ALA F 91 34.08 41.80 48.90
N VAL F 92 33.93 41.30 50.12
CA VAL F 92 34.81 40.30 50.69
C VAL F 92 34.08 38.97 50.64
N TYR F 93 34.73 37.95 50.12
CA TYR F 93 34.07 36.69 49.82
C TYR F 93 34.56 35.61 50.78
N TYR F 94 33.62 34.96 51.45
CA TYR F 94 33.92 33.94 52.44
C TYR F 94 33.46 32.58 51.95
N CYS F 95 34.18 31.54 52.36
CA CYS F 95 33.74 30.16 52.20
C CYS F 95 33.22 29.66 53.54
N ALA F 96 32.31 28.69 53.50
CA ALA F 96 31.76 28.12 54.71
C ALA F 96 31.29 26.70 54.46
N ARG F 97 31.48 25.84 55.46
CA ARG F 97 30.94 24.49 55.43
C ARG F 97 29.60 24.51 56.11
N GLU F 98 28.65 23.78 55.56
CA GLU F 98 27.28 23.75 56.07
C GLU F 98 27.05 22.37 56.69
N GLY F 99 27.13 22.29 58.01
CA GLY F 99 27.08 21.02 58.70
C GLY F 99 26.08 21.00 59.83
N PRO F 100 25.40 19.86 60.02
CA PRO F 100 24.39 19.78 61.07
C PRO F 100 24.99 19.73 62.46
N LYS F 101 24.31 20.34 63.43
CA LYS F 101 24.76 20.32 64.80
C LYS F 101 23.56 20.11 65.72
N SER F 102 22.61 19.32 65.25
CA SER F 102 21.42 19.01 66.04
C SER F 102 20.76 17.74 65.56
N ILE F 103 19.70 17.34 66.24
CA ILE F 103 18.81 16.30 65.73
C ILE F 103 17.99 16.95 64.62
N THR F 104 17.76 18.26 64.74
CA THR F 104 17.14 19.03 63.66
C THR F 104 17.70 20.44 63.56
N GLY F 105 18.34 20.73 62.44
CA GLY F 105 18.89 22.05 62.19
C GLY F 105 20.31 21.94 61.73
N THR F 106 20.73 22.87 60.89
CA THR F 106 22.07 22.88 60.32
C THR F 106 22.64 24.28 60.40
N ALA F 107 23.93 24.43 60.11
CA ALA F 107 24.60 25.69 60.43
C ALA F 107 25.92 25.78 59.65
N PHE F 108 26.40 27.01 59.52
CA PHE F 108 27.76 27.27 59.08
C PHE F 108 28.70 27.29 60.27
N ASP F 109 29.68 26.40 60.27
CA ASP F 109 30.47 26.23 61.49
C ASP F 109 31.96 26.46 61.31
N ILE F 110 32.44 26.66 60.10
CA ILE F 110 33.85 26.97 59.87
C ILE F 110 33.97 27.85 58.64
N TRP F 111 34.80 28.88 58.75
CA TRP F 111 34.89 29.97 57.78
C TRP F 111 36.32 30.15 57.31
N GLY F 112 36.53 31.04 56.35
CA GLY F 112 37.82 31.09 55.69
C GLY F 112 38.55 32.43 55.64
N GLN F 113 38.20 33.37 56.52
CA GLN F 113 38.84 34.66 56.74
C GLN F 113 38.73 35.66 55.58
N GLY F 114 38.06 35.29 54.49
CA GLY F 114 37.71 36.26 53.47
C GLY F 114 38.81 36.72 52.55
N THR F 115 38.44 37.04 51.31
CA THR F 115 39.34 37.61 50.32
C THR F 115 38.64 38.72 49.56
N ILE F 116 39.36 39.81 49.32
CA ILE F 116 38.79 41.02 48.76
C ILE F 116 38.76 40.91 47.25
N VAL F 117 37.65 41.35 46.66
CA VAL F 117 37.51 41.47 45.21
C VAL F 117 36.99 42.88 44.93
N THR F 118 37.69 43.60 44.07
CA THR F 118 37.33 44.98 43.74
C THR F 118 37.16 45.13 42.23
N VAL F 119 36.38 46.12 41.81
CA VAL F 119 36.15 46.34 40.39
C VAL F 119 35.85 47.80 40.07
N SER F 120 36.48 48.30 39.01
CA SER F 120 36.29 49.68 38.58
C SER F 120 37.34 50.09 37.56
N SER F 121 38.32 49.22 37.34
CA SER F 121 39.39 49.49 36.40
C SER F 121 40.42 50.44 37.01
N ALA F 122 40.50 51.67 36.50
CA ALA F 122 41.44 52.66 37.00
C ALA F 122 42.82 52.07 37.28
N SER F 123 43.09 50.91 36.70
CA SER F 123 44.37 50.24 36.87
C SER F 123 44.79 50.17 38.34
N THR F 124 46.04 49.82 38.59
CA THR F 124 46.56 49.72 39.94
C THR F 124 47.82 50.58 40.08
N LYS F 125 48.34 50.66 41.30
CA LYS F 125 49.54 51.44 41.54
C LYS F 125 50.16 51.07 42.89
N GLY F 126 51.47 51.25 42.98
CA GLY F 126 52.20 50.90 44.17
C GLY F 126 52.24 52.04 45.17
N PRO F 127 52.49 51.71 46.44
CA PRO F 127 52.44 52.73 47.47
C PRO F 127 53.72 53.55 47.54
N SER F 128 53.59 54.80 47.95
CA SER F 128 54.73 55.66 48.26
C SER F 128 54.81 55.80 49.78
N VAL F 129 55.99 55.58 50.34
CA VAL F 129 56.17 55.46 51.78
C VAL F 129 57.06 56.61 52.25
N PHE F 130 56.68 57.20 53.38
CA PHE F 130 57.49 58.14 54.15
C PHE F 130 57.50 57.73 55.62
N PRO F 131 58.60 57.97 56.33
CA PRO F 131 58.59 57.75 57.79
C PRO F 131 58.22 59.03 58.53
N LEU F 132 57.23 58.95 59.41
CA LEU F 132 56.86 60.06 60.28
C LEU F 132 57.64 59.89 61.58
N ALA F 133 58.65 60.73 61.73
CA ALA F 133 59.67 60.67 62.77
C ALA F 133 59.05 60.93 64.14
N PRO F 134 59.60 60.32 65.18
CA PRO F 134 59.22 60.71 66.54
C PRO F 134 59.75 62.09 66.85
N SER F 135 58.91 62.93 67.47
CA SER F 135 59.28 64.31 67.74
C SER F 135 58.78 64.70 69.11
N SER F 136 59.34 65.80 69.63
CA SER F 136 58.89 66.33 70.91
C SER F 136 57.44 66.81 70.84
N LYS F 137 56.98 67.24 69.66
CA LYS F 137 55.57 67.56 69.49
C LYS F 137 54.69 66.32 69.56
N SER F 138 55.27 65.15 69.29
CA SER F 138 54.59 63.89 69.56
C SER F 138 54.99 63.31 70.92
N THR F 139 56.11 63.75 71.49
CA THR F 139 56.56 63.24 72.77
C THR F 139 55.77 63.88 73.90
N SER F 140 55.45 63.08 74.94
CA SER F 140 54.78 63.56 76.14
C SER F 140 55.18 62.66 77.30
N GLY F 141 56.09 63.15 78.13
CA GLY F 141 56.45 62.43 79.33
C GLY F 141 57.23 61.17 79.03
N GLY F 142 56.61 60.02 79.32
CA GLY F 142 57.30 58.75 79.25
C GLY F 142 57.34 58.11 77.87
N THR F 143 56.49 58.56 76.95
CA THR F 143 56.35 57.90 75.66
C THR F 143 56.38 58.93 74.52
N ALA F 144 56.71 58.43 73.32
CA ALA F 144 56.71 59.23 72.10
C ALA F 144 56.33 58.31 70.94
N ALA F 145 55.64 58.88 69.95
CA ALA F 145 55.04 58.11 68.87
C ALA F 145 55.79 58.34 67.57
N LEU F 146 55.92 57.28 66.77
CA LEU F 146 56.52 57.34 65.44
C LEU F 146 55.76 56.38 64.52
N GLY F 147 55.84 56.62 63.23
CA GLY F 147 55.07 55.79 62.33
C GLY F 147 55.52 55.86 60.89
N CYS F 148 54.68 55.30 60.01
CA CYS F 148 54.98 55.24 58.58
C CYS F 148 53.72 55.60 57.81
N LEU F 149 53.87 56.48 56.82
CA LEU F 149 52.78 56.94 55.98
C LEU F 149 52.93 56.27 54.62
N VAL F 150 51.96 55.44 54.26
CA VAL F 150 51.96 54.73 53.00
C VAL F 150 50.76 55.21 52.20
N LYS F 151 51.01 55.88 51.08
CA LYS F 151 49.96 56.62 50.38
C LYS F 151 49.92 56.29 48.91
N ASP F 152 48.89 56.80 48.24
CA ASP F 152 48.71 56.71 46.79
C ASP F 152 48.86 55.31 46.23
N TYR F 153 47.90 54.44 46.56
CA TYR F 153 47.83 53.13 45.93
C TYR F 153 46.37 52.78 45.65
N PHE F 154 46.11 52.15 44.51
CA PHE F 154 44.76 51.67 44.23
C PHE F 154 44.44 50.31 44.86
N PRO F 155 45.30 49.29 44.72
CA PRO F 155 44.86 47.94 45.06
C PRO F 155 44.70 47.72 46.56
N GLU F 156 43.48 47.98 47.03
CA GLU F 156 43.04 48.16 48.41
C GLU F 156 43.81 47.34 49.44
N PRO F 157 43.94 46.01 49.31
CA PRO F 157 44.63 45.27 50.36
C PRO F 157 46.12 45.56 50.39
N VAL F 158 46.57 46.27 51.42
CA VAL F 158 47.97 46.61 51.63
C VAL F 158 48.26 46.43 53.11
N THR F 159 49.49 46.09 53.45
CA THR F 159 49.78 45.86 54.86
C THR F 159 51.11 46.52 55.21
N VAL F 160 51.17 47.04 56.44
CA VAL F 160 52.38 47.57 57.02
C VAL F 160 52.56 46.96 58.40
N SER F 161 53.69 46.31 58.61
CA SER F 161 54.02 45.74 59.91
C SER F 161 55.15 46.53 60.53
N TRP F 162 55.38 46.31 61.82
CA TRP F 162 56.48 46.95 62.51
C TRP F 162 57.51 45.91 62.92
N ASN F 163 58.72 46.08 62.39
CA ASN F 163 59.84 45.21 62.71
C ASN F 163 59.51 43.76 62.42
N SER F 164 59.09 43.50 61.18
CA SER F 164 58.79 42.15 60.69
C SER F 164 57.76 41.45 61.56
N GLY F 165 56.88 42.22 62.21
CA GLY F 165 55.86 41.65 63.08
C GLY F 165 56.24 41.57 64.54
N ALA F 166 57.32 42.23 64.96
CA ALA F 166 57.78 42.14 66.34
C ALA F 166 56.94 42.95 67.31
N LEU F 167 56.76 44.25 67.08
CA LEU F 167 56.09 45.13 68.04
C LEU F 167 54.59 45.01 67.84
N THR F 168 53.88 44.65 68.91
CA THR F 168 52.43 44.57 68.90
C THR F 168 51.84 45.57 69.89
N SER F 169 52.71 46.23 70.65
CA SER F 169 52.30 47.22 71.62
C SER F 169 52.30 48.61 70.98
N GLY F 170 51.15 49.27 71.03
CA GLY F 170 50.99 50.61 70.48
C GLY F 170 50.88 50.68 68.97
N VAL F 171 51.18 49.60 68.26
CA VAL F 171 51.08 49.57 66.82
C VAL F 171 49.60 49.63 66.43
N HIS F 172 49.22 50.70 65.74
CA HIS F 172 47.84 50.88 65.29
C HIS F 172 47.77 51.45 63.87
N THR F 173 47.30 50.63 62.92
CA THR F 173 47.17 51.04 61.53
C THR F 173 45.78 51.63 61.35
N PHE F 174 45.72 52.82 60.83
CA PHE F 174 44.44 53.48 60.71
C PHE F 174 43.78 53.14 59.39
N PRO F 175 42.45 53.18 59.33
CA PRO F 175 41.76 52.84 58.08
C PRO F 175 42.26 53.69 56.93
N ALA F 176 42.46 53.04 55.79
CA ALA F 176 42.90 53.75 54.61
C ALA F 176 41.86 54.78 54.19
N VAL F 177 42.33 55.87 53.61
CA VAL F 177 41.45 56.92 53.15
C VAL F 177 41.49 56.98 51.64
N LEU F 178 40.33 57.23 51.05
CA LEU F 178 40.19 57.30 49.60
C LEU F 178 40.13 58.76 49.18
N GLN F 179 41.14 59.21 48.45
CA GLN F 179 41.25 60.59 48.05
C GLN F 179 40.39 60.89 46.84
N SER F 180 40.34 62.17 46.47
CA SER F 180 39.65 62.56 45.24
C SER F 180 40.39 62.04 44.01
N SER F 181 41.72 61.89 44.12
CA SER F 181 42.49 61.34 43.01
C SER F 181 42.08 59.92 42.66
N GLY F 182 41.36 59.25 43.55
CA GLY F 182 40.96 57.88 43.34
C GLY F 182 41.86 56.86 43.97
N LEU F 183 42.96 57.27 44.61
CA LEU F 183 43.90 56.35 45.20
C LEU F 183 43.78 56.38 46.72
N TYR F 184 44.11 55.25 47.34
CA TYR F 184 44.02 55.15 48.78
C TYR F 184 45.27 55.68 49.45
N SER F 185 45.18 55.87 50.76
CA SER F 185 46.31 56.29 51.58
C SER F 185 46.02 55.95 53.03
N LEU F 186 47.07 55.66 53.79
CA LEU F 186 46.92 55.37 55.20
C LEU F 186 48.24 55.66 55.90
N SER F 187 48.19 55.61 57.23
CA SER F 187 49.34 55.84 58.09
C SER F 187 49.22 54.98 59.35
N SER F 188 50.28 54.26 59.68
CA SER F 188 50.29 53.39 60.86
C SER F 188 51.30 53.93 61.85
N VAL F 189 50.87 54.07 63.10
CA VAL F 189 51.71 54.71 64.11
C VAL F 189 51.78 53.82 65.35
N VAL F 190 52.91 53.91 66.05
CA VAL F 190 53.16 53.17 67.28
C VAL F 190 53.90 54.07 68.25
N THR F 191 53.51 53.98 69.52
CA THR F 191 54.18 54.71 70.59
C THR F 191 55.21 53.81 71.26
N VAL F 192 56.26 54.41 71.79
CA VAL F 192 57.41 53.70 72.33
C VAL F 192 58.05 54.63 73.36
N PRO F 193 58.57 54.13 74.48
CA PRO F 193 59.09 55.02 75.53
C PRO F 193 60.04 56.09 74.98
N SER F 194 59.87 57.30 75.49
CA SER F 194 60.65 58.43 74.99
C SER F 194 62.13 58.27 75.30
N SER F 195 62.49 57.43 76.26
CA SER F 195 63.89 57.10 76.46
C SER F 195 64.43 56.28 75.29
N SER F 196 63.55 55.71 74.49
CA SER F 196 63.91 54.82 73.38
C SER F 196 63.62 55.42 72.02
N LEU F 197 63.90 56.71 71.81
CA LEU F 197 63.64 57.35 70.53
C LEU F 197 64.34 56.63 69.39
N GLY F 198 65.67 56.65 69.38
CA GLY F 198 66.40 55.98 68.31
C GLY F 198 67.01 54.67 68.73
N THR F 199 66.90 54.33 70.01
CA THR F 199 67.71 53.26 70.60
C THR F 199 67.54 51.93 69.90
N GLN F 200 66.31 51.45 69.74
CA GLN F 200 66.09 50.13 69.19
C GLN F 200 65.65 50.24 67.73
N THR F 201 65.30 49.10 67.13
CA THR F 201 64.90 49.05 65.73
C THR F 201 63.41 49.28 65.60
N TYR F 202 63.05 50.21 64.72
CA TYR F 202 61.65 50.45 64.37
C TYR F 202 61.58 50.60 62.85
N ILE F 203 61.42 49.48 62.16
CA ILE F 203 61.39 49.48 60.70
C ILE F 203 60.02 48.96 60.26
N CYS F 204 59.30 49.79 59.52
CA CYS F 204 58.01 49.40 58.98
C CYS F 204 58.21 48.63 57.69
N ASN F 205 57.57 47.46 57.63
CA ASN F 205 57.65 46.53 56.52
C ASN F 205 56.36 46.71 55.73
N VAL F 206 56.48 47.29 54.54
CA VAL F 206 55.36 47.59 53.67
C VAL F 206 55.28 46.49 52.61
N ASN F 207 54.14 45.81 52.56
CA ASN F 207 53.89 44.79 51.54
C ASN F 207 52.57 45.07 50.84
N HIS F 208 52.63 45.05 49.51
CA HIS F 208 51.49 45.28 48.62
C HIS F 208 51.28 43.99 47.85
N LYS F 209 50.21 43.27 48.18
CA LYS F 209 49.98 41.92 47.69
C LYS F 209 49.44 41.85 46.26
N PRO F 210 48.53 42.72 45.83
CA PRO F 210 48.17 42.68 44.40
C PRO F 210 49.35 42.98 43.49
N SER F 211 50.16 43.97 43.83
CA SER F 211 51.47 44.12 43.22
C SER F 211 52.45 43.23 44.00
N ASN F 212 53.74 43.48 43.85
CA ASN F 212 54.76 42.72 44.55
C ASN F 212 55.74 43.68 45.19
N THR F 213 55.22 44.66 45.91
CA THR F 213 56.05 45.65 46.57
C THR F 213 56.34 45.25 48.01
N LYS F 214 57.62 45.30 48.37
CA LYS F 214 58.08 44.99 49.72
C LYS F 214 59.24 45.92 50.04
N VAL F 215 59.03 46.85 50.97
CA VAL F 215 60.03 47.84 51.33
C VAL F 215 60.04 48.03 52.84
N ASP F 216 61.23 48.10 53.43
CA ASP F 216 61.40 48.35 54.86
C ASP F 216 61.95 49.76 55.05
N LYS F 217 61.25 50.56 55.85
CA LYS F 217 61.63 51.95 56.11
C LYS F 217 61.86 52.16 57.60
N LYS F 218 63.01 52.73 57.95
CA LYS F 218 63.35 53.01 59.33
C LYS F 218 62.88 54.41 59.70
N VAL F 219 62.34 54.54 60.92
CA VAL F 219 61.86 55.81 61.43
C VAL F 219 62.77 56.24 62.57
N GLU F 220 63.35 57.43 62.46
CA GLU F 220 64.28 57.96 63.44
C GLU F 220 63.86 59.37 63.82
N PRO F 221 64.24 59.84 65.01
CA PRO F 221 63.88 61.21 65.40
C PRO F 221 64.35 62.23 64.39
N LYS F 222 63.69 63.39 64.39
CA LYS F 222 63.99 64.43 63.43
C LYS F 222 65.40 64.97 63.63
N SER F 223 66.03 65.32 62.53
CA SER F 223 67.42 65.78 62.50
C SER F 223 67.65 66.98 63.41
N ASP G 1 8.64 35.26 50.65
CA ASP G 1 9.88 35.14 51.42
C ASP G 1 9.74 35.56 52.88
N ILE G 2 10.85 35.56 53.60
CA ILE G 2 10.89 35.95 55.02
C ILE G 2 12.10 36.83 55.31
N GLN G 3 11.86 38.07 55.75
CA GLN G 3 12.92 39.02 56.08
C GLN G 3 12.83 39.31 57.58
N MET G 4 13.96 39.21 58.30
CA MET G 4 14.00 39.47 59.75
C MET G 4 14.70 40.81 60.03
N THR G 5 14.06 41.67 60.82
CA THR G 5 14.62 42.99 61.16
C THR G 5 15.18 43.02 62.60
N GLN G 6 16.44 43.44 62.77
CA GLN G 6 17.08 43.55 64.08
C GLN G 6 16.92 45.02 64.50
N SER G 7 16.12 45.27 65.54
CA SER G 7 15.84 46.66 65.90
C SER G 7 17.03 47.43 66.49
N PRO G 8 17.65 47.06 67.62
CA PRO G 8 18.54 48.03 68.25
C PRO G 8 19.94 48.00 67.67
N SER G 9 20.28 48.96 66.81
CA SER G 9 21.55 48.92 66.07
C SER G 9 22.61 49.71 66.81
N SER G 10 23.67 48.99 67.22
CA SER G 10 24.86 49.51 67.90
C SER G 10 24.51 50.33 69.13
N LEU G 11 24.02 49.66 70.18
CA LEU G 11 23.69 50.34 71.42
C LEU G 11 24.97 50.74 72.15
N SER G 12 24.89 50.90 73.47
CA SER G 12 26.04 51.25 74.31
C SER G 12 26.08 50.16 75.38
N ALA G 13 27.24 49.55 75.62
CA ALA G 13 27.40 48.49 76.63
C ALA G 13 28.29 49.06 77.75
N SER G 14 27.92 48.86 79.02
CA SER G 14 28.70 49.35 80.17
C SER G 14 29.26 48.09 80.87
N VAL G 15 30.46 48.11 81.47
CA VAL G 15 30.85 46.82 82.01
C VAL G 15 30.05 46.56 83.29
N GLY G 16 29.63 45.31 83.46
CA GLY G 16 28.75 44.98 84.57
C GLY G 16 27.32 45.39 84.31
N ASP G 17 26.68 44.82 83.28
CA ASP G 17 25.33 45.22 82.89
C ASP G 17 24.68 44.06 82.14
N ARG G 18 23.61 44.34 81.44
CA ARG G 18 22.99 43.39 80.54
C ARG G 18 22.66 44.05 79.22
N VAL G 19 22.38 43.23 78.21
CA VAL G 19 22.08 43.72 76.88
C VAL G 19 21.19 42.69 76.19
N THR G 20 20.14 43.17 75.54
CA THR G 20 19.19 42.30 74.85
C THR G 20 18.92 42.87 73.47
N ILE G 21 19.55 42.32 72.46
CA ILE G 21 19.21 42.66 71.07
C ILE G 21 17.99 41.83 70.72
N THR G 22 17.24 42.27 69.72
CA THR G 22 15.92 41.74 69.47
C THR G 22 15.65 41.71 67.97
N CYS G 23 15.19 40.57 67.49
CA CYS G 23 14.88 40.41 66.06
C CYS G 23 13.56 39.66 65.86
N GLN G 24 12.81 40.05 64.83
CA GLN G 24 11.54 39.41 64.54
C GLN G 24 11.53 39.06 63.06
N ALA G 25 10.39 38.63 62.54
CA ALA G 25 10.39 38.17 61.16
C ALA G 25 9.05 38.35 60.47
N SER G 26 8.94 37.75 59.30
CA SER G 26 7.69 37.57 58.57
C SER G 26 6.94 36.38 59.15
N GLN G 27 6.10 35.76 58.31
CA GLN G 27 5.46 34.46 58.55
C GLN G 27 6.36 33.49 59.31
N ASP G 28 5.84 32.93 60.39
CA ASP G 28 6.64 32.43 61.51
C ASP G 28 7.46 31.21 61.13
N ILE G 29 8.59 31.06 61.80
CA ILE G 29 9.46 29.89 61.67
C ILE G 29 9.57 29.28 63.06
N SER G 30 10.32 28.19 63.17
CA SER G 30 10.47 27.57 64.47
C SER G 30 11.83 26.92 64.59
N ASN G 31 12.69 27.49 65.42
CA ASN G 31 14.03 27.01 65.76
C ASN G 31 14.94 26.84 64.54
N TYR G 32 14.64 27.50 63.43
CA TYR G 32 15.58 27.50 62.33
C TYR G 32 16.24 28.87 62.27
N PHE G 33 17.14 29.14 63.20
CA PHE G 33 17.56 30.51 63.48
C PHE G 33 18.91 30.51 64.19
N ASN G 34 19.95 30.96 63.53
CA ASN G 34 21.28 31.00 64.16
C ASN G 34 21.79 32.41 64.31
N TRP G 35 22.43 32.69 65.42
CA TRP G 35 23.11 33.96 65.69
C TRP G 35 24.61 33.81 65.48
N TYR G 36 25.20 34.77 64.78
CA TYR G 36 26.62 34.76 64.45
C TYR G 36 27.31 35.94 65.11
N GLN G 37 28.62 35.87 65.24
CA GLN G 37 29.42 36.96 65.75
C GLN G 37 30.62 37.19 64.85
N GLN G 38 30.71 38.37 64.29
CA GLN G 38 31.86 38.76 63.49
C GLN G 38 32.59 39.91 64.17
N LYS G 39 33.82 39.64 64.56
CA LYS G 39 34.69 40.62 65.18
C LYS G 39 35.10 41.66 64.14
N PRO G 40 35.56 42.86 64.54
CA PRO G 40 35.92 43.86 63.53
C PRO G 40 37.20 43.52 62.78
N GLY G 41 37.07 42.69 61.75
CA GLY G 41 38.19 42.34 60.90
C GLY G 41 38.26 40.87 60.55
N LYS G 42 37.75 40.02 61.44
CA LYS G 42 37.89 38.59 61.26
C LYS G 42 36.71 37.99 60.52
N ALA G 43 36.66 36.67 60.45
CA ALA G 43 35.56 35.93 59.84
C ALA G 43 34.46 35.73 60.88
N PRO G 44 33.20 35.54 60.48
CA PRO G 44 32.15 35.29 61.47
C PRO G 44 32.26 33.91 62.09
N LYS G 45 31.86 33.79 63.35
CA LYS G 45 31.74 32.50 64.03
C LYS G 45 30.30 32.29 64.44
N LEU G 46 29.93 31.03 64.61
CA LEU G 46 28.59 30.66 65.05
C LEU G 46 28.62 30.38 66.55
N LEU G 47 27.60 30.88 67.27
CA LEU G 47 27.63 30.74 68.72
C LEU G 47 26.26 30.39 69.33
N ILE G 48 25.24 30.17 68.50
CA ILE G 48 23.92 29.84 69.02
C ILE G 48 23.28 28.66 68.30
N TYR G 49 22.82 28.90 67.08
CA TYR G 49 22.18 27.87 66.26
C TYR G 49 20.90 27.30 66.88
N ASP G 50 19.94 26.96 66.02
CA ASP G 50 18.66 26.40 66.45
C ASP G 50 17.79 27.44 67.17
N ALA G 51 18.37 28.08 68.17
CA ALA G 51 17.68 29.10 68.96
C ALA G 51 18.47 29.31 70.24
N SER G 52 18.96 28.22 70.80
CA SER G 52 19.75 28.25 72.01
C SER G 52 20.93 27.28 71.86
N ASN G 53 21.09 26.36 72.79
CA ASN G 53 22.17 25.38 72.72
C ASN G 53 23.50 26.06 72.38
N LEU G 54 24.09 26.72 73.37
CA LEU G 54 25.35 27.40 73.17
C LEU G 54 26.34 26.53 72.40
N GLU G 55 27.37 27.17 71.85
CA GLU G 55 28.40 26.48 71.08
C GLU G 55 29.59 26.18 71.98
N THR G 56 30.27 25.05 71.72
CA THR G 56 31.39 24.60 72.52
C THR G 56 32.60 25.50 72.33
N GLY G 57 32.79 26.45 73.23
CA GLY G 57 33.89 27.39 73.13
C GLY G 57 33.45 28.78 73.57
N VAL G 58 32.14 29.01 73.52
CA VAL G 58 31.54 30.24 73.99
C VAL G 58 31.45 30.16 75.51
N PRO G 59 31.72 31.25 76.25
CA PRO G 59 31.66 31.16 77.72
C PRO G 59 30.26 31.07 78.30
N SER G 60 30.18 31.18 79.63
CA SER G 60 28.92 31.00 80.36
C SER G 60 27.92 32.13 80.11
N ARG G 61 28.36 33.20 79.46
CA ARG G 61 27.50 34.30 79.04
C ARG G 61 26.76 33.92 77.77
N PHE G 62 26.19 34.90 77.07
CA PHE G 62 25.58 34.75 75.74
C PHE G 62 24.43 33.75 75.69
N SER G 63 23.33 34.06 76.37
CA SER G 63 22.17 33.19 76.32
C SER G 63 21.15 33.67 75.29
N GLY G 64 20.34 32.76 74.76
CA GLY G 64 19.33 33.13 73.78
C GLY G 64 18.02 32.43 73.98
N SER G 65 16.92 32.99 73.47
CA SER G 65 15.60 32.45 73.72
C SER G 65 14.60 32.84 72.64
N GLY G 66 13.31 32.56 72.89
CA GLY G 66 12.27 32.85 71.92
C GLY G 66 12.22 31.79 70.83
N SER G 67 10.99 31.47 70.40
CA SER G 67 10.92 30.37 69.44
C SER G 67 9.89 30.46 68.33
N GLY G 68 9.08 31.51 68.25
CA GLY G 68 8.17 31.51 67.12
C GLY G 68 8.21 32.66 66.15
N THR G 69 8.34 33.89 66.64
CA THR G 69 8.59 35.04 65.77
C THR G 69 9.70 35.89 66.34
N ASP G 70 9.73 36.02 67.66
CA ASP G 70 10.62 36.94 68.33
C ASP G 70 11.71 36.16 69.05
N PHE G 71 12.95 36.61 68.90
CA PHE G 71 14.10 35.92 69.44
C PHE G 71 14.97 36.93 70.15
N THR G 72 15.43 36.61 71.36
CA THR G 72 16.15 37.56 72.18
C THR G 72 17.48 36.99 72.62
N PHE G 73 18.55 37.70 72.27
CA PHE G 73 19.92 37.33 72.58
C PHE G 73 20.38 38.16 73.77
N THR G 74 20.94 37.50 74.76
CA THR G 74 21.15 38.18 76.04
C THR G 74 22.53 37.87 76.60
N ILE G 75 23.23 38.90 77.07
CA ILE G 75 24.55 38.71 77.68
C ILE G 75 24.50 39.16 79.13
N SER G 76 25.19 38.42 79.99
CA SER G 76 25.23 38.74 81.42
C SER G 76 25.92 40.08 81.66
N SER G 77 26.32 40.74 80.58
CA SER G 77 27.00 42.02 80.68
C SER G 77 27.60 42.43 79.33
N LEU G 78 28.67 43.21 79.38
CA LEU G 78 29.34 43.67 78.17
C LEU G 78 30.86 43.60 78.32
N GLN G 79 31.40 42.39 78.23
CA GLN G 79 32.83 42.18 78.35
C GLN G 79 33.61 43.02 77.34
N PRO G 80 34.71 43.70 77.83
CA PRO G 80 35.43 44.51 76.82
C PRO G 80 35.82 43.67 75.60
N GLU G 81 35.82 42.35 75.77
CA GLU G 81 36.18 41.46 74.68
C GLU G 81 35.02 41.18 73.75
N ASP G 82 34.27 42.23 73.41
CA ASP G 82 33.12 42.09 72.52
C ASP G 82 33.21 43.10 71.36
N ILE G 83 32.34 44.10 71.35
CA ILE G 83 32.31 45.11 70.30
C ILE G 83 32.48 44.48 68.92
N ALA G 84 31.62 43.51 68.62
CA ALA G 84 31.67 42.80 67.37
C ALA G 84 30.39 43.13 66.63
N THR G 85 30.02 42.35 65.64
CA THR G 85 28.76 42.56 64.96
C THR G 85 27.98 41.25 64.95
N TYR G 86 26.71 41.31 65.34
CA TYR G 86 25.92 40.10 65.57
C TYR G 86 24.81 39.96 64.54
N TYR G 87 24.87 38.92 63.72
CA TYR G 87 23.90 38.71 62.66
C TYR G 87 22.93 37.60 63.06
N CYS G 88 21.85 37.48 62.29
CA CYS G 88 20.84 36.45 62.48
C CYS G 88 20.60 35.78 61.13
N GLN G 89 20.54 34.45 61.12
CA GLN G 89 20.34 33.70 59.89
C GLN G 89 19.07 32.87 60.00
N GLN G 90 18.31 32.79 58.92
CA GLN G 90 17.30 31.76 58.80
C GLN G 90 17.55 31.01 57.50
N TYR G 91 16.82 29.91 57.30
CA TYR G 91 16.95 29.15 56.05
C TYR G 91 15.70 28.36 55.73
N ASP G 92 15.60 27.84 54.52
CA ASP G 92 14.42 27.07 54.15
C ASP G 92 14.73 25.87 53.26
N ASN G 93 13.77 24.97 53.14
CA ASN G 93 13.93 23.77 52.32
C ASN G 93 14.55 24.15 50.99
N LEU G 94 13.97 25.15 50.33
CA LEU G 94 14.47 25.62 49.06
C LEU G 94 15.75 26.39 49.33
N PRO G 95 16.73 26.34 48.34
CA PRO G 95 17.95 27.10 48.66
C PRO G 95 17.65 28.55 49.02
N MET G 96 18.29 29.03 50.08
CA MET G 96 18.10 30.40 50.55
C MET G 96 18.69 30.55 51.95
N TYR G 97 19.18 31.75 52.28
CA TYR G 97 19.75 31.96 53.59
C TYR G 97 19.81 33.46 53.84
N THR G 98 18.74 34.02 54.36
CA THR G 98 18.60 35.47 54.46
C THR G 98 19.22 35.92 55.78
N PHE G 99 20.36 36.59 55.68
CA PHE G 99 21.03 37.15 56.85
C PHE G 99 20.36 38.48 57.16
N GLY G 100 19.92 38.64 58.40
CA GLY G 100 19.45 39.93 58.84
C GLY G 100 20.61 40.88 58.99
N GLN G 101 20.33 42.18 58.90
CA GLN G 101 21.38 43.20 59.03
C GLN G 101 22.34 42.88 60.17
N GLY G 102 22.09 43.46 61.33
CA GLY G 102 22.93 43.23 62.50
C GLY G 102 23.18 44.48 63.31
N THR G 103 23.80 44.31 64.48
CA THR G 103 24.09 45.44 65.36
C THR G 103 25.60 45.60 65.55
N LYS G 104 25.99 46.25 66.64
CA LYS G 104 27.40 46.47 66.92
C LYS G 104 27.66 46.06 68.36
N LEU G 105 27.43 47.02 69.25
CA LEU G 105 27.62 46.95 70.70
C LEU G 105 28.43 48.23 70.91
N GLU G 106 29.30 48.25 71.91
CA GLU G 106 30.17 49.39 72.22
C GLU G 106 30.49 49.28 73.69
N ILE G 107 31.07 50.33 74.26
CA ILE G 107 31.42 50.35 75.68
C ILE G 107 31.36 51.76 76.24
N LYS G 108 31.51 51.86 77.56
CA LYS G 108 31.48 53.15 78.24
C LYS G 108 32.65 53.31 79.19
N ARG G 109 33.85 53.43 78.64
CA ARG G 109 35.05 53.59 79.44
C ARG G 109 35.16 55.00 80.00
N THR G 110 36.01 55.17 81.02
CA THR G 110 36.21 56.47 81.65
C THR G 110 36.81 57.47 80.66
N VAL G 111 36.60 58.75 80.94
CA VAL G 111 37.12 59.81 80.08
C VAL G 111 38.63 59.80 80.03
N ALA G 112 39.19 59.63 78.84
CA ALA G 112 40.63 59.59 78.65
C ALA G 112 40.99 60.61 77.59
N ALA G 113 41.92 61.50 77.91
CA ALA G 113 42.32 62.48 76.92
C ALA G 113 43.33 61.88 75.95
N PRO G 114 43.39 62.39 74.73
CA PRO G 114 44.32 61.84 73.76
C PRO G 114 45.74 62.35 73.97
N SER G 115 46.71 61.49 73.69
CA SER G 115 48.05 61.97 73.39
C SER G 115 48.00 62.54 71.98
N VAL G 116 48.49 63.77 71.79
CA VAL G 116 48.50 64.40 70.47
C VAL G 116 49.93 64.45 69.95
N PHE G 117 50.09 64.35 68.63
CA PHE G 117 51.41 64.40 68.01
C PHE G 117 51.29 64.87 66.56
N ILE G 118 52.13 65.82 66.16
CA ILE G 118 52.09 66.33 64.80
C ILE G 118 53.38 65.95 64.11
N PHE G 119 53.26 65.50 62.86
CA PHE G 119 54.40 65.05 62.06
C PHE G 119 54.54 65.93 60.83
N PRO G 120 55.67 66.58 60.62
CA PRO G 120 55.87 67.35 59.39
C PRO G 120 56.12 66.43 58.21
N PRO G 121 56.05 66.94 56.99
CA PRO G 121 56.28 66.06 55.82
C PRO G 121 57.73 65.66 55.70
N SER G 122 57.96 64.42 55.28
CA SER G 122 59.31 63.93 55.12
C SER G 122 60.00 64.57 53.92
N ASP G 123 61.32 64.73 54.02
CA ASP G 123 62.07 65.36 52.94
C ASP G 123 61.91 64.62 51.63
N GLU G 124 61.68 63.32 51.68
CA GLU G 124 61.50 62.54 50.45
C GLU G 124 60.25 62.99 49.69
N GLN G 125 59.20 63.30 50.42
CA GLN G 125 57.94 63.67 49.79
C GLN G 125 58.01 65.06 49.17
N LEU G 126 58.72 65.99 49.81
CA LEU G 126 58.84 67.32 49.24
C LEU G 126 59.61 67.30 47.92
N LYS G 127 60.47 66.29 47.71
CA LYS G 127 61.04 66.10 46.38
C LYS G 127 59.94 65.81 45.37
N SER G 128 59.06 64.85 45.71
CA SER G 128 57.99 64.44 44.82
C SER G 128 57.07 65.60 44.44
N GLY G 129 56.93 66.59 45.30
CA GLY G 129 56.15 67.78 45.01
C GLY G 129 54.85 67.90 45.77
N THR G 130 54.68 67.21 46.88
CA THR G 130 53.48 67.25 47.70
C THR G 130 53.88 67.10 49.18
N ALA G 131 53.07 67.67 50.08
CA ALA G 131 53.35 67.66 51.52
C ALA G 131 52.16 67.11 52.28
N SER G 132 52.33 65.93 52.91
CA SER G 132 51.34 65.45 53.88
C SER G 132 51.76 65.85 55.28
N VAL G 133 50.83 66.40 56.05
CA VAL G 133 51.08 66.82 57.41
C VAL G 133 50.16 66.00 58.29
N VAL G 134 50.71 65.07 59.04
CA VAL G 134 49.89 64.14 59.81
C VAL G 134 49.80 64.63 61.24
N CYS G 135 48.64 64.46 61.85
CA CYS G 135 48.41 64.76 63.24
C CYS G 135 47.73 63.55 63.85
N LEU G 136 48.29 63.04 64.94
CA LEU G 136 47.83 61.81 65.55
C LEU G 136 47.20 62.10 66.92
N LEU G 137 46.08 61.44 67.21
CA LEU G 137 45.41 61.52 68.52
C LEU G 137 45.36 60.10 69.08
N ASN G 138 46.09 59.85 70.15
CA ASN G 138 46.32 58.48 70.60
C ASN G 138 45.44 58.15 71.79
N ASN G 139 44.86 56.95 71.79
CA ASN G 139 43.99 56.52 72.88
C ASN G 139 43.05 57.62 73.34
N PHE G 140 41.76 57.30 73.42
CA PHE G 140 40.75 58.26 73.84
C PHE G 140 39.35 57.67 73.75
N TYR G 141 38.59 57.79 74.84
CA TYR G 141 37.23 57.27 74.88
C TYR G 141 36.30 58.07 73.97
N PRO G 142 35.83 59.26 74.49
CA PRO G 142 34.94 60.01 73.58
C PRO G 142 35.58 60.24 72.22
N ARG G 143 35.02 59.64 71.18
CA ARG G 143 35.54 59.78 69.82
C ARG G 143 35.11 61.10 69.21
N GLU G 144 34.16 61.77 69.85
CA GLU G 144 33.65 63.05 69.36
C GLU G 144 34.72 64.13 69.47
N ALA G 145 35.94 63.81 69.03
CA ALA G 145 37.04 64.75 69.08
C ALA G 145 37.01 65.63 67.84
N LYS G 146 37.51 66.86 67.97
CA LYS G 146 37.64 67.80 66.86
C LYS G 146 39.12 68.04 66.56
N VAL G 147 39.49 67.97 65.29
CA VAL G 147 40.84 68.27 64.81
C VAL G 147 40.75 69.51 63.93
N GLN G 148 41.26 70.63 64.42
CA GLN G 148 41.33 71.86 63.65
C GLN G 148 42.78 72.06 63.21
N TRP G 149 43.02 72.00 61.91
CA TRP G 149 44.31 72.42 61.36
C TRP G 149 44.34 73.92 61.24
N LYS G 150 45.50 74.50 61.48
CA LYS G 150 45.72 75.92 61.28
C LYS G 150 47.04 76.07 60.56
N VAL G 151 47.08 76.93 59.56
CA VAL G 151 48.31 77.23 58.87
C VAL G 151 48.56 78.73 59.01
N ASP G 152 49.63 79.09 59.72
CA ASP G 152 49.89 80.48 60.08
C ASP G 152 48.67 81.11 60.75
N ASN G 153 47.98 80.32 61.57
CA ASN G 153 46.82 80.75 62.34
C ASN G 153 45.56 80.93 61.51
N ALA G 154 45.52 80.35 60.32
CA ALA G 154 44.32 80.37 59.49
C ALA G 154 43.68 79.00 59.56
N LEU G 155 42.43 78.93 60.00
CA LEU G 155 41.80 77.63 60.10
C LEU G 155 41.63 77.06 58.69
N GLN G 156 42.10 75.84 58.49
CA GLN G 156 42.16 75.17 57.19
C GLN G 156 40.93 74.30 56.98
N SER G 157 40.20 74.56 55.91
CA SER G 157 38.98 73.80 55.64
C SER G 157 39.06 73.15 54.27
N GLY G 158 38.86 71.83 54.24
CA GLY G 158 38.67 71.15 52.98
C GLY G 158 39.90 70.58 52.33
N ASN G 159 41.00 70.44 53.07
CA ASN G 159 42.17 69.73 52.56
C ASN G 159 42.67 68.71 53.56
N SER G 160 41.81 68.20 54.43
CA SER G 160 42.19 67.21 55.41
C SER G 160 41.31 65.98 55.27
N GLN G 161 41.81 64.86 55.79
CA GLN G 161 41.05 63.62 55.90
C GLN G 161 41.41 62.95 57.23
N GLU G 162 40.41 62.37 57.88
CA GLU G 162 40.59 61.65 59.13
C GLU G 162 40.22 60.18 58.94
N SER G 163 40.79 59.34 59.78
CA SER G 163 40.18 58.03 60.05
C SER G 163 40.46 57.63 61.48
N VAL G 164 39.66 56.70 61.98
CA VAL G 164 39.57 56.37 63.38
C VAL G 164 39.59 54.86 63.50
N THR G 165 40.15 54.36 64.60
CA THR G 165 40.28 52.91 64.74
C THR G 165 39.06 52.35 65.44
N GLU G 166 38.91 51.04 65.34
CA GLU G 166 37.89 50.37 66.12
C GLU G 166 38.22 50.47 67.60
N GLN G 167 37.17 50.56 68.43
CA GLN G 167 37.36 50.61 69.87
C GLN G 167 38.28 49.47 70.32
N ASP G 168 39.34 49.83 71.04
CA ASP G 168 40.39 48.89 71.40
C ASP G 168 39.90 47.80 72.34
N SER G 169 40.21 46.54 72.01
CA SER G 169 39.74 45.42 72.82
C SER G 169 40.37 45.36 74.21
N LYS G 170 41.52 46.01 74.42
CA LYS G 170 42.13 46.03 75.75
C LYS G 170 41.61 47.18 76.61
N ASP G 171 41.84 48.43 76.19
CA ASP G 171 41.53 49.57 77.02
C ASP G 171 40.33 50.38 76.52
N SER G 172 39.60 49.87 75.52
CA SER G 172 38.33 50.45 75.07
C SER G 172 38.46 51.91 74.63
N THR G 173 39.60 52.28 74.05
CA THR G 173 39.85 53.64 73.59
C THR G 173 39.80 53.71 72.06
N TYR G 174 39.84 54.93 71.54
CA TYR G 174 39.91 55.16 70.12
C TYR G 174 41.22 55.86 69.78
N SER G 175 41.62 55.80 68.52
CA SER G 175 42.77 56.56 68.05
C SER G 175 42.44 57.13 66.69
N LEU G 176 42.93 58.35 66.42
CA LEU G 176 42.51 59.10 65.24
C LEU G 176 43.70 59.71 64.55
N SER G 177 43.68 59.67 63.22
CA SER G 177 44.76 60.21 62.40
C SER G 177 44.16 61.17 61.39
N SER G 178 44.57 62.43 61.42
CA SER G 178 44.13 63.42 60.44
C SER G 178 45.30 63.82 59.56
N THR G 179 45.09 63.79 58.24
CA THR G 179 46.15 64.12 57.28
C THR G 179 45.78 65.38 56.51
N LEU G 180 46.66 66.36 56.52
CA LEU G 180 46.49 67.60 55.77
C LEU G 180 47.38 67.51 54.52
N THR G 181 46.81 67.73 53.34
CA THR G 181 47.56 67.55 52.10
C THR G 181 47.68 68.86 51.33
N LEU G 182 48.93 69.23 51.03
CA LEU G 182 49.28 70.47 50.36
C LEU G 182 50.24 70.18 49.22
N SER G 183 50.39 71.14 48.32
CA SER G 183 51.43 71.03 47.33
C SER G 183 52.75 71.48 47.94
N LYS G 184 53.87 71.06 47.33
CA LYS G 184 55.15 71.57 47.78
C LYS G 184 55.17 73.09 47.70
N ALA G 185 54.73 73.62 46.56
CA ALA G 185 54.68 75.08 46.35
C ALA G 185 53.90 75.77 47.46
N ASP G 186 52.66 75.34 47.71
CA ASP G 186 51.84 75.99 48.73
C ASP G 186 52.39 75.73 50.14
N TYR G 187 53.02 74.57 50.35
CA TYR G 187 53.61 74.29 51.65
C TYR G 187 54.67 75.33 52.00
N GLU G 188 55.61 75.56 51.07
CA GLU G 188 56.69 76.54 51.15
C GLU G 188 56.22 78.00 51.22
N LYS G 189 54.92 78.29 51.26
CA LYS G 189 54.42 79.66 51.36
C LYS G 189 54.06 80.07 52.78
N HIS G 190 54.08 79.15 53.74
CA HIS G 190 53.68 79.42 55.12
C HIS G 190 54.71 78.84 56.09
N LYS G 191 54.61 79.22 57.38
CA LYS G 191 55.60 78.85 58.38
C LYS G 191 55.06 77.88 59.42
N VAL G 192 54.13 78.32 60.27
CA VAL G 192 53.66 77.51 61.39
C VAL G 192 52.58 76.56 60.91
N TYR G 193 52.77 75.27 61.14
CA TYR G 193 51.71 74.29 60.96
C TYR G 193 51.30 73.77 62.32
N ALA G 194 50.01 73.87 62.62
CA ALA G 194 49.46 73.59 63.93
C ALA G 194 48.28 72.65 63.78
N CYS G 195 48.04 71.88 64.83
CA CYS G 195 46.95 70.91 64.89
C CYS G 195 46.32 71.10 66.26
N GLU G 196 45.09 71.58 66.33
CA GLU G 196 44.46 71.90 67.61
C GLU G 196 43.36 70.90 67.88
N VAL G 197 43.51 70.11 68.94
CA VAL G 197 42.58 69.03 69.28
C VAL G 197 41.68 69.44 70.43
N THR G 198 40.37 69.28 70.24
CA THR G 198 39.36 69.54 71.26
C THR G 198 38.78 68.21 71.72
N HIS G 199 38.57 68.06 73.03
CA HIS G 199 38.11 66.77 73.56
C HIS G 199 37.67 66.96 75.00
N GLN G 200 36.78 66.07 75.43
CA GLN G 200 36.15 66.22 76.73
C GLN G 200 37.14 66.03 77.87
N GLY G 201 38.16 65.20 77.67
CA GLY G 201 39.20 65.02 78.67
C GLY G 201 40.21 66.15 78.73
N LEU G 202 40.13 67.13 77.83
CA LEU G 202 40.96 68.33 77.85
C LEU G 202 40.14 69.49 78.37
N SER G 203 40.69 70.21 79.36
CA SER G 203 40.00 71.38 79.88
C SER G 203 39.99 72.53 78.87
N SER G 204 41.07 72.68 78.12
CA SER G 204 41.09 73.58 76.97
C SER G 204 41.92 72.91 75.88
N PRO G 205 41.68 73.27 74.62
CA PRO G 205 42.22 72.46 73.52
C PRO G 205 43.74 72.45 73.52
N VAL G 206 44.28 71.38 72.99
CA VAL G 206 45.71 71.17 72.92
C VAL G 206 46.12 71.44 71.50
N THR G 207 47.18 72.20 71.31
CA THR G 207 47.76 72.43 69.99
C THR G 207 49.17 71.88 69.97
N LYS G 208 49.45 71.00 69.03
CA LYS G 208 50.81 70.60 68.70
C LYS G 208 51.19 71.24 67.37
N SER G 209 52.39 71.83 67.30
CA SER G 209 52.74 72.60 66.11
C SER G 209 54.23 72.54 65.87
N PHE G 210 54.62 72.74 64.62
CA PHE G 210 56.00 72.87 64.23
C PHE G 210 56.15 74.06 63.30
N ASN G 211 57.39 74.40 63.01
CA ASN G 211 57.72 75.54 62.17
C ASN G 211 58.51 75.00 60.99
N ARG G 212 57.90 75.06 59.79
CA ARG G 212 58.52 74.52 58.59
C ARG G 212 59.96 75.00 58.47
N GLY G 213 60.87 74.05 58.41
CA GLY G 213 62.26 74.36 58.15
C GLY G 213 63.12 74.63 59.35
N GLU G 214 62.70 74.17 60.53
CA GLU G 214 63.46 74.35 61.77
C GLU G 214 63.82 72.98 62.35
N CYS G 215 65.06 72.54 62.11
CA CYS G 215 65.57 71.29 62.70
C CYS G 215 65.32 71.27 64.20
C1 NAG H . 34.43 -26.67 -17.61
C2 NAG H . 34.54 -27.10 -19.06
C3 NAG H . 34.43 -28.62 -19.16
C4 NAG H . 35.45 -29.29 -18.26
C5 NAG H . 35.30 -28.75 -16.84
C6 NAG H . 36.35 -29.25 -15.89
C7 NAG H . 33.64 -26.27 -21.18
C8 NAG H . 32.49 -25.58 -21.85
N2 NAG H . 33.52 -26.45 -19.87
O3 NAG H . 34.64 -29.02 -20.52
O4 NAG H . 35.25 -30.69 -18.24
O5 NAG H . 35.41 -27.31 -16.85
O6 NAG H . 36.44 -28.41 -14.75
O7 NAG H . 34.62 -26.65 -21.80
C1 NAG H . 36.15 -31.37 -19.12
C2 NAG H . 36.72 -32.59 -18.40
C3 NAG H . 37.64 -33.37 -19.32
C4 NAG H . 36.89 -33.76 -20.58
C5 NAG H . 36.31 -32.51 -21.25
C6 NAG H . 35.45 -32.83 -22.45
C7 NAG H . 37.04 -32.64 -15.96
C8 NAG H . 37.89 -32.18 -14.82
N2 NAG H . 37.42 -32.22 -17.17
O3 NAG H . 38.14 -34.53 -18.66
O4 NAG H . 37.76 -34.43 -21.49
O5 NAG H . 35.48 -31.80 -20.33
O6 NAG H . 35.92 -32.18 -23.62
O7 NAG H . 36.06 -33.36 -15.81
C1 NAG I . 52.97 -16.28 -5.85
C2 NAG I . 51.65 -16.56 -5.13
C3 NAG I . 51.88 -17.55 -4.00
C4 NAG I . 52.63 -18.79 -4.50
C5 NAG I . 53.83 -18.42 -5.38
C6 NAG I . 54.43 -19.61 -6.09
C7 NAG I . 49.79 -15.00 -4.77
C8 NAG I . 49.35 -13.73 -4.13
N2 NAG I . 51.07 -15.34 -4.59
O3 NAG I . 50.63 -17.92 -3.45
O4 NAG I . 53.14 -19.47 -3.36
O5 NAG I . 53.47 -17.47 -6.39
O6 NAG I . 53.62 -20.03 -7.17
O7 NAG I . 49.02 -15.70 -5.43
C1 NAG I . 52.35 -20.60 -2.97
C2 NAG I . 53.37 -21.70 -2.68
C3 NAG I . 52.67 -22.96 -2.16
C4 NAG I . 51.72 -22.63 -1.01
C5 NAG I . 50.79 -21.50 -1.41
C6 NAG I . 49.91 -21.03 -0.27
C7 NAG I . 55.29 -22.71 -3.86
C8 NAG I . 55.96 -22.88 -5.18
N2 NAG I . 54.16 -21.98 -3.86
O3 NAG I . 53.65 -23.88 -1.71
O4 NAG I . 50.96 -23.79 -0.68
O5 NAG I . 51.56 -20.36 -1.83
O6 NAG I . 50.62 -20.23 0.66
O7 NAG I . 55.73 -23.21 -2.82
C1 NAG J . -53.41 -60.74 -21.94
C2 NAG J . -54.04 -62.12 -21.77
C3 NAG J . -54.91 -62.15 -20.52
C4 NAG J . -54.12 -61.70 -19.30
C5 NAG J . -53.49 -60.34 -19.57
C6 NAG J . -52.56 -59.90 -18.47
C7 NAG J . -54.42 -63.44 -23.79
C8 NAG J . -55.33 -63.71 -24.95
N2 NAG J . -54.81 -62.50 -22.94
O3 NAG J . -55.39 -63.48 -20.32
O4 NAG J . -55.00 -61.57 -18.19
O5 NAG J . -52.69 -60.40 -20.77
O6 NAG J . -52.18 -58.54 -18.64
O7 NAG J . -53.36 -64.06 -23.65
C1 NAG J . -54.50 -62.20 -16.99
C2 NAG J . -55.14 -61.54 -15.76
C3 NAG J . -54.70 -62.25 -14.48
C4 NAG J . -54.87 -63.77 -14.59
C5 NAG J . -54.24 -64.28 -15.88
C6 NAG J . -54.53 -65.74 -16.12
C7 NAG J . -55.73 -59.17 -15.57
C8 NAG J . -55.21 -57.76 -15.50
N2 NAG J . -54.81 -60.13 -15.67
O3 NAG J . -55.49 -61.77 -13.41
O4 NAG J . -54.22 -64.39 -13.48
O5 NAG J . -54.80 -63.58 -17.00
O6 NAG J . -55.84 -65.91 -16.63
O7 NAG J . -56.93 -59.41 -15.56
C1 NAG K . -61.16 -45.87 -7.01
C2 NAG K . -62.42 -46.47 -6.42
C3 NAG K . -62.52 -46.11 -4.95
C4 NAG K . -61.26 -46.51 -4.20
C5 NAG K . -60.01 -45.99 -4.91
C6 NAG K . -58.73 -46.57 -4.36
C7 NAG K . -64.56 -46.84 -7.55
C8 NAG K . -65.71 -46.22 -8.26
N2 NAG K . -63.60 -46.01 -7.13
O3 NAG K . -63.64 -46.76 -4.37
O4 NAG K . -61.33 -45.88 -2.92
O5 NAG K . -60.04 -46.36 -6.30
O6 NAG K . -57.68 -45.61 -4.34
O7 NAG K . -64.48 -48.06 -7.35
C1 NAG K . -60.95 -46.66 -1.75
C2 NAG K . -61.59 -45.94 -0.55
C3 NAG K . -61.22 -46.64 0.75
C4 NAG K . -61.60 -48.12 0.66
C5 NAG K . -61.01 -48.76 -0.59
C6 NAG K . -61.50 -50.18 -0.80
C7 NAG K . -60.15 -43.86 -0.37
C8 NAG K . -58.90 -44.70 -0.27
N2 NAG K . -61.32 -44.50 -0.50
O3 NAG K . -61.90 -46.02 1.84
O4 NAG K . -61.12 -48.81 1.82
O5 NAG K . -61.38 -48.02 -1.76
O6 NAG K . -62.91 -50.25 -0.66
O7 NAG K . -60.10 -42.64 -0.35
C1 NAG L . -39.25 -66.84 -33.79
C2 NAG L . -39.27 -67.06 -32.29
C3 NAG L . -37.84 -67.11 -31.75
C4 NAG L . -36.93 -68.00 -32.59
C5 NAG L . -37.17 -67.86 -34.09
C6 NAG L . -36.51 -68.94 -34.91
C7 NAG L . -41.17 -66.17 -30.98
C8 NAG L . -41.77 -64.94 -30.39
N2 NAG L . -40.01 -65.98 -31.65
O3 NAG L . -37.87 -67.56 -30.40
O4 NAG L . -35.58 -67.61 -32.36
O5 NAG L . -38.57 -67.90 -34.40
O6 NAG L . -36.37 -70.16 -34.17
O7 NAG L . -41.68 -67.27 -30.87
C1 NAG L . -34.72 -68.67 -31.90
C2 NAG L . -33.27 -68.18 -31.87
C3 NAG L . -32.33 -69.23 -31.29
C4 NAG L . -32.84 -69.68 -29.93
C5 NAG L . -34.29 -70.13 -30.03
C6 NAG L . -34.89 -70.47 -28.68
C7 NAG L . -32.60 -68.30 -34.33
C8 NAG L . -32.96 -69.77 -34.39
N2 NAG L . -32.78 -67.65 -33.15
O3 NAG L . -31.03 -68.69 -31.15
O4 NAG L . -32.03 -70.75 -29.44
O5 NAG L . -35.10 -69.09 -30.59
O6 NAG L . -35.25 -69.28 -27.99
O7 NAG L . -32.18 -67.72 -35.31
C1 NAG M . -54.32 -72.68 -39.10
C2 NAG M . -54.17 -74.04 -38.45
C3 NAG M . -55.24 -74.99 -38.97
C4 NAG M . -56.62 -74.38 -38.84
C5 NAG M . -56.67 -72.94 -39.35
C6 NAG M . -57.92 -72.20 -38.95
C7 NAG M . -51.91 -74.68 -37.73
C8 NAG M . -50.59 -75.26 -38.15
N2 NAG M . -52.84 -74.59 -38.68
O3 NAG M . -55.17 -76.22 -38.26
O4 NAG M . -57.52 -75.16 -39.64
O5 NAG M . -55.58 -72.17 -38.81
O6 NAG M . -58.65 -71.76 -40.09
O7 NAG M . -52.11 -74.29 -36.59
C1 NAG M . -58.77 -75.47 -38.99
C2 NAG M . -59.49 -76.46 -39.89
C3 NAG M . -60.83 -76.87 -39.26
C4 NAG M . -60.60 -77.39 -37.84
C5 NAG M . -59.78 -76.39 -37.02
C6 NAG M . -59.36 -76.93 -35.68
C7 NAG M . -60.43 -74.87 -41.54
C8 NAG M . -60.51 -74.53 -42.99
N2 NAG M . -59.70 -75.95 -41.24
O3 NAG M . -61.42 -77.88 -40.05
O4 NAG M . -61.85 -77.59 -37.21
O5 NAG M . -58.57 -76.05 -37.71
O6 NAG M . -58.15 -77.67 -35.77
O7 NAG M . -61.01 -74.21 -40.68
C1 NAG N . -48.27 -70.45 -58.89
C2 NAG N . -47.09 -71.38 -59.13
C3 NAG N . -46.65 -71.31 -60.58
C4 NAG N . -47.82 -71.64 -61.49
C5 NAG N . -48.96 -70.68 -61.21
C6 NAG N . -50.20 -70.98 -62.01
C7 NAG N . -45.48 -71.98 -57.41
C8 NAG N . -44.32 -71.53 -56.57
N2 NAG N . -45.98 -71.09 -58.24
O3 NAG N . -45.57 -72.22 -60.80
O4 NAG N . -47.41 -71.52 -62.85
O5 NAG N . -49.33 -70.76 -59.82
O6 NAG N . -51.00 -71.99 -61.40
O7 NAG N . -45.93 -73.13 -57.32
C1 NAG N . -47.22 -72.81 -63.45
C2 NAG N . -47.08 -72.60 -64.94
C3 NAG N . -46.84 -73.93 -65.64
C4 NAG N . -45.64 -74.64 -65.03
C5 NAG N . -45.80 -74.75 -63.52
C6 NAG N . -44.57 -75.31 -62.84
C7 NAG N . -48.32 -70.62 -65.64
C8 NAG N . -49.61 -70.09 -66.21
N2 NAG N . -48.26 -71.94 -65.48
O3 NAG N . -46.61 -73.69 -67.02
O4 NAG N . -45.52 -75.94 -65.58
O5 NAG N . -46.03 -73.45 -62.94
O6 NAG N . -43.48 -74.39 -62.86
O7 NAG N . -47.39 -69.88 -65.35
C1 NAG O . -9.38 41.56 -25.65
C2 NAG O . -9.38 41.87 -27.13
C3 NAG O . -10.75 42.36 -27.58
C4 NAG O . -11.84 41.39 -27.14
C5 NAG O . -11.72 41.07 -25.66
C6 NAG O . -12.65 40.00 -25.20
C7 NAG O . -7.19 42.53 -28.06
C8 NAG O . -7.00 41.08 -28.39
N2 NAG O . -8.35 42.85 -27.47
O3 NAG O . -10.75 42.52 -29.00
O4 NAG O . -13.12 41.94 -27.38
O5 NAG O . -10.38 40.62 -25.35
O6 NAG O . -12.00 38.73 -25.13
O7 NAG O . -6.33 43.37 -28.31
C1 NAG O . -13.64 41.58 -28.66
C2 NAG O . -15.16 41.71 -28.62
C3 NAG O . -15.76 41.39 -29.98
C4 NAG O . -15.12 42.23 -31.06
C5 NAG O . -13.60 42.10 -31.02
C6 NAG O . -12.90 43.03 -31.97
C7 NAG O . -16.18 41.31 -26.42
C8 NAG O . -16.72 40.28 -25.48
N2 NAG O . -15.72 40.85 -27.59
O3 NAG O . -17.16 41.65 -29.93
O4 NAG O . -15.59 41.82 -32.34
O5 NAG O . -13.13 42.42 -29.70
O6 NAG O . -11.80 43.67 -31.35
O7 NAG O . -16.16 42.51 -26.14
C1 NAG P . -61.25 -20.46 -64.98
C2 NAG P . -62.73 -20.76 -64.90
C3 NAG P . -63.36 -20.65 -66.28
C4 NAG P . -63.06 -19.28 -66.87
C5 NAG P . -61.57 -18.98 -66.83
C6 NAG P . -61.22 -17.58 -67.24
C7 NAG P . -63.69 -22.31 -63.25
C8 NAG P . -63.77 -23.73 -62.79
N2 NAG P . -62.95 -22.09 -64.35
O3 NAG P . -64.77 -20.84 -66.18
O4 NAG P . -63.47 -19.24 -68.23
O5 NAG P . -61.07 -19.15 -65.48
O6 NAG P . -59.85 -17.45 -67.59
O7 NAG P . -64.26 -21.39 -62.67
C1 NAG P . -64.59 -18.35 -68.41
C2 NAG P . -64.64 -17.86 -69.87
C3 NAG P . -65.87 -16.98 -70.10
C4 NAG P . -67.13 -17.71 -69.64
C5 NAG P . -66.96 -18.16 -68.20
C6 NAG P . -68.15 -18.93 -67.65
C7 NAG P . -62.41 -17.66 -70.88
C8 NAG P . -61.25 -16.75 -71.15
N2 NAG P . -63.44 -17.13 -70.21
O3 NAG P . -65.97 -16.66 -71.47
O4 NAG P . -68.27 -16.86 -69.73
O5 NAG P . -65.82 -19.01 -68.09
O6 NAG P . -68.21 -18.82 -66.23
O7 NAG P . -62.41 -18.83 -71.25
C1 NAG Q . -37.10 -43.13 -63.55
C2 NAG Q . -36.99 -43.43 -65.02
C3 NAG Q . -36.04 -44.60 -65.23
C4 NAG Q . -34.66 -44.20 -64.73
C5 NAG Q . -34.74 -43.74 -63.26
C6 NAG Q . -33.47 -43.07 -62.81
C7 NAG Q . -39.07 -44.72 -65.40
C8 NAG Q . -40.36 -44.75 -66.14
N2 NAG Q . -38.29 -43.67 -65.64
O3 NAG Q . -35.97 -44.95 -66.60
O4 NAG Q . -33.79 -45.31 -64.83
O5 NAG Q . -35.79 -42.78 -63.05
O6 NAG Q . -33.37 -43.03 -61.40
O7 NAG Q . -38.76 -45.60 -64.61
C1 NAG Q . -32.62 -45.05 -65.64
C2 NAG Q . -31.57 -46.10 -65.29
C3 NAG Q . -30.34 -45.95 -66.18
C4 NAG Q . -30.74 -45.92 -67.65
C5 NAG Q . -31.79 -44.85 -67.88
C6 NAG Q . -32.31 -44.83 -69.30
C7 NAG Q . -31.37 -47.04 -63.04
C8 NAG Q . -30.93 -46.79 -61.63
N2 NAG Q . -31.21 -46.02 -63.89
O3 NAG Q . -29.44 -47.02 -65.94
O4 NAG Q . -29.59 -45.63 -68.45
O5 NAG Q . -32.92 -45.11 -67.03
O6 NAG Q . -33.05 -46.01 -69.58
O7 NAG Q . -31.83 -48.11 -63.39
C1 NAG R . -21.86 -53.25 -50.98
C2 NAG R . -21.51 -54.56 -51.67
C3 NAG R . -20.01 -54.76 -51.67
C4 NAG R . -19.30 -53.56 -52.30
C5 NAG R . -19.75 -52.27 -51.60
C6 NAG R . -19.25 -51.02 -52.29
C7 NAG R . -22.73 -56.68 -51.72
C8 NAG R . -23.36 -57.77 -50.91
N2 NAG R . -22.17 -55.69 -51.03
O3 NAG R . -19.70 -55.94 -52.42
O4 NAG R . -17.90 -53.71 -52.14
O5 NAG R . -21.19 -52.18 -51.62
O6 NAG R . -19.14 -49.92 -51.40
O7 NAG R . -22.74 -56.70 -52.95
C1 NAG R . -17.18 -53.44 -53.36
C2 NAG R . -15.71 -53.68 -53.06
C3 NAG R . -14.87 -53.41 -54.31
C4 NAG R . -15.40 -54.24 -55.47
C5 NAG R . -16.89 -54.02 -55.66
C6 NAG R . -17.50 -54.91 -56.71
C7 NAG R . -14.95 -53.36 -50.75
C8 NAG R . -15.10 -54.84 -50.61
N2 NAG R . -15.25 -52.85 -51.95
O3 NAG R . -13.51 -53.74 -54.05
O4 NAG R . -14.72 -53.89 -56.66
O5 NAG R . -17.60 -54.28 -54.43
O6 NAG R . -18.91 -54.99 -56.57
O7 NAG R . -14.57 -52.65 -49.83
C1 NAG S . -55.81 -41.05 -73.16
C2 NAG S . -55.32 -40.95 -74.59
C3 NAG S . -56.12 -41.87 -75.49
C4 NAG S . -56.29 -43.27 -74.92
C5 NAG S . -56.56 -43.26 -73.42
C6 NAG S . -56.37 -44.62 -72.78
C7 NAG S . -54.35 -38.78 -75.23
C8 NAG S . -54.64 -37.41 -75.77
N2 NAG S . -55.41 -39.58 -75.08
O3 NAG S . -55.48 -41.94 -76.76
O4 NAG S . -57.44 -43.80 -75.56
O5 NAG S . -55.70 -42.37 -72.73
O6 NAG S . -57.52 -45.06 -72.09
O7 NAG S . -53.21 -39.13 -74.93
C1 NAG S . -57.50 -45.08 -76.23
C2 NAG S . -56.25 -45.96 -76.16
C3 NAG S . -56.56 -47.36 -76.70
C4 NAG S . -57.76 -47.96 -76.00
C5 NAG S . -58.96 -47.00 -76.09
C6 NAG S . -60.15 -47.47 -75.29
C7 NAG S . -55.06 -45.23 -78.21
C8 NAG S . -53.81 -44.62 -78.73
N2 NAG S . -55.13 -45.37 -76.87
O3 NAG S . -55.42 -48.19 -76.54
O4 NAG S . -58.12 -49.18 -76.63
O5 NAG S . -58.58 -45.73 -75.55
O6 NAG S . -60.24 -46.78 -74.05
O7 NAG S . -55.99 -45.57 -78.94
C1 NAG T . -73.39 -31.87 -68.17
C2 NAG T . -73.60 -30.58 -68.94
C3 NAG T . -74.86 -29.88 -68.46
C4 NAG T . -76.04 -30.83 -68.59
C5 NAG T . -75.74 -32.12 -67.83
C6 NAG T . -76.82 -33.17 -67.97
C7 NAG T . -71.76 -29.21 -69.83
C8 NAG T . -70.59 -28.33 -69.49
N2 NAG T . -72.44 -29.71 -68.79
O3 NAG T . -75.06 -28.71 -69.25
O4 NAG T . -77.22 -30.22 -68.06
O5 NAG T . -74.54 -32.70 -68.34
O6 NAG T . -77.62 -32.97 -69.12
O7 NAG T . -72.08 -29.45 -70.98
C1 NAG T . -77.96 -29.65 -69.15
C2 NAG T . -79.45 -29.61 -68.79
C3 NAG T . -80.24 -28.90 -69.90
C4 NAG T . -79.62 -27.54 -70.24
C5 NAG T . -78.13 -27.71 -70.52
C6 NAG T . -77.43 -26.39 -70.75
C7 NAG T . -80.43 -31.39 -67.42
C8 NAG T . -80.93 -32.80 -67.40
N2 NAG T . -79.97 -30.95 -68.60
O3 NAG T . -81.58 -28.70 -69.45
O4 NAG T . -80.25 -27.01 -71.39
O5 NAG T . -77.49 -28.33 -69.41
O6 NAG T . -76.86 -25.90 -69.55
O7 NAG T . -80.43 -30.68 -66.42
C1 NAG U . -26.15 -6.64 39.67
C2 NAG U . -26.70 -8.00 40.03
C3 NAG U . -28.14 -7.87 40.46
C4 NAG U . -28.28 -6.85 41.59
C5 NAG U . -27.53 -5.54 41.27
C6 NAG U . -27.40 -4.64 42.47
C7 NAG U . -25.43 -9.59 38.67
C8 NAG U . -25.48 -10.55 37.51
N2 NAG U . -26.58 -8.95 38.94
O3 NAG U . -28.62 -9.14 40.87
O4 NAG U . -29.64 -6.52 41.80
O5 NAG U . -26.20 -5.79 40.80
O6 NAG U . -26.51 -3.58 42.23
O7 NAG U . -24.41 -9.40 39.31
C1 NAG U . -30.29 -7.36 42.77
C2 NAG U . -31.40 -6.56 43.44
C3 NAG U . -32.21 -7.44 44.39
C4 NAG U . -32.70 -8.70 43.68
C5 NAG U . -31.52 -9.42 43.04
C6 NAG U . -31.96 -10.60 42.19
C7 NAG U . -30.70 -4.21 43.56
C8 NAG U . -30.14 -3.14 44.45
N2 NAG U . -30.87 -5.41 44.14
O3 NAG U . -33.32 -6.72 44.89
O4 NAG U . -33.34 -9.55 44.61
O5 NAG U . -30.83 -8.52 42.15
O6 NAG U . -31.01 -11.64 42.22
O7 NAG U . -31.00 -4.01 42.39
C1 NAG V . -11.49 9.18 52.67
C2 NAG V . -11.97 9.64 51.30
C3 NAG V . -12.88 10.85 51.46
C4 NAG V . -13.99 10.59 52.47
C5 NAG V . -13.45 9.94 53.75
C6 NAG V . -14.54 9.43 54.66
C7 NAG V . -10.74 9.54 49.18
C8 NAG V . -9.54 10.00 48.43
N2 NAG V . -10.85 9.98 50.44
O3 NAG V . -13.44 11.18 50.19
O4 NAG V . -14.54 11.84 52.85
O5 NAG V . -12.61 8.82 53.45
O6 NAG V . -15.12 8.24 54.17
O7 NAG V . -11.58 8.78 48.68
C1 NAG V . -15.78 12.14 52.19
C2 NAG V . -16.68 12.69 53.28
C3 NAG V . -18.03 13.13 52.70
C4 NAG V . -17.83 14.06 51.51
C5 NAG V . -16.87 13.42 50.50
C6 NAG V . -16.54 14.34 49.34
C7 NAG V . -17.39 11.97 55.53
C8 NAG V . -17.48 10.82 56.48
N2 NAG V . -16.87 11.70 54.33
O3 NAG V . -18.76 13.84 53.70
O4 NAG V . -19.08 14.30 50.88
O5 NAG V . -15.64 13.09 51.14
O6 NAG V . -15.60 15.33 49.72
O7 NAG V . -17.78 13.10 55.83
C1 NAG W . -75.05 -45.15 -18.45
C2 NAG W . -75.22 -46.65 -18.27
C3 NAG W . -76.69 -47.00 -18.10
C4 NAG W . -77.27 -46.18 -16.97
C5 NAG W . -77.02 -44.70 -17.22
C6 NAG W . -77.53 -43.81 -16.10
C7 NAG W . -74.70 -47.43 -20.64
C8 NAG W . -75.76 -46.52 -21.22
N2 NAG W . -74.55 -47.45 -19.29
O3 NAG W . -76.80 -48.40 -17.81
O4 NAG W . -78.68 -46.40 -16.83
O5 NAG W . -75.61 -44.47 -17.33
O6 NAG W . -76.51 -43.52 -15.15
O7 NAG W . -74.02 -48.14 -21.35
C1 NAG W . -78.84 -47.20 -15.64
C2 NAG W . -80.21 -46.95 -15.03
C3 NAG W . -80.40 -47.86 -13.82
C4 NAG W . -80.18 -49.31 -14.23
C5 NAG W . -78.81 -49.48 -14.88
C6 NAG W . -78.57 -50.86 -15.42
C7 NAG W . -81.42 -44.82 -15.02
C8 NAG W . -81.43 -43.40 -14.53
N2 NAG W . -80.37 -45.55 -14.64
O3 NAG W . -81.72 -47.70 -13.30
O4 NAG W . -80.26 -50.17 -13.08
O5 NAG W . -78.70 -48.58 -15.99
O6 NAG W . -78.47 -50.83 -16.84
O7 NAG W . -82.31 -45.28 -15.72
C1 NAG X . -72.92 -21.09 -40.49
C2 NAG X . -74.35 -20.91 -40.96
C3 NAG X . -74.44 -19.78 -41.97
C4 NAG X . -73.84 -18.51 -41.41
C5 NAG X . -72.44 -18.77 -40.87
C6 NAG X . -71.86 -17.61 -40.11
C7 NAG X . -75.81 -22.88 -40.88
C8 NAG X . -76.25 -24.12 -41.58
N2 NAG X . -74.89 -22.14 -41.51
O3 NAG X . -75.80 -19.56 -42.30
O4 NAG X . -73.74 -17.54 -42.45
O5 NAG X . -72.45 -19.88 -39.96
O6 NAG X . -70.57 -17.27 -40.58
O7 NAG X . -76.25 -22.56 -39.78
C1 NAG X . -74.29 -16.25 -42.12
C2 NAG X . -74.01 -15.27 -43.26
C3 NAG X . -74.69 -13.92 -42.99
C4 NAG X . -76.17 -14.13 -42.67
C5 NAG X . -76.31 -15.12 -41.52
C6 NAG X . -77.74 -15.43 -41.19
C7 NAG X . -71.96 -15.38 -44.61
C8 NAG X . -70.49 -15.13 -44.64
N2 NAG X . -72.59 -15.09 -43.46
O3 NAG X . -74.54 -13.07 -44.12
O4 NAG X . -76.76 -12.89 -42.32
O5 NAG X . -75.69 -16.35 -41.89
O6 NAG X . -78.04 -15.06 -39.85
O7 NAG X . -72.56 -15.83 -45.57
C1 NAG Y . -59.58 -7.64 -52.53
C2 NAG Y . -60.41 -7.17 -53.73
C3 NAG Y . -60.05 -5.73 -54.10
C4 NAG Y . -60.12 -4.83 -52.89
C5 NAG Y . -59.26 -5.40 -51.77
C6 NAG Y . -59.28 -4.58 -50.51
C7 NAG Y . -61.23 -8.65 -55.51
C8 NAG Y . -60.85 -9.51 -56.67
N2 NAG Y . -60.22 -8.05 -54.87
O3 NAG Y . -60.94 -5.28 -55.11
O4 NAG Y . -59.62 -3.54 -53.23
O5 NAG Y . -59.72 -6.72 -51.45
O6 NAG Y . -59.84 -5.30 -49.42
O7 NAG Y . -62.40 -8.51 -55.15
C1 NAG Y . -60.65 -2.54 -53.09
C2 NAG Y . -60.00 -1.16 -52.99
C3 NAG Y . -61.08 -0.10 -52.86
C4 NAG Y . -62.05 -0.21 -54.03
C5 NAG Y . -62.59 -1.62 -54.19
C6 NAG Y . -63.35 -1.81 -55.48
C7 NAG Y . -59.38 -1.20 -50.60
C8 NAG Y . -58.24 -1.09 -49.63
N2 NAG Y . -59.06 -1.08 -51.89
O3 NAG Y . -60.47 1.19 -52.86
O4 NAG Y . -63.15 0.68 -53.82
O5 NAG Y . -61.52 -2.58 -54.22
O6 NAG Y . -62.52 -1.48 -56.60
O7 NAG Y . -60.53 -1.40 -50.23
C1 NAG Z . -77.09 -30.82 -24.08
C2 NAG Z . -77.04 -29.29 -24.18
C3 NAG Z . -76.67 -28.67 -22.84
C4 NAG Z . -77.53 -29.22 -21.71
C5 NAG Z . -77.49 -30.74 -21.74
C6 NAG Z . -78.37 -31.40 -20.69
C7 NAG Z . -76.43 -28.22 -26.32
C8 NAG Z . -75.31 -27.92 -27.26
N2 NAG Z . -76.10 -28.90 -25.22
O3 NAG Z . -76.80 -27.26 -22.92
O4 NAG Z . -77.02 -28.80 -20.45
O5 NAG Z . -77.94 -31.21 -23.02
O6 NAG Z . -79.74 -31.39 -21.07
O7 NAG Z . -77.58 -27.86 -26.53
C1 NAG Z . -77.72 -27.67 -19.87
C2 NAG Z . -78.59 -28.15 -18.67
C3 NAG Z . -79.16 -26.98 -17.87
C4 NAG Z . -78.07 -25.97 -17.54
C5 NAG Z . -77.36 -25.54 -18.82
C6 NAG Z . -76.23 -24.57 -18.57
C7 NAG Z . -80.70 -28.92 -19.88
C8 NAG Z . -80.85 -27.57 -20.53
N2 NAG Z . -79.63 -29.10 -19.05
O3 NAG Z . -79.74 -27.48 -16.68
O4 NAG Z . -78.65 -24.83 -16.92
O5 NAG Z . -76.79 -26.70 -19.43
O6 NAG Z . -76.60 -23.24 -18.96
O7 NAG Z . -81.49 -29.82 -20.09
C1 NAG AA . -85.07 -38.05 -37.10
C2 NAG AA . -86.42 -37.35 -36.91
C3 NAG AA . -87.50 -38.00 -37.77
C4 NAG AA . -87.04 -38.15 -39.21
C5 NAG AA . -85.67 -38.83 -39.25
C6 NAG AA . -85.09 -38.92 -40.63
C7 NAG AA . -86.86 -36.28 -34.74
C8 NAG AA . -87.27 -36.51 -33.31
N2 NAG AA . -86.81 -37.37 -35.51
O3 NAG AA . -88.67 -37.20 -37.72
O4 NAG AA . -87.96 -38.98 -39.90
O5 NAG AA . -84.75 -38.08 -38.46
O6 NAG AA . -84.40 -37.72 -40.97
O7 NAG AA . -86.56 -35.17 -35.16
C1 NAG AA . -88.49 -38.32 -41.08
C2 NAG AA . -89.50 -39.28 -41.70
C3 NAG AA . -90.18 -38.63 -42.91
C4 NAG AA . -90.78 -37.29 -42.50
C5 NAG AA . -89.72 -36.41 -41.86
C6 NAG AA . -90.28 -35.12 -41.33
C7 NAG AA . -88.01 -40.96 -42.88
C8 NAG AA . -87.33 -39.87 -43.66
N2 NAG AA . -88.98 -40.61 -42.01
O3 NAG AA . -91.19 -39.49 -43.42
O4 NAG AA . -91.32 -36.64 -43.65
O5 NAG AA . -89.12 -37.09 -40.74
O6 NAG AA . -90.80 -34.32 -42.38
O7 NAG AA . -87.70 -42.13 -43.03
C1 NAG BA . -82.48 -56.81 -28.88
C2 NAG BA . -82.96 -56.95 -27.45
C3 NAG BA . -82.57 -58.32 -26.89
C4 NAG BA . -83.06 -59.42 -27.82
C5 NAG BA . -82.61 -59.16 -29.25
C6 NAG BA . -83.18 -60.14 -30.24
C7 NAG BA . -82.90 -54.64 -26.63
C8 NAG BA . -82.23 -53.68 -25.70
N2 NAG BA . -82.41 -55.90 -26.62
O3 NAG BA . -83.14 -58.46 -25.60
O4 NAG BA . -82.52 -60.68 -27.41
O5 NAG BA . -83.02 -57.85 -29.66
O6 NAG BA . -82.71 -59.90 -31.56
O7 NAG BA . -83.84 -54.32 -27.34
C1 NAG BA . -83.46 -61.41 -26.61
C2 NAG BA . -83.20 -62.90 -26.78
C3 NAG BA . -84.10 -63.72 -25.86
C4 NAG BA . -83.97 -63.24 -24.43
C5 NAG BA . -84.22 -61.74 -24.35
C6 NAG BA . -83.99 -61.17 -22.97
C7 NAG BA . -82.41 -63.39 -29.07
C8 NAG BA . -82.80 -63.81 -30.44
N2 NAG BA . -83.40 -63.29 -28.17
O3 NAG BA . -83.73 -65.09 -25.94
O4 NAG BA . -84.89 -63.92 -23.59
O5 NAG BA . -83.31 -61.06 -25.24
O6 NAG BA . -82.60 -60.98 -22.70
O7 NAG BA . -81.25 -63.14 -28.77
C1 NAG CA . 4.44 -43.76 20.46
C2 NAG CA . 4.11 -45.16 19.93
C3 NAG CA . 5.20 -46.15 20.35
C4 NAG CA . 6.58 -45.64 19.95
C5 NAG CA . 6.79 -44.22 20.47
C6 NAG CA . 8.10 -43.60 20.01
C7 NAG CA . 1.76 -45.78 19.61
C8 NAG CA . 0.50 -46.22 20.27
N2 NAG CA . 2.81 -45.60 20.41
O3 NAG CA . 4.96 -47.42 19.76
O4 NAG CA . 7.60 -46.47 20.47
O5 NAG CA . 5.74 -43.37 19.99
O6 NAG CA . 9.11 -44.59 19.90
O7 NAG CA . 1.83 -45.60 18.39
C1 NAG DA . -3.15 -23.59 51.63
C2 NAG DA . -3.12 -22.98 53.03
C3 NAG DA . -3.10 -21.46 52.92
C4 NAG DA . -1.92 -21.01 52.07
C5 NAG DA . -1.91 -21.73 50.72
C6 NAG DA . -0.64 -21.46 49.95
C7 NAG DA . -4.18 -23.37 55.19
C8 NAG DA . -5.40 -23.85 55.91
N2 NAG DA . -4.23 -23.42 53.86
O3 NAG DA . -3.02 -20.88 54.21
O4 NAG DA . -1.99 -19.61 51.84
O5 NAG DA . -1.99 -23.15 50.89
O6 NAG DA . -0.02 -20.26 50.38
O7 NAG DA . -3.19 -22.95 55.79
C1 NAG EA . 13.11 -8.97 41.96
C2 NAG EA . 13.20 -7.45 41.95
C3 NAG EA . 14.66 -7.00 41.96
C4 NAG EA . 15.40 -7.65 43.12
C5 NAG EA . 15.19 -9.17 43.13
C6 NAG EA . 15.75 -9.83 44.36
C7 NAG EA . 11.99 -5.66 40.77
C8 NAG EA . 11.32 -5.25 39.50
N2 NAG EA . 12.50 -6.89 40.79
O3 NAG EA . 14.71 -5.59 42.10
O4 NAG EA . 16.79 -7.38 43.00
O5 NAG EA . 13.79 -9.48 43.10
O6 NAG EA . 14.81 -9.82 45.42
O7 NAG EA . 12.06 -4.93 41.75
C1 NAG FA . 9.87 -15.14 25.47
C2 NAG FA . 9.93 -13.60 25.53
C3 NAG FA . 10.45 -13.03 24.20
C4 NAG FA . 11.76 -13.69 23.80
C5 NAG FA . 11.55 -15.19 23.74
C6 NAG FA . 12.80 -15.95 23.37
C7 NAG FA . 8.44 -11.81 26.30
C8 NAG FA . 7.01 -11.41 26.53
N2 NAG FA . 8.62 -13.06 25.83
O3 NAG FA . 10.65 -11.62 24.33
O4 NAG FA . 12.21 -13.21 22.54
O5 NAG FA . 11.14 -15.66 25.03
O6 NAG FA . 12.93 -16.09 21.96
O7 NAG FA . 9.36 -11.06 26.53
C1 NAG GA . -31.09 -30.31 26.69
C2 NAG GA . -32.51 -29.72 26.86
C3 NAG GA . -33.56 -30.81 27.01
C4 NAG GA . -33.43 -31.85 25.90
C5 NAG GA . -31.99 -32.36 25.86
C6 NAG GA . -31.76 -33.35 24.74
C7 NAG GA . -32.40 -28.88 29.26
C8 NAG GA . -32.02 -30.26 29.76
N2 NAG GA . -32.59 -28.73 27.94
O3 NAG GA . -34.86 -30.22 26.97
O4 NAG GA . -34.31 -32.93 26.15
O5 NAG GA . -31.10 -31.26 25.63
O6 NAG GA . -31.12 -32.72 23.64
O7 NAG GA . -32.52 -27.94 30.04
C1 NAG HA . -29.93 -46.24 5.70
C2 NAG HA . -30.21 -47.44 4.82
C3 NAG HA . -31.63 -47.93 5.04
C4 NAG HA . -31.87 -48.20 6.52
C5 NAG HA . -31.46 -46.99 7.37
C6 NAG HA . -31.51 -47.26 8.85
C7 NAG HA . -29.15 -47.80 2.63
C8 NAG HA . -29.05 -47.33 1.21
N2 NAG HA . -29.99 -47.11 3.42
O3 NAG HA . -31.83 -49.13 4.29
O4 NAG HA . -33.25 -48.47 6.75
O5 NAG HA . -30.12 -46.60 7.06
O6 NAG HA . -30.21 -47.38 9.40
O7 NAG HA . -28.50 -48.74 3.05
C1 NAG IA . 4.64 -45.27 -15.01
C2 NAG IA . 4.07 -45.56 -16.41
C3 NAG IA . 4.57 -46.91 -16.90
C4 NAG IA . 6.09 -46.96 -16.86
C5 NAG IA . 6.60 -46.60 -15.46
C6 NAG IA . 8.10 -46.48 -15.40
C7 NAG IA . 1.89 -45.40 -17.52
C8 NAG IA . 0.41 -45.35 -17.32
N2 NAG IA . 2.63 -45.51 -16.40
O3 NAG IA . 4.12 -47.15 -18.22
O4 NAG IA . 6.54 -48.26 -17.19
O5 NAG IA . 6.07 -45.32 -15.06
O6 NAG IA . 8.61 -45.75 -16.51
O7 NAG IA . 2.41 -45.34 -18.62
C1 NAG JA . -8.99 -61.68 -16.65
C2 NAG JA . -7.98 -62.29 -15.66
C3 NAG JA . -6.58 -62.33 -16.26
C4 NAG JA . -6.60 -63.01 -17.62
C5 NAG JA . -7.61 -62.33 -18.51
C6 NAG JA . -7.75 -62.98 -19.88
C7 NAG JA . -8.23 -62.09 -13.22
C8 NAG JA . -8.19 -61.15 -12.05
N2 NAG JA . -7.98 -61.54 -14.41
O3 NAG JA . -5.71 -63.03 -15.38
O4 NAG JA . -5.31 -62.95 -18.23
O5 NAG JA . -8.91 -62.39 -17.89
O6 NAG JA . -6.74 -62.52 -20.77
O7 NAG JA . -8.49 -63.28 -13.10
C1 NAG KA . -35.53 -65.39 -49.23
C2 NAG KA . -35.86 -65.31 -50.73
C3 NAG KA . -35.84 -66.71 -51.34
C4 NAG KA . -34.56 -67.44 -50.98
C5 NAG KA . -34.34 -67.40 -49.47
C6 NAG KA . -33.05 -68.03 -49.03
C7 NAG KA . -37.33 -63.35 -50.95
C8 NAG KA . -38.74 -62.88 -51.13
N2 NAG KA . -37.16 -64.68 -50.93
O3 NAG KA . -35.95 -66.60 -52.75
O4 NAG KA . -34.62 -68.80 -51.39
O5 NAG KA . -34.30 -66.03 -49.05
O6 NAG KA . -33.25 -68.83 -47.87
O7 NAG KA . -36.41 -62.57 -50.82
C1 NAG LA . 16.28 7.43 -51.44
C2 NAG LA . 15.84 7.54 -52.90
C3 NAG LA . 16.44 8.79 -53.55
C4 NAG LA . 16.14 10.03 -52.72
C5 NAG LA . 16.57 9.81 -51.26
C6 NAG LA . 16.16 10.96 -50.36
C7 NAG LA . 15.45 5.81 -54.59
C8 NAG LA . 16.00 4.59 -55.28
N2 NAG LA . 16.22 6.36 -53.66
O3 NAG LA . 15.89 8.96 -54.85
O4 NAG LA . 16.83 11.15 -53.25
O5 NAG LA . 15.95 8.63 -50.74
O6 NAG LA . 17.27 11.54 -49.71
O7 NAG LA . 14.35 6.26 -54.88
C1 NAG MA . 47.47 -4.76 -35.90
C2 NAG MA . 48.91 -5.13 -35.65
C3 NAG MA . 49.06 -5.67 -34.24
C4 NAG MA . 48.56 -4.62 -33.24
C5 NAG MA . 47.18 -4.07 -33.61
C6 NAG MA . 46.83 -2.82 -32.84
C7 NAG MA . 50.21 -5.75 -37.62
C8 NAG MA . 50.60 -6.86 -38.56
N2 NAG MA . 49.38 -6.10 -36.63
O3 NAG MA . 50.42 -5.96 -33.99
O4 NAG MA . 48.45 -5.21 -31.95
O5 NAG MA . 47.10 -3.71 -35.02
O6 NAG MA . 47.50 -2.79 -31.59
O7 NAG MA . 50.61 -4.60 -37.77
C1 NAG NA . 44.02 11.51 -20.76
C2 NAG NA . 44.38 11.44 -19.28
C3 NAG NA . 44.84 12.80 -18.78
C4 NAG NA . 45.96 13.34 -19.65
C5 NAG NA . 45.52 13.35 -21.11
C6 NAG NA . 46.61 13.78 -22.07
C7 NAG NA . 43.41 10.34 -17.31
C8 NAG NA . 42.14 9.92 -16.63
N2 NAG NA . 43.26 10.96 -18.48
O3 NAG NA . 45.28 12.71 -17.43
O4 NAG NA . 46.30 14.66 -19.25
O5 NAG NA . 45.14 12.02 -21.50
O6 NAG NA . 47.47 12.70 -22.38
O7 NAG NA . 44.51 10.11 -16.83
C1 NAG OA . 25.24 10.45 -24.23
C2 NAG OA . 25.32 10.25 -22.70
C3 NAG OA . 24.16 10.97 -22.01
C4 NAG OA . 24.12 12.43 -22.43
C5 NAG OA . 24.04 12.54 -23.95
C6 NAG OA . 24.09 13.96 -24.44
C7 NAG OA . 25.82 8.36 -21.21
C8 NAG OA . 25.73 6.87 -21.04
N2 NAG OA . 25.32 8.84 -22.36
O3 NAG OA . 24.31 10.89 -20.60
O4 NAG OA . 22.98 13.08 -21.86
O5 NAG OA . 25.16 11.85 -24.52
O6 NAG OA . 22.85 14.39 -24.98
O7 NAG OA . 26.30 9.08 -20.36
C1 NAG PA . 18.15 -29.86 -39.77
C2 NAG PA . 18.02 -29.73 -41.30
C3 NAG PA . 18.25 -31.08 -41.98
C4 NAG PA . 19.60 -31.65 -41.55
C5 NAG PA . 19.66 -31.71 -40.02
C6 NAG PA . 21.00 -32.18 -39.51
C7 NAG PA . 15.50 -29.51 -41.57
C8 NAG PA . 15.29 -30.81 -40.83
N2 NAG PA . 16.77 -29.09 -41.74
O3 NAG PA . 18.20 -30.93 -43.40
O4 NAG PA . 19.78 -32.95 -42.08
O5 NAG PA . 19.43 -30.42 -39.45
O6 NAG PA . 21.25 -31.68 -38.20
O7 NAG PA . 14.56 -28.86 -41.99
C1 NAG QA . 10.34 40.32 -3.32
C2 NAG QA . 10.29 40.71 -4.80
C3 NAG QA . 11.48 40.12 -5.55
C4 NAG QA . 12.79 40.56 -4.88
C5 NAG QA . 12.77 40.13 -3.41
C6 NAG QA . 13.99 40.62 -2.65
C7 NAG QA . 8.64 39.05 -5.59
C8 NAG QA . 7.32 38.87 -6.28
N2 NAG QA . 9.04 40.31 -5.42
O3 NAG QA . 11.47 40.56 -6.90
O4 NAG QA . 13.90 39.96 -5.53
O5 NAG QA . 11.62 40.69 -2.75
O6 NAG QA . 14.45 41.87 -3.14
O7 NAG QA . 9.30 38.09 -5.21
C1 NAG RA . -5.18 -23.55 -54.67
C2 NAG RA . -4.76 -24.96 -54.26
C3 NAG RA . -5.24 -25.99 -55.29
C4 NAG RA . -6.72 -25.83 -55.58
C5 NAG RA . -7.02 -24.39 -55.99
C6 NAG RA . -8.50 -24.14 -56.16
C7 NAG RA . -2.40 -24.93 -55.02
C8 NAG RA . -0.98 -25.08 -54.59
N2 NAG RA . -3.32 -25.08 -54.05
O3 NAG RA . -4.97 -27.31 -54.81
O4 NAG RA . -7.12 -26.71 -56.62
O5 NAG RA . -6.58 -23.51 -54.96
O6 NAG RA . -9.07 -23.61 -54.97
O7 NAG RA . -2.71 -24.68 -56.18
C1 NAG SA . -19.64 12.82 -48.25
C2 NAG SA . -19.55 13.72 -49.49
C3 NAG SA . -20.91 14.36 -49.77
C4 NAG SA . -21.99 13.29 -49.84
C5 NAG SA . -21.97 12.43 -48.59
C6 NAG SA . -22.94 11.27 -48.64
C7 NAG SA . -17.72 15.11 -50.34
C8 NAG SA . -16.73 16.18 -50.01
N2 NAG SA . -18.53 14.74 -49.34
O3 NAG SA . -20.84 15.09 -50.98
O4 NAG SA . -23.27 13.90 -49.96
O5 NAG SA . -20.66 11.85 -48.42
O6 NAG SA . -22.24 10.04 -48.65
O7 NAG SA . -17.77 14.58 -51.44
C1 NAG TA . -24.17 -0.17 -65.79
C2 NAG TA . -23.55 0.05 -67.15
C3 NAG TA . -23.23 1.54 -67.32
C4 NAG TA . -24.48 2.38 -67.07
C5 NAG TA . -25.14 2.01 -65.74
C6 NAG TA . -26.49 2.67 -65.55
C7 NAG TA . -22.14 -1.52 -68.41
C8 NAG TA . -20.86 -2.28 -68.42
N2 NAG TA . -22.36 -0.75 -67.34
O3 NAG TA . -22.73 1.78 -68.64
O4 NAG TA . -24.14 3.76 -67.03
O5 NAG TA . -25.37 0.59 -65.67
O6 NAG TA . -27.13 2.86 -66.80
O7 NAG TA . -22.94 -1.57 -69.34
C1 NAG UA . -46.87 -27.45 -68.03
C2 NAG UA . -45.35 -27.50 -68.19
C3 NAG UA . -44.76 -26.13 -67.84
C4 NAG UA . -45.40 -25.06 -68.74
C5 NAG UA . -46.92 -25.11 -68.55
C6 NAG UA . -47.58 -24.09 -69.49
C7 NAG UA . -44.75 -29.80 -67.67
C8 NAG UA . -44.17 -30.85 -66.75
N2 NAG UA . -44.79 -28.51 -67.28
O3 NAG UA . -43.34 -26.15 -68.06
O4 NAG UA . -44.92 -23.77 -68.36
O5 NAG UA . -47.40 -26.42 -68.86
O6 NAG UA . -48.98 -24.05 -69.23
O7 NAG UA . -45.16 -30.13 -68.76
C1 NAG VA . -44.47 -23.15 -69.82
C2 NAG VA . -44.47 -21.63 -69.70
C3 NAG VA . -43.61 -21.02 -70.80
C4 NAG VA . -42.22 -21.64 -70.80
C5 NAG VA . -42.35 -23.16 -70.89
C6 NAG VA . -41.03 -23.89 -70.83
C7 NAG VA . -46.25 -20.02 -69.11
C8 NAG VA . -47.67 -19.62 -69.32
N2 NAG VA . -45.84 -21.10 -69.79
O3 NAG VA . -43.52 -19.60 -70.60
O4 NAG VA . -41.48 -21.15 -71.90
O5 NAG VA . -43.13 -23.63 -69.78
O6 NAG VA . -40.42 -23.77 -69.56
O7 NAG VA . -45.50 -19.40 -68.37
C1 NAG WA . -48.15 28.99 6.69
C2 NAG WA . -49.50 28.24 6.76
C3 NAG WA . -50.21 28.51 8.07
C4 NAG WA . -49.30 28.22 9.25
C5 NAG WA . -48.04 29.06 9.13
C6 NAG WA . -47.03 28.78 10.22
C7 NAG WA . -51.02 27.70 4.92
C8 NAG WA . -51.87 28.25 3.81
N2 NAG WA . -50.36 28.60 5.64
O3 NAG WA . -51.38 27.71 8.15
O4 NAG WA . -49.96 28.54 10.48
O5 NAG WA . -47.39 28.74 7.88
O6 NAG WA . -47.66 28.66 11.48
O7 NAG WA . -50.95 26.50 5.15
C1 NAG XA . -27.85 56.89 -5.37
C2 NAG XA . -27.13 58.22 -5.46
C3 NAG XA . -25.70 58.06 -4.98
C4 NAG XA . -25.70 57.47 -3.58
C5 NAG XA . -26.63 56.25 -3.44
C6 NAG XA . -26.86 55.85 -2.01
C7 NAG XA . -27.83 59.90 -7.10
C8 NAG XA . -27.80 60.33 -8.53
N2 NAG XA . -27.18 58.77 -6.80
O3 NAG XA . -25.04 59.31 -5.00
O4 NAG XA . -24.37 57.07 -3.24
O5 NAG XA . -27.92 56.49 -4.02
O6 NAG XA . -27.25 56.97 -1.21
O7 NAG XA . -28.41 60.55 -6.25
C1 NAG YA . -11.22 49.60 10.60
C2 NAG YA . -9.82 49.14 10.21
C3 NAG YA . -8.82 49.45 11.34
C4 NAG YA . -8.94 50.89 11.80
C5 NAG YA . -10.40 51.28 12.06
C6 NAG YA . -10.59 52.75 12.32
C7 NAG YA . -8.80 47.07 9.34
C8 NAG YA . -9.00 45.60 9.13
N2 NAG YA . -9.82 47.72 9.92
O3 NAG YA . -7.50 49.20 10.88
O4 NAG YA . -8.20 51.08 12.99
O5 NAG YA . -11.19 50.97 10.91
O6 NAG YA . -10.72 53.46 11.10
O7 NAG YA . -7.75 47.65 9.03
C1 NAG ZA . -19.95 33.60 9.95
C2 NAG ZA . -18.45 33.41 10.21
C3 NAG ZA . -18.19 32.13 11.00
C4 NAG ZA . -19.05 32.08 12.25
C5 NAG ZA . -20.52 32.31 11.90
C6 NAG ZA . -21.42 32.36 13.11
C7 NAG ZA . -16.95 34.36 8.50
C8 NAG ZA . -16.30 34.15 7.16
N2 NAG ZA . -17.73 33.37 8.94
O3 NAG ZA . -16.82 32.08 11.35
O4 NAG ZA . -18.92 30.82 12.88
O5 NAG ZA . -20.65 33.56 11.21
O6 NAG ZA . -21.47 31.11 13.77
O7 NAG ZA . -16.78 35.39 9.16
C1 NAG AB . -37.70 28.32 -29.44
C2 NAG AB . -37.42 29.20 -30.67
C3 NAG AB . -38.59 29.19 -31.63
C4 NAG AB . -38.98 27.76 -31.98
C5 NAG AB . -39.22 26.95 -30.70
C6 NAG AB . -39.51 25.50 -30.97
C7 NAG AB . -37.64 31.54 -29.70
C8 NAG AB . -39.04 31.24 -29.22
N2 NAG AB . -36.98 30.55 -30.34
O3 NAG AB . -38.25 29.92 -32.81
O4 NAG AB . -40.15 27.73 -32.79
O5 NAG AB . -38.05 27.00 -29.87
O6 NAG AB . -38.71 24.99 -32.02
O7 NAG AB . -37.13 32.64 -29.51
C1 NAG BB . -53.22 9.42 -24.24
C2 NAG BB . -54.36 8.58 -24.81
C3 NAG BB . -54.64 9.00 -26.26
C4 NAG BB . -54.82 10.50 -26.37
C5 NAG BB . -53.69 11.25 -25.69
C6 NAG BB . -53.89 12.75 -25.63
C7 NAG BB . -54.90 6.24 -24.29
C8 NAG BB . -56.23 6.75 -23.81
N2 NAG BB . -54.04 7.16 -24.74
O3 NAG BB . -55.82 8.33 -26.71
O4 NAG BB . -54.86 10.87 -27.74
O5 NAG BB . -53.55 10.80 -24.33
O6 NAG BB . -55.01 13.09 -24.81
O7 NAG BB . -54.60 5.05 -24.24
C1 NAG CB . -49.09 -7.33 11.91
C2 NAG CB . -49.11 -8.85 12.08
C3 NAG CB . -50.30 -9.29 12.95
C4 NAG CB . -50.32 -8.52 14.26
C5 NAG CB . -50.31 -7.03 13.97
C6 NAG CB . -50.24 -6.19 15.24
C7 NAG CB . -50.14 -9.51 9.94
C8 NAG CB . -49.96 -10.29 8.67
N2 NAG CB . -49.13 -9.55 10.80
O3 NAG CB . -50.19 -10.68 13.21
O4 NAG CB . -51.49 -8.86 15.00
O5 NAG CB . -49.15 -6.70 13.20
O6 NAG CB . -49.55 -6.89 16.27
O7 NAG CB . -51.17 -8.86 10.14
C1 NAG DB . -66.47 -9.07 1.38
C2 NAG DB . -66.95 -8.03 2.38
C3 NAG DB . -66.81 -8.55 3.80
C4 NAG DB . -67.55 -9.88 3.94
C5 NAG DB . -67.07 -10.87 2.88
C6 NAG DB . -67.86 -12.15 2.87
C7 NAG DB . -66.73 -5.73 1.54
C8 NAG DB . -65.87 -4.51 1.48
N2 NAG DB . -66.24 -6.77 2.22
O3 NAG DB . -67.34 -7.59 4.71
O4 NAG DB . -67.33 -10.43 5.23
O5 NAG DB . -67.19 -10.29 1.57
O6 NAG DB . -67.32 -13.14 3.74
O7 NAG DB . -67.83 -5.78 1.00
#